data_7K1B
#
_entry.id   7K1B
#
_cell.length_a   1.00
_cell.length_b   1.00
_cell.length_c   1.00
_cell.angle_alpha   90.00
_cell.angle_beta   90.00
_cell.angle_gamma   90.00
#
_symmetry.space_group_name_H-M   'P 1'
#
loop_
_entity.id
_entity.type
_entity.pdbx_description
1 polymer 'DNA-dependent protein kinase catalytic subunit'
2 polymer "DNA (5'-D(P*GP*CP*AP*TP*GP*CP*TP*CP*TP*AP*CP*TP*GP*CP*TP*TP*CP*GP*AP*TP*AP*TP*CP*G)-3')"
3 polymer "DNA (5'-D(P*AP*AP*GP*CP*AP*GP*TP*AP*GP*AP*GP*CP*AP*TP*GP*C)-3')"
#
loop_
_entity_poly.entity_id
_entity_poly.type
_entity_poly.pdbx_seq_one_letter_code
_entity_poly.pdbx_strand_id
1 'polypeptide(L)'
;MAGSGAGVRCSLLRLQETLSAADRCGAALAGHQLIRGLGQECVLSSSPAVLALQTSLVFSRDFGLLVFVRKSLNSIEFRE
CREEILKFLCIFLEKMGQKIAPYSVEIKNTCTSVYTKDRAAKCKIPALDLLIKLLQTFRSSRLMDEFKIGELFSKFYGEL
ALKKKIPDTVLEKVYELLGLLGEVHPSEMINNAENLFRAFLGELKTQMTSAVREPKLPVLAGCLKGLSSLLCNFTKSMEE
DPQTSREIFNFVLKAIRPQIDLKRYAVPSAGLRLFALHASQFSTCLLDNYVSLFEVLLKWCAHTNVELKKAALSALESFL
KQVSNMVAKNAEMHKNKLQYFMEQFYGIIRNVDSNNKELSIAIRGYGLFAGPCKVINAKDVDFMYVELIQRCKQMFLTQT
DTGDDRVYQMPSFLQSVASVLLYLDTVPEVYTPVLEHLVVMQIDSFPQYSPKMQLVCCRAIVKVFLALAAKGPVLRNCIS
TVVHQGLIRICSKPVVLPKGPESESEDHRASGEVRTGKWKVPTYKDYVDLFRHLLSSDQMMDSILADEAFFSVNSSSESL
NHLLYDEFVKSVLKIVEKLDLTLEIQTVGEQENGDEAPGVWMIPTSDPAANLHPAKPKDFSAFINLVEFCREILPEKQAE
FFEPWVYSFSYELILQSTRLPLISGFYKLLSITVRNAKKIKYFEGVSPKSLKHSPEDPEKYSCFALFVKFGKEVAVKMKQ
YKDELLASCLTFLLSLPHNIIELDVRAYVPALQMAFKLGLSYTPLAEVGLNALEEWSIYIDRHVMQPYYKDILPCLDGYL
KTSALSDETKNNWEVSALSRAAQKGFNKVVLKHLKKTKNLSSNEAISLEEIRIRVVQMLGSLGGQINKNLLTVTSSDEMM
KSYVAWDREKRLSFAVPFREMKPVIFLDVFLPRVTELALTASDRQTKVAACELLHSMVMFMLGKATQMPEGGQGAPPMYQ
LYKRTFPVLLRLACDVDQVTRQLYEPLVMQLIHWFTNNKKFESQDTVALLEAILDGIVDPVDSTLRDFCGRCIREFLKWS
IKQITPQQQEKSPVNTKSLFKRLYSLALHPNAFKRLGASLAFNNIYREFREEESLVEQFVFEALVIYMESLALAHADEKS
LGTIQQCCDAIDHLCRIIEKKHVSLNKAKKRRLPRGFPPSASLCLLDLVKWLLAHCGRPQTECRHKSIELFYKFVPLLPG
NRSPNLWLKDVLKEEGVSFLINTFEGGGCGQPSGILAQPTLLYLRGPFSLQATLCWLDLLLAALECYNTFIGERTVGALQ
VLGTEAQSSLLKAVAFFLESIAMHDIIAAEKCFGTGAAGNRTSPQEGERYNYSKCTVVVRIMEFTTTLLNTSPEGWKLLK
KDLCNTHLMRVLVQTLCEPASIGFNIGDVQVMAHLPDVCVNLMKALKMSPYKDILETHLREKITAQSIEELCAVNLYGPD
AQVDRSRLAAVVSACKQLHRAGLLHNILPSQSTDLHHSVGTELLSLVYKGIAPGDERQCLPSLDLSCKQLASGLLELAFA
FGGLCERLVSLLLNPAVLSTASLGSSQGSVIHFSHGEYFYSLFSETINTELLKNLDLAVLELMQSSVDNTKMVSAVLNGM
LDQSFRERANQKHQGLKLATTILQHWKKCDSWWAKDSPLETKMAVLALLAKILQIDSSVSFNTSHGSFPEVFTTYISLLA
DTKLDLHLKGQAVTLLPFFTSLTGGSLEELRRVLEQLIVAHFPMQSREFPPGTPRFNNYVDCMKKFLDALELSQSPMLLE
LMTEVLCREQQHVMEELFQSSFRRIARRGSCVTQVGLLESVYEMFRKDDPRLSFTRQSFVDRSLLTLLWHCSLDALREFF
STIVVDAIDVLKSRFTKLNESTFDTQITKKMGYYKILDVMYSRLPKDDVHAKESKINQVFHGSCITEGNELTKTLIKLCY
DAFTENMAGENQLLERRRLYHCAAYNCAISVICCVFNELKFYQGFLFSEKPEKNLLIFENLIDLKRRYNFPVEVEVPMER
KKKYIEIRKEAREAANGDSDGPSYMSSLSYLADSTLSEEMSQFDFSTGVQSYSYSSQDPRPATGRFRRREQRDPTVHDDV
LELEMDELNRHECMAPLTALVKHMHRSLGPPQGEEDSVPRDLPSWMKFLHGKLGNPIVPLNIRLFLAKLVINTEEVFRPY
AKHWLSPLLQLAASENNGGEGIHYMVVEIVATILSWTGLATPTGVPKDEVLANRLLNFLMKHVFHPKRAVFRHNLEIIKT
LVECWKDCLSIPYRLIFEKFSGKDPNSKDNSVGIQLLGIVMANDLPPYDPQCGIQSSEYFQALVNNMSFVRYKEVYAAAA
EVLGLILRYVMERKNILEESLCELVAKQLKQHQNTMEDKFIVCLNKVTKSFPPLADRFMNAVFFLLPKFHGVLKTLCLEV
VLCRVEGMTELYFQLKSKDFVQVMRHRDDERQKVCLDIIYKMMPKLKPVELRELLNPVVEFVSHPSTTCREQMYNILMWI
HDNYRDPESETDNDSQEIFKLAKDVLIQGLIDENPGLQLIIRNFWSHETRLPSNTLDRLLALNSLYSPKIEVHFLSLATN
FLLEMTSMSPDYPNPMFEHPLSECEFQEYTIDSDWRFRSTVLTPMFVETQASQGTLQTRTQEGSLSARWPVAGQIRATQQ
QHDFTLTQTADGRSSFDWLTGSSTDPLVDHTSPSSDSLLFAHKRSERLQRAPLKSVGPDFGKKRLGLPGDEVDNKVKGAA
GRTDLLRLRRRFMRDQEKLSLMYARKGVAEQKREKEIKSELKMKQDAQVVLYRSYRHGDLPDIQIKHSSLITPLQAVAQR
DPIIAKQLFSSLFSGILKEMDKFKTLSEKNNITQKLLQDFNRFLNTTFSFFPPFVSCIQDISCQHAALLSLDPAAVSAGC
LASLQQPVGIRLLEEALLRLLPAELPAKRVRGKARLPPDVLRWVELAKLYRSIGEYDVLRGIFTSEIGTKQITQSALLAE
ARSDYSEAAKQYDEALNKQDWVDGEPTEAEKDFWELASLDCYNHLAEWKSLEYCSTASIDSENPPDLNKIWSEPFYQETY
LPYMIRSKLKLLLQGEADQSLLTFIDKAMHGELQKAILELHYSQELSLLYLLQDDVDRAKYYIQNGIQSFMQNYSSIDVL
LHQSRLTKLQSVQALTEIQEFISFISKQGNLSSQVPLKRLLNTWTNRYPDAKMDPMNIWDDIITNRCFFLSKIEEKLTPL
PEDNSMNVDQDGDPSDRMEVQEQEEDISSLIRSCKFSMKMKMIDSARKQNNFSLAMKLLKELHKESKTRDDWLVSWVQSY
CRLSHCRSRSQGCSEQVLTVLKTVSLLDENNVSSYLSKNILAFRDQNILLGTTYRIIANALSSEPACLAEIEEDKARRIL
ELSGSSSEDSEKVIAGLYQRAFQHLSEAVQAAEEEAQPPSWSCGPAAGVIDAYMTLADFCDQQLRKEEENASVIDSAELQ
AYPALVVEKMLKALKLNSNEARLKFPRLLQIIERYPEETLSLMTKEISSVPCWQFISWISHMVALLDKDQAVAVQHSVEE
ITDNYPQAIVYPFIISSESYSFKDTSTGHKNKEFVARIKSKLDQGGVIQDFINALDQLSNPELLFKDWSNDVRAELAKTP
VNKKNIEKMYERMYAALGDPKAPGLGAFRRKFIQTFGKEFDKHFGKGGSKLLRMKLSDFNDITNMLLLKMNKDSKPPGNL
KECSPWMSDFKVEFLRNELEIPGQYDGRGKPLPEYHVRIAGFDERVTVMASLRRPKRIIIRGHDEREHPFLVKGGEDLRQ
DQRVEQLFQVMNGILAQDSACSQRALQLRTYSVVPMTSRLGLIEWLENTVTLKDLLLNTMSQEEKAAYLSDPRAPPCEYK
DWLTKMSGKHDVGAYMLMYKGANRTETVTSFRKRESKVPADLLKRAFVRMSTSPEAFLALRSHFASSHALICISHWILGI
GDRHLNNFMVAMETGGVIGIDFGHAFGSATQFLPVPELMPFRLTRQFINLMLPMKETGLMYSIMVHALRAFRSDPGLLTN
TMDVFVKEPSFDWKNFEQKMLKKGGSWIQEINVAEKNWYPRQKICYAKRKLAGANPAVITCDELLLGHEKAPAFRDYVAV
ARGSKDHNIRAQEPESGLSEETQVKCLMDQATDPNILGRTWEGWEPWM
;
A
2 'polydeoxyribonucleotide'
;(DG)(DC)(DA)(DT)(DG)(DC)(DT)(DC)(DT)(DA)(DC)(DT)(DG)(DC)(DT)(DT)(DC)(DG)(DA)(DT)
(DA)(DT)(DC)(DG)
;
D,F
3 'polydeoxyribonucleotide' (DA)(DA)(DG)(DC)(DA)(DG)(DT)(DA)(DG)(DA)(DG)(DC)(DA)(DT)(DG)(DC) G
#
# COMPACT_ATOMS: atom_id res chain seq x y z
N GLY A 7 32.75 -1.40 -5.84
CA GLY A 7 33.08 -2.28 -4.73
C GLY A 7 33.31 -3.70 -5.20
N VAL A 8 32.23 -4.36 -5.60
CA VAL A 8 32.34 -5.71 -6.16
C VAL A 8 32.96 -5.61 -7.55
N ARG A 9 33.60 -6.71 -7.97
CA ARG A 9 34.14 -6.99 -9.30
C ARG A 9 35.39 -6.17 -9.64
N CYS A 10 35.63 -5.08 -8.90
CA CYS A 10 36.88 -4.37 -9.04
C CYS A 10 37.98 -5.07 -8.26
N SER A 11 37.61 -5.68 -7.12
CA SER A 11 38.52 -6.57 -6.43
C SER A 11 38.84 -7.80 -7.26
N LEU A 12 37.89 -8.29 -8.05
CA LEU A 12 38.16 -9.44 -8.90
C LEU A 12 39.04 -9.06 -10.09
N LEU A 13 38.89 -7.85 -10.62
CA LEU A 13 39.81 -7.41 -11.66
C LEU A 13 41.19 -7.11 -11.08
N ARG A 14 41.26 -6.70 -9.81
CA ARG A 14 42.55 -6.61 -9.14
C ARG A 14 43.14 -7.98 -8.87
N LEU A 15 42.29 -8.98 -8.66
CA LEU A 15 42.75 -10.35 -8.51
C LEU A 15 43.32 -10.89 -9.83
N GLN A 16 42.68 -10.53 -10.94
CA GLN A 16 43.22 -10.88 -12.25
C GLN A 16 44.52 -10.14 -12.54
N GLU A 17 44.61 -8.86 -12.15
CA GLU A 17 45.85 -8.10 -12.37
C GLU A 17 46.96 -8.54 -11.43
N THR A 18 46.63 -9.23 -10.33
CA THR A 18 47.63 -9.63 -9.35
C THR A 18 47.84 -11.15 -9.32
N LEU A 19 47.23 -11.89 -10.25
CA LEU A 19 47.63 -13.29 -10.39
C LEU A 19 49.04 -13.42 -10.95
N SER A 20 49.49 -12.44 -11.72
CA SER A 20 50.82 -12.48 -12.33
C SER A 20 51.61 -11.20 -12.10
N ALA A 21 51.24 -10.40 -11.11
CA ALA A 21 51.95 -9.17 -10.81
C ALA A 21 53.32 -9.48 -10.21
N ALA A 22 54.16 -8.46 -10.12
CA ALA A 22 55.55 -8.64 -9.71
C ALA A 22 55.66 -8.86 -8.20
N ASP A 23 56.91 -8.97 -7.74
CA ASP A 23 57.28 -9.10 -6.33
C ASP A 23 56.63 -10.34 -5.68
N ARG A 24 57.12 -11.50 -6.12
CA ARG A 24 56.75 -12.77 -5.51
C ARG A 24 57.04 -12.75 -4.01
N CYS A 25 56.15 -13.38 -3.25
CA CYS A 25 56.03 -13.25 -1.80
C CYS A 25 55.96 -11.79 -1.37
N GLY A 26 55.08 -11.02 -2.03
CA GLY A 26 55.00 -9.60 -1.76
C GLY A 26 53.62 -8.98 -1.70
N ALA A 27 52.57 -9.74 -2.03
CA ALA A 27 51.20 -9.25 -1.90
C ALA A 27 50.28 -10.35 -1.36
N ALA A 28 50.84 -11.27 -0.56
CA ALA A 28 50.05 -12.33 0.06
C ALA A 28 48.99 -11.76 0.98
N LEU A 29 49.37 -10.75 1.79
CA LEU A 29 48.41 -10.12 2.68
C LEU A 29 47.39 -9.30 1.92
N ALA A 30 47.79 -8.74 0.76
CA ALA A 30 46.86 -8.00 -0.08
C ALA A 30 45.78 -8.91 -0.65
N GLY A 31 46.19 -10.03 -1.26
CA GLY A 31 45.21 -10.96 -1.80
C GLY A 31 44.41 -11.67 -0.72
N HIS A 32 45.01 -11.89 0.45
CA HIS A 32 44.29 -12.57 1.52
C HIS A 32 43.24 -11.67 2.14
N GLN A 33 43.59 -10.40 2.39
CA GLN A 33 42.58 -9.46 2.84
C GLN A 33 41.59 -9.12 1.74
N LEU A 34 41.96 -9.33 0.47
CA LEU A 34 41.00 -9.23 -0.63
C LEU A 34 39.91 -10.30 -0.51
N ILE A 35 40.32 -11.57 -0.35
CA ILE A 35 39.35 -12.65 -0.26
C ILE A 35 38.54 -12.55 1.04
N ARG A 36 39.18 -12.12 2.13
CA ARG A 36 38.44 -11.95 3.38
C ARG A 36 37.49 -10.76 3.32
N GLY A 37 37.89 -9.69 2.62
CA GLY A 37 37.01 -8.54 2.48
C GLY A 37 35.80 -8.83 1.62
N LEU A 38 35.96 -9.61 0.56
CA LEU A 38 34.79 -9.98 -0.21
C LEU A 38 33.92 -10.97 0.55
N GLY A 39 34.54 -11.88 1.31
CA GLY A 39 33.75 -12.83 2.08
C GLY A 39 33.01 -12.22 3.25
N GLN A 40 33.47 -11.07 3.75
CA GLN A 40 32.74 -10.36 4.79
C GLN A 40 31.40 -9.85 4.27
N GLU A 41 31.44 -9.00 3.25
CA GLU A 41 30.23 -8.42 2.68
C GLU A 41 29.50 -9.37 1.73
N CYS A 42 30.01 -10.58 1.51
CA CYS A 42 29.27 -11.62 0.81
C CYS A 42 28.39 -12.43 1.76
N VAL A 43 28.43 -12.13 3.06
CA VAL A 43 27.57 -12.75 4.05
C VAL A 43 26.81 -11.62 4.74
N LEU A 44 27.39 -10.42 4.74
CA LEU A 44 26.76 -9.25 5.35
C LEU A 44 25.77 -8.58 4.40
N SER A 45 24.84 -9.39 3.87
CA SER A 45 23.76 -8.89 3.01
C SER A 45 22.62 -9.90 3.07
N SER A 46 21.52 -9.54 3.69
CA SER A 46 20.32 -10.38 3.70
C SER A 46 19.31 -9.89 2.66
N SER A 47 19.73 -9.92 1.40
CA SER A 47 18.89 -9.43 0.30
C SER A 47 19.09 -10.30 -0.93
N PRO A 48 18.02 -10.87 -1.48
CA PRO A 48 18.18 -11.83 -2.59
C PRO A 48 18.57 -11.20 -3.92
N ALA A 49 18.49 -9.88 -4.05
CA ALA A 49 18.94 -9.23 -5.28
C ALA A 49 20.45 -9.36 -5.46
N VAL A 50 21.22 -9.07 -4.41
CA VAL A 50 22.65 -9.27 -4.49
C VAL A 50 23.01 -10.76 -4.47
N LEU A 51 22.11 -11.61 -3.97
CA LEU A 51 22.34 -13.06 -4.04
C LEU A 51 22.20 -13.56 -5.47
N ALA A 52 21.24 -13.01 -6.22
CA ALA A 52 21.14 -13.32 -7.64
C ALA A 52 22.28 -12.68 -8.43
N LEU A 53 22.80 -11.55 -7.95
CA LEU A 53 23.92 -10.92 -8.61
C LEU A 53 25.21 -11.74 -8.47
N GLN A 54 25.51 -12.19 -7.26
CA GLN A 54 26.82 -12.77 -6.99
C GLN A 54 26.97 -14.16 -7.56
N THR A 55 25.87 -14.89 -7.79
CA THR A 55 25.95 -16.18 -8.48
C THR A 55 26.44 -16.00 -9.91
N SER A 56 25.84 -15.05 -10.63
CA SER A 56 26.29 -14.69 -11.97
C SER A 56 27.66 -14.04 -11.96
N LEU A 57 28.05 -13.43 -10.83
CA LEU A 57 29.43 -12.96 -10.69
C LEU A 57 30.41 -14.12 -10.66
N VAL A 58 30.20 -15.07 -9.74
CA VAL A 58 31.17 -16.15 -9.54
C VAL A 58 31.11 -17.19 -10.65
N PHE A 59 30.08 -17.17 -11.48
CA PHE A 59 29.97 -18.10 -12.60
C PHE A 59 30.57 -17.53 -13.88
N SER A 60 31.58 -16.67 -13.78
CA SER A 60 32.19 -16.06 -14.96
C SER A 60 33.48 -16.79 -15.34
N ARG A 61 33.94 -16.54 -16.57
CA ARG A 61 35.11 -17.22 -17.09
C ARG A 61 36.37 -16.34 -17.12
N ASP A 62 36.25 -15.04 -16.91
CA ASP A 62 37.43 -14.17 -16.93
C ASP A 62 38.02 -13.99 -15.53
N PHE A 63 37.26 -13.42 -14.62
CA PHE A 63 37.58 -13.39 -13.20
C PHE A 63 36.92 -14.60 -12.54
N GLY A 64 36.85 -14.61 -11.22
CA GLY A 64 36.06 -15.63 -10.55
C GLY A 64 36.87 -16.79 -10.04
N LEU A 65 36.34 -17.98 -10.16
CA LEU A 65 36.97 -19.13 -9.50
C LEU A 65 37.36 -20.25 -10.45
N LEU A 66 36.56 -20.52 -11.50
CA LEU A 66 36.70 -21.73 -12.30
C LEU A 66 37.99 -21.79 -13.11
N VAL A 67 38.49 -20.65 -13.57
CA VAL A 67 39.80 -20.61 -14.22
C VAL A 67 40.89 -20.08 -13.31
N PHE A 68 40.53 -19.35 -12.24
CA PHE A 68 41.54 -18.91 -11.29
C PHE A 68 42.08 -20.05 -10.45
N VAL A 69 41.32 -21.13 -10.32
CA VAL A 69 41.84 -22.35 -9.71
C VAL A 69 42.75 -23.11 -10.66
N ARG A 70 42.77 -22.75 -11.94
CA ARG A 70 43.64 -23.39 -12.92
C ARG A 70 44.83 -22.55 -13.35
N LYS A 71 44.81 -21.24 -13.09
CA LYS A 71 45.89 -20.38 -13.61
C LYS A 71 46.69 -19.68 -12.52
N SER A 72 46.56 -20.10 -11.25
CA SER A 72 47.31 -19.45 -10.17
C SER A 72 47.84 -20.47 -9.17
N LEU A 73 48.40 -21.58 -9.65
CA LEU A 73 48.81 -22.65 -8.74
C LEU A 73 50.28 -22.56 -8.33
N ASN A 74 51.19 -22.64 -9.32
CA ASN A 74 52.63 -22.75 -9.04
C ASN A 74 53.16 -21.36 -8.71
N SER A 75 52.94 -20.95 -7.46
CA SER A 75 53.41 -19.65 -7.00
C SER A 75 53.67 -19.71 -5.50
N ILE A 76 54.60 -18.87 -5.05
CA ILE A 76 54.84 -18.67 -3.62
C ILE A 76 54.26 -17.37 -3.12
N GLU A 77 53.79 -16.50 -4.01
CA GLU A 77 53.31 -15.19 -3.62
C GLU A 77 51.95 -15.27 -2.94
N PHE A 78 51.17 -16.32 -3.22
CA PHE A 78 49.81 -16.41 -2.71
C PHE A 78 49.52 -17.85 -2.30
N ARG A 79 49.73 -18.16 -1.03
CA ARG A 79 49.31 -19.42 -0.44
C ARG A 79 48.04 -19.29 0.39
N GLU A 80 48.01 -18.26 1.23
CA GLU A 80 46.82 -17.94 2.00
C GLU A 80 45.63 -17.60 1.11
N CYS A 81 45.88 -17.04 -0.08
CA CYS A 81 44.79 -16.79 -1.01
C CYS A 81 44.23 -18.09 -1.55
N ARG A 82 45.11 -19.02 -1.92
CA ARG A 82 44.72 -20.34 -2.41
C ARG A 82 43.96 -21.13 -1.34
N GLU A 83 44.27 -20.89 -0.07
CA GLU A 83 43.55 -21.58 1.00
C GLU A 83 42.24 -20.86 1.35
N GLU A 84 42.24 -19.53 1.32
CA GLU A 84 41.07 -18.76 1.70
C GLU A 84 39.95 -18.90 0.68
N ILE A 85 40.31 -19.05 -0.60
CA ILE A 85 39.25 -19.22 -1.60
C ILE A 85 38.58 -20.60 -1.48
N LEU A 86 39.33 -21.64 -1.10
CA LEU A 86 38.74 -22.97 -0.97
C LEU A 86 38.05 -23.13 0.38
N LYS A 87 38.36 -22.26 1.34
CA LYS A 87 37.55 -22.21 2.55
C LYS A 87 36.29 -21.37 2.35
N PHE A 88 36.34 -20.38 1.45
CA PHE A 88 35.16 -19.55 1.23
C PHE A 88 34.15 -20.23 0.32
N LEU A 89 34.61 -21.06 -0.62
CA LEU A 89 33.69 -21.76 -1.51
C LEU A 89 32.81 -22.76 -0.77
N CYS A 90 33.31 -23.40 0.27
CA CYS A 90 32.48 -24.38 0.95
C CYS A 90 31.45 -23.73 1.89
N ILE A 91 31.55 -22.43 2.17
CA ILE A 91 30.42 -21.76 2.80
C ILE A 91 29.53 -21.06 1.78
N PHE A 92 30.04 -20.75 0.59
CA PHE A 92 29.14 -20.25 -0.43
C PHE A 92 28.41 -21.37 -1.15
N LEU A 93 28.78 -22.62 -0.87
CA LEU A 93 28.01 -23.76 -1.36
C LEU A 93 26.60 -23.76 -0.78
N GLU A 94 26.46 -23.36 0.48
CA GLU A 94 25.16 -23.29 1.13
C GLU A 94 24.77 -21.87 1.55
N LYS A 95 25.56 -20.86 1.20
CA LYS A 95 25.04 -19.50 1.23
C LYS A 95 23.98 -19.30 0.16
N MET A 96 24.14 -19.97 -0.98
CA MET A 96 23.11 -20.08 -2.00
C MET A 96 22.41 -21.43 -1.87
N GLY A 97 21.46 -21.67 -2.77
CA GLY A 97 20.76 -22.94 -2.79
C GLY A 97 21.52 -24.01 -3.54
N GLN A 98 20.84 -24.74 -4.42
CA GLN A 98 21.48 -25.73 -5.26
C GLN A 98 21.60 -25.24 -6.70
N LYS A 99 21.97 -23.97 -6.90
CA LYS A 99 22.24 -23.43 -8.22
C LYS A 99 23.69 -23.59 -8.62
N ILE A 100 24.37 -24.60 -8.09
CA ILE A 100 25.72 -24.96 -8.47
C ILE A 100 25.71 -26.25 -9.31
N ALA A 101 24.51 -26.78 -9.59
CA ALA A 101 24.35 -27.97 -10.42
C ALA A 101 24.95 -27.91 -11.82
N PRO A 102 24.99 -26.75 -12.56
CA PRO A 102 25.69 -26.79 -13.83
C PRO A 102 27.21 -26.67 -13.73
N TYR A 103 27.77 -26.88 -12.55
CA TYR A 103 29.22 -26.96 -12.41
C TYR A 103 29.62 -28.20 -11.63
N SER A 104 28.84 -29.28 -11.78
CA SER A 104 29.26 -30.56 -11.23
C SER A 104 30.53 -31.06 -11.92
N VAL A 105 30.51 -31.12 -13.24
CA VAL A 105 31.65 -31.61 -13.98
C VAL A 105 32.80 -30.61 -14.00
N GLU A 106 32.48 -29.31 -13.90
CA GLU A 106 33.51 -28.28 -13.88
C GLU A 106 34.32 -28.36 -12.60
N ILE A 107 33.65 -28.51 -11.46
CA ILE A 107 34.37 -28.70 -10.21
C ILE A 107 34.97 -30.11 -10.13
N LYS A 108 34.43 -31.07 -10.89
CA LYS A 108 35.05 -32.39 -10.98
C LYS A 108 36.43 -32.33 -11.64
N ASN A 109 36.52 -31.69 -12.81
CA ASN A 109 37.84 -31.56 -13.44
C ASN A 109 38.71 -30.56 -12.68
N THR A 110 38.09 -29.60 -11.97
CA THR A 110 38.83 -28.72 -11.08
C THR A 110 39.52 -29.49 -9.98
N CYS A 111 38.81 -30.43 -9.34
CA CYS A 111 39.41 -31.15 -8.22
C CYS A 111 40.37 -32.21 -8.71
N THR A 112 40.20 -32.72 -9.92
CA THR A 112 41.27 -33.47 -10.58
C THR A 112 42.53 -32.62 -10.71
N SER A 113 42.37 -31.38 -11.19
CA SER A 113 43.51 -30.49 -11.45
C SER A 113 44.21 -30.08 -10.17
N VAL A 114 43.46 -29.91 -9.07
CA VAL A 114 44.08 -29.50 -7.81
C VAL A 114 44.52 -30.69 -6.97
N TYR A 115 44.02 -31.89 -7.25
CA TYR A 115 44.70 -33.07 -6.73
C TYR A 115 46.06 -33.23 -7.39
N THR A 116 46.14 -33.00 -8.70
CA THR A 116 47.38 -33.26 -9.41
C THR A 116 48.41 -32.14 -9.20
N LYS A 117 48.06 -30.91 -9.59
CA LYS A 117 49.08 -29.88 -9.85
C LYS A 117 49.57 -29.19 -8.58
N ASP A 118 48.68 -28.97 -7.61
CA ASP A 118 49.10 -28.32 -6.37
C ASP A 118 49.92 -29.27 -5.51
N ARG A 119 50.73 -28.68 -4.62
CA ARG A 119 51.60 -29.48 -3.75
C ARG A 119 51.13 -29.51 -2.30
N ALA A 120 50.51 -28.44 -1.81
CA ALA A 120 50.26 -28.26 -0.38
C ALA A 120 49.20 -29.24 0.12
N ALA A 121 49.12 -29.40 1.44
CA ALA A 121 48.11 -30.24 2.09
C ALA A 121 47.06 -29.42 2.80
N LYS A 122 47.47 -28.35 3.49
CA LYS A 122 46.51 -27.45 4.13
C LYS A 122 45.72 -26.65 3.11
N CYS A 123 46.19 -26.55 1.86
CA CYS A 123 45.37 -26.10 0.75
C CYS A 123 44.59 -27.25 0.11
N LYS A 124 45.11 -28.47 0.19
CA LYS A 124 44.44 -29.63 -0.39
C LYS A 124 43.14 -29.96 0.35
N ILE A 125 43.11 -29.72 1.65
CA ILE A 125 41.98 -30.10 2.50
C ILE A 125 40.70 -29.30 2.20
N PRO A 126 40.66 -27.95 2.14
CA PRO A 126 39.38 -27.27 1.89
C PRO A 126 38.80 -27.51 0.50
N ALA A 127 39.64 -27.84 -0.48
CA ALA A 127 39.12 -28.27 -1.78
C ALA A 127 38.36 -29.59 -1.64
N LEU A 128 38.92 -30.53 -0.86
CA LEU A 128 38.22 -31.77 -0.58
C LEU A 128 36.94 -31.52 0.23
N ASP A 129 36.94 -30.49 1.07
CA ASP A 129 35.77 -30.11 1.86
C ASP A 129 34.62 -29.70 0.96
N LEU A 130 34.86 -28.68 0.11
CA LEU A 130 33.82 -28.23 -0.82
C LEU A 130 33.44 -29.33 -1.80
N LEU A 131 34.40 -30.19 -2.15
CA LEU A 131 34.16 -31.32 -3.05
C LEU A 131 33.12 -32.28 -2.49
N ILE A 132 33.41 -32.83 -1.31
CA ILE A 132 32.53 -33.85 -0.73
C ILE A 132 31.19 -33.24 -0.32
N LYS A 133 31.19 -31.98 0.11
CA LYS A 133 29.92 -31.37 0.48
C LYS A 133 29.06 -31.08 -0.75
N LEU A 134 29.68 -30.74 -1.89
CA LEU A 134 28.94 -30.60 -3.13
C LEU A 134 28.36 -31.93 -3.61
N LEU A 135 29.16 -32.99 -3.56
CA LEU A 135 28.69 -34.28 -4.05
C LEU A 135 27.67 -34.91 -3.13
N GLN A 136 27.69 -34.56 -1.83
CA GLN A 136 26.57 -34.92 -0.98
C GLN A 136 25.34 -34.06 -1.24
N THR A 137 25.54 -32.78 -1.58
CA THR A 137 24.42 -31.90 -1.91
C THR A 137 23.66 -32.40 -3.13
N PHE A 138 24.37 -33.01 -4.08
CA PHE A 138 23.69 -33.68 -5.17
C PHE A 138 23.16 -35.03 -4.71
N ARG A 139 21.96 -35.37 -5.17
CA ARG A 139 21.31 -36.64 -4.95
C ARG A 139 21.14 -37.30 -6.33
N SER A 140 20.90 -38.61 -6.34
CA SER A 140 21.00 -39.50 -7.50
C SER A 140 20.19 -39.03 -8.71
N SER A 141 20.90 -38.60 -9.75
CA SER A 141 20.33 -37.86 -10.86
C SER A 141 21.28 -37.97 -12.05
N ARG A 142 21.13 -37.06 -13.01
CA ARG A 142 21.90 -37.07 -14.25
C ARG A 142 23.39 -36.84 -14.02
N LEU A 143 23.74 -35.93 -13.10
CA LEU A 143 25.11 -35.40 -13.02
C LEU A 143 26.13 -36.46 -12.59
N MET A 144 25.70 -37.48 -11.85
CA MET A 144 26.63 -38.55 -11.48
C MET A 144 26.98 -39.45 -12.65
N ASP A 145 26.16 -39.46 -13.71
CA ASP A 145 26.52 -40.20 -14.90
C ASP A 145 27.68 -39.54 -15.64
N GLU A 146 27.78 -38.21 -15.53
CA GLU A 146 28.95 -37.50 -16.02
C GLU A 146 30.02 -37.30 -14.95
N PHE A 147 29.76 -37.77 -13.73
CA PHE A 147 30.86 -38.05 -12.82
C PHE A 147 31.39 -39.45 -13.10
N LYS A 148 32.47 -39.52 -13.88
CA LYS A 148 32.95 -40.78 -14.46
C LYS A 148 33.57 -41.67 -13.39
N ILE A 149 32.85 -42.74 -13.06
CA ILE A 149 33.32 -43.76 -12.13
C ILE A 149 34.55 -44.52 -12.65
N GLY A 150 34.80 -44.47 -13.97
CA GLY A 150 36.00 -45.09 -14.51
C GLY A 150 37.27 -44.37 -14.09
N GLU A 151 37.18 -43.11 -13.70
CA GLU A 151 38.28 -42.43 -13.03
C GLU A 151 37.99 -42.15 -11.57
N LEU A 152 36.71 -42.06 -11.19
CA LEU A 152 36.38 -41.81 -9.79
C LEU A 152 36.70 -43.02 -8.92
N PHE A 153 36.24 -44.20 -9.32
CA PHE A 153 36.69 -45.40 -8.63
C PHE A 153 38.16 -45.68 -8.94
N SER A 154 38.50 -45.80 -10.22
CA SER A 154 39.76 -46.44 -10.57
C SER A 154 40.95 -45.50 -10.42
N LYS A 155 40.81 -44.21 -10.78
CA LYS A 155 41.91 -43.27 -10.59
C LYS A 155 42.19 -43.05 -9.11
N PHE A 156 41.15 -42.78 -8.32
CA PHE A 156 41.35 -42.58 -6.90
C PHE A 156 41.59 -43.88 -6.15
N TYR A 157 41.41 -45.03 -6.81
CA TYR A 157 41.68 -46.33 -6.21
C TYR A 157 43.09 -46.79 -6.51
N GLY A 158 43.63 -46.39 -7.67
CA GLY A 158 45.05 -46.44 -7.91
C GLY A 158 45.82 -45.35 -7.22
N GLU A 159 45.13 -44.31 -6.73
CA GLU A 159 45.75 -43.39 -5.78
C GLU A 159 46.00 -44.08 -4.45
N LEU A 160 45.20 -45.09 -4.12
CA LEU A 160 45.53 -45.95 -2.99
C LEU A 160 46.69 -46.88 -3.31
N ALA A 161 46.69 -47.45 -4.51
CA ALA A 161 47.65 -48.49 -4.88
C ALA A 161 49.04 -47.95 -5.15
N LEU A 162 49.17 -47.02 -6.10
CA LEU A 162 50.45 -46.46 -6.50
C LEU A 162 50.79 -45.24 -5.62
N LYS A 163 50.76 -45.48 -4.31
CA LYS A 163 51.16 -44.50 -3.30
C LYS A 163 51.45 -45.27 -2.03
N LYS A 164 52.68 -45.17 -1.54
CA LYS A 164 53.04 -45.71 -0.25
C LYS A 164 53.38 -44.54 0.67
N LYS A 165 53.23 -44.78 1.98
CA LYS A 165 53.22 -43.75 3.01
C LYS A 165 52.22 -42.66 2.67
N ILE A 166 50.98 -43.09 2.42
CA ILE A 166 49.84 -42.19 2.28
C ILE A 166 49.55 -41.67 3.69
N PRO A 167 49.93 -40.42 4.03
CA PRO A 167 50.20 -40.09 5.44
C PRO A 167 49.03 -40.14 6.41
N ASP A 168 48.11 -39.17 6.38
CA ASP A 168 46.87 -39.33 7.13
C ASP A 168 45.64 -38.85 6.37
N THR A 169 45.70 -37.59 5.96
CA THR A 169 44.52 -36.78 5.69
C THR A 169 44.03 -36.90 4.27
N VAL A 170 44.80 -37.51 3.38
CA VAL A 170 44.28 -37.97 2.11
C VAL A 170 43.91 -39.44 2.15
N LEU A 171 44.55 -40.23 3.03
CA LEU A 171 44.19 -41.62 3.22
C LEU A 171 42.78 -41.77 3.80
N GLU A 172 42.37 -40.83 4.65
CA GLU A 172 40.98 -40.87 5.08
C GLU A 172 40.04 -40.33 4.01
N LYS A 173 40.47 -39.28 3.29
CA LYS A 173 39.57 -38.60 2.37
C LYS A 173 39.26 -39.46 1.15
N VAL A 174 40.15 -40.38 0.77
CA VAL A 174 39.84 -41.23 -0.38
C VAL A 174 38.75 -42.23 -0.03
N TYR A 175 38.78 -42.73 1.22
CA TYR A 175 37.69 -43.55 1.70
C TYR A 175 36.43 -42.74 1.92
N GLU A 176 36.57 -41.44 2.18
CA GLU A 176 35.40 -40.56 2.20
C GLU A 176 34.78 -40.42 0.82
N LEU A 177 35.62 -40.25 -0.21
CA LEU A 177 35.14 -40.08 -1.58
C LEU A 177 34.43 -41.34 -2.09
N LEU A 178 35.03 -42.51 -1.89
CA LEU A 178 34.45 -43.72 -2.47
C LEU A 178 33.16 -44.14 -1.77
N GLY A 179 32.90 -43.66 -0.56
CA GLY A 179 31.63 -43.91 0.09
C GLY A 179 30.64 -42.80 -0.17
N LEU A 180 31.17 -41.61 -0.45
CA LEU A 180 30.35 -40.49 -0.90
C LEU A 180 29.64 -40.82 -2.20
N LEU A 181 30.40 -41.30 -3.18
CA LEU A 181 29.81 -41.75 -4.44
C LEU A 181 29.09 -43.09 -4.30
N GLY A 182 29.39 -43.88 -3.27
CA GLY A 182 28.58 -45.04 -2.98
C GLY A 182 27.20 -44.65 -2.47
N GLU A 183 27.11 -43.54 -1.73
CA GLU A 183 25.83 -43.00 -1.31
C GLU A 183 25.08 -42.41 -2.49
N VAL A 184 25.74 -41.56 -3.27
CA VAL A 184 25.07 -40.82 -4.33
C VAL A 184 25.24 -41.57 -5.64
N HIS A 185 24.12 -42.18 -6.10
CA HIS A 185 23.97 -42.87 -7.39
C HIS A 185 24.95 -44.02 -7.58
N PRO A 186 24.77 -45.14 -6.88
CA PRO A 186 25.72 -46.26 -7.00
C PRO A 186 25.48 -47.15 -8.20
N SER A 187 24.59 -46.77 -9.13
CA SER A 187 24.35 -47.58 -10.32
C SER A 187 25.54 -47.59 -11.26
N GLU A 188 26.47 -46.66 -11.12
CA GLU A 188 27.72 -46.68 -11.86
C GLU A 188 28.77 -47.57 -11.20
N MET A 189 28.47 -48.15 -10.05
CA MET A 189 29.47 -48.86 -9.26
C MET A 189 29.10 -50.34 -9.12
N ILE A 190 28.71 -50.98 -10.23
CA ILE A 190 28.32 -52.38 -10.17
C ILE A 190 29.55 -53.29 -10.20
N ASN A 191 30.49 -53.00 -11.09
CA ASN A 191 31.57 -53.92 -11.41
C ASN A 191 32.88 -53.56 -10.72
N ASN A 192 32.82 -53.01 -9.51
CA ASN A 192 34.02 -52.66 -8.76
C ASN A 192 33.85 -53.00 -7.29
N ALA A 193 33.22 -54.14 -7.00
CA ALA A 193 32.73 -54.42 -5.66
C ALA A 193 33.55 -55.43 -4.89
N GLU A 194 34.20 -56.39 -5.55
CA GLU A 194 34.70 -57.56 -4.83
C GLU A 194 36.00 -57.27 -4.10
N ASN A 195 37.00 -56.75 -4.80
CA ASN A 195 38.31 -56.57 -4.20
C ASN A 195 38.33 -55.45 -3.16
N LEU A 196 37.37 -54.52 -3.26
CA LEU A 196 37.35 -53.35 -2.39
C LEU A 196 37.01 -53.75 -0.96
N PHE A 197 36.08 -54.68 -0.78
CA PHE A 197 35.76 -55.14 0.56
C PHE A 197 36.85 -56.04 1.14
N ARG A 198 37.58 -56.77 0.28
CA ARG A 198 38.76 -57.50 0.76
C ARG A 198 39.83 -56.54 1.24
N ALA A 199 40.01 -55.43 0.52
CA ALA A 199 40.94 -54.38 0.96
C ALA A 199 40.45 -53.73 2.25
N PHE A 200 39.13 -53.57 2.40
CA PHE A 200 38.59 -52.98 3.61
C PHE A 200 38.74 -53.90 4.81
N LEU A 201 38.69 -55.20 4.58
CA LEU A 201 39.03 -56.15 5.64
C LEU A 201 40.50 -56.06 6.00
N GLY A 202 41.37 -56.09 4.98
CA GLY A 202 42.80 -56.18 5.24
C GLY A 202 43.38 -54.93 5.84
N GLU A 203 42.81 -53.76 5.50
CA GLU A 203 43.33 -52.48 6.00
C GLU A 203 43.16 -52.36 7.50
N LEU A 204 41.92 -52.51 7.99
CA LEU A 204 41.70 -52.47 9.42
C LEU A 204 42.32 -53.67 10.11
N LYS A 205 42.47 -54.80 9.39
CA LYS A 205 43.16 -55.96 9.94
C LYS A 205 44.61 -55.65 10.29
N THR A 206 45.36 -55.06 9.35
CA THR A 206 46.73 -54.71 9.66
C THR A 206 46.83 -53.44 10.51
N GLN A 207 45.80 -52.58 10.51
CA GLN A 207 45.90 -51.37 11.29
C GLN A 207 45.65 -51.63 12.78
N MET A 208 44.78 -52.60 13.10
CA MET A 208 44.43 -52.85 14.50
C MET A 208 44.88 -54.23 14.97
N THR A 209 44.63 -55.29 14.21
CA THR A 209 44.94 -56.63 14.65
C THR A 209 46.39 -57.03 14.35
N SER A 210 47.27 -56.07 14.15
CA SER A 210 48.70 -56.34 14.07
C SER A 210 49.28 -56.45 15.47
N ALA A 211 50.60 -56.53 15.57
CA ALA A 211 51.23 -56.85 16.85
C ALA A 211 51.61 -55.61 17.65
N VAL A 212 52.49 -54.78 17.10
CA VAL A 212 53.15 -53.73 17.87
C VAL A 212 52.80 -52.33 17.40
N ARG A 213 51.89 -52.19 16.43
CA ARG A 213 51.63 -50.89 15.84
C ARG A 213 50.53 -50.17 16.61
N GLU A 214 50.74 -48.88 16.85
CA GLU A 214 49.71 -48.03 17.45
C GLU A 214 48.63 -47.74 16.41
N PRO A 215 47.39 -48.21 16.59
CA PRO A 215 46.37 -47.98 15.56
C PRO A 215 45.89 -46.54 15.58
N LYS A 216 46.33 -45.76 14.59
CA LYS A 216 45.98 -44.34 14.58
C LYS A 216 44.58 -44.17 14.01
N LEU A 217 43.83 -43.23 14.58
CA LEU A 217 42.42 -42.97 14.30
C LEU A 217 41.97 -42.68 12.85
N PRO A 218 42.68 -41.91 12.00
CA PRO A 218 41.98 -41.36 10.83
C PRO A 218 41.69 -42.37 9.73
N VAL A 219 42.59 -43.32 9.51
CA VAL A 219 42.30 -44.34 8.50
C VAL A 219 41.23 -45.31 9.02
N LEU A 220 41.12 -45.45 10.34
CA LEU A 220 40.01 -46.20 10.91
C LEU A 220 38.69 -45.50 10.66
N ALA A 221 38.64 -44.19 10.88
CA ALA A 221 37.42 -43.42 10.65
C ALA A 221 37.02 -43.45 9.19
N GLY A 222 37.98 -43.27 8.29
CA GLY A 222 37.70 -43.30 6.86
C GLY A 222 37.24 -44.66 6.38
N CYS A 223 37.92 -45.73 6.82
CA CYS A 223 37.56 -47.05 6.38
C CYS A 223 36.22 -47.50 6.95
N LEU A 224 35.88 -47.06 8.17
CA LEU A 224 34.58 -47.44 8.71
C LEU A 224 33.43 -46.66 8.05
N LYS A 225 33.65 -45.38 7.75
CA LYS A 225 32.63 -44.62 7.04
C LYS A 225 32.44 -45.15 5.62
N GLY A 226 33.53 -45.57 4.98
CA GLY A 226 33.41 -46.18 3.66
C GLY A 226 32.75 -47.55 3.72
N LEU A 227 33.04 -48.32 4.77
CA LEU A 227 32.42 -49.62 4.94
C LEU A 227 30.92 -49.49 5.13
N SER A 228 30.48 -48.50 5.90
CA SER A 228 29.06 -48.26 6.06
C SER A 228 28.43 -47.79 4.76
N SER A 229 29.06 -46.81 4.10
CA SER A 229 28.47 -46.24 2.91
C SER A 229 28.58 -47.14 1.68
N LEU A 230 29.30 -48.25 1.77
CA LEU A 230 29.34 -49.19 0.66
C LEU A 230 28.75 -50.56 0.96
N LEU A 231 28.53 -50.84 2.24
CA LEU A 231 27.90 -52.12 2.65
C LEU A 231 26.37 -51.94 2.66
N CYS A 232 25.91 -50.74 2.33
CA CYS A 232 24.47 -50.38 2.31
C CYS A 232 23.89 -50.63 0.91
N ASN A 233 24.52 -50.10 -0.13
CA ASN A 233 24.02 -50.35 -1.51
C ASN A 233 23.94 -51.86 -1.70
N PHE A 234 25.03 -52.56 -1.42
CA PHE A 234 25.06 -54.05 -1.48
C PHE A 234 25.14 -54.56 -0.03
N THR A 235 24.14 -54.19 0.78
CA THR A 235 24.05 -54.58 2.22
C THR A 235 24.40 -56.06 2.40
N LYS A 236 25.35 -56.39 3.25
CA LYS A 236 25.72 -57.79 3.39
C LYS A 236 25.16 -58.35 4.68
N SER A 237 23.95 -58.88 4.57
CA SER A 237 23.23 -59.58 5.63
C SER A 237 23.77 -61.00 5.76
N MET A 238 23.01 -61.88 6.40
CA MET A 238 23.26 -63.31 6.21
C MET A 238 22.57 -63.81 4.93
N GLU A 239 22.75 -63.08 3.83
CA GLU A 239 22.25 -63.37 2.51
C GLU A 239 23.27 -63.13 1.42
N GLU A 240 24.31 -62.35 1.72
CA GLU A 240 25.37 -62.04 0.73
C GLU A 240 26.54 -63.00 0.97
N ASP A 241 27.25 -62.83 2.09
CA ASP A 241 28.37 -63.70 2.43
C ASP A 241 28.42 -63.92 3.93
N PRO A 242 28.26 -65.15 4.41
CA PRO A 242 28.39 -65.40 5.85
C PRO A 242 29.83 -65.64 6.28
N GLN A 243 30.78 -64.87 5.74
CA GLN A 243 32.14 -64.81 6.26
C GLN A 243 32.55 -63.40 6.62
N THR A 244 32.36 -62.44 5.70
CA THR A 244 32.68 -61.07 6.03
C THR A 244 31.60 -60.45 6.89
N SER A 245 30.42 -61.05 6.98
CA SER A 245 29.47 -60.66 8.02
C SER A 245 30.07 -60.91 9.40
N ARG A 246 30.63 -62.10 9.60
CA ARG A 246 31.31 -62.43 10.85
C ARG A 246 32.52 -61.54 11.09
N GLU A 247 33.29 -61.29 10.03
CA GLU A 247 34.52 -60.52 10.21
C GLU A 247 34.24 -59.04 10.46
N ILE A 248 33.37 -58.42 9.66
CA ILE A 248 32.91 -57.04 9.85
C ILE A 248 32.24 -56.88 11.20
N PHE A 249 31.51 -57.90 11.65
CA PHE A 249 30.93 -57.94 12.98
C PHE A 249 32.00 -57.79 14.06
N ASN A 250 33.03 -58.63 13.98
CA ASN A 250 34.10 -58.53 14.97
C ASN A 250 34.91 -57.24 14.83
N PHE A 251 35.01 -56.70 13.60
CA PHE A 251 35.66 -55.41 13.38
C PHE A 251 34.96 -54.29 14.13
N VAL A 252 33.65 -54.14 13.89
CA VAL A 252 32.94 -53.01 14.49
C VAL A 252 32.79 -53.22 15.99
N LEU A 253 32.73 -54.48 16.46
CA LEU A 253 32.63 -54.71 17.90
C LEU A 253 33.94 -54.39 18.61
N LYS A 254 35.08 -54.73 18.01
CA LYS A 254 36.34 -54.28 18.59
C LYS A 254 36.51 -52.79 18.43
N ALA A 255 35.89 -52.19 17.40
CA ALA A 255 35.89 -50.75 17.26
C ALA A 255 35.06 -50.06 18.31
N ILE A 256 34.15 -50.78 18.97
CA ILE A 256 33.43 -50.18 20.08
C ILE A 256 33.78 -50.88 21.40
N ARG A 257 35.03 -51.33 21.53
CA ARG A 257 35.49 -51.91 22.78
C ARG A 257 35.59 -50.83 23.87
N PRO A 258 35.04 -51.07 25.07
CA PRO A 258 35.13 -50.06 26.14
C PRO A 258 36.44 -50.12 26.90
N GLN A 259 36.50 -49.33 27.99
CA GLN A 259 37.62 -49.31 28.94
C GLN A 259 38.93 -48.92 28.26
N ILE A 260 38.84 -48.00 27.32
CA ILE A 260 39.99 -47.55 26.56
C ILE A 260 40.14 -46.05 26.72
N ASP A 261 39.82 -45.55 27.92
CA ASP A 261 39.48 -44.15 28.21
C ASP A 261 40.52 -43.16 27.69
N LEU A 262 40.05 -42.21 26.90
CA LEU A 262 40.91 -41.48 25.98
C LEU A 262 40.29 -40.12 25.70
N LYS A 263 40.84 -39.42 24.71
CA LYS A 263 40.21 -38.28 24.07
C LYS A 263 40.15 -38.55 22.56
N ARG A 264 39.58 -37.60 21.82
CA ARG A 264 39.32 -37.69 20.38
C ARG A 264 38.52 -38.95 20.04
N TYR A 265 37.28 -38.98 20.53
CA TYR A 265 36.42 -40.16 20.39
C TYR A 265 35.85 -40.27 18.98
N ALA A 266 36.75 -40.51 18.02
CA ALA A 266 36.32 -40.67 16.64
C ALA A 266 35.68 -42.04 16.43
N VAL A 267 36.44 -43.10 16.69
CA VAL A 267 36.02 -44.48 16.48
C VAL A 267 34.77 -44.92 17.28
N PRO A 268 34.51 -44.53 18.55
CA PRO A 268 33.25 -45.00 19.16
C PRO A 268 32.01 -44.38 18.53
N SER A 269 32.02 -43.06 18.32
CA SER A 269 30.93 -42.40 17.63
C SER A 269 30.76 -42.90 16.21
N ALA A 270 31.87 -43.27 15.55
CA ALA A 270 31.79 -43.87 14.22
C ALA A 270 31.11 -45.23 14.26
N GLY A 271 31.43 -46.04 15.27
CA GLY A 271 30.77 -47.33 15.40
C GLY A 271 29.30 -47.19 15.71
N LEU A 272 28.94 -46.17 16.50
CA LEU A 272 27.53 -45.90 16.78
C LEU A 272 26.78 -45.49 15.52
N ARG A 273 27.37 -44.60 14.72
CA ARG A 273 26.73 -44.17 13.49
C ARG A 273 26.65 -45.30 12.47
N LEU A 274 27.59 -46.24 12.50
CA LEU A 274 27.52 -47.37 11.57
C LEU A 274 26.47 -48.36 12.01
N PHE A 275 26.43 -48.69 13.29
CA PHE A 275 25.44 -49.65 13.76
C PHE A 275 24.05 -49.07 13.81
N ALA A 276 23.92 -47.74 13.70
CA ALA A 276 22.61 -47.13 13.44
C ALA A 276 22.02 -47.67 12.14
N LEU A 277 22.77 -47.59 11.04
CA LEU A 277 22.26 -48.10 9.77
C LEU A 277 22.26 -49.62 9.75
N HIS A 278 23.43 -50.23 9.92
CA HIS A 278 23.55 -51.68 9.74
C HIS A 278 23.10 -52.41 10.99
N ALA A 279 21.79 -52.48 11.14
CA ALA A 279 21.17 -53.17 12.26
C ALA A 279 20.64 -54.54 11.86
N SER A 280 19.73 -54.58 10.89
CA SER A 280 19.02 -55.80 10.51
C SER A 280 19.87 -56.76 9.70
N GLN A 281 21.09 -56.38 9.36
CA GLN A 281 21.92 -57.18 8.46
C GLN A 281 22.51 -58.38 9.16
N PHE A 282 23.24 -58.16 10.24
CA PHE A 282 23.94 -59.23 10.94
C PHE A 282 22.99 -59.97 11.89
N SER A 283 21.93 -60.55 11.34
CA SER A 283 20.76 -60.92 12.12
C SER A 283 20.99 -62.18 12.94
N THR A 284 21.45 -63.26 12.30
CA THR A 284 21.66 -64.51 13.00
C THR A 284 22.87 -64.46 13.92
N CYS A 285 23.77 -63.50 13.71
CA CYS A 285 24.90 -63.27 14.60
C CYS A 285 24.54 -62.31 15.75
N LEU A 286 23.28 -61.92 15.88
CA LEU A 286 22.83 -61.14 17.02
C LEU A 286 22.27 -62.02 18.14
N LEU A 287 22.69 -63.28 18.17
CA LEU A 287 22.30 -64.22 19.21
C LEU A 287 23.46 -64.57 20.14
N ASP A 288 24.69 -64.23 19.74
CA ASP A 288 25.88 -64.73 20.41
C ASP A 288 26.13 -64.06 21.76
N ASN A 289 26.33 -62.74 21.75
CA ASN A 289 26.78 -62.01 22.92
C ASN A 289 25.89 -60.81 23.17
N TYR A 290 24.58 -61.09 23.18
CA TYR A 290 23.56 -60.08 23.46
C TYR A 290 23.76 -59.44 24.83
N VAL A 291 24.27 -60.21 25.79
CA VAL A 291 24.51 -59.71 27.14
C VAL A 291 25.57 -58.60 27.12
N SER A 292 26.73 -58.85 26.51
CA SER A 292 27.78 -57.84 26.54
C SER A 292 27.51 -56.72 25.55
N LEU A 293 26.76 -57.02 24.48
CA LEU A 293 26.18 -55.99 23.63
C LEU A 293 25.38 -55.00 24.47
N PHE A 294 24.46 -55.52 25.29
CA PHE A 294 23.70 -54.66 26.15
C PHE A 294 24.56 -54.01 27.23
N GLU A 295 25.63 -54.68 27.64
CA GLU A 295 26.53 -54.10 28.64
C GLU A 295 27.24 -52.86 28.12
N VAL A 296 27.79 -52.95 26.91
CA VAL A 296 28.49 -51.78 26.37
C VAL A 296 27.49 -50.71 25.94
N LEU A 297 26.26 -51.12 25.59
CA LEU A 297 25.22 -50.12 25.34
C LEU A 297 24.86 -49.35 26.60
N LEU A 298 24.68 -50.07 27.71
CA LEU A 298 24.42 -49.43 29.00
C LEU A 298 25.61 -48.64 29.51
N LYS A 299 26.83 -49.00 29.10
CA LYS A 299 27.99 -48.22 29.52
C LYS A 299 28.07 -46.92 28.75
N TRP A 300 28.19 -47.01 27.43
CA TRP A 300 28.38 -45.82 26.61
C TRP A 300 27.09 -45.04 26.38
N CYS A 301 25.96 -45.44 26.96
CA CYS A 301 24.77 -44.59 26.88
C CYS A 301 24.98 -43.28 27.62
N ALA A 302 25.73 -43.31 28.73
CA ALA A 302 25.89 -42.13 29.56
C ALA A 302 27.36 -41.73 29.67
N HIS A 303 28.06 -41.70 28.54
CA HIS A 303 29.44 -41.22 28.49
C HIS A 303 29.56 -39.72 28.72
N THR A 304 28.43 -38.99 28.69
CA THR A 304 28.35 -37.54 28.93
C THR A 304 29.21 -36.75 27.94
N ASN A 305 29.02 -37.06 26.66
CA ASN A 305 29.56 -36.27 25.57
C ASN A 305 28.43 -35.99 24.60
N VAL A 306 28.49 -34.81 23.97
CA VAL A 306 27.28 -34.12 23.51
C VAL A 306 26.62 -34.87 22.35
N GLU A 307 27.35 -35.15 21.29
CA GLU A 307 26.78 -35.94 20.21
C GLU A 307 26.77 -37.43 20.52
N LEU A 308 27.60 -37.83 21.48
CA LEU A 308 27.71 -39.24 21.83
C LEU A 308 26.44 -39.76 22.49
N LYS A 309 25.72 -38.88 23.18
CA LYS A 309 24.42 -39.25 23.76
C LYS A 309 23.43 -39.67 22.66
N LYS A 310 23.27 -38.82 21.64
CA LYS A 310 22.36 -39.11 20.55
C LYS A 310 22.80 -40.32 19.75
N ALA A 311 24.11 -40.44 19.51
CA ALA A 311 24.64 -41.59 18.79
C ALA A 311 24.41 -42.89 19.56
N ALA A 312 24.62 -42.85 20.87
CA ALA A 312 24.45 -44.02 21.71
C ALA A 312 23.00 -44.46 21.76
N LEU A 313 22.08 -43.51 21.94
CA LEU A 313 20.67 -43.88 22.01
C LEU A 313 20.15 -44.34 20.67
N SER A 314 20.70 -43.83 19.55
CA SER A 314 20.25 -44.30 18.25
C SER A 314 20.70 -45.74 18.00
N ALA A 315 21.97 -46.04 18.33
CA ALA A 315 22.45 -47.42 18.25
C ALA A 315 21.65 -48.33 19.18
N LEU A 316 21.30 -47.79 20.35
CA LEU A 316 20.53 -48.50 21.36
C LEU A 316 19.16 -48.90 20.84
N GLU A 317 18.41 -47.93 20.30
CA GLU A 317 17.08 -48.22 19.82
C GLU A 317 17.10 -49.09 18.57
N SER A 318 18.16 -49.00 17.75
CA SER A 318 18.24 -49.88 16.60
C SER A 318 18.44 -51.32 17.02
N PHE A 319 19.33 -51.54 18.00
CA PHE A 319 19.52 -52.89 18.51
C PHE A 319 18.27 -53.40 19.18
N LEU A 320 17.55 -52.52 19.90
CA LEU A 320 16.29 -52.93 20.50
C LEU A 320 15.24 -53.26 19.45
N LYS A 321 15.26 -52.54 18.32
CA LYS A 321 14.32 -52.83 17.24
C LYS A 321 14.59 -54.19 16.64
N GLN A 322 15.87 -54.53 16.45
CA GLN A 322 16.17 -55.83 15.87
C GLN A 322 15.93 -56.96 16.87
N VAL A 323 16.14 -56.70 18.16
CA VAL A 323 15.80 -57.67 19.19
C VAL A 323 14.29 -57.93 19.21
N SER A 324 13.49 -56.87 19.10
CA SER A 324 12.05 -57.03 19.06
C SER A 324 11.60 -57.75 17.79
N ASN A 325 12.30 -57.50 16.68
CA ASN A 325 11.94 -58.15 15.43
C ASN A 325 12.27 -59.63 15.47
N MET A 326 13.41 -60.01 16.06
CA MET A 326 13.75 -61.42 16.10
C MET A 326 12.91 -62.16 17.13
N VAL A 327 12.51 -61.51 18.23
CA VAL A 327 11.59 -62.19 19.13
C VAL A 327 10.16 -62.14 18.62
N ALA A 328 9.88 -61.31 17.61
CA ALA A 328 8.58 -61.36 16.97
C ALA A 328 8.51 -62.49 15.96
N LYS A 329 9.43 -62.51 14.99
CA LYS A 329 9.34 -63.45 13.89
C LYS A 329 9.71 -64.87 14.29
N ASN A 330 10.37 -65.04 15.44
CA ASN A 330 10.86 -66.34 15.88
C ASN A 330 10.36 -66.63 17.28
N ALA A 331 9.06 -66.50 17.48
CA ALA A 331 8.36 -66.58 18.74
C ALA A 331 8.33 -67.99 19.37
N GLU A 332 9.04 -69.01 18.90
CA GLU A 332 8.98 -70.33 19.52
C GLU A 332 10.12 -70.57 20.51
N MET A 333 11.36 -70.35 20.09
CA MET A 333 12.53 -70.70 20.90
C MET A 333 13.06 -69.56 21.75
N HIS A 334 12.45 -68.37 21.68
CA HIS A 334 13.00 -67.17 22.29
C HIS A 334 12.35 -66.81 23.61
N LYS A 335 11.76 -67.81 24.29
CA LYS A 335 11.07 -67.56 25.55
C LYS A 335 12.03 -67.10 26.63
N ASN A 336 13.24 -67.68 26.67
CA ASN A 336 14.25 -67.28 27.63
C ASN A 336 14.72 -65.85 27.38
N LYS A 337 14.93 -65.49 26.12
CA LYS A 337 15.42 -64.16 25.77
C LYS A 337 14.39 -63.09 26.10
N LEU A 338 13.15 -63.32 25.71
CA LEU A 338 12.09 -62.38 26.04
C LEU A 338 11.82 -62.34 27.53
N GLN A 339 12.01 -63.46 28.23
CA GLN A 339 11.86 -63.48 29.69
C GLN A 339 12.93 -62.63 30.35
N TYR A 340 14.18 -62.72 29.86
CA TYR A 340 15.27 -61.92 30.41
C TYR A 340 15.01 -60.44 30.21
N PHE A 341 14.60 -60.05 29.01
CA PHE A 341 14.34 -58.63 28.78
C PHE A 341 13.10 -58.15 29.52
N MET A 342 12.14 -59.05 29.73
CA MET A 342 10.95 -58.72 30.54
C MET A 342 11.33 -58.40 31.97
N GLU A 343 12.07 -59.30 32.62
CA GLU A 343 12.42 -59.05 34.02
C GLU A 343 13.41 -57.89 34.15
N GLN A 344 14.25 -57.68 33.13
CA GLN A 344 15.17 -56.55 33.13
C GLN A 344 14.41 -55.24 33.09
N PHE A 345 13.46 -55.10 32.17
CA PHE A 345 12.77 -53.82 32.06
C PHE A 345 11.79 -53.60 33.19
N TYR A 346 11.21 -54.67 33.77
CA TYR A 346 10.38 -54.41 34.94
C TYR A 346 11.22 -54.09 36.16
N GLY A 347 12.44 -54.62 36.25
CA GLY A 347 13.34 -54.21 37.31
C GLY A 347 13.76 -52.76 37.18
N ILE A 348 14.03 -52.32 35.94
CA ILE A 348 14.45 -50.94 35.74
C ILE A 348 13.28 -49.98 35.86
N ILE A 349 12.04 -50.46 35.67
CA ILE A 349 10.87 -49.62 35.90
C ILE A 349 10.40 -49.70 37.34
N ARG A 350 10.93 -50.67 38.09
CA ARG A 350 10.55 -51.02 39.49
C ARG A 350 10.20 -49.84 40.42
N ASN A 351 10.71 -48.63 40.26
CA ASN A 351 10.42 -47.56 41.22
C ASN A 351 11.45 -47.52 42.36
N VAL A 352 12.67 -47.11 42.04
CA VAL A 352 13.59 -46.89 43.13
C VAL A 352 14.16 -45.47 43.21
N ASP A 353 14.99 -45.04 42.24
CA ASP A 353 15.54 -43.69 42.33
C ASP A 353 15.86 -43.08 40.96
N SER A 354 15.42 -43.68 39.86
CA SER A 354 15.99 -43.43 38.55
C SER A 354 15.68 -42.01 38.06
N ASN A 355 16.72 -41.25 37.74
CA ASN A 355 16.54 -39.81 37.59
C ASN A 355 16.03 -39.45 36.19
N ASN A 356 16.92 -39.52 35.20
CA ASN A 356 16.52 -39.38 33.80
C ASN A 356 17.37 -40.27 32.92
N LYS A 357 17.93 -41.34 33.46
CA LYS A 357 18.79 -42.22 32.67
C LYS A 357 18.19 -43.61 32.56
N GLU A 358 17.95 -44.27 33.68
CA GLU A 358 17.34 -45.59 33.68
C GLU A 358 15.88 -45.52 33.26
N LEU A 359 15.15 -44.49 33.65
CA LEU A 359 13.80 -44.35 33.14
C LEU A 359 13.76 -43.88 31.70
N SER A 360 14.73 -43.07 31.27
CA SER A 360 14.74 -42.63 29.88
C SER A 360 15.09 -43.76 28.93
N ILE A 361 15.89 -44.73 29.37
CA ILE A 361 16.06 -45.93 28.55
C ILE A 361 14.90 -46.89 28.77
N ALA A 362 14.23 -46.82 29.92
CA ALA A 362 13.08 -47.68 30.16
C ALA A 362 11.90 -47.33 29.27
N ILE A 363 11.74 -46.04 28.95
CA ILE A 363 10.58 -45.57 28.20
C ILE A 363 10.56 -46.16 26.79
N ARG A 364 11.69 -46.06 26.08
CA ARG A 364 11.73 -46.49 24.69
C ARG A 364 11.65 -48.00 24.58
N GLY A 365 12.41 -48.71 25.42
CA GLY A 365 12.34 -50.15 25.41
C GLY A 365 11.01 -50.69 25.89
N TYR A 366 10.35 -49.97 26.78
CA TYR A 366 9.04 -50.37 27.26
C TYR A 366 8.00 -50.21 26.16
N GLY A 367 8.04 -49.08 25.46
CA GLY A 367 7.15 -48.88 24.33
C GLY A 367 7.41 -49.84 23.20
N LEU A 368 8.65 -50.29 23.04
CA LEU A 368 8.92 -51.24 21.97
C LEU A 368 8.55 -52.65 22.37
N PHE A 369 8.85 -53.04 23.61
CA PHE A 369 8.56 -54.38 24.09
C PHE A 369 7.11 -54.55 24.53
N ALA A 370 6.29 -53.51 24.40
CA ALA A 370 4.86 -53.73 24.39
C ALA A 370 4.45 -54.65 23.24
N GLY A 371 5.11 -54.50 22.09
CA GLY A 371 4.83 -55.27 20.90
C GLY A 371 4.92 -56.79 20.99
N PRO A 372 6.10 -57.34 21.36
CA PRO A 372 6.26 -58.80 21.41
C PRO A 372 5.37 -59.53 22.40
N CYS A 373 5.34 -59.08 23.66
CA CYS A 373 4.59 -59.78 24.69
C CYS A 373 3.09 -59.44 24.63
N LYS A 374 2.67 -58.71 23.59
CA LYS A 374 1.28 -58.29 23.45
C LYS A 374 0.34 -59.48 23.32
N VAL A 375 0.78 -60.56 22.69
CA VAL A 375 0.00 -61.79 22.75
C VAL A 375 0.87 -62.96 23.22
N ILE A 376 1.05 -63.05 24.55
CA ILE A 376 1.33 -64.30 25.23
C ILE A 376 0.40 -64.35 26.45
N ASN A 377 0.14 -63.18 27.02
CA ASN A 377 -0.54 -63.07 28.31
C ASN A 377 -1.78 -62.21 28.27
N ALA A 378 -1.70 -61.01 27.68
CA ALA A 378 -2.76 -60.00 27.49
C ALA A 378 -3.24 -59.34 28.78
N LYS A 379 -2.72 -59.74 29.94
CA LYS A 379 -3.06 -59.09 31.20
C LYS A 379 -1.92 -58.22 31.73
N ASP A 380 -0.68 -58.70 31.58
CA ASP A 380 0.46 -57.81 31.73
C ASP A 380 0.42 -56.73 30.66
N VAL A 381 -0.14 -57.04 29.49
CA VAL A 381 -0.42 -56.02 28.48
C VAL A 381 -1.50 -55.06 28.96
N ASP A 382 -2.41 -55.52 29.82
CA ASP A 382 -3.43 -54.61 30.34
C ASP A 382 -2.84 -53.67 31.37
N PHE A 383 -1.98 -54.17 32.26
CA PHE A 383 -1.28 -53.27 33.17
C PHE A 383 -0.18 -52.48 32.46
N MET A 384 0.26 -52.93 31.30
CA MET A 384 1.03 -52.10 30.40
C MET A 384 0.15 -50.95 29.96
N TYR A 385 0.76 -49.77 29.88
CA TYR A 385 0.23 -48.43 29.64
C TYR A 385 -0.53 -47.89 30.84
N VAL A 386 -0.93 -48.76 31.76
CA VAL A 386 -1.45 -48.28 33.03
C VAL A 386 -0.30 -47.91 33.94
N GLU A 387 0.70 -48.79 34.03
CA GLU A 387 1.94 -48.47 34.71
C GLU A 387 2.67 -47.33 34.00
N LEU A 388 2.55 -47.27 32.67
CA LEU A 388 3.24 -46.23 31.94
C LEU A 388 2.60 -44.87 32.17
N ILE A 389 1.27 -44.83 32.27
CA ILE A 389 0.59 -43.59 32.65
C ILE A 389 0.90 -43.25 34.09
N GLN A 390 0.91 -44.26 34.96
CA GLN A 390 1.26 -44.08 36.36
C GLN A 390 2.73 -43.71 36.58
N ARG A 391 3.55 -43.71 35.52
CA ARG A 391 4.82 -43.02 35.58
C ARG A 391 4.76 -41.63 34.92
N CYS A 392 4.20 -41.52 33.72
CA CYS A 392 4.39 -40.28 32.97
C CYS A 392 3.48 -39.16 33.45
N LYS A 393 2.27 -39.49 33.89
CA LYS A 393 1.36 -38.47 34.40
C LYS A 393 1.89 -37.84 35.68
N GLN A 394 2.42 -38.66 36.59
CA GLN A 394 2.99 -38.10 37.81
C GLN A 394 4.31 -37.40 37.52
N MET A 395 5.05 -37.85 36.52
CA MET A 395 6.32 -37.19 36.22
C MET A 395 6.09 -35.86 35.52
N PHE A 396 5.04 -35.75 34.72
CA PHE A 396 4.70 -34.52 34.02
C PHE A 396 3.81 -33.64 34.87
N LEU A 397 3.44 -32.53 34.24
CA LEU A 397 2.56 -31.43 34.72
C LEU A 397 2.64 -31.17 36.23
N THR A 398 3.65 -30.47 36.74
CA THR A 398 3.55 -30.14 38.15
C THR A 398 3.40 -28.65 38.38
N GLN A 399 3.42 -27.85 37.31
CA GLN A 399 3.46 -26.38 37.34
C GLN A 399 4.64 -25.85 38.15
N THR A 400 5.74 -26.60 38.15
CA THR A 400 7.00 -26.10 38.66
C THR A 400 7.52 -25.05 37.69
N ASP A 401 7.46 -23.78 38.10
CA ASP A 401 7.91 -22.70 37.22
C ASP A 401 9.42 -22.73 37.05
N THR A 402 10.14 -23.13 38.09
CA THR A 402 11.60 -23.18 38.07
C THR A 402 12.05 -24.57 38.50
N GLY A 403 12.38 -25.43 37.53
CA GLY A 403 12.97 -26.72 37.85
C GLY A 403 12.33 -27.98 37.32
N ASP A 404 11.59 -27.91 36.22
CA ASP A 404 11.00 -29.11 35.61
C ASP A 404 11.11 -29.05 34.08
N ASP A 405 12.27 -28.66 33.56
CA ASP A 405 12.39 -28.62 32.11
C ASP A 405 12.80 -29.97 31.55
N ARG A 406 11.83 -30.83 31.32
CA ARG A 406 12.05 -32.08 30.61
C ARG A 406 11.62 -31.90 29.16
N VAL A 407 11.86 -30.70 28.63
CA VAL A 407 11.34 -30.29 27.34
C VAL A 407 12.12 -30.90 26.19
N TYR A 408 13.17 -31.66 26.47
CA TYR A 408 13.95 -32.34 25.47
C TYR A 408 13.69 -33.84 25.45
N GLN A 409 12.92 -34.36 26.39
CA GLN A 409 12.64 -35.78 26.50
C GLN A 409 11.26 -36.16 25.98
N MET A 410 10.45 -35.16 25.57
CA MET A 410 9.02 -35.40 25.33
C MET A 410 8.68 -36.36 24.18
N PRO A 411 9.20 -36.22 22.95
CA PRO A 411 8.68 -37.06 21.86
C PRO A 411 9.02 -38.52 22.00
N SER A 412 10.06 -38.85 22.77
CA SER A 412 10.27 -40.22 23.20
C SER A 412 9.07 -40.75 23.97
N PHE A 413 8.60 -39.97 24.96
CA PHE A 413 7.43 -40.36 25.73
C PHE A 413 6.21 -40.50 24.85
N LEU A 414 6.06 -39.60 23.90
CA LEU A 414 4.87 -39.60 23.05
C LEU A 414 4.86 -40.80 22.12
N GLN A 415 6.01 -41.12 21.51
CA GLN A 415 6.07 -42.27 20.63
C GLN A 415 5.89 -43.57 21.40
N SER A 416 6.42 -43.61 22.63
CA SER A 416 6.25 -44.81 23.45
C SER A 416 4.81 -45.01 23.86
N VAL A 417 4.12 -43.94 24.26
CA VAL A 417 2.74 -44.10 24.73
C VAL A 417 1.84 -44.40 23.54
N ALA A 418 2.20 -43.93 22.34
CA ALA A 418 1.46 -44.31 21.15
C ALA A 418 1.63 -45.79 20.83
N SER A 419 2.88 -46.26 20.87
CA SER A 419 3.17 -47.65 20.51
C SER A 419 2.57 -48.61 21.52
N VAL A 420 2.45 -48.21 22.78
CA VAL A 420 1.76 -49.08 23.72
C VAL A 420 0.26 -48.92 23.61
N LEU A 421 -0.22 -47.77 23.12
CA LEU A 421 -1.66 -47.59 22.96
C LEU A 421 -2.21 -48.42 21.81
N LEU A 422 -1.36 -48.76 20.84
CA LEU A 422 -1.79 -49.51 19.65
C LEU A 422 -2.43 -50.87 19.94
N TYR A 423 -1.65 -51.82 20.47
CA TYR A 423 -2.08 -53.21 20.54
C TYR A 423 -3.14 -53.49 21.59
N LEU A 424 -3.52 -52.52 22.41
CA LEU A 424 -4.50 -52.77 23.44
C LEU A 424 -5.90 -52.83 22.82
N ASP A 425 -6.83 -53.41 23.56
CA ASP A 425 -8.25 -53.23 23.32
C ASP A 425 -8.90 -52.95 24.67
N THR A 426 -10.11 -52.38 24.62
CA THR A 426 -10.97 -52.09 25.78
C THR A 426 -10.24 -51.22 26.80
N VAL A 427 -9.99 -49.98 26.37
CA VAL A 427 -9.20 -48.96 27.06
C VAL A 427 -9.73 -48.74 28.47
N PRO A 428 -8.85 -48.55 29.48
CA PRO A 428 -9.33 -48.11 30.80
C PRO A 428 -10.02 -46.76 30.79
N GLU A 429 -9.71 -45.90 29.79
CA GLU A 429 -10.50 -44.75 29.31
C GLU A 429 -10.85 -43.73 30.40
N VAL A 430 -10.22 -43.80 31.58
CA VAL A 430 -10.38 -42.75 32.57
C VAL A 430 -9.22 -41.75 32.52
N TYR A 431 -8.03 -42.21 32.10
CA TYR A 431 -6.85 -41.36 32.01
C TYR A 431 -6.77 -40.58 30.70
N THR A 432 -7.78 -40.66 29.87
CA THR A 432 -7.78 -39.95 28.60
C THR A 432 -7.81 -38.41 28.71
N PRO A 433 -8.43 -37.77 29.71
CA PRO A 433 -8.18 -36.32 29.86
C PRO A 433 -6.85 -35.97 30.51
N VAL A 434 -6.02 -36.96 30.84
CA VAL A 434 -4.61 -36.72 31.10
C VAL A 434 -3.80 -36.90 29.82
N LEU A 435 -4.17 -37.91 29.01
CA LEU A 435 -3.48 -38.18 27.76
C LEU A 435 -3.63 -37.03 26.76
N GLU A 436 -4.84 -36.49 26.62
CA GLU A 436 -5.03 -35.37 25.72
C GLU A 436 -4.35 -34.10 26.24
N HIS A 437 -4.26 -33.96 27.56
CA HIS A 437 -3.53 -32.83 28.12
C HIS A 437 -2.03 -32.96 27.86
N LEU A 438 -1.54 -34.20 27.85
CA LEU A 438 -0.15 -34.46 27.49
C LEU A 438 0.12 -34.09 26.03
N VAL A 439 -0.77 -34.51 25.13
CA VAL A 439 -0.57 -34.24 23.71
C VAL A 439 -0.64 -32.74 23.42
N VAL A 440 -1.55 -32.03 24.09
CA VAL A 440 -1.64 -30.60 23.81
C VAL A 440 -0.48 -29.86 24.46
N MET A 441 0.07 -30.37 25.58
CA MET A 441 1.27 -29.76 26.15
C MET A 441 2.47 -29.92 25.24
N GLN A 442 2.63 -31.12 24.67
CA GLN A 442 3.77 -31.39 23.79
C GLN A 442 3.67 -30.62 22.49
N ILE A 443 2.48 -30.57 21.89
CA ILE A 443 2.33 -29.82 20.65
C ILE A 443 2.28 -28.32 20.91
N ASP A 444 2.09 -27.91 22.17
CA ASP A 444 2.17 -26.51 22.52
C ASP A 444 3.61 -26.03 22.65
N SER A 445 4.44 -26.79 23.35
CA SER A 445 5.84 -26.38 23.55
C SER A 445 6.77 -26.96 22.50
N PHE A 446 6.36 -26.81 21.25
CA PHE A 446 7.08 -27.17 20.03
C PHE A 446 8.16 -26.19 19.52
N PRO A 447 8.01 -24.85 19.55
CA PRO A 447 9.03 -24.00 18.90
C PRO A 447 10.39 -23.95 19.60
N GLN A 448 10.51 -24.40 20.82
CA GLN A 448 11.83 -24.46 21.46
C GLN A 448 12.50 -25.81 21.25
N TYR A 449 12.59 -26.20 19.98
CA TYR A 449 13.27 -27.40 19.53
C TYR A 449 14.42 -27.03 18.59
N SER A 450 14.98 -28.04 17.96
CA SER A 450 15.99 -27.91 16.93
C SER A 450 15.57 -28.76 15.75
N PRO A 451 16.14 -28.53 14.58
CA PRO A 451 15.92 -29.46 13.46
C PRO A 451 16.39 -30.86 13.80
N LYS A 452 15.66 -31.84 13.25
CA LYS A 452 15.69 -33.29 13.45
C LYS A 452 15.06 -33.68 14.80
N MET A 453 14.73 -32.69 15.64
CA MET A 453 13.81 -32.99 16.73
C MET A 453 12.37 -32.86 16.26
N GLN A 454 12.14 -31.88 15.38
CA GLN A 454 10.78 -31.54 14.97
C GLN A 454 10.16 -32.66 14.15
N LEU A 455 10.92 -33.29 13.27
CA LEU A 455 10.34 -34.31 12.41
C LEU A 455 10.09 -35.60 13.18
N VAL A 456 10.91 -35.88 14.19
CA VAL A 456 10.64 -36.99 15.10
C VAL A 456 9.36 -36.73 15.87
N CYS A 457 9.17 -35.49 16.34
CA CYS A 457 7.94 -35.13 17.05
C CYS A 457 6.72 -35.21 16.14
N CYS A 458 6.88 -34.83 14.87
CA CYS A 458 5.78 -34.90 13.91
C CYS A 458 5.39 -36.34 13.62
N ARG A 459 6.40 -37.22 13.46
CA ARG A 459 6.11 -38.65 13.30
C ARG A 459 5.45 -39.22 14.54
N ALA A 460 5.79 -38.70 15.72
CA ALA A 460 5.17 -39.16 16.95
C ALA A 460 3.69 -38.79 17.02
N ILE A 461 3.37 -37.53 16.74
CA ILE A 461 1.99 -37.07 16.83
C ILE A 461 1.13 -37.70 15.75
N VAL A 462 1.69 -37.91 14.56
CA VAL A 462 0.95 -38.59 13.51
C VAL A 462 0.77 -40.08 13.86
N LYS A 463 1.75 -40.66 14.53
CA LYS A 463 1.64 -42.04 14.99
C LYS A 463 0.52 -42.21 16.01
N VAL A 464 0.43 -41.28 16.98
CA VAL A 464 -0.63 -41.40 17.98
C VAL A 464 -1.99 -41.02 17.41
N PHE A 465 -2.04 -40.17 16.38
CA PHE A 465 -3.33 -39.89 15.77
C PHE A 465 -3.79 -41.04 14.91
N LEU A 466 -2.87 -41.77 14.29
CA LEU A 466 -3.23 -43.03 13.65
C LEU A 466 -3.66 -44.05 14.69
N ALA A 467 -3.04 -44.02 15.87
CA ALA A 467 -3.35 -44.98 16.92
C ALA A 467 -4.77 -44.80 17.44
N LEU A 468 -5.10 -43.62 17.93
CA LEU A 468 -6.43 -43.45 18.51
C LEU A 468 -7.44 -42.93 17.48
N ALA A 469 -7.45 -43.58 16.31
CA ALA A 469 -8.52 -43.35 15.35
C ALA A 469 -9.00 -44.62 14.67
N ALA A 470 -8.38 -45.76 14.90
CA ALA A 470 -8.94 -47.02 14.44
C ALA A 470 -9.74 -47.71 15.52
N LYS A 471 -9.85 -47.10 16.70
CA LYS A 471 -10.50 -47.74 17.83
C LYS A 471 -12.02 -47.64 17.74
N GLY A 472 -12.54 -46.43 17.75
CA GLY A 472 -13.96 -46.23 17.74
C GLY A 472 -14.33 -44.77 17.72
N PRO A 473 -15.48 -44.45 17.13
CA PRO A 473 -15.96 -43.06 17.13
C PRO A 473 -16.35 -42.55 18.50
N VAL A 474 -16.49 -43.42 19.50
CA VAL A 474 -16.62 -42.99 20.88
C VAL A 474 -15.33 -42.33 21.37
N LEU A 475 -14.20 -42.63 20.74
CA LEU A 475 -12.92 -42.02 21.08
C LEU A 475 -12.42 -41.05 20.01
N ARG A 476 -13.06 -41.01 18.85
CA ARG A 476 -12.61 -40.17 17.74
C ARG A 476 -12.94 -38.70 17.93
N ASN A 477 -13.39 -38.28 19.09
CA ASN A 477 -13.60 -36.87 19.36
C ASN A 477 -12.55 -36.28 20.28
N CYS A 478 -11.67 -37.12 20.84
CA CYS A 478 -10.50 -36.60 21.54
C CYS A 478 -9.59 -35.85 20.58
N ILE A 479 -9.39 -36.41 19.38
CA ILE A 479 -8.64 -35.71 18.34
C ILE A 479 -9.39 -34.46 17.89
N SER A 480 -10.71 -34.46 18.01
CA SER A 480 -11.47 -33.26 17.66
C SER A 480 -11.24 -32.16 18.70
N THR A 481 -11.19 -32.51 19.97
CA THR A 481 -11.10 -31.46 20.97
C THR A 481 -9.67 -31.02 21.27
N VAL A 482 -8.66 -31.86 20.99
CA VAL A 482 -7.30 -31.47 21.33
C VAL A 482 -6.81 -30.39 20.37
N VAL A 483 -7.22 -30.44 19.11
CA VAL A 483 -6.82 -29.41 18.17
C VAL A 483 -7.57 -28.12 18.45
N HIS A 484 -8.78 -28.24 18.98
CA HIS A 484 -9.56 -27.07 19.39
C HIS A 484 -8.87 -26.34 20.53
N GLN A 485 -8.38 -27.09 21.51
CA GLN A 485 -7.63 -26.45 22.59
C GLN A 485 -6.29 -25.92 22.10
N GLY A 486 -5.66 -26.63 21.15
CA GLY A 486 -4.35 -26.23 20.69
C GLY A 486 -4.38 -24.92 19.90
N LEU A 487 -5.44 -24.72 19.12
CA LEU A 487 -5.55 -23.49 18.34
C LEU A 487 -5.72 -22.27 19.24
N ILE A 488 -6.56 -22.38 20.28
CA ILE A 488 -6.77 -21.24 21.14
C ILE A 488 -5.56 -21.04 22.05
N ARG A 489 -4.75 -22.08 22.29
CA ARG A 489 -3.48 -21.84 22.95
C ARG A 489 -2.51 -21.10 22.05
N ILE A 490 -2.30 -21.59 20.82
CA ILE A 490 -1.27 -21.03 19.96
C ILE A 490 -1.64 -19.68 19.39
N CYS A 491 -2.93 -19.32 19.39
CA CYS A 491 -3.32 -18.04 18.83
C CYS A 491 -3.37 -16.98 19.90
N SER A 492 -3.38 -17.39 21.17
CA SER A 492 -3.43 -16.45 22.28
C SER A 492 -2.11 -15.71 22.44
N LYS A 493 -1.02 -16.45 22.54
CA LYS A 493 0.28 -15.85 22.84
C LYS A 493 0.83 -15.10 21.65
N PRO A 494 1.00 -13.79 21.72
CA PRO A 494 1.54 -13.04 20.60
C PRO A 494 3.04 -13.21 20.50
N PRO A 522 9.06 -16.86 21.07
CA PRO A 522 8.07 -17.48 20.19
C PRO A 522 6.83 -16.62 20.05
N THR A 523 6.33 -16.40 18.83
CA THR A 523 5.03 -15.76 18.66
C THR A 523 4.00 -16.73 18.07
N TYR A 524 4.15 -17.12 16.80
CA TYR A 524 3.39 -18.26 16.28
C TYR A 524 4.11 -18.99 15.17
N LYS A 525 5.37 -18.68 14.87
CA LYS A 525 5.95 -18.99 13.57
C LYS A 525 6.85 -20.21 13.59
N ASP A 526 6.49 -21.22 14.36
CA ASP A 526 7.08 -22.55 14.19
C ASP A 526 6.01 -23.64 14.25
N TYR A 527 4.79 -23.31 14.63
CA TYR A 527 3.69 -24.24 14.53
C TYR A 527 3.21 -24.38 13.10
N VAL A 528 3.56 -23.42 12.25
CA VAL A 528 2.98 -23.31 10.92
C VAL A 528 3.45 -24.47 10.03
N ASP A 529 4.75 -24.72 9.99
CA ASP A 529 5.27 -25.85 9.23
C ASP A 529 5.00 -27.17 9.91
N LEU A 530 4.69 -27.18 11.21
CA LEU A 530 4.25 -28.42 11.85
C LEU A 530 2.87 -28.82 11.34
N PHE A 531 1.95 -27.85 11.30
CA PHE A 531 0.63 -28.10 10.74
C PHE A 531 0.69 -28.41 9.25
N ARG A 532 1.66 -27.83 8.56
CA ARG A 532 1.94 -28.24 7.18
C ARG A 532 2.37 -29.69 7.12
N HIS A 533 3.32 -30.09 7.99
CA HIS A 533 3.91 -31.41 7.90
C HIS A 533 2.95 -32.53 8.26
N LEU A 534 2.02 -32.27 9.17
CA LEU A 534 1.16 -33.34 9.62
C LEU A 534 0.14 -33.75 8.56
N LEU A 535 -0.59 -32.79 8.00
CA LEU A 535 -1.58 -33.14 7.00
C LEU A 535 -0.97 -33.25 5.61
N SER A 536 -0.01 -32.38 5.29
CA SER A 536 0.56 -32.37 3.96
C SER A 536 1.45 -33.58 3.72
N SER A 537 2.40 -33.82 4.64
CA SER A 537 3.36 -34.89 4.45
C SER A 537 3.09 -36.06 5.38
N ASP A 538 1.81 -36.40 5.55
CA ASP A 538 1.45 -37.74 5.98
C ASP A 538 2.02 -38.80 5.05
N GLN A 539 2.04 -38.50 3.75
CA GLN A 539 2.39 -39.45 2.70
C GLN A 539 3.84 -39.93 2.75
N MET A 540 4.70 -39.31 3.56
CA MET A 540 6.03 -39.84 3.80
C MET A 540 6.15 -40.51 5.16
N MET A 541 5.05 -40.66 5.89
CA MET A 541 5.04 -41.39 7.15
C MET A 541 4.48 -42.80 7.04
N ASP A 542 3.69 -43.06 5.99
CA ASP A 542 2.92 -44.30 5.86
C ASP A 542 3.78 -45.53 5.58
N SER A 543 5.04 -45.33 5.19
CA SER A 543 5.85 -46.45 4.71
C SER A 543 6.29 -47.36 5.84
N ILE A 544 6.97 -46.79 6.85
CA ILE A 544 7.52 -47.62 7.92
C ILE A 544 6.44 -48.06 8.88
N LEU A 545 5.47 -47.20 9.15
CA LEU A 545 4.48 -47.44 10.20
C LEU A 545 3.34 -48.24 9.60
N ALA A 546 3.37 -49.56 9.84
CA ALA A 546 2.40 -50.55 9.34
C ALA A 546 2.22 -50.50 7.82
N GLU A 558 -4.88 -43.63 3.72
CA GLU A 558 -6.21 -43.68 4.32
C GLU A 558 -6.93 -42.35 4.13
N SER A 559 -7.35 -41.73 5.24
CA SER A 559 -8.12 -40.49 5.23
C SER A 559 -7.66 -39.55 6.32
N LEU A 560 -6.36 -39.58 6.64
CA LEU A 560 -5.86 -38.87 7.81
C LEU A 560 -5.91 -37.36 7.60
N ASN A 561 -5.39 -36.90 6.47
CA ASN A 561 -5.43 -35.47 6.17
C ASN A 561 -6.85 -34.99 5.89
N HIS A 562 -7.72 -35.86 5.37
CA HIS A 562 -9.16 -35.59 5.30
C HIS A 562 -9.70 -35.23 6.67
N LEU A 563 -9.44 -36.11 7.64
CA LEU A 563 -9.96 -35.96 9.00
C LEU A 563 -9.41 -34.71 9.66
N LEU A 564 -8.11 -34.47 9.51
CA LEU A 564 -7.50 -33.32 10.16
C LEU A 564 -7.91 -32.00 9.51
N TYR A 565 -8.14 -31.99 8.19
CA TYR A 565 -8.59 -30.75 7.57
C TYR A 565 -10.03 -30.45 7.93
N ASP A 566 -10.87 -31.48 8.03
CA ASP A 566 -12.25 -31.29 8.47
C ASP A 566 -12.29 -30.77 9.90
N GLU A 567 -11.45 -31.35 10.77
CA GLU A 567 -11.38 -30.88 12.15
C GLU A 567 -10.85 -29.46 12.22
N PHE A 568 -9.91 -29.10 11.34
CA PHE A 568 -9.34 -27.76 11.40
C PHE A 568 -10.32 -26.69 10.93
N VAL A 569 -11.10 -26.98 9.89
CA VAL A 569 -12.05 -25.96 9.45
C VAL A 569 -13.22 -25.86 10.43
N LYS A 570 -13.58 -26.99 11.07
CA LYS A 570 -14.59 -26.95 12.13
C LYS A 570 -14.11 -26.10 13.31
N SER A 571 -12.85 -26.23 13.68
CA SER A 571 -12.33 -25.45 14.80
C SER A 571 -12.20 -23.99 14.44
N VAL A 572 -11.81 -23.67 13.20
CA VAL A 572 -11.62 -22.28 12.86
C VAL A 572 -12.96 -21.58 12.65
N LEU A 573 -14.06 -22.31 12.45
CA LEU A 573 -15.33 -21.62 12.54
C LEU A 573 -15.89 -21.59 13.96
N LYS A 574 -15.64 -22.63 14.75
CA LYS A 574 -16.15 -22.62 16.11
C LYS A 574 -15.42 -21.65 17.02
N ILE A 575 -14.18 -21.31 16.68
CA ILE A 575 -13.48 -20.28 17.43
C ILE A 575 -14.00 -18.90 17.04
N VAL A 576 -14.19 -18.68 15.74
CA VAL A 576 -14.63 -17.37 15.26
C VAL A 576 -16.09 -17.12 15.57
N GLU A 577 -16.82 -18.15 15.99
CA GLU A 577 -18.15 -17.93 16.54
C GLU A 577 -18.09 -17.16 17.86
N LYS A 578 -17.44 -17.73 18.87
CA LYS A 578 -17.51 -17.22 20.24
C LYS A 578 -16.38 -16.22 20.47
N LEU A 579 -16.56 -15.02 19.97
CA LEU A 579 -15.45 -14.09 20.17
C LEU A 579 -15.87 -12.73 20.71
N ASP A 580 -17.02 -12.20 20.29
CA ASP A 580 -17.57 -10.90 20.72
C ASP A 580 -16.59 -9.75 20.41
N LEU A 581 -16.46 -9.48 19.12
CA LEU A 581 -15.43 -8.59 18.59
C LEU A 581 -15.84 -7.12 18.59
N THR A 582 -16.93 -6.76 19.27
CA THR A 582 -17.50 -5.42 19.07
C THR A 582 -16.67 -4.35 19.76
N LEU A 583 -16.85 -3.12 19.29
CA LEU A 583 -16.13 -1.95 19.80
C LEU A 583 -17.12 -0.96 20.37
N GLU A 584 -16.74 -0.29 21.46
CA GLU A 584 -17.62 0.61 22.18
C GLU A 584 -16.93 1.95 22.37
N ILE A 585 -17.64 3.03 22.08
CA ILE A 585 -17.05 4.37 22.08
C ILE A 585 -16.75 4.80 23.51
N GLN A 586 -15.55 5.33 23.71
CA GLN A 586 -15.16 5.87 25.01
C GLN A 586 -15.42 7.37 25.06
N THR A 587 -15.63 7.89 26.27
CA THR A 587 -15.88 9.30 26.49
C THR A 587 -14.94 9.86 27.56
N MET A 602 -16.32 16.58 19.64
CA MET A 602 -15.89 16.17 18.30
C MET A 602 -17.03 15.45 17.59
N ILE A 603 -16.96 15.39 16.26
CA ILE A 603 -17.97 14.71 15.45
C ILE A 603 -17.33 13.64 14.59
N PRO A 604 -17.62 12.35 14.80
CA PRO A 604 -17.06 11.29 13.95
C PRO A 604 -17.92 11.07 12.72
N THR A 605 -17.35 11.34 11.54
CA THR A 605 -18.07 11.24 10.29
C THR A 605 -17.46 10.21 9.35
N SER A 606 -16.82 9.18 9.91
CA SER A 606 -16.11 8.20 9.10
C SER A 606 -16.65 6.80 9.24
N ASP A 607 -16.78 6.30 10.46
CA ASP A 607 -17.07 4.95 10.95
C ASP A 607 -16.12 3.84 10.53
N PRO A 608 -14.81 4.08 10.38
CA PRO A 608 -13.84 3.38 11.23
C PRO A 608 -13.44 4.34 12.34
N ALA A 609 -14.40 4.85 13.09
CA ALA A 609 -14.37 6.20 13.64
C ALA A 609 -13.45 6.30 14.86
N ALA A 610 -13.56 7.42 15.57
CA ALA A 610 -12.62 7.85 16.61
C ALA A 610 -12.60 6.98 17.85
N ASN A 611 -13.42 5.94 17.90
CA ASN A 611 -13.31 4.93 18.95
C ASN A 611 -12.15 4.02 18.61
N LEU A 612 -10.99 4.28 19.20
CA LEU A 612 -9.87 3.36 19.10
C LEU A 612 -10.03 2.17 20.04
N HIS A 613 -11.01 2.21 20.93
CA HIS A 613 -11.12 1.20 21.99
C HIS A 613 -12.14 0.13 21.61
N PRO A 614 -11.73 -1.12 21.42
CA PRO A 614 -12.70 -2.21 21.35
C PRO A 614 -12.97 -2.75 22.75
N ALA A 615 -13.96 -3.64 22.83
CA ALA A 615 -14.40 -4.12 24.14
C ALA A 615 -13.35 -4.98 24.82
N LYS A 616 -13.00 -6.11 24.20
CA LYS A 616 -12.02 -7.03 24.78
C LYS A 616 -10.74 -6.96 23.96
N PRO A 617 -9.75 -6.19 24.38
CA PRO A 617 -8.55 -5.99 23.55
C PRO A 617 -7.68 -7.21 23.44
N LYS A 618 -7.74 -8.12 24.40
CA LYS A 618 -7.00 -9.38 24.32
C LYS A 618 -7.71 -10.42 23.46
N ASP A 619 -8.86 -10.07 22.88
CA ASP A 619 -9.47 -10.89 21.84
C ASP A 619 -9.04 -10.49 20.44
N PHE A 620 -8.70 -9.21 20.24
CA PHE A 620 -8.31 -8.75 18.91
C PHE A 620 -6.96 -9.30 18.51
N SER A 621 -6.05 -9.44 19.48
CA SER A 621 -4.76 -10.07 19.21
C SER A 621 -4.91 -11.51 18.79
N ALA A 622 -5.76 -12.27 19.49
CA ALA A 622 -6.06 -13.63 19.11
C ALA A 622 -7.18 -13.70 18.10
N PHE A 623 -7.47 -12.61 17.43
CA PHE A 623 -8.20 -12.61 16.17
C PHE A 623 -7.28 -12.34 14.99
N ILE A 624 -6.33 -11.41 15.15
CA ILE A 624 -5.43 -11.13 14.05
C ILE A 624 -4.37 -12.23 13.94
N ASN A 625 -4.01 -12.89 15.05
CA ASN A 625 -3.17 -14.07 14.93
C ASN A 625 -3.92 -15.20 14.26
N LEU A 626 -5.24 -15.26 14.47
CA LEU A 626 -6.06 -16.25 13.79
C LEU A 626 -6.07 -16.01 12.29
N VAL A 627 -6.25 -14.74 11.88
CA VAL A 627 -6.32 -14.48 10.44
C VAL A 627 -4.95 -14.67 9.78
N GLU A 628 -3.85 -14.39 10.49
CA GLU A 628 -2.55 -14.62 9.89
C GLU A 628 -2.23 -16.11 9.80
N PHE A 629 -2.56 -16.88 10.84
CA PHE A 629 -2.39 -18.32 10.79
C PHE A 629 -3.23 -18.94 9.68
N CYS A 630 -4.44 -18.42 9.48
CA CYS A 630 -5.31 -18.90 8.43
C CYS A 630 -4.73 -18.61 7.05
N ARG A 631 -4.14 -17.42 6.89
CA ARG A 631 -3.44 -17.09 5.65
C ARG A 631 -2.28 -18.03 5.40
N GLU A 632 -1.56 -18.41 6.45
CA GLU A 632 -0.37 -19.21 6.21
C GLU A 632 -0.68 -20.70 6.02
N ILE A 633 -1.80 -21.21 6.52
CA ILE A 633 -2.06 -22.64 6.42
C ILE A 633 -3.13 -23.00 5.39
N LEU A 634 -4.10 -22.12 5.12
CA LEU A 634 -5.26 -22.51 4.30
C LEU A 634 -4.98 -22.80 2.83
N PRO A 635 -4.36 -21.91 2.03
CA PRO A 635 -4.47 -22.07 0.56
C PRO A 635 -3.68 -23.24 -0.01
N GLU A 636 -2.81 -23.87 0.76
CA GLU A 636 -2.17 -25.09 0.32
C GLU A 636 -3.19 -26.22 0.31
N LYS A 637 -3.24 -26.96 -0.80
CA LYS A 637 -4.04 -28.17 -0.99
C LYS A 637 -5.54 -27.88 -0.79
N GLN A 638 -6.07 -27.10 -1.73
CA GLN A 638 -7.51 -26.99 -1.90
C GLN A 638 -8.04 -27.99 -2.93
N ALA A 639 -7.34 -29.11 -3.13
CA ALA A 639 -7.63 -29.99 -4.27
C ALA A 639 -8.89 -30.82 -4.02
N GLU A 640 -8.87 -31.67 -3.00
CA GLU A 640 -9.96 -32.60 -2.77
C GLU A 640 -10.69 -32.39 -1.46
N PHE A 641 -10.06 -31.77 -0.47
CA PHE A 641 -10.69 -31.61 0.83
C PHE A 641 -11.66 -30.44 0.85
N PHE A 642 -11.38 -29.39 0.07
CA PHE A 642 -12.12 -28.14 0.18
C PHE A 642 -13.37 -28.14 -0.70
N GLU A 643 -13.91 -29.32 -1.02
CA GLU A 643 -15.18 -29.39 -1.76
C GLU A 643 -16.37 -28.85 -0.96
N PRO A 644 -16.76 -29.40 0.20
CA PRO A 644 -18.09 -29.06 0.72
C PRO A 644 -18.18 -27.72 1.44
N TRP A 645 -17.08 -27.20 1.97
CA TRP A 645 -17.13 -26.01 2.80
C TRP A 645 -17.20 -24.72 2.00
N VAL A 646 -17.35 -24.80 0.68
CA VAL A 646 -17.35 -23.58 -0.12
C VAL A 646 -18.61 -22.75 0.13
N TYR A 647 -19.71 -23.41 0.49
CA TYR A 647 -20.97 -22.69 0.70
C TYR A 647 -21.16 -22.35 2.17
N SER A 648 -20.94 -23.33 3.06
CA SER A 648 -21.29 -23.14 4.46
C SER A 648 -20.34 -22.18 5.14
N PHE A 649 -19.04 -22.27 4.85
CA PHE A 649 -18.08 -21.38 5.49
C PHE A 649 -18.24 -19.95 4.98
N SER A 650 -18.45 -19.80 3.67
CA SER A 650 -18.70 -18.49 3.10
C SER A 650 -19.97 -17.87 3.67
N TYR A 651 -21.02 -18.69 3.80
CA TYR A 651 -22.28 -18.25 4.38
C TYR A 651 -22.10 -17.81 5.83
N GLU A 652 -21.28 -18.55 6.57
CA GLU A 652 -21.00 -18.20 7.96
C GLU A 652 -20.26 -16.87 8.06
N LEU A 653 -19.22 -16.71 7.23
CA LEU A 653 -18.42 -15.49 7.26
C LEU A 653 -19.23 -14.27 6.88
N ILE A 654 -20.09 -14.40 5.88
CA ILE A 654 -20.88 -13.22 5.53
C ILE A 654 -22.00 -13.00 6.53
N LEU A 655 -22.48 -14.06 7.19
CA LEU A 655 -23.46 -13.89 8.25
C LEU A 655 -22.88 -13.14 9.44
N GLN A 656 -21.59 -13.32 9.70
CA GLN A 656 -20.99 -12.50 10.74
C GLN A 656 -20.66 -11.10 10.23
N SER A 657 -20.16 -10.98 9.00
CA SER A 657 -19.67 -9.70 8.53
C SER A 657 -20.77 -8.73 8.17
N THR A 658 -21.97 -9.22 7.87
CA THR A 658 -23.10 -8.32 7.70
C THR A 658 -23.45 -7.61 9.00
N ARG A 659 -23.22 -8.26 10.14
CA ARG A 659 -23.52 -7.64 11.41
C ARG A 659 -22.53 -6.53 11.75
N LEU A 660 -21.25 -6.69 11.38
CA LEU A 660 -20.24 -5.66 11.63
C LEU A 660 -19.40 -5.46 10.38
N PRO A 661 -19.51 -4.31 9.74
CA PRO A 661 -18.68 -4.05 8.54
C PRO A 661 -17.22 -3.78 8.85
N LEU A 662 -16.94 -2.96 9.86
CA LEU A 662 -15.62 -2.33 10.01
C LEU A 662 -14.65 -3.16 10.85
N ILE A 663 -14.52 -4.44 10.53
CA ILE A 663 -13.51 -5.31 11.13
C ILE A 663 -12.78 -6.01 10.00
N SER A 664 -11.51 -5.67 9.81
CA SER A 664 -10.73 -6.23 8.74
C SER A 664 -10.40 -7.69 9.01
N GLY A 665 -9.89 -8.36 8.00
CA GLY A 665 -9.57 -9.77 8.09
C GLY A 665 -10.72 -10.69 7.77
N PHE A 666 -11.96 -10.24 8.02
CA PHE A 666 -13.13 -10.91 7.47
C PHE A 666 -13.05 -10.94 5.96
N TYR A 667 -12.75 -9.79 5.35
CA TYR A 667 -12.54 -9.72 3.91
C TYR A 667 -11.35 -10.57 3.48
N LYS A 668 -10.35 -10.75 4.35
CA LYS A 668 -9.22 -11.60 4.01
C LYS A 668 -9.62 -13.06 4.03
N LEU A 669 -10.49 -13.45 4.96
CA LEU A 669 -11.07 -14.79 4.94
C LEU A 669 -11.89 -15.02 3.67
N LEU A 670 -12.66 -14.01 3.27
CA LEU A 670 -13.43 -14.11 2.04
C LEU A 670 -12.50 -14.22 0.84
N SER A 671 -11.38 -13.51 0.87
CA SER A 671 -10.40 -13.58 -0.20
C SER A 671 -9.80 -14.97 -0.28
N ILE A 672 -9.54 -15.58 0.87
CA ILE A 672 -8.95 -16.92 0.91
C ILE A 672 -9.93 -17.95 0.32
N THR A 673 -11.19 -17.88 0.73
CA THR A 673 -12.13 -18.88 0.23
C THR A 673 -12.48 -18.62 -1.23
N VAL A 674 -12.48 -17.37 -1.70
CA VAL A 674 -12.77 -17.16 -3.11
C VAL A 674 -11.55 -17.51 -3.96
N ARG A 675 -10.34 -17.43 -3.38
CA ARG A 675 -9.16 -17.80 -4.14
C ARG A 675 -9.05 -19.30 -4.27
N ASN A 676 -9.42 -20.04 -3.22
CA ASN A 676 -9.48 -21.49 -3.37
C ASN A 676 -10.65 -21.92 -4.25
N ALA A 677 -11.73 -21.13 -4.27
CA ALA A 677 -12.84 -21.42 -5.15
C ALA A 677 -12.49 -21.18 -6.60
N LYS A 678 -11.59 -20.23 -6.88
CA LYS A 678 -11.07 -20.10 -8.24
C LYS A 678 -9.98 -21.11 -8.54
N LYS A 679 -9.27 -21.57 -7.50
CA LYS A 679 -8.27 -22.60 -7.72
C LYS A 679 -8.91 -23.93 -8.09
N ILE A 680 -10.07 -24.25 -7.52
CA ILE A 680 -10.87 -25.36 -8.00
C ILE A 680 -11.72 -24.79 -9.12
N LYS A 681 -12.31 -25.63 -9.97
CA LYS A 681 -13.15 -25.01 -10.99
C LYS A 681 -14.54 -24.73 -10.46
N TYR A 682 -15.37 -25.78 -10.36
CA TYR A 682 -16.67 -25.81 -9.67
C TYR A 682 -17.73 -24.82 -10.16
N PHE A 683 -17.42 -23.93 -11.10
CA PHE A 683 -18.23 -22.74 -11.36
C PHE A 683 -18.53 -22.64 -12.85
N GLU A 684 -19.64 -23.25 -13.28
CA GLU A 684 -20.00 -23.19 -14.69
C GLU A 684 -21.50 -22.97 -14.88
N GLY A 685 -22.12 -22.24 -13.96
CA GLY A 685 -23.54 -21.94 -14.06
C GLY A 685 -23.85 -20.47 -14.00
N LYS A 700 -26.29 -23.57 -4.08
CA LYS A 700 -25.19 -23.51 -5.02
C LYS A 700 -25.36 -22.33 -5.94
N TYR A 701 -26.45 -22.35 -6.72
CA TYR A 701 -26.91 -21.13 -7.36
C TYR A 701 -27.33 -20.11 -6.31
N SER A 702 -27.79 -20.61 -5.16
CA SER A 702 -27.93 -19.84 -3.93
C SER A 702 -26.67 -19.03 -3.61
N CYS A 703 -25.52 -19.70 -3.50
CA CYS A 703 -24.31 -18.97 -3.12
C CYS A 703 -23.79 -18.13 -4.28
N PHE A 704 -24.09 -18.54 -5.51
CA PHE A 704 -23.81 -17.73 -6.69
C PHE A 704 -24.48 -16.36 -6.59
N ALA A 705 -25.81 -16.35 -6.52
CA ALA A 705 -26.56 -15.11 -6.41
C ALA A 705 -26.29 -14.39 -5.09
N LEU A 706 -25.87 -15.13 -4.08
CA LEU A 706 -25.46 -14.54 -2.82
C LEU A 706 -24.21 -13.68 -3.00
N PHE A 707 -23.21 -14.20 -3.72
CA PHE A 707 -22.05 -13.38 -4.06
C PHE A 707 -22.41 -12.22 -4.98
N VAL A 708 -23.38 -12.43 -5.88
CA VAL A 708 -23.84 -11.34 -6.75
C VAL A 708 -24.39 -10.18 -5.93
N LYS A 709 -25.27 -10.49 -4.97
CA LYS A 709 -25.80 -9.44 -4.11
C LYS A 709 -24.76 -8.92 -3.13
N PHE A 710 -23.73 -9.70 -2.84
CA PHE A 710 -22.74 -9.28 -1.86
C PHE A 710 -21.74 -8.30 -2.45
N GLY A 711 -21.36 -8.50 -3.71
CA GLY A 711 -20.25 -7.74 -4.27
C GLY A 711 -20.60 -6.28 -4.51
N LYS A 712 -21.80 -6.02 -5.06
CA LYS A 712 -22.27 -4.66 -5.23
C LYS A 712 -22.46 -3.99 -3.87
N GLU A 713 -22.88 -4.77 -2.88
CA GLU A 713 -23.05 -4.25 -1.53
C GLU A 713 -21.74 -3.77 -0.94
N VAL A 714 -20.68 -4.58 -1.05
CA VAL A 714 -19.43 -4.13 -0.48
C VAL A 714 -18.80 -3.05 -1.35
N ALA A 715 -19.09 -3.06 -2.64
CA ALA A 715 -18.49 -2.08 -3.55
C ALA A 715 -19.13 -0.71 -3.42
N VAL A 716 -20.33 -0.63 -2.87
CA VAL A 716 -20.85 0.67 -2.46
C VAL A 716 -20.60 0.93 -0.98
N LYS A 717 -20.28 -0.10 -0.19
CA LYS A 717 -19.97 0.12 1.20
C LYS A 717 -18.57 0.70 1.40
N MET A 718 -17.61 0.33 0.55
CA MET A 718 -16.22 0.68 0.81
C MET A 718 -15.88 2.13 0.49
N LYS A 719 -16.85 3.01 0.27
CA LYS A 719 -16.52 4.33 -0.24
C LYS A 719 -15.95 5.22 0.85
N GLN A 720 -16.69 5.39 1.96
CA GLN A 720 -16.29 6.32 3.00
C GLN A 720 -15.47 5.61 4.09
N TYR A 721 -14.34 5.05 3.68
CA TYR A 721 -13.47 4.32 4.58
C TYR A 721 -12.09 4.99 4.65
N LYS A 722 -11.16 4.30 5.30
CA LYS A 722 -9.76 4.68 5.31
C LYS A 722 -8.93 3.48 4.89
N ASP A 723 -7.61 3.63 4.97
CA ASP A 723 -6.70 2.88 4.11
C ASP A 723 -6.61 1.40 4.48
N GLU A 724 -6.47 1.10 5.78
CA GLU A 724 -6.10 -0.25 6.18
C GLU A 724 -7.25 -1.24 6.04
N LEU A 725 -8.49 -0.76 5.94
CA LEU A 725 -9.60 -1.62 5.55
C LEU A 725 -9.84 -1.59 4.06
N LEU A 726 -9.52 -0.45 3.43
CA LEU A 726 -9.73 -0.27 2.00
C LEU A 726 -8.88 -1.25 1.22
N ALA A 727 -7.65 -1.47 1.68
CA ALA A 727 -6.77 -2.43 1.03
C ALA A 727 -7.33 -3.85 1.13
N SER A 728 -7.90 -4.20 2.28
CA SER A 728 -8.42 -5.55 2.45
C SER A 728 -9.66 -5.79 1.59
N CYS A 729 -10.58 -4.82 1.55
CA CYS A 729 -11.78 -5.05 0.74
C CYS A 729 -11.47 -4.93 -0.74
N LEU A 730 -10.41 -4.21 -1.12
CA LEU A 730 -10.01 -4.22 -2.53
C LEU A 730 -9.38 -5.54 -2.91
N THR A 731 -8.60 -6.14 -1.99
CA THR A 731 -8.08 -7.48 -2.24
C THR A 731 -9.20 -8.51 -2.32
N PHE A 732 -10.32 -8.26 -1.66
CA PHE A 732 -11.48 -9.11 -1.90
C PHE A 732 -12.08 -8.83 -3.29
N LEU A 733 -12.38 -7.55 -3.56
CA LEU A 733 -13.18 -7.16 -4.72
C LEU A 733 -12.54 -7.56 -6.03
N LEU A 734 -11.24 -7.35 -6.17
CA LEU A 734 -10.61 -7.72 -7.41
C LEU A 734 -10.21 -9.20 -7.45
N SER A 735 -10.58 -9.98 -6.44
CA SER A 735 -10.35 -11.42 -6.47
C SER A 735 -11.64 -12.19 -6.68
N LEU A 736 -12.67 -11.54 -7.20
CA LEU A 736 -13.89 -12.21 -7.59
C LEU A 736 -13.62 -13.13 -8.77
N PRO A 737 -14.46 -14.15 -9.00
CA PRO A 737 -14.30 -14.96 -10.22
C PRO A 737 -14.43 -14.13 -11.49
N HIS A 738 -15.58 -13.50 -11.68
CA HIS A 738 -15.77 -12.25 -12.44
C HIS A 738 -15.55 -12.38 -13.95
N ASN A 739 -15.08 -13.54 -14.41
CA ASN A 739 -15.32 -13.94 -15.77
C ASN A 739 -16.66 -14.62 -15.90
N ILE A 740 -17.19 -15.10 -14.78
CA ILE A 740 -18.54 -15.63 -14.71
C ILE A 740 -19.50 -14.56 -14.20
N ILE A 741 -18.98 -13.51 -13.58
CA ILE A 741 -19.76 -12.30 -13.31
C ILE A 741 -19.40 -11.33 -14.44
N GLU A 742 -20.15 -11.39 -15.53
CA GLU A 742 -19.85 -10.57 -16.69
C GLU A 742 -20.54 -9.22 -16.67
N LEU A 743 -21.64 -9.10 -15.94
CA LEU A 743 -22.43 -7.87 -15.89
C LEU A 743 -21.72 -6.78 -15.10
N ASP A 744 -22.38 -5.61 -15.07
CA ASP A 744 -22.17 -4.40 -14.27
C ASP A 744 -20.73 -4.05 -13.91
N VAL A 745 -19.84 -4.08 -14.91
CA VAL A 745 -18.44 -3.75 -14.67
C VAL A 745 -18.22 -2.25 -14.41
N ARG A 746 -19.25 -1.43 -14.62
CA ARG A 746 -19.16 -0.02 -14.27
C ARG A 746 -19.13 0.21 -12.76
N ALA A 747 -19.57 -0.77 -11.97
CA ALA A 747 -19.41 -0.65 -10.54
C ALA A 747 -18.08 -1.18 -10.04
N TYR A 748 -17.41 -2.03 -10.83
CA TYR A 748 -16.08 -2.49 -10.47
C TYR A 748 -14.99 -1.53 -10.93
N VAL A 749 -15.22 -0.75 -11.97
CA VAL A 749 -14.20 0.16 -12.49
C VAL A 749 -13.79 1.29 -11.52
N PRO A 750 -14.59 1.80 -10.56
CA PRO A 750 -13.96 2.69 -9.57
C PRO A 750 -13.09 1.94 -8.56
N ALA A 751 -13.35 0.65 -8.33
CA ALA A 751 -12.47 -0.13 -7.47
C ALA A 751 -11.10 -0.32 -8.09
N LEU A 752 -11.05 -0.77 -9.35
CA LEU A 752 -9.80 -0.88 -10.08
C LEU A 752 -9.17 0.49 -10.34
N GLN A 753 -9.97 1.56 -10.35
CA GLN A 753 -9.40 2.90 -10.44
C GLN A 753 -8.68 3.28 -9.15
N MET A 754 -9.29 2.96 -8.00
CA MET A 754 -8.65 3.29 -6.73
C MET A 754 -7.51 2.34 -6.39
N ALA A 755 -7.48 1.15 -6.98
CA ALA A 755 -6.44 0.18 -6.66
C ALA A 755 -5.08 0.66 -7.12
N PHE A 756 -4.96 1.08 -8.38
CA PHE A 756 -3.68 1.55 -8.87
C PHE A 756 -3.33 2.93 -8.33
N LYS A 757 -4.33 3.73 -7.96
CA LYS A 757 -4.02 4.99 -7.29
C LYS A 757 -3.45 4.74 -5.89
N LEU A 758 -3.89 3.69 -5.22
CA LEU A 758 -3.30 3.32 -3.95
C LEU A 758 -2.13 2.36 -4.12
N GLY A 759 -1.73 2.10 -5.35
CA GLY A 759 -0.43 1.53 -5.59
C GLY A 759 0.65 2.58 -5.45
N LEU A 760 1.88 2.18 -5.79
CA LEU A 760 3.08 3.02 -5.82
C LEU A 760 3.49 3.61 -4.46
N SER A 761 2.77 3.27 -3.39
CA SER A 761 3.25 3.45 -2.03
C SER A 761 2.85 2.25 -1.20
N TYR A 762 2.44 1.17 -1.85
CA TYR A 762 2.10 -0.10 -1.23
C TYR A 762 2.05 -1.11 -2.36
N THR A 763 2.76 -2.21 -2.19
CA THR A 763 2.95 -3.17 -3.28
C THR A 763 1.79 -4.11 -3.62
N PRO A 764 1.25 -4.94 -2.71
CA PRO A 764 0.51 -6.14 -3.16
C PRO A 764 -0.85 -5.85 -3.77
N LEU A 765 -1.51 -4.76 -3.39
CA LEU A 765 -2.74 -4.37 -4.07
C LEU A 765 -2.45 -3.94 -5.51
N ALA A 766 -1.31 -3.27 -5.71
CA ALA A 766 -0.88 -2.90 -7.05
C ALA A 766 -0.43 -4.12 -7.84
N GLU A 767 -0.02 -5.18 -7.16
CA GLU A 767 0.25 -6.43 -7.87
C GLU A 767 -1.04 -7.09 -8.32
N VAL A 768 -2.00 -7.23 -7.41
CA VAL A 768 -3.18 -8.03 -7.71
C VAL A 768 -4.12 -7.30 -8.67
N GLY A 769 -4.06 -5.96 -8.72
CA GLY A 769 -4.87 -5.24 -9.69
C GLY A 769 -4.45 -5.51 -11.12
N LEU A 770 -3.15 -5.58 -11.36
CA LEU A 770 -2.66 -5.99 -12.68
C LEU A 770 -2.94 -7.47 -12.92
N ASN A 771 -2.84 -8.29 -11.86
CA ASN A 771 -3.09 -9.71 -12.01
C ASN A 771 -4.56 -10.00 -12.35
N ALA A 772 -5.47 -9.09 -11.99
CA ALA A 772 -6.87 -9.24 -12.32
C ALA A 772 -7.26 -8.54 -13.62
N LEU A 773 -6.57 -7.46 -13.99
CA LEU A 773 -6.78 -6.88 -15.31
C LEU A 773 -6.37 -7.85 -16.40
N GLU A 774 -5.33 -8.66 -16.14
CA GLU A 774 -4.97 -9.75 -17.05
C GLU A 774 -6.10 -10.75 -17.21
N GLU A 775 -6.72 -11.15 -16.10
CA GLU A 775 -7.78 -12.15 -16.13
C GLU A 775 -9.00 -11.63 -16.88
N TRP A 776 -9.38 -10.37 -16.61
CA TRP A 776 -10.45 -9.68 -17.32
C TRP A 776 -10.21 -9.71 -18.82
N SER A 777 -9.04 -9.19 -19.25
CA SER A 777 -8.79 -9.00 -20.67
C SER A 777 -8.59 -10.32 -21.41
N ILE A 778 -8.11 -11.36 -20.72
CA ILE A 778 -7.87 -12.60 -21.43
C ILE A 778 -9.06 -13.55 -21.40
N TYR A 779 -10.02 -13.36 -20.49
CA TYR A 779 -11.12 -14.31 -20.46
C TYR A 779 -12.50 -13.73 -20.76
N ILE A 780 -12.73 -12.44 -20.59
CA ILE A 780 -14.04 -11.91 -20.91
C ILE A 780 -14.16 -11.73 -22.43
N ASP A 781 -15.39 -11.64 -22.91
CA ASP A 781 -15.62 -11.24 -24.29
C ASP A 781 -15.27 -9.77 -24.47
N ARG A 782 -14.39 -9.48 -25.43
CA ARG A 782 -13.80 -8.15 -25.54
C ARG A 782 -14.66 -7.20 -26.36
N HIS A 783 -15.93 -7.12 -26.02
CA HIS A 783 -16.82 -6.15 -26.63
C HIS A 783 -17.47 -5.24 -25.60
N VAL A 784 -17.86 -5.79 -24.44
CA VAL A 784 -18.32 -4.96 -23.34
C VAL A 784 -17.15 -4.18 -22.75
N MET A 785 -15.98 -4.79 -22.66
CA MET A 785 -14.81 -4.09 -22.17
C MET A 785 -14.19 -3.18 -23.22
N GLN A 786 -14.60 -3.32 -24.48
CA GLN A 786 -14.00 -2.50 -25.53
C GLN A 786 -14.25 -1.01 -25.40
N PRO A 787 -15.38 -0.51 -24.85
CA PRO A 787 -15.36 0.89 -24.39
C PRO A 787 -14.72 1.07 -23.04
N TYR A 788 -14.62 0.01 -22.25
CA TYR A 788 -14.08 0.13 -20.90
C TYR A 788 -12.56 -0.04 -20.88
N TYR A 789 -11.88 0.73 -21.70
CA TYR A 789 -10.43 0.82 -21.68
C TYR A 789 -9.95 2.26 -21.62
N LYS A 790 -10.86 3.23 -21.68
CA LYS A 790 -10.49 4.64 -21.64
C LYS A 790 -10.27 5.14 -20.23
N ASP A 791 -10.54 4.32 -19.24
CA ASP A 791 -10.46 4.71 -17.84
C ASP A 791 -9.85 3.64 -16.94
N ILE A 792 -9.41 2.51 -17.49
CA ILE A 792 -8.57 1.56 -16.78
C ILE A 792 -7.12 1.93 -17.00
N LEU A 793 -6.74 1.99 -18.29
CA LEU A 793 -5.36 2.28 -18.67
C LEU A 793 -4.78 3.61 -18.18
N PRO A 794 -5.42 4.80 -18.43
CA PRO A 794 -4.62 6.04 -18.39
C PRO A 794 -4.21 6.55 -17.02
N CYS A 795 -4.35 5.72 -15.99
CA CYS A 795 -3.74 6.00 -14.69
C CYS A 795 -2.37 5.35 -14.54
N LEU A 796 -2.02 4.37 -15.37
CA LEU A 796 -0.80 3.58 -15.33
C LEU A 796 0.46 4.36 -15.61
N ASP A 797 0.48 5.69 -15.80
CA ASP A 797 1.72 6.38 -16.15
C ASP A 797 2.73 6.39 -15.01
N GLY A 798 2.27 6.27 -13.77
CA GLY A 798 3.19 6.28 -12.65
C GLY A 798 4.07 5.04 -12.59
N TYR A 799 3.60 3.94 -13.17
CA TYR A 799 4.41 2.73 -13.21
C TYR A 799 5.56 2.86 -14.19
N LEU A 800 5.32 3.50 -15.33
CA LEU A 800 6.35 3.63 -16.35
C LEU A 800 7.04 4.99 -16.27
N LYS A 801 7.57 5.28 -15.08
CA LYS A 801 8.42 6.45 -14.85
C LYS A 801 9.56 6.10 -13.90
N SER A 816 22.75 -10.16 11.98
CA SER A 816 22.61 -11.11 13.09
C SER A 816 23.98 -11.66 13.48
N ALA A 817 24.01 -12.93 13.86
CA ALA A 817 25.25 -13.59 14.27
C ALA A 817 26.08 -14.09 13.10
N LEU A 818 25.71 -13.74 11.87
CA LEU A 818 26.49 -14.14 10.70
C LEU A 818 27.80 -13.36 10.63
N SER A 819 27.81 -12.13 11.15
CA SER A 819 29.02 -11.31 11.13
C SER A 819 30.10 -11.93 12.01
N ARG A 820 29.76 -12.29 13.24
CA ARG A 820 30.67 -13.00 14.12
C ARG A 820 30.77 -14.49 13.77
N ALA A 821 29.87 -14.99 12.92
CA ALA A 821 29.95 -16.34 12.41
C ALA A 821 30.60 -16.39 11.03
N ALA A 822 31.24 -15.30 10.63
CA ALA A 822 32.11 -15.30 9.46
C ALA A 822 33.43 -14.57 9.67
N GLN A 823 33.53 -13.68 10.67
CA GLN A 823 34.65 -12.75 10.75
C GLN A 823 35.98 -13.42 11.07
N LYS A 824 36.06 -14.20 12.14
CA LYS A 824 37.33 -14.77 12.58
C LYS A 824 37.59 -16.11 11.91
N GLY A 825 37.96 -16.04 10.64
CA GLY A 825 38.26 -17.23 9.85
C GLY A 825 37.04 -18.04 9.51
N PHE A 826 37.20 -19.00 8.61
CA PHE A 826 36.13 -19.95 8.29
C PHE A 826 36.39 -21.27 9.01
N ASN A 827 36.47 -21.21 10.33
CA ASN A 827 37.00 -22.36 11.09
C ASN A 827 35.88 -23.24 11.64
N LYS A 828 34.78 -23.33 10.88
CA LYS A 828 33.74 -24.37 10.93
C LYS A 828 32.84 -24.31 12.16
N VAL A 829 33.26 -23.61 13.21
CA VAL A 829 32.34 -23.31 14.30
C VAL A 829 31.57 -22.07 13.96
N VAL A 830 32.22 -21.15 13.24
CA VAL A 830 31.52 -20.05 12.60
C VAL A 830 30.57 -20.56 11.52
N LEU A 831 30.90 -21.68 10.88
CA LEU A 831 29.97 -22.27 9.91
C LEU A 831 28.81 -22.94 10.64
N LYS A 832 29.08 -23.59 11.78
CA LYS A 832 28.01 -24.18 12.57
C LYS A 832 27.07 -23.11 13.12
N HIS A 833 27.61 -21.94 13.46
CA HIS A 833 26.77 -20.82 13.88
C HIS A 833 26.05 -20.17 12.71
N LEU A 834 26.58 -20.28 11.49
CA LEU A 834 25.81 -19.90 10.31
C LEU A 834 24.63 -20.85 10.10
N LYS A 835 24.85 -22.16 10.30
CA LYS A 835 23.74 -23.12 10.27
C LYS A 835 22.77 -22.93 11.44
N LYS A 836 23.24 -22.33 12.54
CA LYS A 836 22.35 -21.98 13.64
C LYS A 836 21.60 -20.69 13.34
N THR A 837 22.15 -19.86 12.46
CA THR A 837 21.53 -18.59 12.13
C THR A 837 21.28 -18.45 10.62
N ILE A 846 8.33 -8.54 -3.43
CA ILE A 846 8.29 -8.12 -4.82
C ILE A 846 8.42 -6.61 -4.91
N SER A 847 9.47 -6.15 -5.58
CA SER A 847 9.76 -4.73 -5.68
C SER A 847 8.90 -4.10 -6.76
N LEU A 848 9.22 -2.87 -7.14
CA LEU A 848 8.45 -2.14 -8.14
C LEU A 848 8.92 -2.43 -9.55
N GLU A 849 10.14 -2.91 -9.73
CA GLU A 849 10.69 -3.04 -11.07
C GLU A 849 10.19 -4.29 -11.79
N GLU A 850 9.90 -5.36 -11.04
CA GLU A 850 9.19 -6.50 -11.65
C GLU A 850 7.80 -6.10 -12.09
N ILE A 851 7.16 -5.21 -11.35
CA ILE A 851 5.87 -4.66 -11.75
C ILE A 851 6.04 -3.79 -12.99
N ARG A 852 7.15 -3.06 -13.11
CA ARG A 852 7.43 -2.28 -14.31
C ARG A 852 7.54 -3.17 -15.54
N ILE A 853 8.30 -4.26 -15.42
CA ILE A 853 8.44 -5.21 -16.51
C ILE A 853 7.09 -5.83 -16.87
N ARG A 854 6.27 -6.14 -15.87
CA ARG A 854 4.99 -6.78 -16.17
C ARG A 854 4.00 -5.77 -16.76
N VAL A 855 4.09 -4.50 -16.37
CA VAL A 855 3.26 -3.46 -16.98
C VAL A 855 3.62 -3.30 -18.44
N VAL A 856 4.92 -3.34 -18.76
CA VAL A 856 5.33 -3.20 -20.15
C VAL A 856 4.90 -4.41 -20.97
N GLN A 857 5.01 -5.62 -20.39
CA GLN A 857 4.57 -6.81 -21.10
C GLN A 857 3.07 -6.81 -21.33
N MET A 858 2.30 -6.30 -20.35
CA MET A 858 0.85 -6.16 -20.52
C MET A 858 0.51 -5.15 -21.62
N LEU A 859 1.11 -3.96 -21.53
CA LEU A 859 0.83 -2.87 -22.44
C LEU A 859 1.23 -3.21 -23.86
N GLY A 860 2.20 -4.09 -24.02
CA GLY A 860 2.52 -4.58 -25.34
C GLY A 860 1.59 -5.68 -25.80
N SER A 861 1.26 -6.62 -24.92
CA SER A 861 0.45 -7.76 -25.33
C SER A 861 -1.00 -7.40 -25.57
N LEU A 862 -1.46 -6.22 -25.15
CA LEU A 862 -2.87 -5.87 -25.31
C LEU A 862 -3.14 -5.07 -26.57
N GLY A 863 -2.43 -5.35 -27.66
CA GLY A 863 -2.79 -4.83 -28.95
C GLY A 863 -2.14 -3.51 -29.27
N GLY A 864 -2.41 -3.03 -30.48
CA GLY A 864 -1.93 -1.73 -30.89
C GLY A 864 -3.00 -0.66 -30.80
N GLN A 865 -4.22 -1.00 -31.24
CA GLN A 865 -5.30 -0.04 -31.37
C GLN A 865 -5.88 0.43 -30.04
N ILE A 866 -5.57 -0.25 -28.94
CA ILE A 866 -6.14 0.07 -27.64
C ILE A 866 -5.21 0.96 -26.82
N ASN A 867 -3.90 0.93 -27.08
CA ASN A 867 -2.91 1.52 -26.20
C ASN A 867 -3.00 3.04 -26.18
N LYS A 868 -3.58 3.64 -27.22
CA LYS A 868 -3.42 5.06 -27.49
C LYS A 868 -4.08 5.95 -26.44
N ASN A 869 -5.08 5.44 -25.74
CA ASN A 869 -5.77 6.25 -24.75
C ASN A 869 -4.95 6.48 -23.49
N LEU A 870 -3.86 5.74 -23.32
CA LEU A 870 -3.10 5.71 -22.07
C LEU A 870 -2.52 7.07 -21.69
N LEU A 871 -2.24 7.92 -22.67
CA LEU A 871 -1.81 9.27 -22.36
C LEU A 871 -2.88 10.31 -22.62
N THR A 872 -3.89 10.00 -23.44
CA THR A 872 -4.95 10.96 -23.76
C THR A 872 -5.98 10.90 -22.63
N VAL A 873 -5.67 11.60 -21.55
CA VAL A 873 -6.58 11.51 -20.40
C VAL A 873 -7.55 12.70 -20.37
N THR A 874 -7.05 13.92 -20.15
CA THR A 874 -7.92 15.11 -20.23
C THR A 874 -7.29 16.26 -20.98
N SER A 875 -6.00 16.53 -20.75
CA SER A 875 -5.27 17.74 -21.20
C SER A 875 -6.00 19.04 -20.84
N SER A 876 -6.69 19.06 -19.69
CA SER A 876 -7.26 20.30 -19.17
C SER A 876 -7.23 20.39 -17.65
N ASP A 877 -6.65 19.40 -16.97
CA ASP A 877 -6.73 19.27 -15.52
C ASP A 877 -5.55 19.97 -14.85
N GLU A 878 -5.26 19.58 -13.61
CA GLU A 878 -4.22 20.21 -12.81
C GLU A 878 -2.81 20.06 -13.40
N MET A 879 -2.62 19.20 -14.41
CA MET A 879 -1.45 19.32 -15.27
C MET A 879 -1.39 20.72 -15.90
N MET A 880 -2.46 21.12 -16.57
CA MET A 880 -2.48 22.44 -17.18
C MET A 880 -2.63 23.55 -16.14
N LYS A 881 -3.26 23.25 -15.00
CA LYS A 881 -3.38 24.24 -13.93
C LYS A 881 -2.07 24.43 -13.19
N SER A 882 -1.17 23.45 -13.24
CA SER A 882 0.23 23.67 -12.90
C SER A 882 1.00 24.27 -14.06
N TYR A 883 0.43 24.20 -15.26
CA TYR A 883 1.00 24.85 -16.42
C TYR A 883 0.29 26.17 -16.74
N VAL A 884 -0.33 26.82 -15.76
CA VAL A 884 -0.85 28.16 -15.94
C VAL A 884 -0.24 29.04 -14.85
N ALA A 885 0.00 30.31 -15.19
CA ALA A 885 0.39 31.28 -14.18
C ALA A 885 -0.78 31.48 -13.22
N TRP A 886 -0.44 31.69 -11.96
CA TRP A 886 -1.48 31.83 -10.96
C TRP A 886 -2.05 33.23 -10.91
N ASP A 887 -1.45 34.18 -11.63
CA ASP A 887 -1.98 35.52 -11.74
C ASP A 887 -1.54 36.09 -13.08
N ARG A 888 -2.05 37.27 -13.42
CA ARG A 888 -1.61 37.95 -14.63
C ARG A 888 -0.24 38.55 -14.40
N GLU A 889 -0.16 39.51 -13.50
CA GLU A 889 1.10 40.11 -13.11
C GLU A 889 1.60 39.44 -11.83
N LYS A 890 2.90 39.59 -11.56
CA LYS A 890 3.49 39.02 -10.36
C LYS A 890 3.70 40.11 -9.31
N ARG A 891 3.04 39.94 -8.17
CA ARG A 891 3.21 40.80 -7.01
C ARG A 891 4.28 40.18 -6.12
N LEU A 892 4.45 40.73 -4.90
CA LEU A 892 5.33 40.22 -3.85
C LEU A 892 6.80 40.15 -4.31
N SER A 893 7.35 41.33 -4.61
CA SER A 893 8.74 41.44 -5.06
C SER A 893 9.66 41.42 -3.84
N PHE A 894 10.54 40.43 -3.78
CA PHE A 894 11.44 40.25 -2.65
C PHE A 894 12.83 40.78 -2.96
N ALA A 895 13.37 41.59 -2.06
CA ALA A 895 14.66 42.25 -2.24
C ALA A 895 15.64 41.67 -1.23
N VAL A 896 16.43 40.66 -1.70
CA VAL A 896 17.40 39.95 -0.86
C VAL A 896 18.40 40.94 -0.28
N PRO A 897 18.78 40.82 1.00
CA PRO A 897 19.79 41.73 1.55
C PRO A 897 21.21 41.32 1.13
N PHE A 898 21.93 42.28 0.54
CA PHE A 898 23.37 42.22 0.34
C PHE A 898 24.01 43.47 0.94
N ARG A 899 25.33 43.54 0.81
CA ARG A 899 26.07 44.68 1.35
C ARG A 899 26.25 45.80 0.34
N GLU A 900 26.14 45.51 -0.95
CA GLU A 900 26.39 46.55 -1.95
C GLU A 900 25.27 46.67 -2.98
N MET A 901 24.66 45.56 -3.40
CA MET A 901 23.82 45.56 -4.59
C MET A 901 22.34 45.36 -4.29
N LYS A 902 21.97 44.30 -3.55
CA LYS A 902 20.62 43.91 -3.17
C LYS A 902 19.68 43.76 -4.37
N PRO A 903 19.79 42.68 -5.15
CA PRO A 903 18.86 42.51 -6.28
C PRO A 903 17.46 42.10 -5.84
N VAL A 904 16.55 41.91 -6.81
CA VAL A 904 15.17 41.54 -6.52
C VAL A 904 14.89 40.17 -7.11
N ILE A 905 14.04 39.41 -6.42
CA ILE A 905 13.66 38.07 -6.81
C ILE A 905 12.15 37.91 -6.64
N PHE A 906 11.49 37.45 -7.69
CA PHE A 906 10.06 37.12 -7.62
C PHE A 906 9.86 35.88 -6.78
N LEU A 907 9.58 36.04 -5.49
CA LEU A 907 9.50 34.92 -4.56
C LEU A 907 8.10 34.30 -4.56
N ASP A 908 7.61 34.03 -5.77
CA ASP A 908 6.37 33.32 -5.98
C ASP A 908 6.50 32.28 -7.07
N VAL A 909 7.56 32.37 -7.88
CA VAL A 909 7.77 31.44 -8.98
C VAL A 909 8.15 30.06 -8.52
N PHE A 910 8.52 29.91 -7.25
CA PHE A 910 8.85 28.59 -6.71
C PHE A 910 7.61 27.81 -6.34
N LEU A 911 6.48 28.51 -6.17
CA LEU A 911 5.36 27.97 -5.43
C LEU A 911 4.65 26.74 -6.02
N PRO A 912 4.41 26.60 -7.33
CA PRO A 912 3.73 25.37 -7.79
C PRO A 912 4.59 24.12 -7.73
N ARG A 913 5.87 24.24 -7.39
CA ARG A 913 6.65 23.09 -6.97
C ARG A 913 6.77 23.00 -5.46
N VAL A 914 6.76 24.15 -4.77
CA VAL A 914 6.86 24.20 -3.32
C VAL A 914 5.66 23.52 -2.67
N THR A 915 4.46 23.86 -3.12
CA THR A 915 3.26 23.30 -2.49
C THR A 915 3.07 21.83 -2.84
N GLU A 916 3.41 21.44 -4.07
CA GLU A 916 3.34 20.02 -4.40
C GLU A 916 4.40 19.23 -3.66
N LEU A 917 5.50 19.89 -3.27
CA LEU A 917 6.49 19.24 -2.42
C LEU A 917 5.96 19.11 -1.00
N ALA A 918 5.46 20.22 -0.44
CA ALA A 918 5.11 20.26 0.97
C ALA A 918 3.82 19.50 1.28
N LEU A 919 2.94 19.34 0.29
CA LEU A 919 1.74 18.52 0.42
C LEU A 919 2.15 17.07 0.66
N THR A 920 2.79 16.48 -0.34
CA THR A 920 3.36 15.15 -0.22
C THR A 920 4.76 15.22 -0.79
N ALA A 921 5.75 15.04 0.07
CA ALA A 921 7.13 14.90 -0.40
C ALA A 921 7.52 13.45 -0.59
N SER A 922 6.86 12.54 0.14
CA SER A 922 7.23 11.13 0.27
C SER A 922 8.70 10.96 0.65
N ASP A 923 9.17 11.87 1.50
CA ASP A 923 10.57 11.86 1.95
C ASP A 923 10.64 12.68 3.22
N ARG A 924 10.95 12.02 4.34
CA ARG A 924 10.82 12.62 5.65
C ARG A 924 11.88 13.66 5.94
N GLN A 925 13.00 13.63 5.21
CA GLN A 925 14.02 14.64 5.46
C GLN A 925 13.68 15.96 4.78
N THR A 926 13.10 15.91 3.59
CA THR A 926 12.81 17.14 2.86
C THR A 926 11.42 17.69 3.14
N LYS A 927 10.52 16.86 3.67
CA LYS A 927 9.14 17.28 3.90
C LYS A 927 9.08 18.38 4.95
N VAL A 928 9.84 18.23 6.04
CA VAL A 928 9.83 19.21 7.11
C VAL A 928 10.45 20.52 6.66
N ALA A 929 11.47 20.46 5.80
CA ALA A 929 12.08 21.67 5.26
C ALA A 929 11.12 22.41 4.35
N ALA A 930 10.38 21.65 3.52
CA ALA A 930 9.35 22.26 2.68
C ALA A 930 8.27 22.92 3.51
N CYS A 931 7.85 22.28 4.61
CA CYS A 931 6.82 22.85 5.46
C CYS A 931 7.29 24.13 6.15
N GLU A 932 8.54 24.15 6.62
CA GLU A 932 9.06 25.35 7.27
C GLU A 932 9.19 26.50 6.28
N LEU A 933 9.67 26.20 5.06
CA LEU A 933 9.76 27.20 4.01
C LEU A 933 8.38 27.75 3.66
N LEU A 934 7.38 26.89 3.57
CA LEU A 934 6.05 27.33 3.17
C LEU A 934 5.39 28.15 4.26
N HIS A 935 5.67 27.82 5.54
CA HIS A 935 5.16 28.63 6.63
C HIS A 935 5.75 30.03 6.60
N SER A 936 7.07 30.13 6.41
CA SER A 936 7.71 31.43 6.31
C SER A 936 7.22 32.21 5.09
N MET A 937 6.94 31.50 4.01
CA MET A 937 6.43 32.12 2.78
C MET A 937 5.04 32.71 3.01
N VAL A 938 4.18 31.97 3.71
CA VAL A 938 2.83 32.44 4.00
C VAL A 938 2.88 33.65 4.92
N MET A 939 3.77 33.63 5.92
CA MET A 939 3.94 34.79 6.79
C MET A 939 4.42 36.01 6.02
N PHE A 940 5.32 35.81 5.06
CA PHE A 940 5.83 36.93 4.26
C PHE A 940 4.76 37.52 3.36
N MET A 941 3.98 36.66 2.69
CA MET A 941 2.96 37.16 1.77
C MET A 941 1.82 37.83 2.52
N LEU A 942 1.59 37.44 3.78
CA LEU A 942 0.69 38.22 4.61
C LEU A 942 1.34 39.54 5.00
N GLY A 943 2.66 39.53 5.24
CA GLY A 943 3.31 40.70 5.78
C GLY A 943 3.48 41.85 4.80
N LYS A 944 3.54 41.54 3.50
CA LYS A 944 3.66 42.63 2.52
C LYS A 944 2.34 43.40 2.36
N ALA A 945 1.23 42.79 2.74
CA ALA A 945 -0.11 43.28 2.38
C ALA A 945 -0.50 44.59 3.06
N THR A 946 0.28 45.10 4.01
CA THR A 946 -0.13 46.30 4.73
C THR A 946 0.14 47.58 3.95
N GLN A 947 0.81 47.52 2.80
CA GLN A 947 1.04 48.67 1.96
C GLN A 947 1.27 48.27 0.50
N PRO A 956 -0.72 45.47 -2.68
CA PRO A 956 -1.31 45.08 -3.96
C PRO A 956 -2.31 43.94 -3.80
N PRO A 957 -3.28 43.82 -4.71
CA PRO A 957 -4.30 42.79 -4.56
C PRO A 957 -3.76 41.39 -4.79
N MET A 958 -4.18 40.45 -3.93
CA MET A 958 -3.71 39.07 -3.97
C MET A 958 -4.82 38.05 -3.83
N TYR A 959 -6.08 38.45 -4.00
CA TYR A 959 -7.18 37.52 -3.82
C TYR A 959 -7.27 36.48 -4.94
N GLN A 960 -6.55 36.67 -6.04
CA GLN A 960 -6.38 35.57 -6.98
C GLN A 960 -5.44 34.52 -6.41
N LEU A 961 -4.60 34.90 -5.45
CA LEU A 961 -3.60 34.00 -4.91
C LEU A 961 -4.03 33.34 -3.61
N TYR A 962 -4.83 34.02 -2.79
CA TYR A 962 -5.33 33.41 -1.55
C TYR A 962 -6.18 32.17 -1.83
N LYS A 963 -7.02 32.25 -2.86
CA LYS A 963 -7.88 31.13 -3.23
C LYS A 963 -7.08 29.96 -3.76
N ARG A 964 -5.94 30.24 -4.36
CA ARG A 964 -5.05 29.17 -4.76
C ARG A 964 -4.17 28.68 -3.62
N THR A 965 -4.04 29.47 -2.56
CA THR A 965 -3.18 29.11 -1.44
C THR A 965 -3.88 28.17 -0.45
N PHE A 966 -5.05 28.57 0.04
CA PHE A 966 -5.64 27.92 1.22
C PHE A 966 -5.97 26.42 1.13
N PRO A 967 -6.46 25.86 0.03
CA PRO A 967 -6.79 24.43 0.04
C PRO A 967 -5.60 23.49 0.03
N VAL A 968 -4.36 23.95 0.18
CA VAL A 968 -3.30 23.09 0.65
C VAL A 968 -2.91 23.44 2.09
N LEU A 969 -3.17 24.68 2.55
CA LEU A 969 -2.93 25.01 3.95
C LEU A 969 -3.84 24.24 4.88
N LEU A 970 -5.07 23.94 4.46
CA LEU A 970 -5.95 23.13 5.28
C LEU A 970 -5.47 21.69 5.36
N ARG A 971 -5.25 21.06 4.20
CA ARG A 971 -4.81 19.68 4.10
C ARG A 971 -3.38 19.46 4.55
N LEU A 972 -2.65 20.51 4.93
CA LEU A 972 -1.44 20.37 5.72
C LEU A 972 -1.60 20.76 7.18
N ALA A 973 -2.63 21.55 7.52
CA ALA A 973 -2.89 21.81 8.92
C ALA A 973 -3.39 20.57 9.62
N CYS A 974 -4.19 19.76 8.96
CA CYS A 974 -4.68 18.56 9.63
C CYS A 974 -4.22 17.28 8.96
N ASP A 975 -2.95 17.21 8.55
CA ASP A 975 -2.60 16.21 7.55
C ASP A 975 -2.35 14.80 8.08
N VAL A 976 -1.14 14.51 8.56
CA VAL A 976 -0.83 13.21 9.16
C VAL A 976 0.01 13.39 10.42
N ASP A 977 1.18 14.01 10.26
CA ASP A 977 2.27 13.89 11.21
C ASP A 977 2.16 14.92 12.33
N GLN A 978 2.90 14.66 13.41
CA GLN A 978 2.78 15.50 14.60
C GLN A 978 3.44 16.85 14.40
N VAL A 979 4.58 16.90 13.70
CA VAL A 979 5.25 18.18 13.50
C VAL A 979 4.49 19.04 12.48
N THR A 980 3.95 18.41 11.44
CA THR A 980 3.15 19.15 10.48
C THR A 980 1.77 19.45 11.02
N ARG A 981 1.39 18.90 12.17
CA ARG A 981 0.18 19.33 12.85
C ARG A 981 0.47 20.46 13.83
N GLN A 982 1.60 20.39 14.52
CA GLN A 982 1.95 21.43 15.47
C GLN A 982 2.29 22.73 14.76
N LEU A 983 2.76 22.64 13.53
CA LEU A 983 2.71 23.83 12.71
C LEU A 983 1.48 23.76 11.81
N TYR A 984 1.07 24.94 11.32
CA TYR A 984 -0.07 25.25 10.46
C TYR A 984 -1.42 25.15 11.17
N GLU A 985 -1.46 24.61 12.38
CA GLU A 985 -2.69 24.71 13.16
C GLU A 985 -2.76 26.03 13.94
N PRO A 986 -1.74 26.44 14.71
CA PRO A 986 -1.83 27.80 15.28
C PRO A 986 -1.70 28.86 14.22
N LEU A 987 -1.05 28.56 13.09
CA LEU A 987 -1.02 29.48 11.97
C LEU A 987 -2.42 29.69 11.39
N VAL A 988 -3.18 28.61 11.22
CA VAL A 988 -4.49 28.79 10.62
C VAL A 988 -5.46 29.40 11.62
N MET A 989 -5.26 29.16 12.92
CA MET A 989 -6.07 29.87 13.91
C MET A 989 -5.72 31.34 13.96
N GLN A 990 -4.43 31.65 13.81
CA GLN A 990 -3.96 33.04 13.77
C GLN A 990 -4.55 33.78 12.59
N LEU A 991 -4.51 33.18 11.40
CA LEU A 991 -5.01 33.89 10.23
C LEU A 991 -6.54 33.92 10.22
N ILE A 992 -7.21 32.91 10.76
CA ILE A 992 -8.67 32.96 10.76
C ILE A 992 -9.15 33.97 11.79
N HIS A 993 -8.39 34.19 12.85
CA HIS A 993 -8.78 35.19 13.82
C HIS A 993 -8.39 36.59 13.39
N TRP A 994 -7.31 36.71 12.61
CA TRP A 994 -6.99 37.97 11.97
C TRP A 994 -8.04 38.35 10.93
N PHE A 995 -8.47 37.38 10.12
CA PHE A 995 -9.48 37.61 9.11
C PHE A 995 -10.89 37.74 9.67
N THR A 996 -11.10 37.36 10.92
CA THR A 996 -12.32 37.74 11.63
C THR A 996 -12.04 38.87 12.63
N ASN A 997 -11.65 40.04 12.12
CA ASN A 997 -11.29 41.14 13.02
C ASN A 997 -11.60 42.47 12.34
N ASN A 998 -10.99 43.54 12.86
CA ASN A 998 -11.26 44.91 12.43
C ASN A 998 -10.31 45.42 11.35
N LYS A 999 -9.05 44.98 11.35
CA LYS A 999 -8.20 45.16 10.18
C LYS A 999 -8.70 44.32 9.01
N LYS A 1000 -9.42 43.25 9.33
CA LYS A 1000 -10.38 42.53 8.50
C LYS A 1000 -11.68 43.31 8.44
N PHE A 1001 -12.82 42.59 8.44
CA PHE A 1001 -14.19 43.09 8.30
C PHE A 1001 -14.49 43.61 6.90
N GLU A 1002 -14.70 42.65 6.00
CA GLU A 1002 -15.31 42.80 4.67
C GLU A 1002 -14.47 43.57 3.66
N SER A 1003 -13.44 42.82 3.33
CA SER A 1003 -12.38 42.93 2.30
C SER A 1003 -12.45 41.57 1.58
N GLN A 1004 -12.40 41.50 0.26
CA GLN A 1004 -12.66 40.22 -0.40
C GLN A 1004 -11.89 39.07 0.23
N ASP A 1005 -10.83 39.36 0.99
CA ASP A 1005 -10.00 38.30 1.55
C ASP A 1005 -10.76 37.48 2.59
N THR A 1006 -11.62 38.14 3.35
CA THR A 1006 -12.33 37.48 4.44
C THR A 1006 -13.39 36.54 3.90
N VAL A 1007 -14.18 37.01 2.93
CA VAL A 1007 -15.17 36.14 2.32
C VAL A 1007 -14.50 35.08 1.46
N ALA A 1008 -13.28 35.35 0.96
CA ALA A 1008 -12.51 34.33 0.26
C ALA A 1008 -12.11 33.21 1.19
N LEU A 1009 -11.64 33.56 2.39
CA LEU A 1009 -11.34 32.58 3.42
C LEU A 1009 -12.58 31.79 3.81
N LEU A 1010 -13.73 32.48 3.86
CA LEU A 1010 -14.97 31.84 4.25
C LEU A 1010 -15.42 30.80 3.23
N GLU A 1011 -15.43 31.17 1.94
CA GLU A 1011 -15.84 30.19 0.94
C GLU A 1011 -14.82 29.07 0.81
N ALA A 1012 -13.55 29.37 1.08
CA ALA A 1012 -12.51 28.36 1.09
C ALA A 1012 -12.79 27.29 2.15
N ILE A 1013 -13.12 27.70 3.36
CA ILE A 1013 -13.38 26.67 4.36
C ILE A 1013 -14.76 26.03 4.15
N LEU A 1014 -15.68 26.73 3.47
CA LEU A 1014 -17.00 26.12 3.23
C LEU A 1014 -16.94 25.01 2.19
N ASP A 1015 -16.27 25.24 1.06
CA ASP A 1015 -16.10 24.07 0.19
C ASP A 1015 -14.98 23.16 0.65
N GLY A 1016 -14.25 23.56 1.70
CA GLY A 1016 -13.58 22.56 2.52
C GLY A 1016 -14.57 21.61 3.18
N ILE A 1017 -15.64 22.16 3.77
CA ILE A 1017 -16.64 21.31 4.45
C ILE A 1017 -17.32 20.38 3.45
N VAL A 1018 -17.86 20.93 2.39
CA VAL A 1018 -18.60 20.11 1.43
C VAL A 1018 -17.64 19.63 0.34
N ASP A 1019 -17.41 18.33 0.29
CA ASP A 1019 -16.53 17.69 -0.68
C ASP A 1019 -16.72 16.18 -0.58
N PRO A 1020 -16.28 15.43 -1.59
CA PRO A 1020 -16.11 13.98 -1.44
C PRO A 1020 -14.93 13.61 -0.56
N VAL A 1021 -14.58 12.31 -0.54
CA VAL A 1021 -13.94 11.69 0.62
C VAL A 1021 -12.55 12.24 0.94
N ASP A 1022 -12.51 13.06 2.00
CA ASP A 1022 -11.29 13.53 2.62
C ASP A 1022 -11.54 13.69 4.11
N SER A 1023 -12.37 12.79 4.67
CA SER A 1023 -13.26 12.94 5.82
C SER A 1023 -12.77 13.78 6.99
N THR A 1024 -11.47 13.67 7.32
CA THR A 1024 -10.92 14.40 8.46
C THR A 1024 -10.92 15.90 8.23
N LEU A 1025 -10.78 16.31 6.97
CA LEU A 1025 -10.74 17.72 6.63
C LEU A 1025 -12.04 18.43 6.97
N ARG A 1026 -13.17 17.78 6.69
CA ARG A 1026 -14.48 18.34 7.00
C ARG A 1026 -14.65 18.55 8.49
N ASP A 1027 -14.12 17.62 9.28
CA ASP A 1027 -14.12 17.76 10.73
C ASP A 1027 -13.31 18.98 11.15
N PHE A 1028 -12.15 19.16 10.53
CA PHE A 1028 -11.28 20.27 10.89
C PHE A 1028 -11.92 21.61 10.57
N CYS A 1029 -12.47 21.75 9.38
CA CYS A 1029 -13.07 23.05 9.06
C CYS A 1029 -14.43 23.24 9.72
N GLY A 1030 -15.07 22.18 10.22
CA GLY A 1030 -16.18 22.37 11.15
C GLY A 1030 -15.72 23.02 12.45
N ARG A 1031 -14.57 22.59 12.96
CA ARG A 1031 -13.99 23.29 14.11
C ARG A 1031 -13.62 24.73 13.75
N CYS A 1032 -13.19 24.95 12.51
CA CYS A 1032 -12.88 26.31 12.07
C CYS A 1032 -14.12 27.21 12.03
N ILE A 1033 -15.25 26.72 11.52
CA ILE A 1033 -16.43 27.58 11.50
C ILE A 1033 -17.01 27.76 12.90
N ARG A 1034 -16.74 26.83 13.81
CA ARG A 1034 -17.08 27.08 15.21
C ARG A 1034 -16.28 28.24 15.77
N GLU A 1035 -14.96 28.26 15.50
CA GLU A 1035 -14.14 29.37 15.96
C GLU A 1035 -14.53 30.68 15.28
N PHE A 1036 -14.93 30.58 14.00
CA PHE A 1036 -15.47 31.71 13.25
C PHE A 1036 -16.71 32.27 13.95
N LEU A 1037 -17.65 31.39 14.28
CA LEU A 1037 -18.89 31.79 14.95
C LEU A 1037 -18.62 32.38 16.31
N LYS A 1038 -17.54 31.95 16.98
CA LYS A 1038 -17.20 32.54 18.26
C LYS A 1038 -16.68 33.97 18.11
N TRP A 1039 -15.51 34.12 17.48
CA TRP A 1039 -14.90 35.45 17.49
C TRP A 1039 -15.52 36.43 16.50
N SER A 1040 -16.40 35.98 15.61
CA SER A 1040 -17.07 36.91 14.72
C SER A 1040 -18.08 37.74 15.48
N ILE A 1041 -19.02 37.09 16.15
CA ILE A 1041 -20.11 37.79 16.81
C ILE A 1041 -19.77 38.17 18.24
N LYS A 1042 -18.68 37.67 18.81
CA LYS A 1042 -18.38 38.02 20.19
C LYS A 1042 -17.48 39.26 20.31
N GLN A 1043 -17.43 40.10 19.27
CA GLN A 1043 -16.72 41.37 19.32
C GLN A 1043 -17.62 42.56 19.01
N ILE A 1044 -18.40 42.49 17.93
CA ILE A 1044 -19.02 43.67 17.36
C ILE A 1044 -20.32 43.98 18.09
N THR A 1045 -20.46 45.24 18.56
CA THR A 1045 -21.60 45.95 19.11
C THR A 1045 -22.41 46.58 17.98
N PRO A 1046 -23.73 46.86 18.13
CA PRO A 1046 -24.50 47.38 16.99
C PRO A 1046 -24.18 48.81 16.57
N GLN A 1047 -22.93 49.06 16.22
CA GLN A 1047 -22.49 50.33 15.65
C GLN A 1047 -22.45 50.29 14.12
N GLN A 1048 -22.02 49.18 13.54
CA GLN A 1048 -22.18 48.93 12.11
C GLN A 1048 -22.65 47.50 11.86
N GLN A 1049 -23.16 46.83 12.89
CA GLN A 1049 -23.65 45.46 12.80
C GLN A 1049 -25.09 45.43 12.29
N GLU A 1050 -25.35 46.09 11.16
CA GLU A 1050 -26.66 46.07 10.52
C GLU A 1050 -26.59 45.85 9.02
N LYS A 1051 -25.48 46.15 8.36
CA LYS A 1051 -25.28 45.86 6.95
C LYS A 1051 -23.93 45.20 6.76
N SER A 1052 -23.62 44.25 7.63
CA SER A 1052 -22.41 43.45 7.50
C SER A 1052 -22.77 42.14 6.83
N PRO A 1053 -22.40 41.93 5.56
CA PRO A 1053 -22.72 40.66 4.89
C PRO A 1053 -21.85 39.49 5.34
N VAL A 1054 -20.86 39.72 6.20
CA VAL A 1054 -20.12 38.62 6.82
C VAL A 1054 -20.82 38.06 8.04
N ASN A 1055 -21.97 38.62 8.43
CA ASN A 1055 -22.67 38.21 9.63
C ASN A 1055 -23.23 36.80 9.49
N THR A 1056 -23.58 36.21 10.65
CA THR A 1056 -23.96 34.80 10.72
C THR A 1056 -25.24 34.48 9.98
N LYS A 1057 -26.12 35.47 9.77
CA LYS A 1057 -27.34 35.28 8.98
C LYS A 1057 -27.01 34.86 7.55
N SER A 1058 -25.98 35.49 6.97
CA SER A 1058 -25.59 35.16 5.60
C SER A 1058 -25.08 33.73 5.50
N LEU A 1059 -24.26 33.31 6.46
CA LEU A 1059 -23.82 31.93 6.43
C LEU A 1059 -24.90 30.98 6.89
N PHE A 1060 -25.94 31.47 7.59
CA PHE A 1060 -27.11 30.66 7.84
C PHE A 1060 -27.85 30.36 6.54
N LYS A 1061 -27.96 31.37 5.68
CA LYS A 1061 -28.54 31.17 4.36
C LYS A 1061 -27.67 30.23 3.53
N ARG A 1062 -26.35 30.34 3.68
CA ARG A 1062 -25.44 29.39 3.04
C ARG A 1062 -25.66 27.98 3.55
N LEU A 1063 -25.91 27.84 4.86
CA LEU A 1063 -26.23 26.55 5.44
C LEU A 1063 -27.52 26.00 4.89
N TYR A 1064 -28.51 26.87 4.67
CA TYR A 1064 -29.77 26.42 4.11
C TYR A 1064 -29.59 25.97 2.66
N SER A 1065 -28.71 26.65 1.93
CA SER A 1065 -28.42 26.26 0.55
C SER A 1065 -27.73 24.90 0.51
N LEU A 1066 -26.76 24.68 1.41
CA LEU A 1066 -26.11 23.38 1.46
C LEU A 1066 -27.06 22.28 1.95
N ALA A 1067 -28.01 22.65 2.80
CA ALA A 1067 -29.03 21.70 3.22
C ALA A 1067 -30.10 21.50 2.16
N LEU A 1068 -30.10 22.31 1.11
CA LEU A 1068 -31.08 22.23 0.03
C LEU A 1068 -30.37 21.96 -1.28
N HIS A 1069 -30.07 20.69 -1.54
CA HIS A 1069 -29.50 20.26 -2.81
C HIS A 1069 -29.84 18.80 -3.02
N PRO A 1070 -30.15 18.39 -4.24
CA PRO A 1070 -30.30 16.96 -4.52
C PRO A 1070 -28.97 16.24 -4.57
N ASN A 1071 -27.87 16.98 -4.62
CA ASN A 1071 -26.56 16.40 -4.38
C ASN A 1071 -26.48 15.86 -2.96
N ALA A 1072 -26.15 14.57 -2.82
CA ALA A 1072 -26.24 13.91 -1.53
C ALA A 1072 -25.13 14.36 -0.58
N PHE A 1073 -23.94 14.61 -1.10
CA PHE A 1073 -22.82 15.04 -0.27
C PHE A 1073 -22.86 16.52 0.08
N LYS A 1074 -23.95 17.22 -0.19
CA LYS A 1074 -24.06 18.63 0.15
C LYS A 1074 -24.74 18.87 1.49
N ARG A 1075 -25.66 17.99 1.90
CA ARG A 1075 -26.37 18.17 3.16
C ARG A 1075 -25.54 17.75 4.37
N LEU A 1076 -24.59 16.83 4.17
CA LEU A 1076 -23.71 16.42 5.26
C LEU A 1076 -22.88 17.59 5.77
N GLY A 1077 -22.57 18.54 4.89
CA GLY A 1077 -21.87 19.73 5.32
C GLY A 1077 -22.68 20.56 6.30
N ALA A 1078 -23.94 20.84 5.98
CA ALA A 1078 -24.78 21.65 6.86
C ALA A 1078 -25.11 20.90 8.15
N SER A 1079 -25.26 19.58 8.07
CA SER A 1079 -25.59 18.83 9.28
C SER A 1079 -24.38 18.72 10.20
N LEU A 1080 -23.18 18.51 9.65
CA LEU A 1080 -21.96 18.54 10.44
C LEU A 1080 -21.74 19.92 11.03
N ALA A 1081 -22.05 20.97 10.26
CA ALA A 1081 -21.90 22.33 10.77
C ALA A 1081 -22.82 22.61 11.94
N PHE A 1082 -24.05 22.11 11.87
CA PHE A 1082 -24.94 22.29 13.01
C PHE A 1082 -24.54 21.42 14.19
N ASN A 1083 -24.01 20.22 13.95
CA ASN A 1083 -23.51 19.41 15.05
C ASN A 1083 -22.23 19.97 15.65
N ASN A 1084 -21.57 20.90 14.97
CA ASN A 1084 -20.41 21.56 15.54
C ASN A 1084 -20.68 22.99 15.95
N ILE A 1085 -21.90 23.50 15.80
CA ILE A 1085 -22.26 24.78 16.38
C ILE A 1085 -23.41 24.71 17.37
N TYR A 1086 -24.06 23.54 17.54
CA TYR A 1086 -25.28 23.51 18.34
C TYR A 1086 -24.99 23.62 19.83
N ARG A 1087 -23.80 23.22 20.26
CA ARG A 1087 -23.43 23.47 21.65
C ARG A 1087 -23.22 24.96 21.88
N GLU A 1088 -22.81 25.68 20.84
CA GLU A 1088 -22.84 27.13 20.92
C GLU A 1088 -24.22 27.64 20.53
N PHE A 1089 -24.38 28.95 20.67
CA PHE A 1089 -25.50 29.85 20.35
C PHE A 1089 -26.78 29.52 21.11
N ARG A 1090 -26.79 28.45 21.90
CA ARG A 1090 -27.80 28.26 22.92
C ARG A 1090 -27.52 29.11 24.15
N GLU A 1091 -26.32 29.65 24.23
CA GLU A 1091 -25.91 30.59 25.28
C GLU A 1091 -25.99 32.01 24.77
N GLU A 1092 -26.97 32.31 23.91
CA GLU A 1092 -27.04 33.60 23.26
C GLU A 1092 -28.48 33.96 22.93
N GLU A 1093 -28.79 35.25 23.03
CA GLU A 1093 -30.11 35.78 22.74
C GLU A 1093 -30.16 36.32 21.32
N SER A 1094 -31.36 36.78 20.93
CA SER A 1094 -31.68 37.45 19.66
C SER A 1094 -31.43 36.59 18.43
N LEU A 1095 -31.23 35.28 18.59
CA LEU A 1095 -31.12 34.37 17.44
C LEU A 1095 -31.86 33.07 17.62
N VAL A 1096 -32.26 32.71 18.84
CA VAL A 1096 -32.94 31.46 19.11
C VAL A 1096 -34.42 31.75 19.26
N GLU A 1097 -34.85 32.90 18.72
CA GLU A 1097 -36.20 33.42 18.93
C GLU A 1097 -36.95 33.65 17.62
N GLN A 1098 -36.31 33.45 16.48
CA GLN A 1098 -36.90 33.83 15.20
C GLN A 1098 -37.01 32.66 14.23
N PHE A 1099 -36.04 31.74 14.22
CA PHE A 1099 -35.98 30.78 13.14
C PHE A 1099 -35.64 29.37 13.62
N VAL A 1100 -35.92 29.05 14.88
CA VAL A 1100 -35.66 27.69 15.34
C VAL A 1100 -36.67 26.73 14.71
N PHE A 1101 -37.91 27.20 14.52
CA PHE A 1101 -38.92 26.42 13.83
C PHE A 1101 -38.53 26.20 12.38
N GLU A 1102 -38.02 27.25 11.72
CA GLU A 1102 -37.55 27.12 10.36
C GLU A 1102 -36.37 26.18 10.27
N ALA A 1103 -35.51 26.20 11.28
CA ALA A 1103 -34.36 25.28 11.33
C ALA A 1103 -34.83 23.85 11.44
N LEU A 1104 -35.78 23.58 12.34
CA LEU A 1104 -36.28 22.23 12.53
C LEU A 1104 -37.00 21.72 11.28
N VAL A 1105 -37.81 22.58 10.66
CA VAL A 1105 -38.54 22.09 9.50
C VAL A 1105 -37.61 21.97 8.30
N ILE A 1106 -36.53 22.76 8.24
CA ILE A 1106 -35.66 22.65 7.09
C ILE A 1106 -34.73 21.46 7.26
N TYR A 1107 -34.41 21.08 8.48
CA TYR A 1107 -33.60 19.89 8.65
C TYR A 1107 -34.44 18.63 8.48
N MET A 1108 -35.70 18.69 8.92
CA MET A 1108 -36.63 17.61 8.64
C MET A 1108 -36.90 17.49 7.15
N GLU A 1109 -36.92 18.62 6.45
CA GLU A 1109 -37.20 18.58 5.03
C GLU A 1109 -36.01 18.08 4.24
N SER A 1110 -34.79 18.39 4.69
CA SER A 1110 -33.63 17.79 4.06
C SER A 1110 -33.56 16.31 4.34
N LEU A 1111 -34.02 15.89 5.53
CA LEU A 1111 -34.19 14.47 5.81
C LEU A 1111 -35.21 13.85 4.84
N ALA A 1112 -36.25 14.60 4.50
CA ALA A 1112 -37.24 14.11 3.54
C ALA A 1112 -36.63 13.98 2.15
N LEU A 1113 -35.79 14.94 1.74
CA LEU A 1113 -35.12 14.83 0.45
C LEU A 1113 -34.13 13.68 0.43
N ALA A 1114 -33.58 13.32 1.58
CA ALA A 1114 -32.60 12.23 1.66
C ALA A 1114 -33.26 10.91 2.02
N HIS A 1115 -34.46 10.67 1.51
CA HIS A 1115 -35.19 9.46 1.86
C HIS A 1115 -34.54 8.22 1.24
N ALA A 1116 -34.50 8.17 -0.09
CA ALA A 1116 -34.00 7.00 -0.79
C ALA A 1116 -32.60 7.21 -1.34
N ASP A 1117 -31.78 8.01 -0.67
CA ASP A 1117 -30.40 8.18 -1.13
C ASP A 1117 -29.58 6.93 -0.82
N GLU A 1118 -29.33 6.70 0.47
CA GLU A 1118 -28.60 5.56 1.03
C GLU A 1118 -28.64 5.61 2.54
N LYS A 1119 -28.55 4.44 3.16
CA LYS A 1119 -28.24 4.32 4.57
C LYS A 1119 -26.74 4.20 4.81
N SER A 1120 -26.00 3.68 3.83
CA SER A 1120 -24.58 3.47 3.97
C SER A 1120 -23.78 4.77 4.03
N LEU A 1121 -24.34 5.86 3.51
CA LEU A 1121 -23.64 7.14 3.53
C LEU A 1121 -23.62 7.77 4.92
N GLY A 1122 -24.49 7.32 5.82
CA GLY A 1122 -24.50 7.85 7.17
C GLY A 1122 -25.12 9.22 7.32
N THR A 1123 -25.74 9.76 6.27
CA THR A 1123 -26.35 11.08 6.36
C THR A 1123 -27.57 11.09 7.27
N ILE A 1124 -28.32 9.98 7.28
CA ILE A 1124 -29.51 9.88 8.10
C ILE A 1124 -29.16 9.93 9.57
N GLN A 1125 -28.04 9.29 9.95
CA GLN A 1125 -27.58 9.33 11.32
C GLN A 1125 -27.16 10.73 11.72
N GLN A 1126 -26.52 11.45 10.81
CA GLN A 1126 -26.05 12.80 11.10
C GLN A 1126 -27.22 13.76 11.25
N CYS A 1127 -28.23 13.67 10.37
CA CYS A 1127 -29.32 14.63 10.50
C CYS A 1127 -30.26 14.26 11.64
N CYS A 1128 -30.43 12.96 11.96
CA CYS A 1128 -31.28 12.65 13.10
C CYS A 1128 -30.60 13.02 14.39
N ASP A 1129 -29.27 12.90 14.46
CA ASP A 1129 -28.53 13.41 15.59
C ASP A 1129 -28.66 14.92 15.71
N ALA A 1130 -28.68 15.61 14.56
CA ALA A 1130 -28.86 17.05 14.56
C ALA A 1130 -30.24 17.46 15.09
N ILE A 1131 -31.29 16.74 14.65
CA ILE A 1131 -32.62 17.21 15.03
C ILE A 1131 -32.97 16.81 16.45
N ASP A 1132 -32.51 15.66 16.95
CA ASP A 1132 -32.78 15.45 18.37
C ASP A 1132 -31.75 16.16 19.25
N HIS A 1133 -30.69 16.72 18.66
CA HIS A 1133 -29.82 17.63 19.39
C HIS A 1133 -30.35 19.05 19.42
N LEU A 1134 -31.27 19.41 18.53
CA LEU A 1134 -31.90 20.72 18.61
C LEU A 1134 -33.27 20.70 19.27
N CYS A 1135 -33.99 19.58 19.23
CA CYS A 1135 -35.24 19.49 19.97
C CYS A 1135 -34.97 19.48 21.47
N ARG A 1136 -33.84 18.92 21.87
CA ARG A 1136 -33.44 18.89 23.28
C ARG A 1136 -33.18 20.28 23.82
N ILE A 1137 -32.83 21.23 22.97
CA ILE A 1137 -32.62 22.61 23.40
C ILE A 1137 -33.77 23.52 23.03
N ILE A 1138 -34.75 23.05 22.24
CA ILE A 1138 -35.98 23.84 22.15
C ILE A 1138 -36.91 23.50 23.31
N GLU A 1139 -36.85 22.26 23.82
CA GLU A 1139 -37.74 21.89 24.91
C GLU A 1139 -37.28 22.44 26.25
N LYS A 1140 -36.03 22.85 26.36
CA LYS A 1140 -35.52 23.40 27.59
C LYS A 1140 -35.99 24.84 27.81
N LYS A 1141 -36.39 25.54 26.76
CA LYS A 1141 -36.73 26.95 26.91
C LYS A 1141 -38.17 27.26 26.51
N HIS A 1142 -38.70 26.60 25.47
CA HIS A 1142 -40.06 26.89 25.01
C HIS A 1142 -41.12 26.34 25.96
N VAL A 1143 -40.75 25.52 26.94
CA VAL A 1143 -41.63 25.24 28.07
C VAL A 1143 -41.95 26.53 28.82
N SER A 1144 -40.97 27.43 28.93
CA SER A 1144 -41.19 28.74 29.52
C SER A 1144 -41.59 29.79 28.50
N LEU A 1145 -41.31 29.56 27.23
CA LEU A 1145 -41.43 30.60 26.22
C LEU A 1145 -42.15 30.08 24.98
N ASN A 1146 -43.29 29.43 25.18
CA ASN A 1146 -44.24 29.23 24.09
C ASN A 1146 -45.21 30.40 23.99
N LYS A 1147 -44.66 31.60 23.95
CA LYS A 1147 -45.44 32.83 24.03
C LYS A 1147 -45.55 33.47 22.66
N ALA A 1148 -46.18 34.63 22.62
CA ALA A 1148 -46.50 35.33 21.38
C ALA A 1148 -45.43 36.36 21.06
N LYS A 1149 -44.94 36.31 19.83
CA LYS A 1149 -43.96 37.28 19.33
C LYS A 1149 -44.03 37.23 17.81
N LYS A 1150 -43.40 38.23 17.18
CA LYS A 1150 -43.35 38.33 15.72
C LYS A 1150 -42.18 37.47 15.23
N ARG A 1151 -42.47 36.19 15.01
CA ARG A 1151 -41.46 35.24 14.57
C ARG A 1151 -41.14 35.43 13.08
N ARG A 1152 -40.26 34.57 12.57
CA ARG A 1152 -39.91 34.55 11.16
C ARG A 1152 -40.35 33.22 10.56
N LEU A 1153 -40.82 33.29 9.32
CA LEU A 1153 -41.64 32.22 8.77
C LEU A 1153 -40.81 31.01 8.36
N PRO A 1154 -41.40 29.82 8.43
CA PRO A 1154 -40.77 28.63 7.82
C PRO A 1154 -41.21 28.41 6.39
N ARG A 1155 -40.76 27.32 5.79
CA ARG A 1155 -41.19 26.92 4.45
C ARG A 1155 -42.44 26.06 4.57
N GLY A 1156 -43.58 26.63 4.18
CA GLY A 1156 -44.83 25.89 4.25
C GLY A 1156 -45.83 26.49 5.21
N PHE A 1157 -45.80 27.81 5.37
CA PHE A 1157 -46.65 28.53 6.29
C PHE A 1157 -47.17 29.80 5.64
N PRO A 1158 -48.34 30.28 6.07
CA PRO A 1158 -48.80 31.60 5.62
C PRO A 1158 -48.25 32.69 6.52
N PRO A 1159 -48.21 33.94 6.06
CA PRO A 1159 -47.67 35.02 6.91
C PRO A 1159 -48.58 35.38 8.08
N SER A 1160 -48.19 34.97 9.27
CA SER A 1160 -48.89 35.28 10.49
C SER A 1160 -48.00 36.16 11.38
N ALA A 1161 -48.56 36.59 12.51
CA ALA A 1161 -47.85 37.48 13.43
C ALA A 1161 -47.49 36.84 14.76
N SER A 1162 -48.02 35.66 15.08
CA SER A 1162 -47.68 34.95 16.30
C SER A 1162 -47.61 33.46 15.99
N LEU A 1163 -46.54 32.81 16.46
CA LEU A 1163 -46.26 31.42 16.13
C LEU A 1163 -45.81 30.68 17.39
N CYS A 1164 -46.63 30.73 18.44
CA CYS A 1164 -46.29 30.26 19.78
C CYS A 1164 -45.86 28.81 19.80
N LEU A 1165 -46.79 27.89 19.61
CA LEU A 1165 -46.47 26.54 19.15
C LEU A 1165 -47.56 25.96 18.27
N LEU A 1166 -48.68 26.67 18.07
CA LEU A 1166 -49.93 26.03 17.66
C LEU A 1166 -49.87 25.56 16.22
N ASP A 1167 -49.48 26.44 15.30
CA ASP A 1167 -49.35 25.98 13.92
C ASP A 1167 -48.12 25.12 13.72
N LEU A 1168 -47.16 25.12 14.65
CA LEU A 1168 -46.05 24.18 14.56
C LEU A 1168 -46.52 22.75 14.84
N VAL A 1169 -47.28 22.56 15.91
CA VAL A 1169 -47.74 21.21 16.19
C VAL A 1169 -48.85 20.82 15.23
N LYS A 1170 -49.60 21.78 14.72
CA LYS A 1170 -50.56 21.47 13.66
C LYS A 1170 -49.85 21.14 12.36
N TRP A 1171 -48.67 21.73 12.13
CA TRP A 1171 -47.88 21.40 10.95
C TRP A 1171 -47.38 19.97 11.02
N LEU A 1172 -46.88 19.57 12.21
CA LEU A 1172 -46.51 18.18 12.40
C LEU A 1172 -47.70 17.25 12.32
N LEU A 1173 -48.88 17.73 12.72
CA LEU A 1173 -50.10 16.94 12.57
C LEU A 1173 -50.45 16.75 11.10
N ALA A 1174 -50.30 17.80 10.30
CA ALA A 1174 -50.70 17.73 8.90
C ALA A 1174 -49.70 16.94 8.08
N HIS A 1175 -48.41 17.10 8.36
CA HIS A 1175 -47.36 16.43 7.62
C HIS A 1175 -46.93 15.13 8.29
N CYS A 1176 -47.73 14.61 9.20
CA CYS A 1176 -47.45 13.29 9.78
C CYS A 1176 -47.57 12.20 8.72
N GLY A 1177 -48.39 12.41 7.71
CA GLY A 1177 -48.53 11.43 6.65
C GLY A 1177 -47.68 11.73 5.44
N ARG A 1178 -46.50 12.29 5.64
CA ARG A 1178 -45.54 12.37 4.56
C ARG A 1178 -45.03 10.96 4.26
N PRO A 1179 -45.02 10.53 3.00
CA PRO A 1179 -44.74 9.13 2.71
C PRO A 1179 -43.26 8.78 2.69
N GLN A 1180 -42.41 9.62 3.27
CA GLN A 1180 -41.00 9.32 3.41
C GLN A 1180 -40.78 8.68 4.78
N THR A 1181 -40.13 7.51 4.80
CA THR A 1181 -40.15 6.63 5.97
C THR A 1181 -39.37 7.22 7.14
N GLU A 1182 -38.24 7.85 6.86
CA GLU A 1182 -37.43 8.40 7.94
C GLU A 1182 -38.03 9.68 8.52
N CYS A 1183 -38.97 10.30 7.81
CA CYS A 1183 -39.65 11.48 8.36
C CYS A 1183 -40.87 11.11 9.18
N ARG A 1184 -41.52 9.99 8.85
CA ARG A 1184 -42.75 9.61 9.52
C ARG A 1184 -42.49 9.22 10.98
N HIS A 1185 -41.47 8.38 11.20
CA HIS A 1185 -41.07 7.99 12.55
C HIS A 1185 -40.67 9.20 13.39
N LYS A 1186 -39.90 10.11 12.78
CA LYS A 1186 -39.44 11.28 13.52
C LYS A 1186 -40.58 12.22 13.83
N SER A 1187 -41.55 12.37 12.93
CA SER A 1187 -42.70 13.22 13.20
C SER A 1187 -43.56 12.65 14.31
N ILE A 1188 -43.78 11.33 14.31
CA ILE A 1188 -44.58 10.67 15.34
C ILE A 1188 -43.90 10.81 16.70
N GLU A 1189 -42.61 10.47 16.77
CA GLU A 1189 -41.89 10.52 18.02
C GLU A 1189 -41.52 11.94 18.44
N LEU A 1190 -41.70 12.92 17.54
CA LEU A 1190 -41.61 14.31 17.94
C LEU A 1190 -42.92 14.78 18.55
N PHE A 1191 -44.04 14.44 17.92
CA PHE A 1191 -45.34 14.91 18.38
C PHE A 1191 -45.70 14.28 19.73
N TYR A 1192 -45.37 13.01 19.92
CA TYR A 1192 -45.71 12.32 21.17
C TYR A 1192 -44.93 12.83 22.37
N LYS A 1193 -43.87 13.60 22.16
CA LYS A 1193 -43.25 14.34 23.26
C LYS A 1193 -43.49 15.83 23.16
N PHE A 1194 -44.00 16.32 22.04
CA PHE A 1194 -44.37 17.70 21.88
C PHE A 1194 -45.78 18.00 22.34
N VAL A 1195 -46.56 16.98 22.73
CA VAL A 1195 -47.90 17.20 23.26
C VAL A 1195 -47.95 18.08 24.51
N PRO A 1196 -47.28 17.77 25.65
CA PRO A 1196 -47.65 18.50 26.87
C PRO A 1196 -46.91 19.82 27.02
N LEU A 1197 -46.87 20.63 25.97
CA LEU A 1197 -46.40 21.99 26.09
C LEU A 1197 -47.43 23.00 25.63
N LEU A 1198 -48.56 22.55 25.09
CA LEU A 1198 -49.73 23.40 25.06
C LEU A 1198 -50.14 23.66 26.51
N PRO A 1199 -50.52 24.90 26.87
CA PRO A 1199 -50.72 25.25 28.29
C PRO A 1199 -51.88 24.52 28.97
N GLY A 1200 -52.71 23.78 28.23
CA GLY A 1200 -53.61 22.85 28.86
C GLY A 1200 -52.88 21.72 29.57
N ASN A 1201 -51.68 21.37 29.07
CA ASN A 1201 -50.79 20.35 29.65
C ASN A 1201 -51.48 19.00 29.71
N ARG A 1202 -52.21 18.69 28.65
CA ARG A 1202 -53.10 17.54 28.61
C ARG A 1202 -52.34 16.29 28.18
N SER A 1203 -53.09 15.24 27.87
CA SER A 1203 -52.63 13.97 27.35
C SER A 1203 -53.21 13.76 25.96
N PRO A 1204 -52.56 12.97 25.11
CA PRO A 1204 -53.09 12.75 23.74
C PRO A 1204 -54.43 12.04 23.66
N ASN A 1205 -54.91 11.42 24.75
CA ASN A 1205 -56.25 10.84 24.74
C ASN A 1205 -57.32 11.91 24.61
N LEU A 1206 -57.29 12.90 25.49
CA LEU A 1206 -58.36 13.89 25.55
C LEU A 1206 -58.11 15.08 24.63
N TRP A 1207 -56.85 15.42 24.37
CA TRP A 1207 -56.55 16.59 23.56
C TRP A 1207 -56.93 16.36 22.10
N LEU A 1208 -56.69 15.15 21.59
CA LEU A 1208 -56.96 14.87 20.19
C LEU A 1208 -58.46 14.87 19.91
N LYS A 1209 -59.25 14.27 20.79
CA LYS A 1209 -60.70 14.35 20.65
C LYS A 1209 -61.21 15.76 20.92
N ASP A 1210 -60.55 16.49 21.82
CA ASP A 1210 -60.94 17.86 22.17
C ASP A 1210 -60.84 18.80 20.97
N VAL A 1211 -59.78 18.67 20.18
CA VAL A 1211 -59.70 19.47 18.97
C VAL A 1211 -60.38 18.77 17.79
N LEU A 1212 -60.63 17.46 17.88
CA LEU A 1212 -61.30 16.73 16.82
C LEU A 1212 -62.78 17.08 16.73
N LYS A 1213 -63.42 17.31 17.88
CA LYS A 1213 -64.87 17.49 17.92
C LYS A 1213 -65.32 18.76 17.22
N GLU A 1214 -64.51 19.82 17.24
CA GLU A 1214 -64.89 21.11 16.69
C GLU A 1214 -64.26 21.38 15.32
N GLU A 1215 -63.53 20.42 14.76
CA GLU A 1215 -62.93 20.56 13.45
C GLU A 1215 -63.44 19.57 12.43
N GLY A 1216 -63.93 18.42 12.86
CA GLY A 1216 -64.39 17.38 11.94
C GLY A 1216 -63.72 16.05 12.19
N VAL A 1217 -64.54 15.03 12.46
CA VAL A 1217 -63.99 13.70 12.71
C VAL A 1217 -63.44 13.07 11.45
N SER A 1218 -63.96 13.45 10.28
CA SER A 1218 -63.45 12.96 9.01
C SER A 1218 -62.26 13.76 8.49
N PHE A 1219 -61.62 14.54 9.35
CA PHE A 1219 -60.37 15.20 9.01
C PHE A 1219 -59.17 14.33 9.33
N LEU A 1220 -59.28 13.48 10.36
CA LEU A 1220 -58.17 12.61 10.70
C LEU A 1220 -57.98 11.49 9.70
N ILE A 1221 -59.05 11.04 9.04
CA ILE A 1221 -58.87 10.06 7.98
C ILE A 1221 -58.27 10.73 6.74
N ASN A 1222 -58.55 12.02 6.53
CA ASN A 1222 -57.90 12.78 5.48
C ASN A 1222 -56.41 12.93 5.76
N THR A 1223 -56.06 13.15 7.03
CA THR A 1223 -54.66 13.17 7.43
C THR A 1223 -54.01 11.81 7.22
N PHE A 1224 -54.73 10.73 7.60
CA PHE A 1224 -54.21 9.38 7.47
C PHE A 1224 -54.09 8.93 6.01
N GLU A 1225 -54.77 9.61 5.09
CA GLU A 1225 -54.63 9.31 3.67
C GLU A 1225 -53.83 10.35 2.91
N GLY A 1226 -53.60 11.53 3.49
CA GLY A 1226 -52.79 12.56 2.86
C GLY A 1226 -53.37 13.07 1.56
N GLY A 1227 -52.72 12.73 0.45
CA GLY A 1227 -53.25 13.00 -0.86
C GLY A 1227 -53.39 11.69 -1.63
N GLY A 1228 -53.29 10.59 -0.90
CA GLY A 1228 -53.31 9.27 -1.48
C GLY A 1228 -54.49 8.42 -1.03
N CYS A 1229 -55.67 9.03 -0.99
CA CYS A 1229 -56.87 8.31 -0.55
C CYS A 1229 -57.40 7.33 -1.58
N GLY A 1230 -56.87 7.34 -2.80
CA GLY A 1230 -57.32 6.43 -3.84
C GLY A 1230 -56.87 5.00 -3.63
N LEU A 1241 -53.62 -4.31 -11.77
CA LEU A 1241 -53.56 -4.67 -13.18
C LEU A 1241 -52.91 -6.04 -13.37
N LEU A 1242 -53.40 -6.79 -14.36
CA LEU A 1242 -52.82 -8.08 -14.69
C LEU A 1242 -51.47 -7.95 -15.37
N TYR A 1243 -51.12 -6.75 -15.85
CA TYR A 1243 -49.76 -6.46 -16.26
C TYR A 1243 -48.81 -6.54 -15.07
N LEU A 1244 -49.27 -6.08 -13.90
CA LEU A 1244 -48.48 -6.09 -12.67
C LEU A 1244 -48.68 -7.35 -11.85
N ARG A 1245 -49.20 -8.43 -12.45
CA ARG A 1245 -49.19 -9.71 -11.78
C ARG A 1245 -47.76 -10.21 -11.61
N GLY A 1246 -47.00 -10.23 -12.70
CA GLY A 1246 -45.57 -10.21 -12.60
C GLY A 1246 -45.18 -8.85 -12.07
N PRO A 1247 -44.46 -8.81 -10.94
CA PRO A 1247 -44.19 -7.52 -10.28
C PRO A 1247 -43.18 -6.69 -11.07
N PHE A 1248 -43.50 -5.40 -11.21
CA PHE A 1248 -42.66 -4.43 -11.91
C PHE A 1248 -42.47 -3.21 -11.04
N SER A 1249 -41.46 -2.41 -11.37
CA SER A 1249 -40.97 -1.36 -10.50
C SER A 1249 -41.06 0.01 -11.18
N LEU A 1250 -42.23 0.33 -11.72
CA LEU A 1250 -42.43 1.64 -12.31
C LEU A 1250 -42.46 2.71 -11.22
N GLN A 1251 -42.03 3.92 -11.60
CA GLN A 1251 -41.68 4.99 -10.66
C GLN A 1251 -42.86 5.56 -9.90
N ALA A 1252 -44.09 5.11 -10.14
CA ALA A 1252 -45.22 5.42 -9.29
C ALA A 1252 -45.82 4.22 -8.60
N THR A 1253 -45.53 3.00 -9.07
CA THR A 1253 -45.98 1.79 -8.38
C THR A 1253 -45.34 1.68 -7.01
N LEU A 1254 -44.06 2.07 -6.92
CA LEU A 1254 -43.40 2.20 -5.64
C LEU A 1254 -44.05 3.26 -4.78
N CYS A 1255 -44.56 4.33 -5.40
CA CYS A 1255 -45.27 5.34 -4.62
C CYS A 1255 -46.61 4.83 -4.12
N TRP A 1256 -47.28 3.96 -4.86
CA TRP A 1256 -48.52 3.40 -4.35
C TRP A 1256 -48.28 2.43 -3.20
N LEU A 1257 -47.27 1.55 -3.35
CA LEU A 1257 -46.94 0.63 -2.26
C LEU A 1257 -46.42 1.39 -1.04
N ASP A 1258 -45.67 2.46 -1.27
CA ASP A 1258 -45.15 3.27 -0.19
C ASP A 1258 -46.25 4.08 0.46
N LEU A 1259 -47.28 4.47 -0.30
CA LEU A 1259 -48.44 5.11 0.29
C LEU A 1259 -49.24 4.12 1.13
N LEU A 1260 -49.32 2.87 0.67
CA LEU A 1260 -49.99 1.82 1.44
C LEU A 1260 -49.28 1.60 2.76
N LEU A 1261 -47.95 1.46 2.72
CA LEU A 1261 -47.16 1.31 3.94
C LEU A 1261 -47.22 2.55 4.82
N ALA A 1262 -47.27 3.74 4.22
CA ALA A 1262 -47.33 4.99 4.96
C ALA A 1262 -48.63 5.11 5.73
N ALA A 1263 -49.76 4.94 5.04
CA ALA A 1263 -51.07 4.98 5.69
C ALA A 1263 -51.24 3.81 6.66
N LEU A 1264 -50.57 2.70 6.41
CA LEU A 1264 -50.63 1.57 7.33
C LEU A 1264 -49.91 1.87 8.63
N GLU A 1265 -48.74 2.49 8.56
CA GLU A 1265 -48.01 2.83 9.77
C GLU A 1265 -48.43 4.17 10.36
N CYS A 1266 -49.39 4.87 9.75
CA CYS A 1266 -49.98 6.02 10.42
C CYS A 1266 -50.70 5.64 11.70
N TYR A 1267 -51.79 4.88 11.60
CA TYR A 1267 -52.68 4.64 12.72
C TYR A 1267 -52.16 3.57 13.69
N ASN A 1268 -50.99 3.01 13.43
CA ASN A 1268 -50.44 1.95 14.27
C ASN A 1268 -50.11 2.46 15.65
N THR A 1269 -49.43 3.60 15.72
CA THR A 1269 -49.09 4.19 17.01
C THR A 1269 -50.34 4.73 17.71
N PHE A 1270 -51.32 5.23 16.95
CA PHE A 1270 -52.52 5.76 17.58
C PHE A 1270 -53.45 4.67 18.08
N ILE A 1271 -53.37 3.46 17.53
CA ILE A 1271 -54.13 2.33 18.05
C ILE A 1271 -53.39 1.67 19.21
N GLY A 1272 -52.06 1.58 19.14
CA GLY A 1272 -51.29 1.08 20.26
C GLY A 1272 -51.36 1.99 21.47
N GLU A 1273 -51.47 3.30 21.23
CA GLU A 1273 -51.71 4.26 22.30
C GLU A 1273 -53.22 4.50 22.36
N ARG A 1274 -53.65 5.42 23.21
CA ARG A 1274 -55.06 5.64 23.47
C ARG A 1274 -55.51 7.05 23.10
N THR A 1275 -55.03 7.55 21.97
CA THR A 1275 -55.38 8.91 21.55
C THR A 1275 -56.85 9.02 21.18
N VAL A 1276 -57.29 8.21 20.22
CA VAL A 1276 -58.68 8.16 19.82
C VAL A 1276 -59.20 6.73 20.03
N GLY A 1277 -60.50 6.57 19.86
CA GLY A 1277 -61.11 5.27 20.05
C GLY A 1277 -60.76 4.33 18.92
N ALA A 1278 -60.90 3.02 19.20
CA ALA A 1278 -60.66 2.00 18.19
C ALA A 1278 -61.69 2.04 17.08
N LEU A 1279 -62.88 2.56 17.37
CA LEU A 1279 -63.91 2.77 16.37
C LEU A 1279 -64.16 4.24 16.07
N GLN A 1280 -63.38 5.15 16.67
CA GLN A 1280 -63.49 6.55 16.33
C GLN A 1280 -62.92 6.87 14.96
N VAL A 1281 -61.98 6.06 14.47
CA VAL A 1281 -61.52 6.15 13.11
C VAL A 1281 -62.02 4.99 12.25
N LEU A 1282 -62.28 3.82 12.86
CA LEU A 1282 -62.92 2.74 12.13
C LEU A 1282 -64.36 3.11 11.77
N GLY A 1283 -65.03 3.89 12.60
CA GLY A 1283 -66.36 4.40 12.30
C GLY A 1283 -67.46 3.36 12.35
N SER A 1288 -63.37 0.91 6.01
CA SER A 1288 -62.35 1.92 5.82
C SER A 1288 -61.75 1.86 4.43
N SER A 1289 -61.17 2.97 3.99
CA SER A 1289 -60.38 2.98 2.77
C SER A 1289 -59.16 2.08 2.91
N LEU A 1290 -58.61 2.02 4.13
CA LEU A 1290 -57.52 1.11 4.43
C LEU A 1290 -57.95 -0.34 4.26
N LEU A 1291 -59.21 -0.65 4.61
CA LEU A 1291 -59.70 -2.01 4.42
C LEU A 1291 -59.84 -2.35 2.94
N LYS A 1292 -60.23 -1.40 2.11
CA LYS A 1292 -60.29 -1.64 0.68
C LYS A 1292 -58.89 -1.80 0.10
N ALA A 1293 -57.92 -1.03 0.62
CA ALA A 1293 -56.55 -1.14 0.15
C ALA A 1293 -55.95 -2.48 0.52
N VAL A 1294 -56.16 -2.95 1.75
CA VAL A 1294 -55.63 -4.24 2.12
C VAL A 1294 -56.41 -5.37 1.48
N ALA A 1295 -57.67 -5.13 1.08
CA ALA A 1295 -58.39 -6.12 0.29
C ALA A 1295 -57.76 -6.26 -1.09
N PHE A 1296 -57.42 -5.13 -1.73
CA PHE A 1296 -56.74 -5.18 -3.02
C PHE A 1296 -55.37 -5.83 -2.88
N PHE A 1297 -54.66 -5.57 -1.78
CA PHE A 1297 -53.33 -6.13 -1.64
C PHE A 1297 -53.38 -7.60 -1.28
N LEU A 1298 -54.42 -8.03 -0.57
CA LEU A 1298 -54.55 -9.46 -0.29
C LEU A 1298 -55.05 -10.20 -1.51
N GLU A 1299 -55.74 -9.52 -2.41
CA GLU A 1299 -56.01 -10.10 -3.72
C GLU A 1299 -54.78 -10.09 -4.61
N SER A 1300 -53.81 -9.22 -4.33
CA SER A 1300 -52.65 -9.02 -5.20
C SER A 1300 -51.34 -9.16 -4.43
N ILE A 1301 -51.18 -10.27 -3.71
CA ILE A 1301 -49.97 -10.54 -2.93
C ILE A 1301 -49.15 -11.67 -3.53
N ALA A 1302 -49.81 -12.73 -4.00
CA ALA A 1302 -49.10 -13.93 -4.45
C ALA A 1302 -48.35 -13.73 -5.75
N MET A 1303 -48.67 -12.68 -6.51
CA MET A 1303 -47.99 -12.29 -7.75
C MET A 1303 -47.95 -13.40 -8.80
N SER A 1323 -37.15 -6.95 -16.89
CA SER A 1323 -36.23 -6.33 -15.95
C SER A 1323 -36.04 -7.19 -14.71
N PRO A 1324 -35.17 -8.21 -14.81
CA PRO A 1324 -34.96 -9.13 -13.69
C PRO A 1324 -33.90 -8.69 -12.69
N GLN A 1325 -33.37 -7.48 -12.82
CA GLN A 1325 -32.36 -6.99 -11.90
C GLN A 1325 -32.81 -5.76 -11.13
N GLU A 1326 -34.02 -5.28 -11.36
CA GLU A 1326 -34.62 -4.24 -10.53
C GLU A 1326 -35.92 -4.68 -9.89
N GLY A 1327 -36.49 -5.80 -10.30
CA GLY A 1327 -37.71 -6.31 -9.69
C GLY A 1327 -37.54 -6.79 -8.27
N GLU A 1328 -36.30 -7.13 -7.89
CA GLU A 1328 -36.04 -7.53 -6.51
C GLU A 1328 -36.15 -6.35 -5.56
N ARG A 1329 -35.88 -5.14 -6.05
CA ARG A 1329 -36.16 -3.94 -5.26
C ARG A 1329 -37.65 -3.79 -5.02
N TYR A 1330 -38.47 -4.10 -6.03
CA TYR A 1330 -39.91 -4.12 -5.86
C TYR A 1330 -40.35 -5.22 -4.90
N ASN A 1331 -39.65 -6.36 -4.91
CA ASN A 1331 -39.92 -7.41 -3.95
C ASN A 1331 -39.63 -6.95 -2.52
N TYR A 1332 -38.51 -6.27 -2.31
CA TYR A 1332 -38.16 -5.81 -0.97
C TYR A 1332 -39.12 -4.73 -0.49
N SER A 1333 -39.50 -3.81 -1.38
CA SER A 1333 -40.45 -2.78 -0.99
C SER A 1333 -41.88 -3.29 -0.92
N LYS A 1334 -42.15 -4.48 -1.47
CA LYS A 1334 -43.43 -5.13 -1.23
C LYS A 1334 -43.42 -5.83 0.12
N CYS A 1335 -42.36 -6.58 0.42
CA CYS A 1335 -42.28 -7.40 1.61
C CYS A 1335 -41.92 -6.60 2.86
N THR A 1336 -41.62 -5.30 2.73
CA THR A 1336 -41.51 -4.47 3.93
C THR A 1336 -42.85 -3.98 4.45
N VAL A 1337 -43.96 -4.30 3.79
CA VAL A 1337 -45.27 -3.78 4.14
C VAL A 1337 -46.13 -4.81 4.84
N VAL A 1338 -46.05 -6.08 4.41
CA VAL A 1338 -46.92 -7.13 4.92
C VAL A 1338 -46.62 -7.42 6.40
N VAL A 1339 -45.37 -7.20 6.82
CA VAL A 1339 -45.05 -7.35 8.23
C VAL A 1339 -45.68 -6.24 9.07
N ARG A 1340 -45.79 -5.03 8.53
CA ARG A 1340 -46.49 -3.99 9.29
C ARG A 1340 -48.00 -4.14 9.20
N ILE A 1341 -48.50 -4.81 8.16
CA ILE A 1341 -49.90 -5.24 8.13
C ILE A 1341 -50.18 -6.17 9.32
N MET A 1342 -49.30 -7.16 9.50
CA MET A 1342 -49.44 -8.08 10.62
C MET A 1342 -49.27 -7.38 11.96
N GLU A 1343 -48.37 -6.40 12.03
CA GLU A 1343 -48.20 -5.61 13.25
C GLU A 1343 -49.44 -4.80 13.57
N PHE A 1344 -50.07 -4.25 12.54
CA PHE A 1344 -51.28 -3.45 12.72
C PHE A 1344 -52.45 -4.30 13.18
N THR A 1345 -52.60 -5.52 12.63
CA THR A 1345 -53.72 -6.31 13.11
C THR A 1345 -53.45 -6.92 14.48
N THR A 1346 -52.17 -7.09 14.87
CA THR A 1346 -51.90 -7.47 16.26
C THR A 1346 -52.26 -6.34 17.22
N THR A 1347 -51.85 -5.10 16.89
CA THR A 1347 -52.13 -4.01 17.81
C THR A 1347 -53.60 -3.62 17.80
N LEU A 1348 -54.35 -4.02 16.77
CA LEU A 1348 -55.79 -3.81 16.82
C LEU A 1348 -56.47 -4.91 17.61
N LEU A 1349 -56.01 -6.16 17.46
CA LEU A 1349 -56.71 -7.28 18.09
C LEU A 1349 -56.40 -7.38 19.58
N ASN A 1350 -55.17 -7.09 19.99
CA ASN A 1350 -54.80 -7.21 21.39
C ASN A 1350 -55.16 -5.98 22.22
N THR A 1351 -55.80 -4.98 21.62
CA THR A 1351 -56.35 -3.86 22.34
C THR A 1351 -57.79 -4.26 22.72
N SER A 1352 -58.64 -3.29 23.08
CA SER A 1352 -60.05 -3.55 23.35
C SER A 1352 -60.74 -4.08 22.08
N PRO A 1353 -61.29 -5.29 22.10
CA PRO A 1353 -61.83 -5.88 20.86
C PRO A 1353 -63.25 -5.44 20.55
N GLU A 1354 -63.51 -4.13 20.64
CA GLU A 1354 -64.80 -3.60 20.19
C GLU A 1354 -64.93 -3.65 18.68
N GLY A 1355 -63.81 -3.67 17.96
CA GLY A 1355 -63.80 -3.80 16.52
C GLY A 1355 -63.45 -5.17 16.00
N TRP A 1356 -63.35 -6.17 16.89
CA TRP A 1356 -63.09 -7.54 16.45
C TRP A 1356 -64.27 -8.16 15.71
N LYS A 1357 -65.44 -7.55 15.80
CA LYS A 1357 -66.56 -7.85 14.92
C LYS A 1357 -66.73 -6.82 13.82
N LEU A 1358 -66.11 -5.64 13.95
CA LEU A 1358 -66.11 -4.67 12.86
C LEU A 1358 -65.11 -5.06 11.79
N LEU A 1359 -64.07 -5.81 12.15
CA LEU A 1359 -63.14 -6.36 11.17
C LEU A 1359 -63.86 -7.45 10.39
N LYS A 1360 -64.39 -7.09 9.23
CA LYS A 1360 -65.28 -7.98 8.50
C LYS A 1360 -64.49 -9.09 7.82
N LYS A 1361 -65.21 -9.99 7.16
CA LYS A 1361 -64.63 -11.16 6.51
C LYS A 1361 -64.01 -10.85 5.16
N ASP A 1362 -63.91 -9.57 4.80
CA ASP A 1362 -63.19 -9.15 3.61
C ASP A 1362 -61.67 -9.15 3.79
N LEU A 1363 -61.18 -9.34 5.02
CA LEU A 1363 -59.73 -9.46 5.22
C LEU A 1363 -59.35 -10.66 6.07
N CYS A 1364 -60.20 -11.07 7.02
CA CYS A 1364 -59.88 -12.21 7.86
C CYS A 1364 -60.32 -13.53 7.24
N ASN A 1365 -60.49 -13.57 5.93
CA ASN A 1365 -60.85 -14.79 5.22
C ASN A 1365 -59.62 -15.64 4.99
N THR A 1366 -59.72 -16.59 4.06
CA THR A 1366 -58.62 -17.53 3.77
C THR A 1366 -57.38 -16.85 3.19
N HIS A 1367 -57.47 -15.58 2.78
CA HIS A 1367 -56.32 -14.86 2.25
C HIS A 1367 -55.26 -14.63 3.33
N LEU A 1368 -55.64 -13.95 4.42
CA LEU A 1368 -54.69 -13.65 5.48
C LEU A 1368 -54.24 -14.91 6.21
N MET A 1369 -55.17 -15.82 6.47
CA MET A 1369 -54.85 -17.09 7.11
C MET A 1369 -54.31 -18.12 6.12
N ARG A 1370 -54.07 -17.71 4.87
CA ARG A 1370 -53.28 -18.48 3.92
C ARG A 1370 -51.87 -17.94 3.79
N VAL A 1371 -51.73 -16.60 3.80
CA VAL A 1371 -50.38 -16.04 3.72
C VAL A 1371 -49.65 -16.14 5.05
N LEU A 1372 -50.36 -16.28 6.17
CA LEU A 1372 -49.68 -16.62 7.42
C LEU A 1372 -49.13 -18.04 7.38
N VAL A 1373 -49.90 -18.97 6.79
CA VAL A 1373 -49.43 -20.32 6.56
C VAL A 1373 -48.20 -20.31 5.65
N GLN A 1374 -48.23 -19.49 4.60
CA GLN A 1374 -47.08 -19.41 3.71
C GLN A 1374 -45.89 -18.72 4.35
N THR A 1375 -46.14 -17.82 5.30
CA THR A 1375 -45.04 -17.28 6.09
C THR A 1375 -44.41 -18.35 6.97
N LEU A 1376 -45.24 -19.28 7.47
CA LEU A 1376 -44.70 -20.34 8.31
C LEU A 1376 -43.97 -21.42 7.52
N CYS A 1377 -44.69 -22.16 6.68
CA CYS A 1377 -44.07 -23.27 5.96
C CYS A 1377 -43.56 -22.77 4.61
N GLU A 1378 -42.23 -22.79 4.46
CA GLU A 1378 -41.48 -22.41 3.26
C GLU A 1378 -41.84 -21.00 2.80
N PRO A 1379 -41.36 -19.95 3.47
CA PRO A 1379 -41.66 -18.59 3.00
C PRO A 1379 -40.67 -18.09 1.98
N ALA A 1380 -39.87 -18.98 1.38
CA ALA A 1380 -39.02 -18.58 0.26
C ALA A 1380 -39.73 -18.73 -1.07
N SER A 1381 -40.98 -18.28 -1.14
CA SER A 1381 -41.70 -18.09 -2.39
C SER A 1381 -42.48 -16.79 -2.43
N ILE A 1382 -42.85 -16.22 -1.28
CA ILE A 1382 -43.57 -14.95 -1.25
C ILE A 1382 -42.63 -13.75 -1.29
N GLY A 1383 -41.32 -13.98 -1.23
CA GLY A 1383 -40.38 -12.89 -1.30
C GLY A 1383 -39.42 -12.83 -0.13
N PHE A 1384 -39.76 -13.53 0.95
CA PHE A 1384 -38.87 -13.60 2.11
C PHE A 1384 -37.83 -14.67 1.82
N ASN A 1385 -36.79 -14.27 1.10
CA ASN A 1385 -35.78 -15.18 0.58
C ASN A 1385 -34.68 -15.39 1.61
N ILE A 1386 -33.58 -15.98 1.18
CA ILE A 1386 -32.40 -16.20 2.01
C ILE A 1386 -31.37 -15.13 1.66
N GLY A 1387 -30.77 -14.54 2.69
CA GLY A 1387 -29.76 -13.52 2.48
C GLY A 1387 -30.00 -12.28 3.30
N ASP A 1388 -31.25 -11.89 3.48
CA ASP A 1388 -31.57 -10.77 4.36
C ASP A 1388 -31.38 -11.19 5.81
N VAL A 1389 -31.01 -10.23 6.66
CA VAL A 1389 -30.73 -10.49 8.06
C VAL A 1389 -31.65 -9.72 8.99
N GLN A 1390 -31.96 -8.46 8.69
CA GLN A 1390 -32.71 -7.64 9.63
C GLN A 1390 -34.18 -8.03 9.62
N VAL A 1391 -34.77 -8.14 8.44
CA VAL A 1391 -36.17 -8.56 8.35
C VAL A 1391 -36.29 -10.05 8.65
N MET A 1392 -35.28 -10.85 8.32
CA MET A 1392 -35.31 -12.25 8.70
C MET A 1392 -35.07 -12.46 10.19
N ALA A 1393 -34.61 -11.44 10.90
CA ALA A 1393 -34.60 -11.47 12.35
C ALA A 1393 -35.91 -10.96 12.95
N HIS A 1394 -36.48 -9.92 12.35
CA HIS A 1394 -37.71 -9.34 12.86
C HIS A 1394 -38.96 -10.07 12.42
N LEU A 1395 -38.83 -11.14 11.64
CA LEU A 1395 -39.98 -11.94 11.24
C LEU A 1395 -40.65 -12.74 12.38
N PRO A 1396 -40.00 -13.72 13.03
CA PRO A 1396 -40.78 -14.69 13.81
C PRO A 1396 -41.16 -14.22 15.20
N ASP A 1397 -40.94 -12.96 15.55
CA ASP A 1397 -41.55 -12.43 16.75
C ASP A 1397 -42.95 -11.89 16.47
N VAL A 1398 -43.11 -11.10 15.41
CA VAL A 1398 -44.44 -10.62 15.06
C VAL A 1398 -45.26 -11.73 14.40
N CYS A 1399 -44.60 -12.69 13.74
CA CYS A 1399 -45.33 -13.82 13.17
C CYS A 1399 -45.90 -14.73 14.24
N VAL A 1400 -45.28 -14.76 15.42
CA VAL A 1400 -45.82 -15.49 16.56
C VAL A 1400 -46.80 -14.62 17.35
N ASN A 1401 -46.54 -13.31 17.42
CA ASN A 1401 -47.45 -12.35 18.02
C ASN A 1401 -48.81 -12.33 17.34
N LEU A 1402 -48.85 -12.62 16.04
CA LEU A 1402 -50.13 -12.70 15.36
C LEU A 1402 -50.96 -13.88 15.84
N MET A 1403 -50.32 -15.01 16.11
CA MET A 1403 -51.06 -16.15 16.64
C MET A 1403 -51.44 -15.94 18.09
N LYS A 1404 -50.55 -15.34 18.87
CA LYS A 1404 -50.86 -15.10 20.28
C LYS A 1404 -51.81 -13.94 20.49
N ALA A 1405 -52.08 -13.13 19.47
CA ALA A 1405 -53.14 -12.15 19.54
C ALA A 1405 -54.49 -12.73 19.12
N LEU A 1406 -54.49 -13.81 18.34
CA LEU A 1406 -55.70 -14.36 17.75
C LEU A 1406 -56.41 -15.37 18.63
N LYS A 1407 -55.76 -15.91 19.66
CA LYS A 1407 -56.40 -16.87 20.53
C LYS A 1407 -57.32 -16.24 21.56
N MET A 1408 -57.25 -14.93 21.74
CA MET A 1408 -58.22 -14.21 22.56
C MET A 1408 -59.46 -13.81 21.77
N SER A 1409 -59.49 -14.09 20.48
CA SER A 1409 -60.43 -13.72 19.44
C SER A 1409 -61.20 -14.94 18.95
N PRO A 1410 -62.46 -14.76 18.50
CA PRO A 1410 -63.24 -15.89 18.01
C PRO A 1410 -62.82 -16.44 16.66
N TYR A 1411 -61.70 -16.02 16.08
CA TYR A 1411 -61.17 -16.66 14.89
C TYR A 1411 -60.10 -17.71 15.21
N LYS A 1412 -60.15 -18.30 16.40
CA LYS A 1412 -59.22 -19.39 16.71
C LYS A 1412 -59.56 -20.63 15.89
N ASP A 1413 -60.86 -20.90 15.73
CA ASP A 1413 -61.31 -21.96 14.84
C ASP A 1413 -60.94 -21.67 13.39
N ILE A 1414 -60.89 -20.39 13.01
CA ILE A 1414 -60.39 -20.00 11.70
C ILE A 1414 -58.93 -20.40 11.55
N LEU A 1415 -58.15 -20.22 12.63
CA LEU A 1415 -56.74 -20.61 12.60
C LEU A 1415 -56.60 -22.13 12.52
N GLU A 1416 -57.45 -22.87 13.24
CA GLU A 1416 -57.38 -24.32 13.17
C GLU A 1416 -57.80 -24.84 11.80
N THR A 1417 -58.85 -24.26 11.24
CA THR A 1417 -59.35 -24.65 9.92
C THR A 1417 -58.56 -24.04 8.79
N HIS A 1418 -57.55 -23.24 9.07
CA HIS A 1418 -56.60 -22.85 8.05
C HIS A 1418 -55.21 -23.40 8.31
N LEU A 1419 -54.98 -24.07 9.43
CA LEU A 1419 -53.69 -24.65 9.75
C LEU A 1419 -53.65 -26.16 9.71
N ARG A 1420 -54.71 -26.83 10.19
CA ARG A 1420 -54.75 -28.28 10.23
C ARG A 1420 -54.81 -28.94 8.86
N GLU A 1421 -55.02 -28.16 7.80
CA GLU A 1421 -54.94 -28.65 6.44
C GLU A 1421 -53.54 -28.54 5.87
N LYS A 1422 -52.64 -27.85 6.55
CA LYS A 1422 -51.30 -27.60 6.04
C LYS A 1422 -50.22 -28.19 6.92
N ILE A 1423 -50.34 -28.06 8.24
CA ILE A 1423 -49.31 -28.48 9.18
C ILE A 1423 -49.88 -29.65 9.96
N THR A 1424 -50.68 -30.47 9.29
CA THR A 1424 -51.22 -31.67 9.88
C THR A 1424 -50.11 -32.67 10.22
N ALA A 1425 -50.44 -33.59 11.12
CA ALA A 1425 -49.50 -34.64 11.51
C ALA A 1425 -49.21 -35.61 10.37
N GLN A 1426 -50.11 -35.68 9.38
CA GLN A 1426 -49.86 -36.51 8.20
C GLN A 1426 -48.66 -36.03 7.42
N SER A 1427 -48.41 -34.71 7.40
CA SER A 1427 -47.25 -34.18 6.71
C SER A 1427 -45.94 -34.63 7.36
N ILE A 1428 -45.85 -34.51 8.69
CA ILE A 1428 -44.64 -34.93 9.37
C ILE A 1428 -44.57 -36.43 9.58
N GLU A 1429 -45.63 -37.17 9.25
CA GLU A 1429 -45.50 -38.62 9.14
C GLU A 1429 -45.04 -39.04 7.75
N GLU A 1430 -45.48 -38.33 6.71
CA GLU A 1430 -45.17 -38.72 5.33
C GLU A 1430 -43.80 -38.22 4.89
N LEU A 1431 -43.25 -37.18 5.53
CA LEU A 1431 -41.98 -36.64 5.08
C LEU A 1431 -40.80 -37.53 5.44
N CYS A 1432 -40.95 -38.43 6.40
CA CYS A 1432 -39.84 -39.25 6.87
C CYS A 1432 -39.62 -40.41 5.92
N ALA A 1433 -38.47 -40.44 5.27
CA ALA A 1433 -38.07 -41.53 4.39
C ALA A 1433 -37.31 -42.58 5.19
N VAL A 1434 -36.63 -43.50 4.50
CA VAL A 1434 -35.87 -44.56 5.16
C VAL A 1434 -34.36 -44.30 5.06
N ASN A 1435 -33.82 -44.22 3.84
CA ASN A 1435 -32.41 -43.94 3.66
C ASN A 1435 -32.19 -42.43 3.71
N LEU A 1436 -31.69 -41.93 4.84
CA LEU A 1436 -31.54 -40.50 5.05
C LEU A 1436 -30.15 -39.98 4.74
N TYR A 1437 -29.17 -40.86 4.58
CA TYR A 1437 -27.79 -40.44 4.35
C TYR A 1437 -27.30 -41.06 3.04
N GLY A 1438 -27.41 -40.29 1.97
CA GLY A 1438 -27.01 -40.73 0.66
C GLY A 1438 -27.08 -39.58 -0.34
N PRO A 1439 -27.59 -39.86 -1.55
CA PRO A 1439 -27.73 -38.80 -2.55
C PRO A 1439 -28.94 -37.91 -2.33
N ASP A 1440 -29.82 -38.25 -1.39
CA ASP A 1440 -31.03 -37.48 -1.11
C ASP A 1440 -30.62 -36.20 -0.40
N ALA A 1441 -30.24 -35.20 -1.19
CA ALA A 1441 -29.45 -34.08 -0.66
C ALA A 1441 -30.31 -33.10 0.13
N GLN A 1442 -31.25 -32.44 -0.53
CA GLN A 1442 -32.02 -31.37 0.11
C GLN A 1442 -33.51 -31.49 -0.10
N VAL A 1443 -33.97 -32.44 -0.93
CA VAL A 1443 -35.38 -32.58 -1.30
C VAL A 1443 -36.24 -32.90 -0.10
N ASP A 1444 -35.67 -33.59 0.89
CA ASP A 1444 -36.30 -33.73 2.19
C ASP A 1444 -35.77 -32.72 3.19
N ARG A 1445 -34.52 -32.31 3.02
CA ARG A 1445 -33.80 -31.61 4.08
C ARG A 1445 -34.32 -30.19 4.27
N SER A 1446 -34.43 -29.43 3.17
CA SER A 1446 -34.86 -28.03 3.30
C SER A 1446 -36.32 -27.93 3.70
N ARG A 1447 -37.16 -28.82 3.18
CA ARG A 1447 -38.57 -28.84 3.55
C ARG A 1447 -38.76 -29.22 5.02
N LEU A 1448 -38.04 -30.23 5.48
CA LEU A 1448 -38.11 -30.62 6.89
C LEU A 1448 -37.55 -29.53 7.80
N ALA A 1449 -36.53 -28.80 7.33
CA ALA A 1449 -35.97 -27.72 8.13
C ALA A 1449 -36.98 -26.58 8.27
N ALA A 1450 -37.64 -26.21 7.18
CA ALA A 1450 -38.66 -25.18 7.22
C ALA A 1450 -39.83 -25.60 8.10
N VAL A 1451 -40.21 -26.89 8.03
CA VAL A 1451 -41.33 -27.37 8.82
C VAL A 1451 -41.00 -27.38 10.30
N VAL A 1452 -39.79 -27.84 10.66
CA VAL A 1452 -39.39 -27.89 12.06
C VAL A 1452 -39.23 -26.47 12.62
N SER A 1453 -38.76 -25.54 11.78
CA SER A 1453 -38.72 -24.12 12.16
C SER A 1453 -40.12 -23.59 12.46
N ALA A 1454 -41.07 -23.89 11.56
CA ALA A 1454 -42.43 -23.40 11.73
C ALA A 1454 -43.11 -23.99 12.96
N CYS A 1455 -42.89 -25.29 13.23
CA CYS A 1455 -43.46 -25.88 14.44
C CYS A 1455 -42.76 -25.37 15.69
N LYS A 1456 -41.51 -24.94 15.59
CA LYS A 1456 -40.86 -24.29 16.72
C LYS A 1456 -41.50 -22.94 17.00
N GLN A 1457 -41.77 -22.16 15.95
CA GLN A 1457 -42.51 -20.92 16.14
C GLN A 1457 -43.92 -21.17 16.66
N LEU A 1458 -44.50 -22.30 16.28
CA LEU A 1458 -45.82 -22.68 16.76
C LEU A 1458 -45.79 -22.99 18.26
N HIS A 1459 -44.76 -23.71 18.70
CA HIS A 1459 -44.61 -24.03 20.11
C HIS A 1459 -44.28 -22.79 20.92
N ARG A 1460 -43.59 -21.81 20.31
CA ARG A 1460 -43.38 -20.54 21.00
C ARG A 1460 -44.68 -19.76 21.09
N ALA A 1461 -45.53 -19.86 20.07
CA ALA A 1461 -46.85 -19.25 20.13
C ALA A 1461 -47.80 -19.97 21.07
N GLY A 1462 -47.44 -21.19 21.49
CA GLY A 1462 -48.20 -21.86 22.51
C GLY A 1462 -49.36 -22.69 21.98
N LEU A 1463 -49.28 -23.15 20.75
CA LEU A 1463 -50.32 -23.99 20.16
C LEU A 1463 -49.65 -25.22 19.58
N LEU A 1464 -49.38 -26.21 20.43
CA LEU A 1464 -48.94 -27.49 19.91
C LEU A 1464 -50.02 -28.53 20.06
N HIS A 1465 -50.54 -28.73 21.28
CA HIS A 1465 -51.74 -29.53 21.46
C HIS A 1465 -52.95 -28.82 20.88
N ASN A 1466 -52.91 -27.49 20.80
CA ASN A 1466 -53.99 -26.74 20.15
C ASN A 1466 -53.99 -26.97 18.65
N ILE A 1467 -52.83 -27.26 18.06
CA ILE A 1467 -52.76 -27.50 16.63
C ILE A 1467 -52.80 -28.99 16.36
N LEU A 1468 -51.84 -29.73 16.92
CA LEU A 1468 -51.78 -31.17 16.76
C LEU A 1468 -51.89 -31.79 18.15
N PRO A 1469 -53.09 -32.10 18.60
CA PRO A 1469 -53.26 -32.68 19.93
C PRO A 1469 -52.68 -34.09 20.01
N SER A 1470 -52.43 -34.51 21.24
CA SER A 1470 -51.70 -35.74 21.52
C SER A 1470 -52.66 -36.93 21.39
N GLN A 1471 -52.19 -38.10 21.82
CA GLN A 1471 -52.81 -39.37 21.46
C GLN A 1471 -52.79 -40.29 22.67
N SER A 1472 -52.91 -41.59 22.39
CA SER A 1472 -53.47 -42.64 23.25
C SER A 1472 -53.12 -42.59 24.74
N THR A 1473 -51.84 -42.65 25.10
CA THR A 1473 -51.53 -43.06 26.48
C THR A 1473 -51.75 -41.95 27.50
N ASP A 1474 -50.89 -40.92 27.53
CA ASP A 1474 -51.01 -39.61 28.18
C ASP A 1474 -49.70 -38.87 27.93
N LEU A 1475 -49.75 -37.53 28.01
CA LEU A 1475 -48.61 -36.60 28.04
C LEU A 1475 -47.58 -36.83 26.93
N HIS A 1476 -48.01 -37.42 25.81
CA HIS A 1476 -47.11 -37.93 24.78
C HIS A 1476 -47.51 -37.33 23.44
N HIS A 1477 -46.74 -36.37 22.96
CA HIS A 1477 -46.79 -36.07 21.54
C HIS A 1477 -46.17 -37.27 20.85
N SER A 1478 -47.02 -38.16 20.35
CA SER A 1478 -46.56 -39.42 19.77
C SER A 1478 -45.74 -39.20 18.51
N VAL A 1479 -45.99 -38.09 17.81
CA VAL A 1479 -45.07 -37.62 16.78
C VAL A 1479 -43.69 -37.37 17.37
N GLY A 1480 -43.62 -36.80 18.57
CA GLY A 1480 -42.31 -36.52 19.18
C GLY A 1480 -41.61 -37.79 19.65
N THR A 1481 -42.37 -38.76 20.16
CA THR A 1481 -41.79 -40.04 20.53
C THR A 1481 -41.26 -40.78 19.32
N GLU A 1482 -42.00 -40.72 18.20
CA GLU A 1482 -41.51 -41.37 16.99
C GLU A 1482 -40.33 -40.64 16.39
N LEU A 1483 -40.25 -39.32 16.57
CA LEU A 1483 -39.07 -38.58 16.14
C LEU A 1483 -37.84 -38.97 16.94
N LEU A 1484 -38.00 -39.13 18.26
CA LEU A 1484 -36.92 -39.61 19.10
C LEU A 1484 -36.46 -41.01 18.69
N SER A 1485 -37.43 -41.89 18.40
CA SER A 1485 -37.10 -43.26 18.01
C SER A 1485 -36.38 -43.32 16.67
N LEU A 1486 -36.80 -42.49 15.71
CA LEU A 1486 -36.13 -42.49 14.41
C LEU A 1486 -34.77 -41.82 14.49
N VAL A 1487 -34.60 -40.81 15.35
CA VAL A 1487 -33.30 -40.18 15.53
C VAL A 1487 -32.33 -41.18 16.16
N TYR A 1488 -32.79 -41.97 17.12
CA TYR A 1488 -31.94 -42.99 17.72
C TYR A 1488 -31.61 -44.09 16.73
N LYS A 1489 -32.54 -44.46 15.87
CA LYS A 1489 -32.21 -45.50 14.90
C LYS A 1489 -31.48 -44.97 13.68
N GLY A 1490 -31.40 -43.66 13.51
CA GLY A 1490 -30.81 -43.07 12.31
C GLY A 1490 -29.30 -43.27 12.20
N ILE A 1491 -28.65 -43.65 13.29
CA ILE A 1491 -27.21 -43.92 13.28
C ILE A 1491 -26.91 -45.40 13.34
N ALA A 1492 -27.89 -46.23 13.69
CA ALA A 1492 -27.69 -47.67 13.77
C ALA A 1492 -27.46 -48.28 12.41
N PRO A 1493 -26.30 -48.89 12.14
CA PRO A 1493 -26.00 -49.47 10.82
C PRO A 1493 -26.74 -50.79 10.59
N PRO A 1501 -24.32 -45.68 8.47
CA PRO A 1501 -23.62 -45.11 9.62
C PRO A 1501 -22.69 -43.97 9.23
N SER A 1502 -23.25 -42.92 8.62
CA SER A 1502 -22.47 -41.80 8.12
C SER A 1502 -22.82 -40.53 8.89
N LEU A 1503 -22.21 -39.42 8.49
CA LEU A 1503 -22.33 -38.17 9.23
C LEU A 1503 -22.25 -36.99 8.27
N ASP A 1504 -22.43 -35.79 8.81
CA ASP A 1504 -22.51 -34.53 8.07
C ASP A 1504 -22.35 -33.40 9.08
N LEU A 1505 -22.66 -32.18 8.66
CA LEU A 1505 -22.89 -31.05 9.57
C LEU A 1505 -24.31 -30.53 9.49
N SER A 1506 -24.83 -30.31 8.28
CA SER A 1506 -26.20 -29.86 8.12
C SER A 1506 -27.19 -30.94 8.55
N CYS A 1507 -26.83 -32.22 8.39
CA CYS A 1507 -27.66 -33.28 8.95
C CYS A 1507 -27.60 -33.29 10.47
N LYS A 1508 -26.48 -32.84 11.06
CA LYS A 1508 -26.45 -32.69 12.51
C LYS A 1508 -27.32 -31.53 12.96
N GLN A 1509 -27.40 -30.46 12.16
CA GLN A 1509 -28.31 -29.37 12.49
C GLN A 1509 -29.77 -29.80 12.34
N LEU A 1510 -30.04 -30.64 11.33
CA LEU A 1510 -31.32 -31.31 11.18
C LEU A 1510 -31.68 -32.12 12.41
N ALA A 1511 -30.75 -32.97 12.86
CA ALA A 1511 -31.02 -33.82 14.02
C ALA A 1511 -31.17 -33.00 15.29
N SER A 1512 -30.45 -31.88 15.40
CA SER A 1512 -30.55 -31.03 16.58
C SER A 1512 -31.92 -30.36 16.67
N GLY A 1513 -32.33 -29.67 15.60
CA GLY A 1513 -33.66 -29.07 15.57
C GLY A 1513 -34.77 -30.10 15.67
N LEU A 1514 -34.57 -31.28 15.08
CA LEU A 1514 -35.58 -32.32 15.08
C LEU A 1514 -35.76 -32.91 16.48
N LEU A 1515 -34.66 -33.16 17.17
CA LEU A 1515 -34.73 -33.71 18.51
C LEU A 1515 -35.26 -32.67 19.49
N GLU A 1516 -34.92 -31.40 19.28
CA GLU A 1516 -35.46 -30.37 20.17
C GLU A 1516 -36.96 -30.18 19.94
N LEU A 1517 -37.43 -30.36 18.70
CA LEU A 1517 -38.86 -30.33 18.46
C LEU A 1517 -39.54 -31.55 19.04
N ALA A 1518 -38.86 -32.70 19.02
CA ALA A 1518 -39.41 -33.91 19.65
C ALA A 1518 -39.48 -33.77 21.16
N PHE A 1519 -38.58 -32.99 21.76
CA PHE A 1519 -38.49 -32.89 23.21
C PHE A 1519 -39.18 -31.66 23.78
N ALA A 1520 -39.63 -30.73 22.93
CA ALA A 1520 -40.37 -29.57 23.42
C ALA A 1520 -41.80 -29.88 23.84
N PHE A 1521 -42.25 -31.13 23.73
CA PHE A 1521 -43.62 -31.48 24.10
C PHE A 1521 -43.84 -31.38 25.60
N GLY A 1522 -43.08 -32.15 26.38
CA GLY A 1522 -43.27 -32.16 27.81
C GLY A 1522 -42.48 -33.22 28.55
N GLY A 1523 -43.16 -33.99 29.41
CA GLY A 1523 -42.50 -34.97 30.25
C GLY A 1523 -42.19 -36.26 29.52
N LEU A 1524 -41.13 -36.24 28.71
CA LEU A 1524 -40.75 -37.39 27.91
C LEU A 1524 -39.38 -37.95 28.27
N CYS A 1525 -38.57 -37.22 29.05
CA CYS A 1525 -37.15 -37.53 29.26
C CYS A 1525 -36.92 -38.86 29.97
N GLU A 1526 -37.93 -39.39 30.65
CA GLU A 1526 -37.76 -40.66 31.34
C GLU A 1526 -37.68 -41.80 30.34
N ARG A 1527 -38.32 -41.64 29.17
CA ARG A 1527 -38.10 -42.56 28.06
C ARG A 1527 -36.65 -42.55 27.60
N LEU A 1528 -36.02 -41.38 27.61
CA LEU A 1528 -34.61 -41.28 27.20
C LEU A 1528 -33.70 -41.93 28.24
N VAL A 1529 -34.00 -41.72 29.53
CA VAL A 1529 -33.22 -42.36 30.58
C VAL A 1529 -33.34 -43.88 30.52
N SER A 1530 -34.53 -44.36 30.17
CA SER A 1530 -34.70 -45.79 29.92
C SER A 1530 -33.97 -46.25 28.67
N LEU A 1531 -33.85 -45.38 27.67
CA LEU A 1531 -33.17 -45.75 26.44
C LEU A 1531 -31.67 -45.87 26.65
N LEU A 1532 -31.09 -44.97 27.45
CA LEU A 1532 -29.64 -44.75 27.53
C LEU A 1532 -28.85 -45.91 28.11
N LEU A 1533 -29.38 -47.09 28.39
CA LEU A 1533 -28.62 -48.18 28.97
C LEU A 1533 -28.88 -49.47 28.20
N ASN A 1534 -27.81 -50.18 27.87
CA ASN A 1534 -27.93 -51.46 27.21
C ASN A 1534 -27.99 -52.57 28.26
N SER A 1554 -19.40 -49.90 21.91
CA SER A 1554 -20.31 -48.77 22.00
C SER A 1554 -21.67 -49.22 22.52
N HIS A 1555 -22.61 -49.37 21.58
CA HIS A 1555 -23.97 -49.88 21.83
C HIS A 1555 -24.71 -49.02 22.84
N GLY A 1556 -24.95 -47.78 22.46
CA GLY A 1556 -25.79 -46.89 23.26
C GLY A 1556 -25.09 -45.66 23.78
N GLU A 1557 -23.86 -45.83 24.26
CA GLU A 1557 -23.06 -44.66 24.66
C GLU A 1557 -22.65 -43.83 23.45
N TYR A 1558 -22.64 -44.46 22.27
CA TYR A 1558 -22.41 -43.76 21.01
C TYR A 1558 -23.42 -42.65 20.78
N PHE A 1559 -24.65 -42.84 21.27
CA PHE A 1559 -25.67 -41.80 21.11
C PHE A 1559 -25.33 -40.55 21.92
N TYR A 1560 -24.91 -40.72 23.18
CA TYR A 1560 -24.52 -39.56 23.96
C TYR A 1560 -23.21 -38.98 23.47
N SER A 1561 -22.37 -39.79 22.85
CA SER A 1561 -21.19 -39.28 22.19
C SER A 1561 -21.56 -38.32 21.07
N LEU A 1562 -22.48 -38.73 20.20
CA LEU A 1562 -22.82 -37.90 19.05
C LEU A 1562 -23.75 -36.76 19.39
N PHE A 1563 -24.31 -36.71 20.59
CA PHE A 1563 -25.22 -35.63 20.98
C PHE A 1563 -24.94 -35.31 22.44
N SER A 1564 -24.38 -34.14 22.68
CA SER A 1564 -23.94 -33.78 24.01
C SER A 1564 -24.40 -32.41 24.49
N GLU A 1565 -24.74 -31.49 23.59
CA GLU A 1565 -25.21 -30.18 24.02
C GLU A 1565 -26.71 -30.13 24.19
N THR A 1566 -27.44 -31.06 23.58
CA THR A 1566 -28.90 -31.03 23.61
C THR A 1566 -29.47 -31.84 24.77
N ILE A 1567 -28.92 -33.03 25.02
CA ILE A 1567 -29.46 -33.91 26.05
C ILE A 1567 -29.19 -33.35 27.42
N ASN A 1568 -28.07 -32.65 27.59
CA ASN A 1568 -27.74 -32.07 28.89
C ASN A 1568 -28.63 -30.87 29.22
N THR A 1569 -28.88 -29.99 28.25
CA THR A 1569 -29.79 -28.89 28.52
C THR A 1569 -31.24 -29.31 28.56
N GLU A 1570 -31.57 -30.49 28.01
CA GLU A 1570 -32.89 -31.04 28.25
C GLU A 1570 -33.01 -31.60 29.66
N LEU A 1571 -32.00 -32.36 30.09
CA LEU A 1571 -32.00 -32.97 31.42
C LEU A 1571 -31.88 -31.94 32.53
N LEU A 1572 -31.34 -30.76 32.23
CA LEU A 1572 -31.32 -29.68 33.20
C LEU A 1572 -32.72 -29.16 33.49
N LYS A 1573 -33.62 -29.24 32.50
CA LYS A 1573 -34.93 -28.61 32.61
C LYS A 1573 -35.80 -29.30 33.65
N ASN A 1574 -35.89 -30.62 33.60
CA ASN A 1574 -36.70 -31.35 34.57
C ASN A 1574 -35.84 -31.85 35.73
N LEU A 1575 -35.30 -30.90 36.48
CA LEU A 1575 -34.53 -31.22 37.67
C LEU A 1575 -35.47 -31.65 38.79
N ASP A 1576 -34.88 -32.19 39.87
CA ASP A 1576 -35.47 -32.69 41.11
C ASP A 1576 -36.30 -33.96 40.90
N LEU A 1577 -36.39 -34.48 39.68
CA LEU A 1577 -36.91 -35.82 39.45
C LEU A 1577 -36.07 -36.64 38.49
N ALA A 1578 -35.27 -36.01 37.62
CA ALA A 1578 -34.41 -36.78 36.74
C ALA A 1578 -33.23 -37.37 37.49
N VAL A 1579 -32.78 -36.71 38.56
CA VAL A 1579 -31.62 -37.19 39.30
C VAL A 1579 -31.97 -38.46 40.07
N LEU A 1580 -33.24 -38.67 40.44
CA LEU A 1580 -33.61 -39.90 41.11
C LEU A 1580 -33.67 -41.07 40.14
N GLU A 1581 -34.26 -40.85 38.96
CA GLU A 1581 -34.29 -41.88 37.92
C GLU A 1581 -32.89 -42.21 37.44
N LEU A 1582 -31.98 -41.25 37.48
CA LEU A 1582 -30.58 -41.51 37.17
C LEU A 1582 -29.92 -42.31 38.29
N MET A 1583 -29.97 -41.79 39.53
CA MET A 1583 -29.26 -42.36 40.66
C MET A 1583 -29.78 -43.71 41.09
N GLN A 1584 -30.99 -44.09 40.66
CA GLN A 1584 -31.41 -45.47 40.83
C GLN A 1584 -30.54 -46.40 40.00
N SER A 1585 -30.31 -46.06 38.74
CA SER A 1585 -29.38 -46.81 37.92
C SER A 1585 -27.94 -46.39 38.23
N SER A 1586 -27.41 -46.84 39.36
CA SER A 1586 -26.08 -46.41 39.78
C SER A 1586 -25.05 -47.54 39.78
N VAL A 1587 -25.30 -48.62 40.51
CA VAL A 1587 -24.26 -49.61 40.73
C VAL A 1587 -24.23 -50.68 39.65
N ASP A 1588 -24.98 -50.51 38.57
CA ASP A 1588 -24.99 -51.47 37.48
C ASP A 1588 -24.23 -50.95 36.25
N ASN A 1589 -24.38 -49.68 35.94
CA ASN A 1589 -23.73 -49.04 34.80
C ASN A 1589 -22.99 -47.80 35.26
N THR A 1590 -22.12 -48.00 36.26
CA THR A 1590 -21.44 -46.91 36.95
C THR A 1590 -20.60 -46.03 36.01
N LYS A 1591 -20.06 -46.61 34.94
CA LYS A 1591 -19.23 -45.84 34.02
C LYS A 1591 -20.07 -44.82 33.25
N MET A 1592 -21.20 -45.26 32.69
CA MET A 1592 -22.01 -44.35 31.89
C MET A 1592 -22.73 -43.33 32.75
N VAL A 1593 -23.15 -43.71 33.96
CA VAL A 1593 -23.82 -42.73 34.81
C VAL A 1593 -22.82 -41.72 35.36
N SER A 1594 -21.59 -42.15 35.67
CA SER A 1594 -20.57 -41.20 36.07
C SER A 1594 -20.19 -40.27 34.93
N ALA A 1595 -20.17 -40.81 33.71
CA ALA A 1595 -19.87 -40.01 32.53
C ALA A 1595 -20.93 -38.95 32.27
N VAL A 1596 -22.20 -39.33 32.36
CA VAL A 1596 -23.24 -38.35 32.07
C VAL A 1596 -23.37 -37.36 33.23
N LEU A 1597 -23.01 -37.76 34.45
CA LEU A 1597 -22.95 -36.79 35.54
C LEU A 1597 -21.83 -35.77 35.32
N ASN A 1598 -20.66 -36.23 34.88
CA ASN A 1598 -19.57 -35.31 34.57
C ASN A 1598 -19.93 -34.39 33.42
N GLY A 1599 -20.64 -34.93 32.42
CA GLY A 1599 -21.08 -34.13 31.30
C GLY A 1599 -22.04 -33.03 31.69
N MET A 1600 -23.08 -33.37 32.47
CA MET A 1600 -24.04 -32.35 32.86
C MET A 1600 -23.43 -31.38 33.87
N LEU A 1601 -22.46 -31.85 34.65
CA LEU A 1601 -21.78 -30.97 35.59
C LEU A 1601 -20.95 -29.92 34.87
N ASP A 1602 -20.16 -30.35 33.90
CA ASP A 1602 -19.31 -29.42 33.17
C ASP A 1602 -20.12 -28.53 32.25
N GLN A 1603 -21.24 -29.03 31.72
CA GLN A 1603 -22.09 -28.17 30.90
C GLN A 1603 -22.86 -27.18 31.74
N SER A 1604 -23.10 -27.50 33.01
CA SER A 1604 -23.64 -26.50 33.92
C SER A 1604 -22.57 -25.48 34.31
N PHE A 1605 -21.31 -25.90 34.38
CA PHE A 1605 -20.24 -24.95 34.70
C PHE A 1605 -20.00 -23.97 33.57
N ARG A 1606 -20.25 -24.40 32.33
CA ARG A 1606 -20.06 -23.52 31.16
C ARG A 1606 -20.94 -22.29 31.27
N GLU A 1607 -22.25 -22.50 31.38
CA GLU A 1607 -23.15 -21.39 31.69
C GLU A 1607 -23.40 -21.28 33.18
N ARG A 1608 -22.33 -21.29 33.97
CA ARG A 1608 -22.46 -20.87 35.36
C ARG A 1608 -22.63 -19.37 35.45
N ALA A 1609 -22.20 -18.63 34.42
CA ALA A 1609 -22.38 -17.19 34.35
C ALA A 1609 -23.76 -16.80 33.86
N ASN A 1610 -24.62 -17.76 33.55
CA ASN A 1610 -25.97 -17.50 33.10
C ASN A 1610 -27.02 -18.10 33.99
N GLN A 1611 -26.80 -19.33 34.47
CA GLN A 1611 -27.80 -19.97 35.33
C GLN A 1611 -27.65 -19.54 36.77
N LYS A 1612 -26.53 -19.91 37.41
CA LYS A 1612 -26.07 -19.53 38.75
C LYS A 1612 -27.05 -19.88 39.88
N HIS A 1613 -28.15 -20.58 39.58
CA HIS A 1613 -29.05 -21.11 40.60
C HIS A 1613 -29.32 -22.58 40.33
N GLN A 1614 -29.33 -22.94 39.04
CA GLN A 1614 -29.44 -24.35 38.67
C GLN A 1614 -28.24 -25.16 39.14
N GLY A 1615 -27.06 -24.53 39.18
CA GLY A 1615 -25.88 -25.24 39.64
C GLY A 1615 -25.94 -25.60 41.11
N LEU A 1616 -26.29 -24.62 41.96
CA LEU A 1616 -26.37 -24.88 43.39
C LEU A 1616 -27.53 -25.79 43.73
N LYS A 1617 -28.64 -25.70 42.99
CA LYS A 1617 -29.77 -26.61 43.23
C LYS A 1617 -29.43 -28.03 42.80
N LEU A 1618 -28.72 -28.17 41.67
CA LEU A 1618 -28.28 -29.49 41.24
C LEU A 1618 -27.30 -30.09 42.23
N ALA A 1619 -26.40 -29.27 42.76
CA ALA A 1619 -25.44 -29.73 43.75
C ALA A 1619 -26.14 -30.14 45.04
N THR A 1620 -27.10 -29.34 45.51
CA THR A 1620 -27.76 -29.70 46.76
C THR A 1620 -28.75 -30.84 46.58
N THR A 1621 -29.17 -31.15 45.35
CA THR A 1621 -30.01 -32.32 45.16
C THR A 1621 -29.17 -33.59 45.09
N ILE A 1622 -28.02 -33.54 44.42
CA ILE A 1622 -27.15 -34.72 44.41
C ILE A 1622 -26.49 -34.92 45.78
N LEU A 1623 -26.39 -33.85 46.58
CA LEU A 1623 -26.00 -33.99 47.98
C LEU A 1623 -27.02 -34.81 48.76
N GLN A 1624 -28.29 -34.73 48.40
CA GLN A 1624 -29.36 -35.43 49.09
C GLN A 1624 -29.60 -36.82 48.53
N HIS A 1625 -28.63 -37.41 47.83
CA HIS A 1625 -28.81 -38.76 47.32
C HIS A 1625 -27.53 -39.58 47.45
N TRP A 1626 -26.72 -39.29 48.47
CA TRP A 1626 -25.46 -39.99 48.63
C TRP A 1626 -25.61 -41.40 49.15
N LYS A 1627 -26.78 -41.78 49.64
CA LYS A 1627 -26.98 -43.13 50.16
C LYS A 1627 -27.10 -44.19 49.08
N LYS A 1628 -27.06 -43.82 47.81
CA LYS A 1628 -27.20 -44.75 46.71
C LYS A 1628 -25.88 -45.15 46.09
N CYS A 1629 -24.80 -44.47 46.44
CA CYS A 1629 -23.48 -44.68 45.86
C CYS A 1629 -22.48 -45.11 46.91
N ASP A 1630 -22.91 -46.02 47.79
CA ASP A 1630 -22.10 -46.39 48.94
C ASP A 1630 -20.94 -47.31 48.59
N SER A 1631 -21.04 -48.10 47.53
CA SER A 1631 -19.88 -48.87 47.08
C SER A 1631 -19.08 -48.12 46.03
N TRP A 1632 -18.84 -46.84 46.29
CA TRP A 1632 -17.94 -46.01 45.51
C TRP A 1632 -16.81 -45.47 46.36
N TRP A 1633 -17.13 -44.84 47.48
CA TRP A 1633 -16.13 -44.35 48.42
C TRP A 1633 -15.92 -45.37 49.53
N ALA A 1634 -15.55 -46.57 49.14
CA ALA A 1634 -15.50 -47.68 50.08
C ALA A 1634 -14.23 -48.49 49.90
N LYS A 1635 -14.17 -49.66 50.53
CA LYS A 1635 -12.99 -50.51 50.52
C LYS A 1635 -13.15 -51.65 49.52
N ASP A 1636 -12.00 -52.15 49.06
CA ASP A 1636 -11.89 -53.29 48.15
C ASP A 1636 -12.60 -53.03 46.82
N SER A 1637 -12.57 -51.82 46.39
CA SER A 1637 -12.89 -51.41 45.04
C SER A 1637 -11.60 -51.24 44.25
N PRO A 1638 -11.61 -51.51 42.94
CA PRO A 1638 -10.41 -51.28 42.14
C PRO A 1638 -10.05 -49.80 42.07
N LEU A 1639 -8.75 -49.54 41.93
CA LEU A 1639 -8.19 -48.20 42.12
C LEU A 1639 -8.36 -47.33 40.86
N GLU A 1640 -9.59 -47.20 40.44
CA GLU A 1640 -10.00 -46.17 39.48
C GLU A 1640 -11.21 -45.41 39.97
N THR A 1641 -12.14 -46.11 40.62
CA THR A 1641 -13.38 -45.49 41.05
C THR A 1641 -13.14 -44.51 42.19
N LYS A 1642 -12.10 -44.74 42.99
CA LYS A 1642 -11.77 -43.84 44.08
C LYS A 1642 -11.38 -42.46 43.57
N MET A 1643 -10.45 -42.41 42.62
CA MET A 1643 -10.10 -41.12 42.05
C MET A 1643 -11.19 -40.58 41.15
N ALA A 1644 -12.04 -41.45 40.59
CA ALA A 1644 -13.19 -41.00 39.83
C ALA A 1644 -14.15 -40.20 40.71
N VAL A 1645 -14.54 -40.77 41.85
CA VAL A 1645 -15.43 -40.04 42.74
C VAL A 1645 -14.69 -38.90 43.44
N LEU A 1646 -13.35 -38.95 43.53
CA LEU A 1646 -12.61 -37.80 44.05
C LEU A 1646 -12.72 -36.60 43.12
N ALA A 1647 -12.50 -36.83 41.82
CA ALA A 1647 -12.68 -35.77 40.84
C ALA A 1647 -14.12 -35.31 40.76
N LEU A 1648 -15.06 -36.23 41.01
CA LEU A 1648 -16.46 -35.84 41.06
C LEU A 1648 -16.73 -34.92 42.25
N LEU A 1649 -16.08 -35.20 43.38
CA LEU A 1649 -16.18 -34.31 44.54
C LEU A 1649 -15.62 -32.93 44.23
N ALA A 1650 -14.47 -32.89 43.55
CA ALA A 1650 -13.86 -31.62 43.17
C ALA A 1650 -14.78 -30.84 42.24
N LYS A 1651 -15.44 -31.53 41.31
CA LYS A 1651 -16.43 -30.92 40.44
C LYS A 1651 -17.60 -30.34 41.22
N ILE A 1652 -18.26 -31.18 42.03
CA ILE A 1652 -19.48 -30.75 42.70
C ILE A 1652 -19.20 -29.76 43.83
N LEU A 1653 -17.95 -29.60 44.23
CA LEU A 1653 -17.70 -28.64 45.30
C LEU A 1653 -17.10 -27.35 44.76
N GLN A 1654 -16.34 -27.39 43.67
CA GLN A 1654 -15.93 -26.15 43.03
C GLN A 1654 -17.03 -25.57 42.14
N ILE A 1655 -18.11 -26.33 41.90
CA ILE A 1655 -19.15 -25.86 41.00
C ILE A 1655 -19.96 -24.73 41.62
N ASP A 1656 -19.90 -24.60 42.94
CA ASP A 1656 -20.58 -23.53 43.65
C ASP A 1656 -19.58 -22.74 44.50
N SER A 1657 -20.09 -21.74 45.20
CA SER A 1657 -19.32 -21.02 46.18
C SER A 1657 -19.48 -21.69 47.54
N SER A 1658 -19.03 -21.03 48.60
CA SER A 1658 -19.01 -21.63 49.94
C SER A 1658 -20.32 -21.35 50.67
N VAL A 1659 -21.38 -21.98 50.17
CA VAL A 1659 -22.67 -21.90 50.84
C VAL A 1659 -23.15 -23.29 51.19
N SER A 1660 -22.76 -24.29 50.39
CA SER A 1660 -23.19 -25.67 50.61
C SER A 1660 -22.11 -26.48 51.32
N PHE A 1661 -21.65 -25.95 52.45
CA PHE A 1661 -20.70 -26.70 53.27
C PHE A 1661 -20.94 -26.60 54.76
N ASN A 1662 -21.73 -25.66 55.25
CA ASN A 1662 -21.58 -25.15 56.61
C ASN A 1662 -22.89 -25.23 57.37
N THR A 1663 -22.74 -25.35 58.69
CA THR A 1663 -23.80 -25.17 59.70
C THR A 1663 -25.04 -26.03 59.41
N SER A 1664 -24.78 -27.33 59.22
CA SER A 1664 -25.78 -28.36 58.89
C SER A 1664 -26.53 -27.99 57.61
N HIS A 1665 -25.76 -27.87 56.52
CA HIS A 1665 -26.36 -27.54 55.22
C HIS A 1665 -27.04 -28.76 54.62
N GLY A 1666 -26.28 -29.81 54.35
CA GLY A 1666 -26.85 -31.01 53.77
C GLY A 1666 -26.29 -32.26 54.41
N SER A 1667 -25.83 -33.20 53.59
CA SER A 1667 -25.23 -34.44 54.07
C SER A 1667 -23.73 -34.27 54.37
N PHE A 1668 -23.44 -33.26 55.19
CA PHE A 1668 -22.07 -32.94 55.61
C PHE A 1668 -21.29 -34.08 56.28
N PRO A 1669 -21.84 -34.85 57.25
CA PRO A 1669 -20.98 -35.88 57.87
C PRO A 1669 -20.68 -37.05 56.96
N GLU A 1670 -21.62 -37.44 56.09
CA GLU A 1670 -21.37 -38.56 55.19
C GLU A 1670 -20.31 -38.21 54.15
N VAL A 1671 -20.38 -37.00 53.58
CA VAL A 1671 -19.36 -36.59 52.62
C VAL A 1671 -18.02 -36.37 53.31
N PHE A 1672 -18.04 -35.93 54.58
CA PHE A 1672 -16.80 -35.75 55.33
C PHE A 1672 -16.13 -37.09 55.59
N THR A 1673 -16.90 -38.09 56.04
CA THR A 1673 -16.29 -39.38 56.36
C THR A 1673 -15.92 -40.17 55.10
N THR A 1674 -16.58 -39.91 53.95
CA THR A 1674 -16.09 -40.53 52.73
C THR A 1674 -14.78 -39.88 52.30
N TYR A 1675 -14.65 -38.56 52.48
CA TYR A 1675 -13.37 -37.89 52.23
C TYR A 1675 -12.27 -38.43 53.14
N ILE A 1676 -12.60 -38.69 54.41
CA ILE A 1676 -11.61 -39.21 55.35
C ILE A 1676 -11.19 -40.62 54.98
N SER A 1677 -12.16 -41.48 54.62
CA SER A 1677 -11.82 -42.83 54.20
C SER A 1677 -11.10 -42.87 52.87
N LEU A 1678 -11.22 -41.83 52.05
CA LEU A 1678 -10.44 -41.77 50.82
C LEU A 1678 -8.97 -41.45 51.06
N LEU A 1679 -8.60 -41.01 52.26
CA LEU A 1679 -7.18 -40.79 52.56
C LEU A 1679 -6.56 -42.08 53.12
N ALA A 1680 -6.64 -43.12 52.32
CA ALA A 1680 -6.30 -44.48 52.73
C ALA A 1680 -4.83 -44.77 52.42
N ASP A 1681 -4.44 -46.04 52.51
CA ASP A 1681 -3.08 -46.46 52.29
C ASP A 1681 -2.92 -47.47 51.16
N THR A 1682 -3.99 -48.18 50.78
CA THR A 1682 -3.97 -48.99 49.57
C THR A 1682 -4.08 -48.15 48.31
N LYS A 1683 -4.39 -46.86 48.45
CA LYS A 1683 -4.69 -45.98 47.33
C LYS A 1683 -3.41 -45.55 46.63
N LEU A 1684 -3.55 -44.64 45.67
CA LEU A 1684 -2.42 -43.94 45.12
C LEU A 1684 -1.76 -43.07 46.19
N ASP A 1685 -0.44 -43.01 46.16
CA ASP A 1685 0.30 -42.39 47.24
C ASP A 1685 0.13 -40.87 47.33
N LEU A 1686 0.57 -40.12 46.32
CA LEU A 1686 0.64 -38.69 46.59
C LEU A 1686 0.03 -37.79 45.53
N HIS A 1687 0.21 -38.11 44.26
CA HIS A 1687 0.09 -37.09 43.22
C HIS A 1687 -1.35 -36.77 42.82
N LEU A 1688 -2.33 -37.52 43.31
CA LEU A 1688 -3.72 -37.12 43.22
C LEU A 1688 -4.33 -36.83 44.57
N LYS A 1689 -3.55 -36.94 45.65
CA LYS A 1689 -3.94 -36.34 46.91
C LYS A 1689 -3.81 -34.82 46.87
N GLY A 1690 -3.15 -34.29 45.85
CA GLY A 1690 -3.14 -32.84 45.65
C GLY A 1690 -4.51 -32.27 45.39
N GLN A 1691 -5.36 -33.03 44.69
CA GLN A 1691 -6.76 -32.66 44.58
C GLN A 1691 -7.43 -32.62 45.95
N ALA A 1692 -7.11 -33.60 46.80
CA ALA A 1692 -7.71 -33.67 48.12
C ALA A 1692 -7.26 -32.51 49.01
N VAL A 1693 -5.99 -32.11 48.91
CA VAL A 1693 -5.51 -31.01 49.74
C VAL A 1693 -5.95 -29.67 49.17
N THR A 1694 -6.25 -29.60 47.86
CA THR A 1694 -6.88 -28.38 47.38
C THR A 1694 -8.37 -28.34 47.72
N LEU A 1695 -8.98 -29.47 48.04
CA LEU A 1695 -10.32 -29.45 48.61
C LEU A 1695 -10.34 -28.96 50.05
N LEU A 1696 -9.25 -29.10 50.78
CA LEU A 1696 -9.15 -28.74 52.19
C LEU A 1696 -9.47 -27.30 52.57
N PRO A 1697 -9.39 -26.30 51.67
CA PRO A 1697 -10.06 -25.03 51.96
C PRO A 1697 -11.54 -25.13 52.27
N PHE A 1698 -12.26 -26.08 51.70
CA PHE A 1698 -13.67 -26.22 51.99
C PHE A 1698 -13.89 -26.91 53.34
N PHE A 1699 -13.08 -27.92 53.64
CA PHE A 1699 -13.27 -28.72 54.83
C PHE A 1699 -12.92 -28.00 56.12
N THR A 1700 -12.15 -26.91 56.07
CA THR A 1700 -11.54 -26.37 57.27
C THR A 1700 -12.27 -25.10 57.69
N SER A 1701 -13.36 -25.31 58.43
CA SER A 1701 -13.88 -24.31 59.35
C SER A 1701 -14.47 -24.96 60.60
N LEU A 1702 -14.40 -26.28 60.73
CA LEU A 1702 -14.97 -27.04 61.83
C LEU A 1702 -14.06 -27.00 63.06
N THR A 1703 -14.52 -27.67 64.11
CA THR A 1703 -13.91 -27.67 65.43
C THR A 1703 -13.31 -29.05 65.74
N GLY A 1704 -12.84 -29.20 66.98
CA GLY A 1704 -12.13 -30.40 67.41
C GLY A 1704 -12.96 -31.66 67.35
N GLY A 1705 -12.27 -32.79 67.53
CA GLY A 1705 -12.89 -34.03 67.13
C GLY A 1705 -12.52 -34.25 65.68
N SER A 1706 -13.40 -33.75 64.80
CA SER A 1706 -13.11 -33.67 63.38
C SER A 1706 -11.78 -32.98 63.09
N LEU A 1707 -11.48 -31.88 63.79
CA LEU A 1707 -10.15 -31.29 63.69
C LEU A 1707 -9.08 -32.20 64.27
N GLU A 1708 -9.40 -32.95 65.32
CA GLU A 1708 -8.42 -33.87 65.89
C GLU A 1708 -8.18 -35.05 64.97
N GLU A 1709 -9.25 -35.56 64.35
CA GLU A 1709 -9.13 -36.57 63.31
C GLU A 1709 -8.30 -36.05 62.14
N LEU A 1710 -8.49 -34.78 61.79
CA LEU A 1710 -7.73 -34.16 60.71
C LEU A 1710 -6.26 -34.06 61.05
N ARG A 1711 -5.94 -33.65 62.28
CA ARG A 1711 -4.54 -33.55 62.69
C ARG A 1711 -3.90 -34.92 62.76
N ARG A 1712 -4.65 -35.93 63.17
CA ARG A 1712 -4.10 -37.29 63.23
C ARG A 1712 -3.80 -37.82 61.84
N VAL A 1713 -4.71 -37.63 60.88
CA VAL A 1713 -4.44 -38.16 59.55
C VAL A 1713 -3.39 -37.32 58.81
N LEU A 1714 -3.27 -36.02 59.14
CA LEU A 1714 -2.23 -35.21 58.51
C LEU A 1714 -0.85 -35.55 59.05
N GLU A 1715 -0.75 -35.83 60.36
CA GLU A 1715 0.50 -36.37 60.89
C GLU A 1715 0.79 -37.74 60.30
N GLN A 1716 -0.26 -38.54 60.09
CA GLN A 1716 -0.11 -39.88 59.52
C GLN A 1716 0.41 -39.84 58.09
N LEU A 1717 0.13 -38.76 57.36
CA LEU A 1717 0.71 -38.62 56.04
C LEU A 1717 2.09 -37.97 56.06
N ILE A 1718 2.28 -36.96 56.93
CA ILE A 1718 3.54 -36.21 56.95
C ILE A 1718 4.69 -37.07 57.43
N VAL A 1719 4.50 -37.79 58.55
CA VAL A 1719 5.60 -38.60 59.08
C VAL A 1719 5.81 -39.88 58.30
N ALA A 1720 4.91 -40.23 57.37
CA ALA A 1720 5.09 -41.38 56.51
C ALA A 1720 5.52 -41.01 55.10
N HIS A 1721 5.56 -39.72 54.75
CA HIS A 1721 5.98 -39.36 53.40
C HIS A 1721 6.89 -38.13 53.31
N PHE A 1722 7.68 -37.81 54.33
CA PHE A 1722 8.55 -36.64 54.29
C PHE A 1722 9.81 -36.84 55.13
N PRO A 1723 10.99 -36.69 54.54
CA PRO A 1723 12.22 -37.07 55.24
C PRO A 1723 12.69 -35.99 56.21
N MET A 1724 13.36 -36.46 57.27
CA MET A 1724 13.83 -35.61 58.35
C MET A 1724 14.98 -34.71 57.95
N GLN A 1725 15.82 -35.14 57.01
CA GLN A 1725 17.03 -34.40 56.65
C GLN A 1725 16.69 -33.16 55.82
N SER A 1726 17.74 -32.42 55.42
CA SER A 1726 17.56 -31.23 54.63
C SER A 1726 17.06 -31.56 53.22
N ARG A 1727 17.81 -32.38 52.50
CA ARG A 1727 17.47 -32.73 51.13
C ARG A 1727 17.09 -34.21 51.02
N GLU A 1728 17.98 -35.11 51.44
CA GLU A 1728 17.74 -36.55 51.57
C GLU A 1728 17.36 -37.23 50.26
N PHE A 1729 17.67 -36.62 49.13
CA PHE A 1729 17.35 -37.16 47.81
C PHE A 1729 18.37 -36.65 46.82
N PRO A 1730 18.58 -37.35 45.71
CA PRO A 1730 19.26 -36.74 44.58
C PRO A 1730 18.40 -35.62 44.01
N PRO A 1731 19.03 -34.56 43.51
CA PRO A 1731 18.23 -33.45 42.97
C PRO A 1731 17.83 -33.65 41.50
N GLY A 1732 17.98 -34.87 40.99
CA GLY A 1732 17.61 -35.17 39.62
C GLY A 1732 16.54 -36.22 39.51
N THR A 1733 16.29 -36.92 40.60
CA THR A 1733 15.25 -37.94 40.60
C THR A 1733 13.87 -37.26 40.66
N PRO A 1734 12.82 -37.96 40.22
CA PRO A 1734 11.47 -37.45 40.43
C PRO A 1734 11.03 -37.37 41.89
N ARG A 1735 11.77 -37.96 42.83
CA ARG A 1735 11.35 -37.93 44.23
C ARG A 1735 11.49 -36.54 44.82
N PHE A 1736 12.54 -35.82 44.42
CA PHE A 1736 12.69 -34.43 44.86
C PHE A 1736 11.63 -33.54 44.23
N ASN A 1737 11.31 -33.78 42.96
CA ASN A 1737 10.19 -33.08 42.36
C ASN A 1737 8.86 -33.49 42.99
N ASN A 1738 8.78 -34.71 43.53
CA ASN A 1738 7.58 -35.10 44.27
C ASN A 1738 7.47 -34.36 45.60
N TYR A 1739 8.62 -34.14 46.26
CA TYR A 1739 8.66 -33.31 47.47
C TYR A 1739 8.20 -31.90 47.17
N VAL A 1740 8.73 -31.32 46.09
CA VAL A 1740 8.33 -29.97 45.68
C VAL A 1740 6.86 -29.95 45.30
N ASP A 1741 6.37 -31.04 44.69
CA ASP A 1741 4.98 -31.19 44.31
C ASP A 1741 4.07 -31.15 45.53
N CYS A 1742 4.36 -31.99 46.53
CA CYS A 1742 3.49 -32.09 47.69
C CYS A 1742 3.53 -30.85 48.56
N MET A 1743 4.73 -30.28 48.76
CA MET A 1743 4.78 -29.06 49.56
C MET A 1743 4.24 -27.86 48.81
N LYS A 1744 4.29 -27.88 47.47
CA LYS A 1744 3.62 -26.85 46.68
C LYS A 1744 2.12 -26.95 46.83
N LYS A 1745 1.58 -28.17 46.84
CA LYS A 1745 0.14 -28.35 47.05
C LYS A 1745 -0.28 -27.94 48.45
N PHE A 1746 0.57 -28.22 49.44
CA PHE A 1746 0.27 -27.82 50.82
C PHE A 1746 0.31 -26.30 50.97
N LEU A 1747 1.27 -25.66 50.30
CA LEU A 1747 1.29 -24.20 50.26
C LEU A 1747 0.09 -23.65 49.50
N ASP A 1748 -0.38 -24.37 48.47
CA ASP A 1748 -1.58 -23.95 47.75
C ASP A 1748 -2.80 -24.02 48.65
N ALA A 1749 -2.85 -25.03 49.52
CA ALA A 1749 -3.94 -25.15 50.46
C ALA A 1749 -3.93 -24.01 51.47
N LEU A 1750 -2.75 -23.73 52.05
CA LEU A 1750 -2.67 -22.67 53.04
C LEU A 1750 -2.73 -21.28 52.42
N GLU A 1751 -2.48 -21.16 51.13
CA GLU A 1751 -2.38 -19.86 50.49
C GLU A 1751 -3.71 -19.14 50.34
N LEU A 1752 -4.83 -19.78 50.61
CA LEU A 1752 -6.10 -19.07 50.52
C LEU A 1752 -7.04 -19.35 51.69
N SER A 1753 -6.59 -20.07 52.72
CA SER A 1753 -7.40 -20.33 53.91
C SER A 1753 -6.49 -20.10 55.12
N GLN A 1754 -6.48 -18.88 55.63
CA GLN A 1754 -5.55 -18.49 56.69
C GLN A 1754 -6.00 -19.11 58.01
N SER A 1755 -5.68 -20.39 58.15
CA SER A 1755 -6.06 -21.25 59.25
C SER A 1755 -4.87 -21.55 60.14
N PRO A 1756 -5.04 -21.48 61.47
CA PRO A 1756 -3.94 -21.74 62.38
C PRO A 1756 -3.61 -23.22 62.57
N MET A 1757 -4.22 -24.11 61.80
CA MET A 1757 -3.85 -25.52 61.80
C MET A 1757 -2.82 -25.83 60.72
N LEU A 1758 -3.08 -25.36 59.50
CA LEU A 1758 -2.14 -25.57 58.41
C LEU A 1758 -0.83 -24.82 58.64
N LEU A 1759 -0.90 -23.66 59.31
CA LEU A 1759 0.30 -22.87 59.60
C LEU A 1759 1.29 -23.65 60.46
N GLU A 1760 0.79 -24.24 61.55
CA GLU A 1760 1.64 -25.09 62.37
C GLU A 1760 1.95 -26.41 61.67
N LEU A 1761 1.06 -26.87 60.78
CA LEU A 1761 1.30 -28.11 60.06
C LEU A 1761 2.49 -27.99 59.12
N MET A 1762 2.69 -26.83 58.49
CA MET A 1762 3.92 -26.63 57.73
C MET A 1762 5.08 -26.19 58.60
N THR A 1763 4.81 -25.50 59.71
CA THR A 1763 5.92 -24.99 60.51
C THR A 1763 6.61 -26.10 61.28
N GLU A 1764 5.88 -27.15 61.63
CA GLU A 1764 6.51 -28.29 62.30
C GLU A 1764 7.31 -29.18 61.36
N VAL A 1765 6.97 -29.21 60.07
CA VAL A 1765 7.75 -29.96 59.10
C VAL A 1765 8.85 -29.09 58.49
N LEU A 1766 8.76 -27.77 58.65
CA LEU A 1766 9.77 -26.86 58.10
C LEU A 1766 11.04 -26.89 58.93
N CYS A 1767 10.96 -26.54 60.21
CA CYS A 1767 12.16 -26.42 61.03
C CYS A 1767 12.58 -27.77 61.61
N ARG A 1768 12.67 -28.79 60.77
CA ARG A 1768 13.20 -30.08 61.19
C ARG A 1768 14.70 -30.12 60.96
N GLU A 1769 15.11 -29.95 59.71
CA GLU A 1769 16.50 -29.63 59.46
C GLU A 1769 16.71 -28.12 59.54
N GLN A 1770 17.96 -27.69 59.39
CA GLN A 1770 18.25 -26.27 59.53
C GLN A 1770 17.92 -25.49 58.26
N GLN A 1771 17.99 -26.11 57.09
CA GLN A 1771 17.67 -25.42 55.84
C GLN A 1771 17.27 -26.45 54.79
N HIS A 1772 16.01 -26.40 54.38
CA HIS A 1772 15.51 -27.22 53.29
C HIS A 1772 15.64 -26.45 51.98
N VAL A 1773 14.98 -26.92 50.93
CA VAL A 1773 15.21 -26.39 49.59
C VAL A 1773 14.43 -25.11 49.35
N MET A 1774 13.15 -25.09 49.71
CA MET A 1774 12.20 -24.11 49.20
C MET A 1774 12.00 -22.94 50.14
N GLU A 1775 13.08 -22.48 50.78
CA GLU A 1775 13.00 -21.46 51.82
C GLU A 1775 12.42 -20.14 51.32
N GLU A 1776 12.66 -19.78 50.07
CA GLU A 1776 12.09 -18.52 49.57
C GLU A 1776 10.60 -18.66 49.30
N LEU A 1777 10.13 -19.87 48.99
CA LEU A 1777 8.70 -20.08 48.81
C LEU A 1777 7.93 -19.85 50.09
N PHE A 1778 8.49 -20.32 51.21
CA PHE A 1778 7.81 -20.17 52.50
C PHE A 1778 7.74 -18.71 52.91
N GLN A 1779 8.79 -17.94 52.64
CA GLN A 1779 8.79 -16.52 53.01
C GLN A 1779 7.85 -15.71 52.13
N SER A 1780 7.84 -16.01 50.82
CA SER A 1780 6.91 -15.34 49.92
C SER A 1780 5.47 -15.65 50.27
N SER A 1781 5.19 -16.90 50.65
CA SER A 1781 3.82 -17.24 51.03
C SER A 1781 3.44 -16.66 52.38
N PHE A 1782 4.42 -16.48 53.28
CA PHE A 1782 4.11 -15.85 54.56
C PHE A 1782 3.76 -14.39 54.37
N ARG A 1783 4.52 -13.69 53.53
CA ARG A 1783 4.14 -12.32 53.21
C ARG A 1783 2.90 -12.25 52.32
N ARG A 1784 2.53 -13.35 51.65
CA ARG A 1784 1.27 -13.38 50.93
C ARG A 1784 0.09 -13.51 51.90
N ILE A 1785 0.26 -14.32 52.95
CA ILE A 1785 -0.75 -14.46 53.98
C ILE A 1785 -0.88 -13.18 54.79
N ALA A 1786 0.23 -12.45 54.95
CA ALA A 1786 0.30 -11.28 55.84
C ALA A 1786 -0.67 -10.17 55.45
N ARG A 1787 -1.03 -10.07 54.17
CA ARG A 1787 -2.17 -9.25 53.77
C ARG A 1787 -3.15 -10.17 53.03
N ARG A 1788 -4.19 -10.58 53.75
CA ARG A 1788 -5.29 -11.29 53.12
C ARG A 1788 -6.65 -10.92 53.69
N GLY A 1789 -6.73 -9.98 54.62
CA GLY A 1789 -7.98 -9.58 55.23
C GLY A 1789 -8.19 -10.24 56.58
N SER A 1790 -9.33 -9.87 57.19
CA SER A 1790 -9.81 -10.39 58.47
C SER A 1790 -8.78 -10.18 59.59
N CYS A 1791 -8.64 -8.90 59.96
CA CYS A 1791 -7.70 -8.46 60.99
C CYS A 1791 -7.91 -9.15 62.34
N VAL A 1792 -9.08 -9.73 62.59
CA VAL A 1792 -9.30 -10.55 63.78
C VAL A 1792 -8.41 -11.79 63.76
N THR A 1793 -8.38 -12.50 62.63
CA THR A 1793 -7.71 -13.80 62.65
C THR A 1793 -6.19 -13.70 62.53
N GLN A 1794 -5.65 -12.53 62.16
CA GLN A 1794 -4.22 -12.38 62.01
C GLN A 1794 -3.51 -12.53 63.34
N VAL A 1795 -4.00 -11.81 64.36
CA VAL A 1795 -3.49 -11.97 65.71
C VAL A 1795 -3.81 -13.36 66.26
N GLY A 1796 -4.84 -14.02 65.71
CA GLY A 1796 -5.06 -15.42 66.05
C GLY A 1796 -3.96 -16.34 65.57
N LEU A 1797 -3.51 -16.14 64.32
CA LEU A 1797 -2.39 -16.93 63.81
C LEU A 1797 -1.10 -16.61 64.55
N LEU A 1798 -0.91 -15.32 64.88
CA LEU A 1798 0.22 -14.89 65.70
C LEU A 1798 0.21 -15.60 67.05
N GLU A 1799 -0.96 -15.68 67.69
CA GLU A 1799 -1.07 -16.33 68.99
C GLU A 1799 -0.92 -17.83 68.88
N SER A 1800 -1.32 -18.43 67.75
CA SER A 1800 -1.17 -19.88 67.60
C SER A 1800 0.29 -20.29 67.47
N VAL A 1801 1.04 -19.57 66.63
CA VAL A 1801 2.46 -19.90 66.50
C VAL A 1801 3.24 -19.45 67.72
N TYR A 1802 2.78 -18.39 68.40
CA TYR A 1802 3.37 -18.03 69.68
C TYR A 1802 3.12 -19.10 70.74
N GLU A 1803 1.96 -19.77 70.67
CA GLU A 1803 1.66 -20.86 71.58
C GLU A 1803 2.56 -22.06 71.31
N MET A 1804 2.70 -22.43 70.05
CA MET A 1804 3.60 -23.55 69.74
C MET A 1804 5.06 -23.20 69.98
N PHE A 1805 5.40 -21.92 70.05
CA PHE A 1805 6.70 -21.51 70.58
C PHE A 1805 6.75 -21.68 72.10
N ARG A 1806 5.69 -21.28 72.79
CA ARG A 1806 5.78 -20.83 74.18
C ARG A 1806 5.62 -21.93 75.20
N LYS A 1807 5.01 -23.06 74.84
CA LYS A 1807 4.59 -24.05 75.82
C LYS A 1807 5.79 -24.78 76.42
N ASP A 1808 5.54 -25.48 77.53
CA ASP A 1808 6.49 -26.43 78.08
C ASP A 1808 6.42 -27.73 77.29
N ASP A 1809 7.57 -28.24 76.89
CA ASP A 1809 7.66 -29.26 75.86
C ASP A 1809 9.10 -29.76 75.79
N PRO A 1810 9.33 -30.95 75.21
CA PRO A 1810 10.70 -31.32 74.85
C PRO A 1810 11.09 -30.70 73.51
N ARG A 1811 12.05 -29.78 73.55
CA ARG A 1811 12.40 -28.99 72.38
C ARG A 1811 13.91 -29.02 72.16
N LEU A 1812 14.31 -28.72 70.93
CA LEU A 1812 15.68 -28.33 70.64
C LEU A 1812 15.78 -26.82 70.64
N SER A 1813 16.91 -26.30 71.12
CA SER A 1813 17.12 -24.86 71.13
C SER A 1813 17.26 -24.30 69.72
N PHE A 1814 17.70 -25.11 68.76
CA PHE A 1814 17.58 -24.73 67.35
C PHE A 1814 16.11 -24.60 66.94
N THR A 1815 15.30 -25.58 67.32
CA THR A 1815 13.89 -25.52 66.99
C THR A 1815 13.19 -24.43 67.78
N ARG A 1816 13.62 -24.19 69.02
CA ARG A 1816 13.06 -23.10 69.80
C ARG A 1816 13.51 -21.75 69.28
N GLN A 1817 14.64 -21.69 68.60
CA GLN A 1817 15.13 -20.43 68.08
C GLN A 1817 14.56 -20.11 66.71
N SER A 1818 14.40 -21.13 65.86
CA SER A 1818 14.05 -20.89 64.46
C SER A 1818 12.62 -20.39 64.29
N PHE A 1819 11.72 -20.69 65.23
CA PHE A 1819 10.36 -20.18 65.15
C PHE A 1819 10.33 -18.67 65.29
N VAL A 1820 10.88 -18.15 66.40
CA VAL A 1820 10.95 -16.71 66.61
C VAL A 1820 11.97 -16.08 65.67
N ASP A 1821 12.83 -16.87 65.03
CA ASP A 1821 13.73 -16.32 64.03
C ASP A 1821 13.01 -16.05 62.71
N ARG A 1822 12.39 -17.07 62.12
CA ARG A 1822 11.93 -16.98 60.75
C ARG A 1822 10.56 -17.62 60.58
N SER A 1823 9.66 -17.43 61.54
CA SER A 1823 8.29 -17.88 61.35
C SER A 1823 7.30 -16.73 61.42
N LEU A 1824 7.33 -15.94 62.50
CA LEU A 1824 6.40 -14.84 62.65
C LEU A 1824 7.02 -13.49 62.37
N LEU A 1825 8.35 -13.41 62.28
CA LEU A 1825 8.96 -12.14 61.90
C LEU A 1825 8.70 -11.82 60.44
N THR A 1826 8.52 -12.86 59.62
CA THR A 1826 8.09 -12.65 58.24
C THR A 1826 6.68 -12.07 58.18
N LEU A 1827 5.85 -12.40 59.17
CA LEU A 1827 4.51 -11.84 59.23
C LEU A 1827 4.54 -10.41 59.77
N LEU A 1828 5.24 -10.19 60.88
CA LEU A 1828 5.26 -8.89 61.53
C LEU A 1828 5.99 -7.86 60.70
N TRP A 1829 7.10 -8.26 60.06
CA TRP A 1829 7.84 -7.35 59.21
C TRP A 1829 7.05 -6.97 57.97
N HIS A 1830 6.28 -7.91 57.43
CA HIS A 1830 5.37 -7.56 56.36
C HIS A 1830 4.18 -6.80 56.92
N CYS A 1831 3.38 -6.24 56.02
CA CYS A 1831 2.22 -5.48 56.43
C CYS A 1831 1.14 -6.44 56.91
N SER A 1832 1.19 -6.79 58.19
CA SER A 1832 0.11 -7.58 58.79
C SER A 1832 -1.13 -6.72 58.98
N LEU A 1833 -1.00 -5.70 59.83
CA LEU A 1833 -1.99 -4.65 60.00
C LEU A 1833 -1.32 -3.50 60.73
N ASP A 1834 -1.47 -2.28 60.23
CA ASP A 1834 -0.86 -1.11 60.85
C ASP A 1834 -1.57 -0.66 62.12
N ALA A 1835 -2.70 -1.29 62.47
CA ALA A 1835 -3.42 -0.97 63.70
C ALA A 1835 -3.68 -2.23 64.52
N LEU A 1836 -2.86 -3.27 64.34
CA LEU A 1836 -2.96 -4.47 65.16
C LEU A 1836 -2.06 -4.25 66.36
N ARG A 1837 -2.55 -3.47 67.31
CA ARG A 1837 -1.88 -3.21 68.57
C ARG A 1837 -2.31 -4.18 69.67
N GLU A 1838 -3.13 -5.18 69.32
CA GLU A 1838 -3.55 -6.17 70.30
C GLU A 1838 -2.39 -7.05 70.71
N PHE A 1839 -1.60 -7.53 69.76
CA PHE A 1839 -0.41 -8.29 70.09
C PHE A 1839 0.69 -7.41 70.67
N PHE A 1840 0.59 -6.10 70.48
CA PHE A 1840 1.48 -5.16 71.15
C PHE A 1840 1.16 -5.07 72.64
N SER A 1841 -0.11 -4.83 72.96
CA SER A 1841 -0.47 -4.55 74.34
C SER A 1841 -0.61 -5.81 75.18
N THR A 1842 -1.06 -6.92 74.59
CA THR A 1842 -1.53 -8.05 75.38
C THR A 1842 -0.50 -9.17 75.53
N ILE A 1843 0.79 -8.86 75.38
CA ILE A 1843 1.79 -9.90 75.57
C ILE A 1843 2.96 -9.42 76.42
N VAL A 1844 3.02 -8.11 76.68
CA VAL A 1844 4.23 -7.52 77.25
C VAL A 1844 4.40 -7.90 78.73
N VAL A 1845 3.35 -7.74 79.53
CA VAL A 1845 3.37 -8.32 80.87
C VAL A 1845 2.79 -9.73 80.78
N ASP A 1846 3.56 -10.60 80.12
CA ASP A 1846 3.53 -12.05 80.23
C ASP A 1846 4.94 -12.60 80.17
N ALA A 1847 5.87 -11.85 79.60
CA ALA A 1847 7.27 -12.21 79.55
C ALA A 1847 8.20 -11.11 80.03
N ILE A 1848 7.67 -9.96 80.50
CA ILE A 1848 8.57 -9.00 81.12
C ILE A 1848 9.11 -9.52 82.46
N ASP A 1849 8.40 -10.43 83.11
CA ASP A 1849 8.91 -11.04 84.34
C ASP A 1849 10.06 -12.01 84.02
N VAL A 1850 9.91 -12.82 82.98
CA VAL A 1850 10.99 -13.74 82.63
C VAL A 1850 12.13 -12.98 81.98
N LEU A 1851 11.88 -11.78 81.47
CA LEU A 1851 12.96 -10.89 81.09
C LEU A 1851 13.56 -10.17 82.30
N LYS A 1852 12.90 -10.19 83.44
CA LYS A 1852 13.49 -9.70 84.68
C LYS A 1852 13.84 -10.82 85.65
N SER A 1853 13.62 -12.08 85.28
CA SER A 1853 13.84 -13.19 86.21
C SER A 1853 15.32 -13.53 86.30
N ARG A 1854 15.61 -14.61 87.03
CA ARG A 1854 16.98 -14.99 87.35
C ARG A 1854 17.44 -16.12 86.46
N PHE A 1855 18.66 -15.99 85.93
CA PHE A 1855 19.32 -17.05 85.18
C PHE A 1855 19.71 -18.16 86.14
N THR A 1856 18.89 -19.20 86.20
CA THR A 1856 19.14 -20.33 87.09
C THR A 1856 20.19 -21.23 86.45
N LYS A 1857 21.46 -20.98 86.76
CA LYS A 1857 22.56 -21.73 86.19
C LYS A 1857 22.70 -23.06 86.93
N LEU A 1858 21.93 -24.05 86.54
CA LEU A 1858 22.06 -25.33 87.22
C LEU A 1858 22.26 -26.51 86.29
N ASN A 1859 21.66 -26.49 85.10
CA ASN A 1859 21.61 -27.67 84.25
C ASN A 1859 21.40 -27.20 82.83
N GLU A 1860 21.96 -27.95 81.87
CA GLU A 1860 21.96 -27.57 80.45
C GLU A 1860 20.54 -27.40 79.92
N SER A 1861 19.74 -28.46 80.01
CA SER A 1861 18.42 -28.52 79.40
C SER A 1861 17.34 -27.77 80.18
N THR A 1862 17.72 -26.93 81.13
CA THR A 1862 16.82 -25.95 81.73
C THR A 1862 17.31 -24.53 81.59
N PHE A 1863 18.64 -24.33 81.61
CA PHE A 1863 19.21 -23.00 81.46
C PHE A 1863 19.12 -22.53 80.02
N ASP A 1864 19.38 -23.44 79.06
CA ASP A 1864 19.36 -23.04 77.65
C ASP A 1864 17.95 -22.66 77.19
N THR A 1865 16.94 -23.27 77.79
CA THR A 1865 15.55 -22.96 77.45
C THR A 1865 15.21 -21.53 77.87
N GLN A 1866 15.63 -21.13 79.06
CA GLN A 1866 15.43 -19.74 79.50
C GLN A 1866 16.24 -18.77 78.66
N ILE A 1867 17.45 -19.20 78.23
CA ILE A 1867 18.26 -18.40 77.32
C ILE A 1867 17.51 -18.14 76.01
N THR A 1868 16.97 -19.20 75.41
CA THR A 1868 16.26 -19.08 74.15
C THR A 1868 14.97 -18.31 74.31
N LYS A 1869 14.31 -18.43 75.46
CA LYS A 1869 13.08 -17.68 75.70
C LYS A 1869 13.35 -16.19 75.84
N LYS A 1870 14.42 -15.82 76.55
CA LYS A 1870 14.78 -14.42 76.67
C LYS A 1870 15.22 -13.86 75.33
N MET A 1871 15.93 -14.66 74.54
CA MET A 1871 16.31 -14.25 73.19
C MET A 1871 15.09 -14.06 72.30
N GLY A 1872 14.08 -14.90 72.47
CA GLY A 1872 12.87 -14.77 71.68
C GLY A 1872 12.07 -13.53 72.04
N TYR A 1873 11.95 -13.25 73.34
CA TYR A 1873 11.28 -12.01 73.76
C TYR A 1873 12.05 -10.77 73.30
N TYR A 1874 13.39 -10.87 73.27
CA TYR A 1874 14.22 -9.81 72.71
C TYR A 1874 13.92 -9.62 71.22
N LYS A 1875 13.79 -10.71 70.47
CA LYS A 1875 13.52 -10.61 69.04
C LYS A 1875 12.15 -10.00 68.78
N ILE A 1876 11.15 -10.39 69.58
CA ILE A 1876 9.80 -9.87 69.41
C ILE A 1876 9.74 -8.40 69.75
N LEU A 1877 10.43 -7.98 70.82
CA LEU A 1877 10.43 -6.57 71.19
C LEU A 1877 11.19 -5.73 70.16
N ASP A 1878 12.26 -6.29 69.62
CA ASP A 1878 12.98 -5.68 68.49
C ASP A 1878 12.05 -5.43 67.31
N VAL A 1879 11.31 -6.45 66.88
CA VAL A 1879 10.51 -6.26 65.67
C VAL A 1879 9.24 -5.46 65.92
N MET A 1880 8.74 -5.37 67.16
CA MET A 1880 7.58 -4.50 67.35
C MET A 1880 8.00 -3.05 67.48
N TYR A 1881 9.10 -2.75 68.16
CA TYR A 1881 9.54 -1.36 68.17
C TYR A 1881 10.32 -0.98 66.93
N SER A 1882 10.48 -1.90 65.97
CA SER A 1882 10.93 -1.51 64.65
C SER A 1882 9.90 -0.66 63.93
N ARG A 1883 8.75 -1.26 63.59
CA ARG A 1883 7.72 -0.56 62.81
C ARG A 1883 6.57 -0.08 63.69
N LEU A 1884 6.87 0.87 64.59
CA LEU A 1884 5.82 1.42 65.42
C LEU A 1884 6.20 2.84 65.80
N PRO A 1885 5.30 3.81 65.65
CA PRO A 1885 5.65 5.21 65.87
C PRO A 1885 5.77 5.54 67.35
N LYS A 1886 6.17 6.78 67.63
CA LYS A 1886 6.39 7.26 68.99
C LYS A 1886 5.18 7.99 69.56
N ASP A 1887 4.40 8.67 68.72
CA ASP A 1887 3.26 9.45 69.19
C ASP A 1887 2.02 8.60 69.49
N ASP A 1888 2.11 7.27 69.43
CA ASP A 1888 1.00 6.41 69.77
C ASP A 1888 1.36 5.34 70.79
N VAL A 1889 2.62 5.25 71.20
CA VAL A 1889 3.03 4.46 72.35
C VAL A 1889 3.59 5.34 73.45
N HIS A 1890 4.36 6.37 73.09
CA HIS A 1890 4.85 7.38 74.00
C HIS A 1890 3.71 8.20 74.60
N ALA A 1891 2.59 8.34 73.88
CA ALA A 1891 1.50 9.21 74.28
C ALA A 1891 0.77 8.65 75.49
N LYS A 1892 -0.03 9.51 76.13
CA LYS A 1892 -0.69 9.19 77.39
C LYS A 1892 -2.02 8.48 77.12
N GLU A 1893 -1.91 7.30 76.52
CA GLU A 1893 -3.09 6.55 76.09
C GLU A 1893 -3.06 5.11 76.60
N SER A 1894 -3.95 4.28 76.05
CA SER A 1894 -4.11 2.88 76.43
C SER A 1894 -2.95 1.99 76.01
N LYS A 1895 -1.98 2.52 75.27
CA LYS A 1895 -0.73 1.81 75.05
C LYS A 1895 0.00 1.57 76.37
N ILE A 1896 -0.18 2.48 77.33
CA ILE A 1896 0.37 2.28 78.66
C ILE A 1896 -0.60 1.55 79.57
N ASN A 1897 -1.91 1.68 79.34
CA ASN A 1897 -2.90 1.19 80.28
C ASN A 1897 -3.06 -0.33 80.25
N GLN A 1898 -2.38 -1.02 79.34
CA GLN A 1898 -2.40 -2.48 79.33
C GLN A 1898 -1.11 -3.09 79.83
N VAL A 1899 0.02 -2.49 79.47
CA VAL A 1899 1.29 -2.95 80.02
C VAL A 1899 1.38 -2.63 81.51
N PHE A 1900 0.76 -1.52 81.94
CA PHE A 1900 0.70 -1.24 83.36
C PHE A 1900 -0.76 -1.18 83.79
N HIS A 1901 -1.00 -1.49 85.06
CA HIS A 1901 -2.27 -2.03 85.53
C HIS A 1901 -3.31 -0.94 85.61
N GLY A 1902 -4.12 -0.82 84.56
CA GLY A 1902 -5.07 0.26 84.47
C GLY A 1902 -4.37 1.55 84.06
N SER A 1903 -5.14 2.64 84.12
CA SER A 1903 -4.63 3.95 83.79
C SER A 1903 -3.82 4.48 84.96
N CYS A 1904 -2.55 4.09 85.02
CA CYS A 1904 -1.64 4.47 86.09
C CYS A 1904 -1.12 5.87 85.84
N ILE A 1905 -0.37 6.37 86.83
CA ILE A 1905 0.48 7.54 86.60
C ILE A 1905 1.66 7.08 85.75
N THR A 1906 2.01 7.86 84.73
CA THR A 1906 2.93 7.37 83.72
C THR A 1906 3.64 8.54 83.06
N GLU A 1907 4.58 8.18 82.18
CA GLU A 1907 5.26 9.10 81.29
C GLU A 1907 5.59 8.34 80.02
N GLY A 1908 6.51 8.87 79.21
CA GLY A 1908 6.86 8.22 77.97
C GLY A 1908 7.71 6.98 78.12
N ASN A 1909 8.51 6.88 79.18
CA ASN A 1909 9.38 5.73 79.40
C ASN A 1909 9.12 5.12 80.78
N GLU A 1910 8.20 4.15 80.80
CA GLU A 1910 7.94 3.37 82.00
C GLU A 1910 8.33 1.92 81.82
N LEU A 1911 7.77 1.23 80.82
CA LEU A 1911 8.31 -0.06 80.41
C LEU A 1911 9.62 0.09 79.67
N THR A 1912 9.78 1.17 78.90
CA THR A 1912 11.02 1.42 78.17
C THR A 1912 12.04 2.15 79.02
N LYS A 1913 11.96 2.03 80.34
CA LYS A 1913 13.10 2.23 81.23
C LYS A 1913 13.54 0.90 81.84
N THR A 1914 12.61 0.07 82.29
CA THR A 1914 13.00 -1.22 82.86
C THR A 1914 13.41 -2.21 81.77
N LEU A 1915 12.88 -2.07 80.55
CA LEU A 1915 13.37 -2.89 79.45
C LEU A 1915 14.79 -2.50 79.07
N ILE A 1916 15.07 -1.19 79.04
CA ILE A 1916 16.43 -0.70 78.88
C ILE A 1916 17.33 -1.22 79.99
N LYS A 1917 16.81 -1.25 81.22
CA LYS A 1917 17.57 -1.73 82.36
C LYS A 1917 17.91 -3.21 82.22
N LEU A 1918 16.97 -4.03 81.74
CA LEU A 1918 17.30 -5.45 81.65
C LEU A 1918 18.16 -5.77 80.44
N CYS A 1919 17.99 -5.07 79.31
CA CYS A 1919 18.86 -5.37 78.18
C CYS A 1919 20.25 -4.78 78.40
N TYR A 1920 20.37 -3.75 79.22
CA TYR A 1920 21.70 -3.27 79.59
C TYR A 1920 22.26 -4.05 80.76
N ASP A 1921 21.42 -4.73 81.54
CA ASP A 1921 21.93 -5.75 82.45
C ASP A 1921 22.56 -6.88 81.66
N ALA A 1922 21.96 -7.23 80.53
CA ALA A 1922 22.65 -8.06 79.57
C ALA A 1922 23.86 -7.32 79.02
N PHE A 1923 24.90 -8.10 78.70
CA PHE A 1923 26.20 -7.71 78.09
C PHE A 1923 26.90 -6.53 78.78
N THR A 1924 26.66 -6.27 80.06
CA THR A 1924 27.52 -5.35 80.79
C THR A 1924 28.17 -5.96 82.01
N GLU A 1925 27.53 -6.96 82.63
CA GLU A 1925 28.27 -7.82 83.53
C GLU A 1925 29.30 -8.60 82.73
N ASN A 1926 30.54 -8.59 83.23
CA ASN A 1926 31.64 -9.21 82.49
C ASN A 1926 31.50 -10.73 82.50
N MET A 1927 32.13 -11.35 81.51
CA MET A 1927 32.05 -12.79 81.31
C MET A 1927 33.24 -13.51 81.91
N ALA A 1928 33.70 -13.03 83.07
CA ALA A 1928 34.86 -13.62 83.74
C ALA A 1928 34.56 -15.05 84.22
N GLY A 1929 33.57 -15.19 85.09
CA GLY A 1929 33.21 -16.51 85.58
C GLY A 1929 32.13 -17.16 84.75
N GLU A 1930 32.19 -16.97 83.44
CA GLU A 1930 31.15 -17.40 82.51
C GLU A 1930 31.75 -18.44 81.56
N ASN A 1931 31.53 -19.71 81.86
CA ASN A 1931 32.00 -20.81 81.02
C ASN A 1931 30.93 -21.89 80.90
N GLN A 1932 29.69 -21.47 80.68
CA GLN A 1932 28.57 -22.42 80.59
C GLN A 1932 28.15 -22.73 79.15
N LEU A 1933 27.79 -21.70 78.36
CA LEU A 1933 27.38 -21.88 76.97
C LEU A 1933 27.64 -20.55 76.27
N LEU A 1934 28.78 -20.45 75.60
CA LEU A 1934 29.29 -19.15 75.18
C LEU A 1934 28.78 -18.72 73.82
N GLU A 1935 28.64 -19.68 72.88
CA GLU A 1935 28.20 -19.35 71.53
C GLU A 1935 26.77 -18.84 71.52
N ARG A 1936 25.92 -19.41 72.36
CA ARG A 1936 24.55 -18.93 72.51
C ARG A 1936 24.45 -17.67 73.36
N ARG A 1937 25.37 -17.47 74.29
CA ARG A 1937 25.37 -16.23 75.05
C ARG A 1937 25.80 -15.05 74.20
N ARG A 1938 26.64 -15.30 73.19
CA ARG A 1938 26.92 -14.28 72.19
C ARG A 1938 25.65 -13.87 71.46
N LEU A 1939 24.82 -14.85 71.09
CA LEU A 1939 23.53 -14.58 70.46
C LEU A 1939 22.61 -13.82 71.40
N TYR A 1940 22.68 -14.15 72.70
CA TYR A 1940 21.87 -13.48 73.72
C TYR A 1940 22.23 -12.00 73.82
N HIS A 1941 23.53 -11.71 73.93
CA HIS A 1941 23.99 -10.33 73.98
C HIS A 1941 23.68 -9.59 72.69
N CYS A 1942 23.76 -10.29 71.55
CA CYS A 1942 23.49 -9.67 70.26
C CYS A 1942 22.02 -9.28 70.14
N ALA A 1943 21.12 -10.20 70.50
CA ALA A 1943 19.69 -9.89 70.45
C ALA A 1943 19.31 -8.84 71.48
N ALA A 1944 19.99 -8.82 72.63
CA ALA A 1944 19.68 -7.82 73.64
C ALA A 1944 20.14 -6.43 73.20
N TYR A 1945 21.28 -6.34 72.53
CA TYR A 1945 21.67 -5.05 71.99
C TYR A 1945 20.84 -4.64 70.79
N ASN A 1946 20.31 -5.62 70.04
CA ASN A 1946 19.32 -5.31 69.00
C ASN A 1946 18.07 -4.68 69.59
N CYS A 1947 17.59 -5.24 70.71
CA CYS A 1947 16.48 -4.63 71.43
C CYS A 1947 16.84 -3.24 71.94
N ALA A 1948 18.08 -3.08 72.41
CA ALA A 1948 18.53 -1.78 72.91
C ALA A 1948 18.56 -0.74 71.81
N ILE A 1949 19.04 -1.10 70.63
CA ILE A 1949 19.14 -0.11 69.58
C ILE A 1949 17.77 0.16 68.96
N SER A 1950 16.89 -0.84 68.95
CA SER A 1950 15.54 -0.61 68.45
C SER A 1950 14.76 0.32 69.38
N VAL A 1951 14.94 0.18 70.69
CA VAL A 1951 14.22 1.09 71.56
C VAL A 1951 14.88 2.46 71.56
N ILE A 1952 16.19 2.55 71.33
CA ILE A 1952 16.81 3.87 71.32
C ILE A 1952 16.53 4.62 70.03
N CYS A 1953 16.17 3.94 68.95
CA CYS A 1953 15.66 4.71 67.82
C CYS A 1953 14.16 4.93 67.92
N CYS A 1954 13.42 4.02 68.56
CA CYS A 1954 11.98 4.18 68.67
C CYS A 1954 11.58 5.25 69.69
N VAL A 1955 12.48 5.58 70.62
CA VAL A 1955 12.20 6.71 71.50
C VAL A 1955 12.42 8.00 70.73
N PHE A 1956 12.03 9.12 71.33
CA PHE A 1956 11.90 10.39 70.63
C PHE A 1956 13.22 11.14 70.44
N ASN A 1957 14.36 10.44 70.56
CA ASN A 1957 15.74 10.86 70.18
C ASN A 1957 16.04 12.33 70.46
N GLU A 1958 15.82 12.72 71.72
CA GLU A 1958 15.61 14.11 72.06
C GLU A 1958 16.92 14.92 72.05
N LEU A 1959 17.94 14.46 72.76
CA LEU A 1959 19.19 15.19 72.90
C LEU A 1959 20.26 14.16 73.30
N LYS A 1960 21.37 14.62 73.86
CA LYS A 1960 22.51 13.75 74.16
C LYS A 1960 22.23 12.89 75.40
N PHE A 1961 21.31 11.95 75.22
CA PHE A 1961 21.15 10.83 76.15
C PHE A 1961 22.12 9.70 75.84
N TYR A 1962 22.88 9.82 74.77
CA TYR A 1962 23.86 8.83 74.37
C TYR A 1962 25.16 8.98 75.12
N GLN A 1963 25.31 10.03 75.92
CA GLN A 1963 26.34 10.07 76.95
C GLN A 1963 25.92 9.36 78.22
N GLY A 1964 24.63 9.05 78.37
CA GLY A 1964 24.14 8.32 79.53
C GLY A 1964 23.93 6.84 79.26
N PHE A 1965 23.29 6.53 78.14
CA PHE A 1965 23.09 5.14 77.72
C PHE A 1965 23.68 4.94 76.34
N LEU A 1966 23.71 3.67 75.91
CA LEU A 1966 24.09 3.18 74.58
C LEU A 1966 25.60 3.33 74.29
N PHE A 1967 26.34 4.03 75.14
CA PHE A 1967 27.76 4.26 74.96
C PHE A 1967 28.39 4.36 76.33
N SER A 1968 29.72 4.52 76.34
CA SER A 1968 30.56 4.89 77.49
C SER A 1968 30.34 3.94 78.67
N GLU A 1969 30.72 2.69 78.46
CA GLU A 1969 30.74 1.75 79.57
C GLU A 1969 31.82 2.15 80.57
N LYS A 1970 31.58 1.84 81.84
CA LYS A 1970 32.52 2.19 82.89
C LYS A 1970 33.41 0.99 83.17
N PRO A 1971 34.67 0.99 82.74
CA PRO A 1971 35.51 -0.21 82.90
C PRO A 1971 36.11 -0.36 84.29
N GLU A 1972 35.82 0.57 85.21
CA GLU A 1972 36.25 0.39 86.60
C GLU A 1972 35.52 -0.78 87.24
N LYS A 1973 34.29 -1.04 86.83
CA LYS A 1973 33.57 -2.25 87.20
C LYS A 1973 33.68 -3.31 86.11
N ASN A 1974 34.67 -3.19 85.23
CA ASN A 1974 34.99 -4.13 84.15
C ASN A 1974 33.80 -4.34 83.21
N LEU A 1975 33.43 -3.27 82.53
CA LEU A 1975 32.31 -3.30 81.61
C LEU A 1975 32.83 -3.35 80.16
N LEU A 1976 31.91 -3.54 79.23
CA LEU A 1976 32.22 -3.78 77.83
C LEU A 1976 30.95 -3.68 77.01
N ILE A 1977 31.05 -3.18 75.78
CA ILE A 1977 29.88 -3.02 74.93
C ILE A 1977 30.02 -3.88 73.68
N PHE A 1978 31.00 -3.54 72.84
CA PHE A 1978 31.21 -4.29 71.61
C PHE A 1978 31.91 -5.60 71.88
N GLU A 1979 32.76 -5.60 72.91
CA GLU A 1979 33.71 -6.68 73.14
C GLU A 1979 33.05 -7.96 73.61
N ASN A 1980 31.78 -7.90 74.02
CA ASN A 1980 31.10 -9.11 74.44
C ASN A 1980 30.49 -9.85 73.26
N LEU A 1981 29.89 -9.13 72.32
CA LEU A 1981 29.23 -9.81 71.21
C LEU A 1981 30.16 -10.05 70.04
N ILE A 1982 31.24 -9.28 69.89
CA ILE A 1982 32.27 -9.65 68.93
C ILE A 1982 33.05 -10.83 69.49
N ASP A 1983 33.37 -11.79 68.62
CA ASP A 1983 33.81 -13.10 69.08
C ASP A 1983 35.24 -13.09 69.60
N LEU A 1984 36.16 -12.47 68.85
CA LEU A 1984 37.59 -12.31 69.16
C LEU A 1984 38.35 -13.63 69.24
N LYS A 1985 37.74 -14.76 68.87
CA LYS A 1985 38.40 -16.06 68.87
C LYS A 1985 38.22 -16.74 67.51
N ARG A 1986 38.20 -15.94 66.45
CA ARG A 1986 38.09 -16.47 65.09
C ARG A 1986 38.71 -15.46 64.13
N ARG A 1987 39.55 -15.95 63.23
CA ARG A 1987 40.18 -15.13 62.20
C ARG A 1987 39.41 -15.31 60.90
N TYR A 1988 38.96 -14.20 60.34
CA TYR A 1988 38.17 -14.28 59.13
C TYR A 1988 39.09 -14.48 57.93
N ASN A 1989 38.51 -14.98 56.84
CA ASN A 1989 39.32 -15.42 55.71
C ASN A 1989 39.89 -14.23 54.95
N PHE A 1990 39.02 -13.32 54.49
CA PHE A 1990 39.31 -12.24 53.55
C PHE A 1990 39.97 -12.80 52.30
N PRO A 1991 39.22 -13.42 51.37
CA PRO A 1991 39.84 -14.01 50.19
C PRO A 1991 40.42 -12.98 49.21
N VAL A 1992 40.91 -13.47 48.07
CA VAL A 1992 41.84 -12.71 47.24
C VAL A 1992 41.18 -11.48 46.63
N GLU A 1993 39.91 -11.58 46.24
CA GLU A 1993 39.18 -10.39 45.80
C GLU A 1993 37.78 -10.27 46.37
N VAL A 1994 37.38 -11.10 47.32
CA VAL A 1994 36.09 -10.93 47.98
C VAL A 1994 36.31 -10.66 49.47
N SER A 2034 -7.33 -12.01 28.27
CA SER A 2034 -8.72 -11.79 28.65
C SER A 2034 -9.65 -12.55 27.73
N THR A 2035 -10.62 -13.25 28.37
CA THR A 2035 -11.75 -14.02 27.84
C THR A 2035 -11.33 -15.34 27.20
N LEU A 2036 -10.07 -15.47 26.81
CA LEU A 2036 -9.62 -16.74 26.28
C LEU A 2036 -8.84 -17.52 27.31
N SER A 2037 -8.22 -16.83 28.27
CA SER A 2037 -7.86 -17.48 29.52
C SER A 2037 -9.11 -17.95 30.27
N GLU A 2038 -10.23 -17.23 30.10
CA GLU A 2038 -11.50 -17.68 30.66
C GLU A 2038 -12.00 -18.95 29.95
N GLU A 2039 -12.00 -18.95 28.62
CA GLU A 2039 -12.42 -20.13 27.87
C GLU A 2039 -11.41 -21.27 27.94
N MET A 2040 -10.19 -21.01 28.41
CA MET A 2040 -9.25 -22.07 28.74
C MET A 2040 -9.44 -22.56 30.16
N SER A 2041 -9.85 -21.66 31.08
CA SER A 2041 -10.10 -22.04 32.45
C SER A 2041 -11.36 -22.88 32.58
N GLN A 2042 -12.29 -22.75 31.64
CA GLN A 2042 -13.42 -23.69 31.59
C GLN A 2042 -12.93 -25.11 31.32
N PHE A 2043 -11.90 -25.26 30.49
CA PHE A 2043 -11.29 -26.57 30.31
C PHE A 2043 -10.44 -26.96 31.50
N ASP A 2044 -9.86 -25.95 32.19
CA ASP A 2044 -9.10 -26.23 33.41
C ASP A 2044 -10.00 -26.75 34.52
N PHE A 2045 -11.28 -26.38 34.51
CA PHE A 2045 -12.25 -27.00 35.39
C PHE A 2045 -12.55 -28.44 35.00
N SER A 2046 -12.34 -28.81 33.73
CA SER A 2046 -12.74 -30.13 33.28
C SER A 2046 -11.76 -31.21 33.73
N THR A 2047 -10.46 -30.93 33.65
CA THR A 2047 -9.48 -31.96 33.93
C THR A 2047 -8.37 -31.56 34.90
N GLY A 2048 -8.07 -30.27 35.06
CA GLY A 2048 -6.98 -29.86 35.94
C GLY A 2048 -5.72 -29.44 35.20
N GLU A 2082 22.69 -1.59 49.02
CA GLU A 2082 23.25 -2.80 49.61
C GLU A 2082 24.31 -3.39 48.69
N LEU A 2083 25.56 -3.43 49.16
CA LEU A 2083 26.67 -3.87 48.31
C LEU A 2083 26.65 -5.38 48.17
N GLU A 2084 26.95 -6.09 49.28
CA GLU A 2084 26.82 -7.54 49.44
C GLU A 2084 27.13 -7.87 50.90
N MET A 2085 26.99 -9.15 51.26
CA MET A 2085 27.34 -9.61 52.60
C MET A 2085 28.35 -10.76 52.47
N ASP A 2086 29.51 -10.61 53.10
CA ASP A 2086 30.59 -11.57 52.91
C ASP A 2086 30.97 -12.32 54.18
N GLU A 2087 31.47 -11.64 55.22
CA GLU A 2087 31.51 -12.24 56.54
C GLU A 2087 31.12 -11.25 57.62
N LEU A 2088 31.64 -10.03 57.51
CA LEU A 2088 31.40 -9.03 58.56
C LEU A 2088 30.03 -8.40 58.41
N ASN A 2089 29.55 -8.30 57.17
CA ASN A 2089 28.15 -7.95 56.99
C ASN A 2089 27.27 -9.11 57.40
N ARG A 2090 27.76 -10.34 57.23
CA ARG A 2090 27.08 -11.55 57.68
C ARG A 2090 27.28 -11.76 59.18
N HIS A 2091 26.69 -10.85 59.95
CA HIS A 2091 26.91 -10.83 61.39
C HIS A 2091 25.63 -10.68 62.18
N GLU A 2092 24.50 -10.37 61.54
CA GLU A 2092 23.18 -10.02 62.08
C GLU A 2092 23.23 -9.05 63.27
N CYS A 2093 24.25 -8.19 63.28
CA CYS A 2093 24.35 -7.05 64.17
C CYS A 2093 24.84 -5.80 63.48
N MET A 2094 25.52 -5.93 62.34
CA MET A 2094 26.24 -4.81 61.74
C MET A 2094 25.31 -3.95 60.90
N ALA A 2095 24.39 -4.59 60.16
CA ALA A 2095 23.43 -3.83 59.37
C ALA A 2095 22.48 -2.97 60.19
N PRO A 2096 21.91 -3.42 61.33
CA PRO A 2096 21.19 -2.44 62.16
C PRO A 2096 22.10 -1.38 62.76
N LEU A 2097 23.37 -1.70 63.00
CA LEU A 2097 24.31 -0.71 63.52
C LEU A 2097 24.58 0.39 62.49
N THR A 2098 24.72 0.01 61.22
CA THR A 2098 24.97 1.05 60.23
C THR A 2098 23.70 1.80 59.88
N ALA A 2099 22.54 1.15 59.97
CA ALA A 2099 21.29 1.90 59.86
C ALA A 2099 21.13 2.88 61.03
N LEU A 2100 21.62 2.48 62.20
CA LEU A 2100 21.59 3.36 63.37
C LEU A 2100 22.46 4.58 63.20
N VAL A 2101 23.72 4.39 62.81
CA VAL A 2101 24.60 5.56 62.67
C VAL A 2101 24.22 6.37 61.44
N LYS A 2102 23.59 5.76 60.44
CA LYS A 2102 23.03 6.55 59.34
C LYS A 2102 21.86 7.39 59.81
N HIS A 2103 21.04 6.86 60.72
CA HIS A 2103 19.96 7.65 61.30
C HIS A 2103 20.50 8.79 62.14
N MET A 2104 21.57 8.54 62.90
CA MET A 2104 22.18 9.59 63.70
C MET A 2104 22.85 10.64 62.82
N HIS A 2105 23.28 10.25 61.62
CA HIS A 2105 23.63 11.23 60.60
C HIS A 2105 22.41 12.05 60.21
N ARG A 2106 21.36 11.39 59.72
CA ARG A 2106 20.15 12.12 59.33
C ARG A 2106 19.20 12.35 60.51
N SER A 2107 19.78 12.78 61.62
CA SER A 2107 19.04 13.33 62.74
C SER A 2107 19.24 14.83 62.87
N LEU A 2108 20.43 15.33 62.54
CA LEU A 2108 20.70 16.77 62.54
C LEU A 2108 21.35 17.18 61.21
N ARG A 2120 34.12 20.36 67.51
CA ARG A 2120 35.07 19.36 67.05
C ARG A 2120 34.36 18.08 66.61
N ASP A 2121 34.68 16.97 67.26
CA ASP A 2121 34.10 15.68 66.92
C ASP A 2121 32.88 15.38 67.77
N LEU A 2122 32.06 14.46 67.28
CA LEU A 2122 30.87 14.03 68.01
C LEU A 2122 31.31 13.20 69.21
N PRO A 2123 30.78 13.46 70.40
CA PRO A 2123 31.36 12.90 71.63
C PRO A 2123 31.29 11.38 71.79
N SER A 2124 30.08 10.81 71.74
CA SER A 2124 29.92 9.44 72.20
C SER A 2124 30.21 8.42 71.10
N TRP A 2125 29.93 8.77 69.85
CA TRP A 2125 30.00 7.81 68.77
C TRP A 2125 31.06 8.11 67.72
N MET A 2126 31.69 9.29 67.77
CA MET A 2126 32.81 9.58 66.89
C MET A 2126 34.12 9.68 67.65
N LYS A 2127 34.20 10.59 68.63
CA LYS A 2127 35.45 10.81 69.34
C LYS A 2127 35.75 9.66 70.29
N PHE A 2128 34.74 9.16 70.98
CA PHE A 2128 34.94 8.03 71.88
C PHE A 2128 35.27 6.77 71.10
N LEU A 2129 34.67 6.61 69.91
CA LEU A 2129 34.97 5.44 69.10
C LEU A 2129 36.35 5.55 68.46
N HIS A 2130 36.82 6.78 68.23
CA HIS A 2130 38.22 6.95 67.84
C HIS A 2130 39.14 6.62 69.00
N GLY A 2131 38.75 7.01 70.22
CA GLY A 2131 39.55 6.68 71.40
C GLY A 2131 39.58 5.20 71.68
N LYS A 2132 38.56 4.46 71.24
CA LYS A 2132 38.60 3.00 71.26
C LYS A 2132 39.45 2.44 70.13
N LEU A 2133 39.81 3.25 69.14
CA LEU A 2133 40.53 2.76 67.98
C LEU A 2133 41.88 3.43 67.75
N GLY A 2134 42.10 4.63 68.26
CA GLY A 2134 43.35 5.34 68.03
C GLY A 2134 44.56 4.76 68.74
N ASN A 2135 44.35 3.83 69.66
CA ASN A 2135 45.39 3.07 70.33
C ASN A 2135 45.10 1.59 70.16
N PRO A 2136 46.13 0.75 70.06
CA PRO A 2136 45.89 -0.70 70.09
C PRO A 2136 45.70 -1.24 71.50
N ILE A 2137 44.80 -0.60 72.26
CA ILE A 2137 44.31 -1.16 73.52
C ILE A 2137 43.23 -2.19 73.24
N VAL A 2138 42.73 -2.27 72.01
CA VAL A 2138 41.74 -3.26 71.61
C VAL A 2138 42.40 -4.26 70.68
N PRO A 2139 41.98 -5.53 70.70
CA PRO A 2139 42.62 -6.53 69.82
C PRO A 2139 42.20 -6.43 68.36
N LEU A 2140 42.64 -7.41 67.57
CA LEU A 2140 42.52 -7.33 66.12
C LEU A 2140 41.10 -7.53 65.62
N ASN A 2141 40.29 -8.34 66.32
CA ASN A 2141 38.98 -8.67 65.79
C ASN A 2141 38.01 -7.50 65.91
N ILE A 2142 37.98 -6.85 67.07
CA ILE A 2142 37.11 -5.69 67.26
C ILE A 2142 37.59 -4.52 66.42
N ARG A 2143 38.90 -4.44 66.17
CA ARG A 2143 39.40 -3.42 65.26
C ARG A 2143 38.99 -3.72 63.81
N LEU A 2144 38.94 -4.99 63.44
CA LEU A 2144 38.43 -5.36 62.11
C LEU A 2144 36.94 -5.08 61.99
N PHE A 2145 36.19 -5.29 63.06
CA PHE A 2145 34.76 -5.02 62.99
C PHE A 2145 34.49 -3.53 62.97
N LEU A 2146 35.27 -2.75 63.71
CA LEU A 2146 35.17 -1.30 63.66
C LEU A 2146 35.66 -0.75 62.34
N ALA A 2147 36.50 -1.49 61.62
CA ALA A 2147 36.86 -1.11 60.26
C ALA A 2147 35.64 -1.12 59.35
N LYS A 2148 34.98 -2.27 59.20
CA LYS A 2148 33.88 -2.38 58.25
C LYS A 2148 32.55 -1.87 58.82
N LEU A 2149 32.56 -0.71 59.46
CA LEU A 2149 31.44 0.19 59.68
C LEU A 2149 31.80 1.61 59.29
N VAL A 2150 33.01 2.06 59.65
CA VAL A 2150 33.50 3.33 59.17
C VAL A 2150 33.89 3.24 57.71
N ILE A 2151 34.10 2.04 57.19
CA ILE A 2151 34.30 1.87 55.75
C ILE A 2151 32.98 2.13 55.02
N ASN A 2152 31.85 1.80 55.68
CA ASN A 2152 30.54 1.96 55.08
C ASN A 2152 29.92 3.32 55.33
N THR A 2153 30.42 4.07 56.30
CA THR A 2153 29.76 5.30 56.71
C THR A 2153 30.63 6.52 56.46
N GLU A 2154 31.37 6.52 55.35
CA GLU A 2154 32.28 7.62 55.06
C GLU A 2154 31.54 8.89 54.70
N GLU A 2155 30.28 8.78 54.27
CA GLU A 2155 29.48 9.95 53.93
C GLU A 2155 29.13 10.77 55.15
N VAL A 2156 29.11 10.13 56.32
CA VAL A 2156 28.94 10.86 57.57
C VAL A 2156 30.19 11.65 57.89
N PHE A 2157 31.34 11.18 57.46
CA PHE A 2157 32.60 11.58 58.05
C PHE A 2157 33.24 12.78 57.38
N ARG A 2158 32.96 12.98 56.10
CA ARG A 2158 33.63 14.01 55.28
C ARG A 2158 33.60 15.47 55.76
N PRO A 2159 32.64 15.96 56.57
CA PRO A 2159 32.86 17.30 57.16
C PRO A 2159 33.88 17.30 58.29
N TYR A 2160 34.16 16.16 58.91
CA TYR A 2160 35.11 16.09 60.01
C TYR A 2160 36.04 14.89 59.81
N ALA A 2161 36.56 14.75 58.59
CA ALA A 2161 37.31 13.58 58.19
C ALA A 2161 38.82 13.74 58.37
N LYS A 2162 39.30 14.92 58.75
CA LYS A 2162 40.73 15.15 58.88
C LYS A 2162 41.38 14.32 59.99
N HIS A 2163 40.61 13.92 60.99
CA HIS A 2163 41.13 13.10 62.07
C HIS A 2163 40.99 11.61 61.80
N TRP A 2164 40.04 11.20 60.96
CA TRP A 2164 39.85 9.78 60.66
C TRP A 2164 40.66 9.35 59.44
N LEU A 2165 41.94 9.69 59.45
CA LEU A 2165 42.92 9.18 58.51
C LEU A 2165 44.08 8.51 59.22
N SER A 2166 44.59 9.14 60.28
CA SER A 2166 45.61 8.55 61.14
C SER A 2166 45.26 7.18 61.71
N PRO A 2167 44.06 6.92 62.31
CA PRO A 2167 43.86 5.57 62.86
C PRO A 2167 43.67 4.51 61.79
N LEU A 2168 43.07 4.88 60.66
CA LEU A 2168 42.96 3.94 59.55
C LEU A 2168 44.32 3.62 58.97
N LEU A 2169 45.21 4.62 58.92
CA LEU A 2169 46.57 4.38 58.44
C LEU A 2169 47.34 3.50 59.42
N GLN A 2170 47.15 3.71 60.71
CA GLN A 2170 47.81 2.89 61.72
C GLN A 2170 47.28 1.46 61.71
N LEU A 2171 46.01 1.29 61.33
CA LEU A 2171 45.49 -0.05 61.07
C LEU A 2171 46.14 -0.65 59.83
N ALA A 2172 46.31 0.16 58.78
CA ALA A 2172 46.85 -0.32 57.53
C ALA A 2172 48.30 -0.76 57.65
N ALA A 2173 49.08 -0.09 58.49
CA ALA A 2173 50.49 -0.41 58.61
C ALA A 2173 50.79 -1.50 59.62
N SER A 2174 49.78 -2.03 60.30
CA SER A 2174 50.01 -3.12 61.23
C SER A 2174 49.92 -4.45 60.49
N GLU A 2175 50.97 -5.27 60.61
CA GLU A 2175 50.97 -6.60 59.99
C GLU A 2175 50.36 -7.60 60.96
N ASN A 2176 49.05 -7.49 61.10
CA ASN A 2176 48.24 -8.46 61.82
C ASN A 2176 46.96 -8.72 61.05
N ASN A 2177 46.96 -8.39 59.76
CA ASN A 2177 45.74 -8.43 58.96
C ASN A 2177 45.28 -9.85 58.72
N GLY A 2178 46.21 -10.75 58.42
CA GLY A 2178 45.87 -12.08 57.96
C GLY A 2178 46.42 -12.33 56.57
N GLY A 2179 47.45 -13.16 56.49
CA GLY A 2179 48.09 -13.40 55.20
C GLY A 2179 48.98 -12.25 54.80
N GLU A 2180 48.87 -11.83 53.55
CA GLU A 2180 49.73 -10.82 52.95
C GLU A 2180 49.09 -9.45 52.93
N GLY A 2181 48.35 -9.11 53.98
CA GLY A 2181 47.51 -7.94 53.95
C GLY A 2181 46.17 -8.32 53.36
N ILE A 2182 45.08 -8.01 54.06
CA ILE A 2182 43.79 -8.51 53.64
C ILE A 2182 43.28 -7.64 52.50
N HIS A 2183 43.95 -7.89 51.38
CA HIS A 2183 43.86 -7.18 50.07
C HIS A 2183 42.52 -6.48 49.83
N TYR A 2184 41.42 -7.22 49.80
CA TYR A 2184 40.15 -6.62 49.45
C TYR A 2184 39.76 -5.53 50.44
N MET A 2185 39.82 -5.87 51.74
CA MET A 2185 39.68 -4.87 52.79
C MET A 2185 40.73 -3.78 52.65
N VAL A 2186 41.96 -4.14 52.28
CA VAL A 2186 43.04 -3.17 52.19
C VAL A 2186 42.82 -2.21 51.02
N VAL A 2187 42.33 -2.71 49.87
CA VAL A 2187 42.09 -1.79 48.77
C VAL A 2187 40.86 -0.93 49.05
N GLU A 2188 39.90 -1.45 49.83
CA GLU A 2188 38.80 -0.61 50.27
C GLU A 2188 39.29 0.49 51.22
N ILE A 2189 40.27 0.15 52.06
CA ILE A 2189 40.91 1.13 52.94
C ILE A 2189 41.58 2.23 52.12
N VAL A 2190 42.37 1.85 51.13
CA VAL A 2190 43.11 2.88 50.40
C VAL A 2190 42.18 3.68 49.49
N ALA A 2191 41.10 3.07 49.00
CA ALA A 2191 40.12 3.80 48.18
C ALA A 2191 39.36 4.81 49.02
N THR A 2192 38.90 4.40 50.21
CA THR A 2192 38.20 5.33 51.08
C THR A 2192 39.13 6.36 51.71
N ILE A 2193 40.41 6.06 51.83
CA ILE A 2193 41.32 7.03 52.41
C ILE A 2193 41.84 8.01 51.36
N LEU A 2194 41.75 7.66 50.08
CA LEU A 2194 41.94 8.66 49.03
C LEU A 2194 40.63 9.20 48.50
N SER A 2195 39.51 8.80 49.10
CA SER A 2195 38.25 9.48 48.81
C SER A 2195 38.30 10.93 49.26
N TRP A 2196 38.87 11.19 50.43
CA TRP A 2196 38.99 12.56 50.93
C TRP A 2196 40.35 13.15 50.56
N THR A 2197 40.62 13.16 49.26
CA THR A 2197 41.85 13.74 48.76
C THR A 2197 41.71 15.25 48.68
N GLY A 2198 42.80 15.96 48.98
CA GLY A 2198 42.81 17.40 49.05
C GLY A 2198 42.82 17.94 50.46
N LEU A 2199 42.43 17.12 51.43
CA LEU A 2199 42.48 17.48 52.84
C LEU A 2199 43.20 16.36 53.59
N ALA A 2200 44.05 16.75 54.54
CA ALA A 2200 44.78 15.86 55.45
C ALA A 2200 45.65 14.85 54.69
N THR A 2201 46.63 15.40 53.98
CA THR A 2201 47.62 14.58 53.30
C THR A 2201 48.49 13.84 54.33
N PRO A 2202 49.02 12.67 53.97
CA PRO A 2202 49.88 11.93 54.90
C PRO A 2202 51.28 12.51 55.11
N THR A 2203 51.56 13.74 54.68
CA THR A 2203 52.83 14.40 54.90
C THR A 2203 52.59 15.67 55.71
N GLY A 2204 53.45 15.93 56.68
CA GLY A 2204 53.27 17.04 57.59
C GLY A 2204 53.58 16.60 59.00
N VAL A 2205 53.32 15.34 59.28
CA VAL A 2205 53.76 14.65 60.49
C VAL A 2205 54.58 13.45 60.03
N PRO A 2206 55.83 13.31 60.47
CA PRO A 2206 56.71 12.28 59.89
C PRO A 2206 56.36 10.87 60.32
N LYS A 2207 55.59 10.70 61.39
CA LYS A 2207 55.02 9.40 61.71
C LYS A 2207 54.11 8.93 60.59
N ASP A 2208 53.26 9.82 60.09
CA ASP A 2208 52.39 9.51 58.97
C ASP A 2208 53.21 9.24 57.71
N GLU A 2209 54.32 9.96 57.56
CA GLU A 2209 55.19 9.79 56.41
C GLU A 2209 55.83 8.41 56.39
N VAL A 2210 56.41 7.99 57.52
CA VAL A 2210 57.06 6.68 57.56
C VAL A 2210 56.03 5.57 57.57
N LEU A 2211 54.81 5.86 58.03
CA LEU A 2211 53.73 4.91 57.96
C LEU A 2211 53.34 4.62 56.52
N ALA A 2212 53.13 5.70 55.73
CA ALA A 2212 52.81 5.56 54.32
C ALA A 2212 53.98 4.95 53.54
N ASN A 2213 55.21 5.21 53.99
CA ASN A 2213 56.36 4.57 53.37
C ASN A 2213 56.37 3.07 53.61
N ARG A 2214 55.94 2.64 54.80
CA ARG A 2214 55.81 1.22 55.08
C ARG A 2214 54.73 0.59 54.22
N LEU A 2215 53.61 1.31 54.02
CA LEU A 2215 52.57 0.83 53.11
C LEU A 2215 53.08 0.68 51.69
N LEU A 2216 53.79 1.70 51.21
CA LEU A 2216 54.35 1.71 49.86
C LEU A 2216 55.35 0.58 49.66
N ASN A 2217 56.14 0.31 50.70
CA ASN A 2217 57.12 -0.77 50.66
C ASN A 2217 56.42 -2.12 50.58
N PHE A 2218 55.40 -2.34 51.39
CA PHE A 2218 54.71 -3.63 51.34
C PHE A 2218 53.95 -3.83 50.04
N LEU A 2219 53.41 -2.74 49.49
CA LEU A 2219 52.72 -2.82 48.21
C LEU A 2219 53.68 -3.15 47.08
N MET A 2220 54.84 -2.48 47.05
CA MET A 2220 55.86 -2.82 46.07
C MET A 2220 56.46 -4.19 46.30
N LYS A 2221 56.39 -4.70 47.53
CA LYS A 2221 56.94 -6.01 47.82
C LYS A 2221 56.04 -7.12 47.30
N HIS A 2222 54.75 -7.09 47.66
CA HIS A 2222 53.84 -8.16 47.28
C HIS A 2222 52.83 -7.61 46.27
N VAL A 2223 53.02 -7.97 45.00
CA VAL A 2223 52.19 -7.42 43.93
C VAL A 2223 51.71 -8.50 42.96
N PHE A 2224 52.41 -9.64 42.92
CA PHE A 2224 52.43 -10.49 41.72
C PHE A 2224 51.11 -11.14 41.35
N HIS A 2225 50.58 -12.04 42.22
CA HIS A 2225 49.27 -12.70 42.07
C HIS A 2225 49.07 -13.42 40.74
N PRO A 2226 49.52 -14.68 40.62
CA PRO A 2226 49.67 -15.34 39.31
C PRO A 2226 48.45 -15.39 38.40
N LYS A 2227 47.24 -15.20 38.91
CA LYS A 2227 46.11 -14.96 38.01
C LYS A 2227 46.23 -13.57 37.42
N ARG A 2228 46.36 -13.52 36.09
CA ARG A 2228 46.76 -12.30 35.38
C ARG A 2228 45.70 -11.22 35.43
N ALA A 2229 44.43 -11.60 35.61
CA ALA A 2229 43.33 -10.66 35.50
C ALA A 2229 43.33 -9.60 36.60
N VAL A 2230 43.98 -9.85 37.73
CA VAL A 2230 44.01 -8.90 38.83
C VAL A 2230 45.35 -8.20 38.97
N PHE A 2231 46.38 -8.66 38.26
CA PHE A 2231 47.70 -8.04 38.27
C PHE A 2231 47.64 -6.58 37.82
N ARG A 2232 46.87 -6.33 36.77
CA ARG A 2232 46.70 -4.96 36.28
C ARG A 2232 45.95 -4.10 37.29
N HIS A 2233 45.03 -4.70 38.06
CA HIS A 2233 44.37 -3.95 39.12
C HIS A 2233 45.34 -3.58 40.22
N ASN A 2234 46.24 -4.50 40.58
CA ASN A 2234 47.25 -4.22 41.60
C ASN A 2234 48.15 -3.08 41.18
N LEU A 2235 48.61 -3.12 39.92
CA LEU A 2235 49.43 -2.03 39.40
C LEU A 2235 48.64 -0.72 39.32
N GLU A 2236 47.33 -0.80 39.07
CA GLU A 2236 46.49 0.38 39.10
C GLU A 2236 46.43 1.01 40.49
N ILE A 2237 46.33 0.18 41.53
CA ILE A 2237 46.29 0.70 42.90
C ILE A 2237 47.61 1.38 43.24
N ILE A 2238 48.73 0.73 42.91
CA ILE A 2238 50.04 1.30 43.20
C ILE A 2238 50.25 2.59 42.43
N LYS A 2239 49.80 2.60 41.17
CA LYS A 2239 49.95 3.78 40.32
C LYS A 2239 49.15 4.95 40.85
N THR A 2240 47.93 4.68 41.34
CA THR A 2240 47.12 5.74 41.92
C THR A 2240 47.74 6.29 43.19
N LEU A 2241 48.33 5.41 44.01
CA LEU A 2241 48.96 5.87 45.25
C LEU A 2241 50.18 6.72 44.96
N VAL A 2242 51.03 6.28 44.04
CA VAL A 2242 52.25 7.03 43.78
C VAL A 2242 51.98 8.27 42.95
N GLU A 2243 50.82 8.36 42.28
CA GLU A 2243 50.47 9.59 41.59
C GLU A 2243 49.68 10.55 42.45
N CYS A 2244 49.09 10.09 43.55
CA CYS A 2244 48.37 11.01 44.41
C CYS A 2244 49.20 11.53 45.56
N TRP A 2245 50.15 10.74 46.09
CA TRP A 2245 50.81 11.14 47.32
C TRP A 2245 51.81 12.26 47.08
N LYS A 2246 52.92 11.97 46.40
CA LYS A 2246 53.87 12.92 45.82
C LYS A 2246 54.58 13.85 46.82
N ASP A 2247 54.30 13.74 48.11
CA ASP A 2247 54.84 14.66 49.09
C ASP A 2247 55.85 13.99 50.00
N CYS A 2248 55.46 12.91 50.68
CA CYS A 2248 56.44 11.98 51.23
C CYS A 2248 56.80 11.03 50.11
N LEU A 2249 57.75 11.47 49.30
CA LEU A 2249 58.22 10.66 48.18
C LEU A 2249 58.92 9.42 48.71
N SER A 2250 60.11 9.60 49.31
CA SER A 2250 60.92 8.61 50.03
C SER A 2250 60.93 7.22 49.44
N ILE A 2251 61.01 7.13 48.12
CA ILE A 2251 60.72 5.90 47.38
C ILE A 2251 61.82 4.89 47.60
N PRO A 2252 61.53 3.60 47.58
CA PRO A 2252 62.57 2.59 47.79
C PRO A 2252 63.21 2.13 46.50
N TYR A 2253 64.49 1.79 46.62
CA TYR A 2253 65.24 1.19 45.53
C TYR A 2253 65.89 -0.09 46.04
N ARG A 2254 66.63 -0.72 45.12
CA ARG A 2254 67.39 -1.96 45.25
C ARG A 2254 66.50 -3.19 45.35
N LEU A 2255 65.23 -3.01 45.69
CA LEU A 2255 64.27 -4.09 45.58
C LEU A 2255 63.69 -4.13 44.19
N ILE A 2256 63.55 -2.95 43.57
CA ILE A 2256 63.32 -2.85 42.14
C ILE A 2256 64.46 -3.52 41.39
N PHE A 2257 65.69 -3.26 41.83
CA PHE A 2257 66.88 -3.83 41.22
C PHE A 2257 66.92 -5.35 41.40
N GLU A 2258 66.50 -5.85 42.55
CA GLU A 2258 66.39 -7.30 42.71
C GLU A 2258 65.22 -7.86 41.91
N LYS A 2259 64.21 -7.06 41.61
CA LYS A 2259 63.10 -7.54 40.81
C LYS A 2259 63.50 -7.72 39.36
N PHE A 2260 64.15 -6.71 38.77
CA PHE A 2260 64.55 -6.88 37.37
C PHE A 2260 65.91 -7.57 37.22
N SER A 2261 66.59 -7.91 38.31
CA SER A 2261 67.92 -8.50 38.23
C SER A 2261 67.92 -9.99 37.98
N GLY A 2262 66.82 -10.55 37.49
CA GLY A 2262 66.77 -11.97 37.22
C GLY A 2262 67.62 -12.32 36.02
N LYS A 2263 68.47 -13.32 36.19
CA LYS A 2263 69.23 -13.92 35.11
C LYS A 2263 68.38 -15.06 34.52
N ASP A 2264 69.02 -15.96 33.75
CA ASP A 2264 68.42 -17.14 33.11
C ASP A 2264 67.30 -16.71 32.16
N PRO A 2265 67.64 -16.22 30.95
CA PRO A 2265 66.59 -15.79 30.01
C PRO A 2265 65.73 -16.92 29.47
N ASN A 2266 64.91 -17.50 30.34
CA ASN A 2266 63.88 -18.46 29.96
C ASN A 2266 62.55 -18.21 30.64
N SER A 2267 62.49 -17.39 31.69
CA SER A 2267 61.28 -17.16 32.46
C SER A 2267 61.05 -15.66 32.59
N LYS A 2268 59.79 -15.29 32.77
CA LYS A 2268 59.40 -13.88 32.82
C LYS A 2268 59.41 -13.33 34.24
N ASP A 2269 60.51 -13.52 34.95
CA ASP A 2269 60.59 -13.09 36.34
C ASP A 2269 61.02 -11.64 36.49
N ASN A 2270 61.18 -10.90 35.41
CA ASN A 2270 61.50 -9.49 35.50
C ASN A 2270 60.43 -8.61 34.89
N SER A 2271 59.30 -9.21 34.48
CA SER A 2271 58.19 -8.45 33.93
C SER A 2271 57.60 -7.52 34.98
N VAL A 2272 57.57 -7.98 36.23
CA VAL A 2272 57.00 -7.20 37.32
C VAL A 2272 57.85 -5.96 37.58
N GLY A 2273 59.17 -6.15 37.63
CA GLY A 2273 60.07 -5.04 37.92
C GLY A 2273 60.05 -3.98 36.85
N ILE A 2274 60.00 -4.40 35.58
CA ILE A 2274 59.98 -3.40 34.51
C ILE A 2274 58.60 -2.76 34.39
N GLN A 2275 57.54 -3.46 34.77
CA GLN A 2275 56.22 -2.84 34.72
C GLN A 2275 56.05 -1.83 35.84
N LEU A 2276 56.57 -2.13 37.02
CA LEU A 2276 56.55 -1.14 38.09
C LEU A 2276 57.55 -0.03 37.82
N LEU A 2277 58.59 -0.30 37.03
CA LEU A 2277 59.43 0.77 36.53
C LEU A 2277 58.64 1.69 35.62
N GLY A 2278 57.78 1.12 34.77
CA GLY A 2278 56.91 1.94 33.94
C GLY A 2278 55.90 2.72 34.75
N ILE A 2279 55.44 2.14 35.86
CA ILE A 2279 54.56 2.85 36.77
C ILE A 2279 55.29 4.03 37.42
N VAL A 2280 56.49 3.78 37.94
CA VAL A 2280 57.22 4.83 38.64
C VAL A 2280 57.80 5.84 37.65
N MET A 2281 57.91 5.49 36.38
CA MET A 2281 58.59 6.34 35.42
C MET A 2281 57.63 7.12 34.54
N ALA A 2282 56.41 6.62 34.34
CA ALA A 2282 55.47 7.20 33.38
C ALA A 2282 54.97 8.58 33.78
N ASN A 2283 55.17 8.96 35.04
CA ASN A 2283 54.79 10.28 35.53
C ASN A 2283 55.99 11.14 35.88
N ASP A 2284 56.91 10.61 36.67
CA ASP A 2284 58.02 11.37 37.23
C ASP A 2284 59.09 10.34 37.63
N LEU A 2285 59.93 10.71 38.60
CA LEU A 2285 60.73 9.79 39.42
C LEU A 2285 61.75 8.97 38.63
N PRO A 2286 62.84 9.59 38.18
CA PRO A 2286 63.90 8.84 37.50
C PRO A 2286 64.66 7.97 38.49
N PRO A 2287 65.39 6.96 38.01
CA PRO A 2287 66.17 6.13 38.94
C PRO A 2287 67.41 6.83 39.48
N TYR A 2288 67.23 7.68 40.49
CA TYR A 2288 68.34 8.38 41.13
C TYR A 2288 69.03 7.40 42.09
N ASP A 2289 69.89 6.56 41.49
CA ASP A 2289 70.43 5.43 42.24
C ASP A 2289 71.46 5.83 43.30
N PRO A 2290 72.64 6.42 42.96
CA PRO A 2290 73.75 6.36 43.92
C PRO A 2290 73.78 7.47 44.95
N GLN A 2291 72.65 7.74 45.60
CA GLN A 2291 72.64 8.56 46.80
C GLN A 2291 72.57 7.70 48.06
N CYS A 2292 71.72 6.68 48.04
CA CYS A 2292 71.75 5.62 49.02
C CYS A 2292 71.69 4.25 48.39
N GLY A 2293 71.47 4.15 47.07
CA GLY A 2293 71.37 2.88 46.40
C GLY A 2293 72.72 2.27 46.06
N ILE A 2294 72.85 1.79 44.83
CA ILE A 2294 74.08 1.19 44.34
C ILE A 2294 74.54 2.00 43.13
N GLN A 2295 75.62 1.56 42.48
CA GLN A 2295 76.13 2.29 41.33
C GLN A 2295 75.19 2.17 40.14
N SER A 2296 75.01 3.28 39.43
CA SER A 2296 74.03 3.32 38.35
C SER A 2296 74.52 2.60 37.11
N SER A 2297 75.84 2.42 36.97
CA SER A 2297 76.39 1.71 35.82
C SER A 2297 75.94 0.26 35.81
N GLU A 2298 76.08 -0.41 36.95
CA GLU A 2298 75.64 -1.80 37.10
C GLU A 2298 74.13 -1.92 36.97
N TYR A 2299 73.41 -0.94 37.49
CA TYR A 2299 71.96 -0.81 37.33
C TYR A 2299 71.56 -0.83 35.85
N PHE A 2300 72.10 0.11 35.09
CA PHE A 2300 71.67 0.27 33.71
C PHE A 2300 72.17 -0.85 32.81
N GLN A 2301 73.33 -1.45 33.14
CA GLN A 2301 73.77 -2.57 32.32
C GLN A 2301 72.98 -3.83 32.63
N ALA A 2302 72.50 -3.99 33.87
CA ALA A 2302 71.54 -5.06 34.14
C ALA A 2302 70.23 -4.82 33.39
N LEU A 2303 69.84 -3.55 33.27
CA LEU A 2303 68.62 -3.21 32.54
C LEU A 2303 68.74 -3.55 31.06
N VAL A 2304 69.87 -3.18 30.44
CA VAL A 2304 70.03 -3.49 29.02
C VAL A 2304 70.30 -4.98 28.82
N ASN A 2305 70.81 -5.69 29.83
CA ASN A 2305 70.85 -7.15 29.75
C ASN A 2305 69.44 -7.73 29.73
N ASN A 2306 68.53 -7.16 30.53
CA ASN A 2306 67.13 -7.57 30.46
C ASN A 2306 66.51 -7.23 29.14
N MET A 2307 66.96 -6.14 28.51
CA MET A 2307 66.49 -5.86 27.15
C MET A 2307 67.09 -6.85 26.16
N SER A 2308 68.29 -7.35 26.44
CA SER A 2308 68.88 -8.39 25.61
C SER A 2308 68.24 -9.75 25.84
N PHE A 2309 67.51 -9.91 26.93
CA PHE A 2309 66.80 -11.15 27.21
C PHE A 2309 65.72 -11.41 26.18
N VAL A 2310 65.97 -12.35 25.28
CA VAL A 2310 64.97 -12.67 24.27
C VAL A 2310 64.57 -14.14 24.34
N ARG A 2311 63.59 -14.42 25.17
CA ARG A 2311 62.87 -15.69 25.09
C ARG A 2311 61.37 -15.46 25.05
N TYR A 2312 60.84 -14.56 25.86
CA TYR A 2312 59.46 -14.14 25.80
C TYR A 2312 59.43 -12.71 25.30
N LYS A 2313 58.23 -12.22 25.00
CA LYS A 2313 58.10 -11.06 24.12
C LYS A 2313 57.96 -9.75 24.88
N GLU A 2314 56.98 -9.71 25.78
CA GLU A 2314 56.59 -8.50 26.48
C GLU A 2314 57.71 -7.97 27.37
N VAL A 2315 58.62 -8.86 27.80
CA VAL A 2315 59.74 -8.45 28.63
C VAL A 2315 60.65 -7.49 27.88
N TYR A 2316 61.14 -7.87 26.69
CA TYR A 2316 62.01 -6.96 25.98
C TYR A 2316 61.24 -5.82 25.35
N ALA A 2317 59.96 -6.03 25.01
CA ALA A 2317 59.15 -4.94 24.46
C ALA A 2317 58.98 -3.80 25.46
N ALA A 2318 58.47 -4.11 26.65
CA ALA A 2318 58.28 -3.08 27.66
C ALA A 2318 59.61 -2.58 28.20
N ALA A 2319 60.65 -3.40 28.19
CA ALA A 2319 61.97 -2.94 28.60
C ALA A 2319 62.51 -1.91 27.64
N ALA A 2320 62.36 -2.14 26.34
CA ALA A 2320 62.78 -1.16 25.35
C ALA A 2320 61.95 0.11 25.44
N GLU A 2321 60.66 -0.04 25.76
CA GLU A 2321 59.80 1.13 25.90
C GLU A 2321 60.22 1.99 27.09
N VAL A 2322 60.51 1.36 28.23
CA VAL A 2322 60.84 2.14 29.40
C VAL A 2322 62.26 2.69 29.26
N LEU A 2323 63.13 2.01 28.51
CA LEU A 2323 64.43 2.59 28.17
C LEU A 2323 64.26 3.82 27.29
N GLY A 2324 63.30 3.78 26.37
CA GLY A 2324 62.99 4.96 25.59
C GLY A 2324 62.48 6.10 26.43
N LEU A 2325 61.68 5.81 27.44
CA LEU A 2325 61.22 6.86 28.35
C LEU A 2325 62.36 7.39 29.20
N ILE A 2326 63.29 6.50 29.58
CA ILE A 2326 64.49 6.91 30.32
C ILE A 2326 65.30 7.88 29.48
N LEU A 2327 65.54 7.51 28.21
CA LEU A 2327 66.32 8.35 27.31
C LEU A 2327 65.60 9.64 26.98
N ARG A 2328 64.26 9.62 26.97
CA ARG A 2328 63.50 10.84 26.81
C ARG A 2328 63.71 11.77 28.00
N TYR A 2329 63.80 11.21 29.21
CA TYR A 2329 64.11 12.03 30.37
C TYR A 2329 65.55 12.52 30.33
N VAL A 2330 66.46 11.72 29.75
CA VAL A 2330 67.85 12.15 29.56
C VAL A 2330 67.91 13.36 28.63
N MET A 2331 67.25 13.27 27.48
CA MET A 2331 67.23 14.37 26.53
C MET A 2331 66.46 15.58 27.05
N GLU A 2332 65.49 15.36 27.95
CA GLU A 2332 64.82 16.49 28.59
C GLU A 2332 65.74 17.18 29.59
N ARG A 2333 66.50 16.40 30.36
CA ARG A 2333 67.43 16.97 31.31
C ARG A 2333 68.75 17.30 30.61
N LYS A 2334 69.76 17.71 31.37
CA LYS A 2334 71.10 17.89 30.83
C LYS A 2334 72.21 17.31 31.69
N ASN A 2335 72.03 17.20 33.01
CA ASN A 2335 73.12 16.79 33.89
C ASN A 2335 73.38 15.29 33.84
N ILE A 2336 72.42 14.50 33.39
CA ILE A 2336 72.54 13.05 33.44
C ILE A 2336 73.56 12.58 32.40
N LEU A 2337 74.54 11.80 32.87
CA LEU A 2337 75.55 11.24 32.00
C LEU A 2337 75.16 9.82 31.56
N GLU A 2338 74.02 9.76 30.88
CA GLU A 2338 73.67 8.59 30.10
C GLU A 2338 74.27 8.63 28.71
N GLU A 2339 75.22 9.53 28.48
CA GLU A 2339 75.95 9.69 27.23
C GLU A 2339 77.02 8.63 27.04
N SER A 2340 77.04 7.61 27.88
CA SER A 2340 77.57 6.30 27.54
C SER A 2340 76.49 5.24 27.52
N LEU A 2341 75.34 5.48 28.14
CA LEU A 2341 74.25 4.51 28.11
C LEU A 2341 73.63 4.43 26.71
N CYS A 2342 73.61 5.57 26.00
CA CYS A 2342 73.18 5.55 24.61
C CYS A 2342 74.11 4.69 23.76
N GLU A 2343 75.42 4.80 24.02
CA GLU A 2343 76.37 3.95 23.33
C GLU A 2343 76.24 2.50 23.74
N LEU A 2344 75.85 2.26 24.99
CA LEU A 2344 75.64 0.90 25.48
C LEU A 2344 74.43 0.25 24.82
N VAL A 2345 73.33 0.99 24.69
CA VAL A 2345 72.15 0.40 24.09
C VAL A 2345 72.32 0.29 22.59
N ALA A 2346 73.06 1.22 21.96
CA ALA A 2346 73.40 1.06 20.55
C ALA A 2346 74.31 -0.14 20.35
N LYS A 2347 75.21 -0.38 21.30
CA LYS A 2347 76.07 -1.56 21.26
C LYS A 2347 75.26 -2.83 21.39
N GLN A 2348 74.24 -2.82 22.25
CA GLN A 2348 73.40 -4.00 22.45
C GLN A 2348 72.57 -4.29 21.19
N LEU A 2349 72.01 -3.26 20.57
CA LEU A 2349 71.31 -3.48 19.31
C LEU A 2349 72.25 -3.86 18.18
N LYS A 2350 73.50 -3.42 18.24
CA LYS A 2350 74.47 -3.86 17.24
C LYS A 2350 74.82 -5.33 17.42
N GLN A 2351 74.95 -5.77 18.67
CA GLN A 2351 75.25 -7.17 18.94
C GLN A 2351 74.06 -8.08 18.68
N HIS A 2352 72.84 -7.56 18.79
CA HIS A 2352 71.67 -8.34 18.43
C HIS A 2352 71.35 -8.26 16.95
N GLN A 2353 71.87 -7.24 16.27
CA GLN A 2353 71.65 -7.01 14.85
C GLN A 2353 72.24 -8.10 13.97
N ASN A 2354 73.44 -8.58 14.30
CA ASN A 2354 74.19 -9.43 13.38
C ASN A 2354 73.60 -10.83 13.30
N THR A 2355 73.07 -11.32 14.41
CA THR A 2355 72.52 -12.67 14.45
C THR A 2355 70.99 -12.70 14.36
N MET A 2356 70.31 -11.60 14.69
CA MET A 2356 68.86 -11.56 14.70
C MET A 2356 68.37 -10.31 13.96
N GLU A 2357 67.26 -10.45 13.25
CA GLU A 2357 66.74 -9.36 12.43
C GLU A 2357 65.31 -9.00 12.81
N ASP A 2358 64.46 -9.96 13.13
CA ASP A 2358 63.05 -9.67 13.33
C ASP A 2358 62.78 -9.03 14.68
N LYS A 2359 63.48 -9.47 15.72
CA LYS A 2359 63.37 -8.82 17.02
C LYS A 2359 64.08 -7.48 17.04
N PHE A 2360 65.10 -7.31 16.20
CA PHE A 2360 65.89 -6.10 16.18
C PHE A 2360 65.06 -4.90 15.72
N ILE A 2361 64.26 -5.08 14.67
CA ILE A 2361 63.50 -3.96 14.15
C ILE A 2361 62.35 -3.61 15.08
N VAL A 2362 61.80 -4.59 15.82
CA VAL A 2362 60.68 -4.23 16.68
C VAL A 2362 61.17 -3.60 17.97
N CYS A 2363 62.36 -3.98 18.46
CA CYS A 2363 62.87 -3.24 19.62
C CYS A 2363 63.39 -1.87 19.21
N LEU A 2364 63.85 -1.74 17.97
CA LEU A 2364 64.17 -0.42 17.45
C LEU A 2364 62.92 0.45 17.32
N ASN A 2365 61.81 -0.16 16.91
CA ASN A 2365 60.54 0.55 16.85
C ASN A 2365 60.08 0.97 18.24
N LYS A 2366 60.31 0.12 19.23
CA LYS A 2366 59.90 0.44 20.59
C LYS A 2366 60.75 1.56 21.18
N VAL A 2367 62.06 1.55 20.92
CA VAL A 2367 62.88 2.64 21.45
C VAL A 2367 62.70 3.93 20.65
N THR A 2368 62.27 3.83 19.40
CA THR A 2368 62.00 5.04 18.64
C THR A 2368 60.56 5.47 18.75
N LYS A 2369 59.74 4.72 19.50
CA LYS A 2369 58.42 5.21 19.89
C LYS A 2369 58.54 6.50 20.71
N SER A 2370 59.56 6.60 21.55
CA SER A 2370 59.79 7.80 22.33
C SER A 2370 61.16 8.44 22.09
N PHE A 2371 62.07 7.79 21.38
CA PHE A 2371 63.42 8.32 21.20
C PHE A 2371 63.74 8.50 19.72
N PRO A 2372 63.65 9.71 19.18
CA PRO A 2372 64.01 9.96 17.77
C PRO A 2372 65.48 9.70 17.45
N PRO A 2373 66.48 10.40 18.10
CA PRO A 2373 67.76 10.56 17.41
C PRO A 2373 68.70 9.37 17.50
N LEU A 2374 68.22 8.21 17.94
CA LEU A 2374 68.99 6.99 17.75
C LEU A 2374 68.90 6.47 16.32
N ALA A 2375 67.91 6.94 15.55
CA ALA A 2375 67.71 6.49 14.18
C ALA A 2375 68.76 7.03 13.20
N ASP A 2376 69.67 7.90 13.65
CA ASP A 2376 70.81 8.26 12.82
C ASP A 2376 71.80 7.11 12.68
N ARG A 2377 71.73 6.13 13.57
CA ARG A 2377 72.63 4.97 13.50
C ARG A 2377 72.16 3.96 12.49
N PHE A 2378 70.98 3.39 12.71
CA PHE A 2378 70.48 2.28 11.89
C PHE A 2378 69.70 2.75 10.68
N MET A 2379 69.92 3.99 10.22
CA MET A 2379 69.15 4.53 9.11
C MET A 2379 69.42 3.78 7.81
N ASN A 2380 70.67 3.41 7.58
CA ASN A 2380 71.01 2.69 6.36
C ASN A 2380 70.75 1.19 6.49
N ALA A 2381 70.64 0.69 7.72
CA ALA A 2381 70.37 -0.73 7.92
C ALA A 2381 68.95 -1.08 7.50
N VAL A 2382 67.98 -0.27 7.92
CA VAL A 2382 66.61 -0.50 7.54
C VAL A 2382 66.39 -0.17 6.06
N PHE A 2383 67.14 0.80 5.54
CA PHE A 2383 67.10 1.08 4.10
C PHE A 2383 67.65 -0.08 3.30
N PHE A 2384 68.64 -0.78 3.86
CA PHE A 2384 69.18 -1.96 3.20
C PHE A 2384 68.18 -3.10 3.24
N LEU A 2385 67.81 -3.56 4.42
CA LEU A 2385 66.85 -4.67 4.52
C LEU A 2385 65.42 -4.18 4.72
N LEU A 2386 65.01 -3.23 3.88
CA LEU A 2386 63.58 -3.00 3.69
C LEU A 2386 62.81 -4.22 3.19
N PRO A 2387 63.22 -4.97 2.16
CA PRO A 2387 62.42 -6.13 1.75
C PRO A 2387 62.64 -7.32 2.70
N LYS A 2388 61.94 -8.41 2.39
CA LYS A 2388 61.83 -9.65 3.16
C LYS A 2388 61.19 -9.45 4.53
N PHE A 2389 60.58 -8.29 4.79
CA PHE A 2389 59.89 -8.04 6.04
C PHE A 2389 58.40 -7.87 5.75
N HIS A 2390 57.89 -8.71 4.86
CA HIS A 2390 56.57 -8.53 4.29
C HIS A 2390 55.48 -8.83 5.31
N GLY A 2391 55.00 -7.78 5.97
CA GLY A 2391 53.97 -7.88 7.00
C GLY A 2391 53.90 -6.58 7.79
N VAL A 2392 53.56 -6.71 9.06
CA VAL A 2392 53.52 -5.56 9.95
C VAL A 2392 54.93 -5.05 10.24
N LEU A 2393 55.94 -5.91 10.05
CA LEU A 2393 57.33 -5.48 10.14
C LEU A 2393 57.66 -4.41 9.11
N LYS A 2394 57.06 -4.50 7.92
CA LYS A 2394 57.22 -3.47 6.92
C LYS A 2394 56.62 -2.16 7.39
N THR A 2395 55.49 -2.23 8.10
CA THR A 2395 54.93 -1.03 8.71
C THR A 2395 55.83 -0.48 9.79
N LEU A 2396 56.54 -1.36 10.51
CA LEU A 2396 57.50 -0.91 11.51
C LEU A 2396 58.67 -0.18 10.86
N CYS A 2397 59.13 -0.69 9.71
CA CYS A 2397 60.17 0.01 8.95
C CYS A 2397 59.67 1.37 8.46
N LEU A 2398 58.43 1.43 8.00
CA LEU A 2398 57.88 2.71 7.56
C LEU A 2398 57.70 3.66 8.73
N GLU A 2399 57.42 3.13 9.93
CA GLU A 2399 57.32 3.99 11.10
C GLU A 2399 58.68 4.53 11.51
N VAL A 2400 59.72 3.70 11.48
CA VAL A 2400 61.01 4.19 11.95
C VAL A 2400 61.64 5.12 10.93
N VAL A 2401 61.34 4.95 9.64
CA VAL A 2401 61.76 5.98 8.71
C VAL A 2401 60.84 7.20 8.78
N LEU A 2402 59.61 7.04 9.30
CA LEU A 2402 58.78 8.20 9.56
C LEU A 2402 59.30 9.01 10.75
N CYS A 2403 60.04 8.36 11.66
CA CYS A 2403 60.65 9.08 12.78
C CYS A 2403 61.61 10.15 12.28
N ARG A 2404 62.54 9.78 11.40
CA ARG A 2404 63.49 10.73 10.84
C ARG A 2404 63.19 10.93 9.36
N VAL A 2405 62.53 12.03 9.04
CA VAL A 2405 62.48 12.58 7.69
C VAL A 2405 63.01 14.00 7.66
N GLU A 2406 62.55 14.84 8.59
CA GLU A 2406 63.03 16.20 8.71
C GLU A 2406 64.45 16.19 9.24
N GLY A 2407 65.42 16.20 8.32
CA GLY A 2407 66.81 16.03 8.69
C GLY A 2407 67.50 14.89 7.97
N MET A 2408 67.04 14.54 6.77
CA MET A 2408 67.78 13.66 5.89
C MET A 2408 68.14 14.43 4.62
N THR A 2409 68.93 13.79 3.76
CA THR A 2409 69.57 14.52 2.66
C THR A 2409 68.61 14.77 1.50
N GLU A 2410 68.21 13.71 0.80
CA GLU A 2410 67.15 13.83 -0.19
C GLU A 2410 66.15 12.70 -0.17
N LEU A 2411 66.53 11.49 0.29
CA LEU A 2411 65.66 10.41 0.75
C LEU A 2411 64.82 9.76 -0.34
N TYR A 2412 64.71 10.37 -1.51
CA TYR A 2412 63.73 9.90 -2.47
C TYR A 2412 64.26 8.74 -3.30
N PHE A 2413 65.48 8.88 -3.81
CA PHE A 2413 66.05 7.88 -4.71
C PHE A 2413 66.31 6.57 -4.00
N GLN A 2414 66.54 6.63 -2.69
CA GLN A 2414 66.63 5.43 -1.88
C GLN A 2414 65.32 4.65 -1.89
N LEU A 2415 64.22 5.34 -1.61
CA LEU A 2415 62.90 4.70 -1.62
C LEU A 2415 62.51 4.25 -3.01
N LYS A 2416 62.89 5.02 -4.03
CA LYS A 2416 62.56 4.65 -5.40
C LYS A 2416 63.35 3.43 -5.86
N SER A 2417 64.60 3.30 -5.39
CA SER A 2417 65.35 2.08 -5.64
C SER A 2417 64.77 0.90 -4.88
N LYS A 2418 64.18 1.15 -3.71
CA LYS A 2418 63.54 0.08 -2.95
C LYS A 2418 62.07 -0.12 -3.30
N ASP A 2419 61.65 0.33 -4.49
CA ASP A 2419 60.29 0.29 -5.05
C ASP A 2419 59.20 0.64 -4.04
N PHE A 2420 59.28 1.89 -3.55
CA PHE A 2420 58.33 2.39 -2.57
C PHE A 2420 56.95 2.59 -3.17
N VAL A 2421 56.89 2.97 -4.45
CA VAL A 2421 55.61 3.20 -5.10
C VAL A 2421 54.90 1.88 -5.42
N GLN A 2422 55.63 0.77 -5.47
CA GLN A 2422 55.00 -0.54 -5.57
C GLN A 2422 54.18 -0.87 -4.33
N VAL A 2423 54.69 -0.52 -3.15
CA VAL A 2423 54.05 -0.89 -1.90
C VAL A 2423 53.12 0.22 -1.39
N MET A 2424 53.19 1.41 -2.00
CA MET A 2424 52.17 2.43 -1.72
C MET A 2424 50.81 2.01 -2.27
N ARG A 2425 50.79 1.14 -3.28
CA ARG A 2425 49.57 0.62 -3.87
C ARG A 2425 49.11 -0.69 -3.23
N HIS A 2426 49.37 -0.87 -1.93
CA HIS A 2426 48.99 -2.08 -1.22
C HIS A 2426 47.54 -1.94 -0.75
N ARG A 2427 47.08 -2.82 0.13
CA ARG A 2427 45.68 -2.83 0.54
C ARG A 2427 45.49 -2.63 2.04
N ASP A 2428 46.53 -2.82 2.86
CA ASP A 2428 46.42 -2.54 4.28
C ASP A 2428 46.39 -1.04 4.54
N ASP A 2429 45.51 -0.61 5.44
CA ASP A 2429 45.18 0.81 5.59
C ASP A 2429 46.35 1.62 6.16
N GLU A 2430 46.96 1.14 7.24
CA GLU A 2430 47.82 2.03 8.02
C GLU A 2430 49.20 2.19 7.42
N ARG A 2431 49.69 1.19 6.68
CA ARG A 2431 50.91 1.41 5.91
C ARG A 2431 50.68 2.46 4.84
N GLN A 2432 49.48 2.51 4.28
CA GLN A 2432 49.16 3.53 3.29
C GLN A 2432 49.02 4.89 3.94
N LYS A 2433 48.47 4.91 5.16
CA LYS A 2433 48.38 6.15 5.94
C LYS A 2433 49.77 6.70 6.24
N VAL A 2434 50.69 5.85 6.69
CA VAL A 2434 51.99 6.36 7.08
C VAL A 2434 52.86 6.67 5.86
N CYS A 2435 52.63 6.03 4.71
CA CYS A 2435 53.45 6.42 3.58
C CYS A 2435 52.90 7.69 2.94
N LEU A 2436 51.59 7.92 3.02
CA LEU A 2436 51.09 9.25 2.70
C LEU A 2436 51.60 10.29 3.68
N ASP A 2437 51.81 9.89 4.94
CA ASP A 2437 52.39 10.78 5.92
C ASP A 2437 53.82 11.15 5.58
N ILE A 2438 54.63 10.18 5.17
CA ILE A 2438 56.01 10.52 4.82
C ILE A 2438 56.08 11.23 3.48
N ILE A 2439 55.09 11.05 2.61
CA ILE A 2439 55.04 11.84 1.38
C ILE A 2439 54.75 13.29 1.71
N TYR A 2440 53.86 13.53 2.69
CA TYR A 2440 53.65 14.88 3.19
C TYR A 2440 54.89 15.40 3.92
N LYS A 2441 55.65 14.51 4.54
CA LYS A 2441 56.85 14.93 5.26
C LYS A 2441 57.94 15.40 4.31
N MET A 2442 58.25 14.59 3.29
CA MET A 2442 59.30 14.88 2.33
C MET A 2442 58.90 15.90 1.27
N MET A 2443 57.70 16.50 1.40
CA MET A 2443 57.13 17.28 0.30
C MET A 2443 57.88 18.59 0.03
N PRO A 2444 57.97 19.58 0.97
CA PRO A 2444 58.44 20.90 0.53
C PRO A 2444 59.96 21.03 0.42
N LYS A 2445 60.60 19.98 -0.11
CA LYS A 2445 61.98 20.01 -0.55
C LYS A 2445 62.21 19.28 -1.86
N LEU A 2446 61.27 18.47 -2.33
CA LEU A 2446 61.47 17.68 -3.53
C LEU A 2446 61.46 18.56 -4.78
N LYS A 2447 62.16 18.08 -5.80
CA LYS A 2447 62.17 18.77 -7.07
C LYS A 2447 60.82 18.58 -7.77
N PRO A 2448 60.34 19.59 -8.49
CA PRO A 2448 59.05 19.45 -9.20
C PRO A 2448 59.06 18.46 -10.35
N VAL A 2449 60.18 17.84 -10.71
CA VAL A 2449 60.18 16.91 -11.83
C VAL A 2449 59.68 15.53 -11.39
N GLU A 2450 60.13 15.02 -10.24
CA GLU A 2450 59.64 13.74 -9.76
C GLU A 2450 58.30 13.85 -9.04
N LEU A 2451 57.89 15.08 -8.71
CA LEU A 2451 56.60 15.28 -8.06
C LEU A 2451 55.46 14.96 -9.01
N ARG A 2452 55.65 15.21 -10.31
CA ARG A 2452 54.66 14.82 -11.31
C ARG A 2452 54.48 13.31 -11.35
N GLU A 2453 55.57 12.55 -11.23
CA GLU A 2453 55.44 11.11 -11.16
C GLU A 2453 54.88 10.65 -9.82
N LEU A 2454 55.16 11.41 -8.76
CA LEU A 2454 54.65 11.07 -7.44
C LEU A 2454 53.14 11.27 -7.35
N LEU A 2455 52.61 12.25 -8.08
CA LEU A 2455 51.18 12.54 -8.04
C LEU A 2455 50.34 11.56 -8.85
N ASN A 2456 50.93 10.52 -9.43
CA ASN A 2456 50.13 9.56 -10.19
C ASN A 2456 49.38 8.55 -9.30
N PRO A 2457 50.01 7.79 -8.38
CA PRO A 2457 49.21 6.82 -7.63
C PRO A 2457 48.46 7.41 -6.45
N VAL A 2458 48.76 8.65 -6.06
CA VAL A 2458 48.09 9.21 -4.90
C VAL A 2458 46.69 9.70 -5.28
N VAL A 2459 46.43 9.94 -6.56
CA VAL A 2459 45.09 10.32 -7.01
C VAL A 2459 44.18 9.11 -7.09
N GLU A 2460 44.74 7.90 -7.09
CA GLU A 2460 43.97 6.67 -6.96
C GLU A 2460 43.32 6.51 -5.59
N PHE A 2461 43.54 7.42 -4.64
CA PHE A 2461 43.02 7.34 -3.28
C PHE A 2461 41.83 8.27 -3.06
N VAL A 2462 40.96 8.44 -4.05
CA VAL A 2462 39.68 9.10 -3.83
C VAL A 2462 38.55 8.07 -3.94
N SER A 2463 38.88 6.80 -3.76
CA SER A 2463 37.90 5.72 -3.91
C SER A 2463 38.09 4.69 -2.81
N HIS A 2464 38.24 5.14 -1.57
CA HIS A 2464 38.51 4.22 -0.48
C HIS A 2464 37.97 4.80 0.82
N PRO A 2465 37.57 3.95 1.76
CA PRO A 2465 37.20 4.42 3.10
C PRO A 2465 38.36 4.90 3.96
N SER A 2466 38.12 5.03 5.26
CA SER A 2466 39.07 5.51 6.27
C SER A 2466 39.49 6.96 5.99
N THR A 2467 38.52 7.85 6.25
CA THR A 2467 38.57 9.27 5.92
C THR A 2467 39.80 10.03 6.41
N THR A 2468 40.59 9.48 7.34
CA THR A 2468 41.83 10.14 7.72
C THR A 2468 42.88 10.05 6.62
N CYS A 2469 42.93 8.92 5.90
CA CYS A 2469 43.92 8.76 4.84
C CYS A 2469 43.59 9.67 3.67
N ARG A 2470 42.32 9.71 3.27
CA ARG A 2470 41.86 10.67 2.30
C ARG A 2470 41.94 12.10 2.81
N GLU A 2471 41.90 12.30 4.12
CA GLU A 2471 42.06 13.65 4.68
C GLU A 2471 43.48 14.15 4.47
N GLN A 2472 44.47 13.32 4.76
CA GLN A 2472 45.85 13.70 4.46
C GLN A 2472 46.10 13.79 2.97
N MET A 2473 45.41 12.95 2.19
CA MET A 2473 45.48 13.02 0.74
C MET A 2473 44.92 14.33 0.22
N TYR A 2474 43.93 14.88 0.90
CA TYR A 2474 43.48 16.22 0.55
C TYR A 2474 44.43 17.28 1.09
N ASN A 2475 45.10 17.01 2.21
CA ASN A 2475 46.01 17.98 2.83
C ASN A 2475 47.21 18.26 1.93
N ILE A 2476 47.77 17.22 1.31
CA ILE A 2476 48.91 17.43 0.44
C ILE A 2476 48.50 18.23 -0.79
N LEU A 2477 47.26 18.07 -1.24
CA LEU A 2477 46.78 18.86 -2.35
C LEU A 2477 46.50 20.29 -1.92
N MET A 2478 46.09 20.47 -0.65
CA MET A 2478 45.93 21.81 -0.07
C MET A 2478 47.25 22.57 -0.11
N TRP A 2479 48.33 21.92 0.32
CA TRP A 2479 49.62 22.61 0.31
C TRP A 2479 50.11 22.85 -1.11
N ILE A 2480 49.93 21.87 -2.00
CA ILE A 2480 50.47 21.98 -3.35
C ILE A 2480 49.70 23.05 -4.13
N HIS A 2481 48.43 23.29 -3.79
CA HIS A 2481 47.73 24.41 -4.40
C HIS A 2481 48.07 25.72 -3.72
N ASP A 2482 48.31 25.70 -2.41
CA ASP A 2482 48.54 26.93 -1.68
C ASP A 2482 49.90 27.53 -2.00
N ASN A 2483 50.85 26.72 -2.48
CA ASN A 2483 52.15 27.29 -2.83
C ASN A 2483 52.65 26.95 -4.23
N TYR A 2484 51.96 26.11 -4.99
CA TYR A 2484 52.40 25.77 -6.34
C TYR A 2484 51.33 26.11 -7.37
N ARG A 2485 50.68 27.26 -7.20
CA ARG A 2485 49.79 27.77 -8.24
C ARG A 2485 50.56 28.30 -9.44
N ASP A 2486 51.87 28.52 -9.29
CA ASP A 2486 52.80 29.09 -10.25
C ASP A 2486 52.31 30.42 -10.81
N PRO A 2487 52.42 31.52 -10.03
CA PRO A 2487 52.01 32.83 -10.56
C PRO A 2487 52.98 33.34 -11.61
N GLU A 2488 52.81 32.83 -12.84
CA GLU A 2488 53.60 33.16 -14.03
C GLU A 2488 55.09 32.88 -13.81
N SER A 2489 55.38 31.59 -13.64
CA SER A 2489 56.75 31.10 -13.66
C SER A 2489 57.02 30.26 -14.91
N GLU A 2490 56.26 29.18 -15.09
CA GLU A 2490 56.19 28.38 -16.32
C GLU A 2490 57.54 27.80 -16.72
N THR A 2491 58.13 27.04 -15.79
CA THR A 2491 59.40 26.39 -16.05
C THR A 2491 59.25 25.06 -16.78
N ASP A 2492 58.03 24.61 -16.99
CA ASP A 2492 57.76 23.30 -17.59
C ASP A 2492 56.31 23.29 -18.06
N ASN A 2493 55.88 22.14 -18.55
CA ASN A 2493 54.45 21.81 -18.49
C ASN A 2493 54.12 20.97 -17.27
N ASP A 2494 55.15 20.41 -16.63
CA ASP A 2494 54.95 19.64 -15.41
C ASP A 2494 54.62 20.53 -14.23
N SER A 2495 55.28 21.69 -14.15
CA SER A 2495 55.12 22.59 -13.00
C SER A 2495 53.72 23.19 -12.95
N GLN A 2496 53.09 23.39 -14.10
CA GLN A 2496 51.70 23.80 -14.11
C GLN A 2496 50.75 22.62 -14.22
N GLU A 2497 51.23 21.48 -14.71
CA GLU A 2497 50.39 20.30 -14.82
C GLU A 2497 50.08 19.71 -13.45
N ILE A 2498 51.01 19.84 -12.49
CA ILE A 2498 50.72 19.41 -11.13
C ILE A 2498 49.67 20.32 -10.49
N PHE A 2499 49.70 21.61 -10.81
CA PHE A 2499 48.67 22.52 -10.33
C PHE A 2499 47.33 22.25 -10.98
N LYS A 2500 47.35 21.81 -12.24
CA LYS A 2500 46.13 21.43 -12.94
C LYS A 2500 45.49 20.21 -12.31
N LEU A 2501 46.28 19.16 -12.06
CA LEU A 2501 45.72 17.96 -11.43
C LEU A 2501 45.32 18.23 -9.99
N ALA A 2502 46.00 19.16 -9.32
CA ALA A 2502 45.62 19.57 -7.97
C ALA A 2502 44.26 20.24 -7.96
N LYS A 2503 44.05 21.19 -8.88
CA LYS A 2503 42.74 21.81 -9.05
C LYS A 2503 41.66 20.78 -9.37
N ASP A 2504 42.01 19.79 -10.20
CA ASP A 2504 41.03 18.79 -10.62
C ASP A 2504 40.55 17.92 -9.47
N VAL A 2505 41.49 17.31 -8.73
CA VAL A 2505 41.06 16.42 -7.66
C VAL A 2505 40.52 17.20 -6.47
N LEU A 2506 41.00 18.43 -6.23
CA LEU A 2506 40.48 19.21 -5.12
C LEU A 2506 39.06 19.71 -5.39
N ILE A 2507 38.75 20.06 -6.63
CA ILE A 2507 37.38 20.41 -6.96
C ILE A 2507 36.48 19.17 -6.97
N GLN A 2508 36.99 18.03 -7.47
CA GLN A 2508 36.20 16.80 -7.45
C GLN A 2508 35.90 16.34 -6.03
N GLY A 2509 36.77 16.67 -5.08
CA GLY A 2509 36.49 16.37 -3.70
C GLY A 2509 35.47 17.30 -3.06
N LEU A 2510 34.23 17.23 -3.53
CA LEU A 2510 33.11 17.90 -2.90
C LEU A 2510 31.87 17.04 -2.80
N ILE A 2511 31.89 15.82 -3.32
CA ILE A 2511 30.71 14.98 -3.30
C ILE A 2511 31.02 13.64 -2.63
N ASP A 2512 32.00 13.64 -1.73
CA ASP A 2512 32.34 12.40 -1.04
C ASP A 2512 31.25 12.00 -0.05
N GLU A 2513 31.14 10.71 0.19
CA GLU A 2513 30.05 10.17 1.01
C GLU A 2513 30.40 10.18 2.50
N ASN A 2514 30.85 11.33 2.98
CA ASN A 2514 31.17 11.51 4.39
C ASN A 2514 31.13 13.00 4.70
N PRO A 2515 30.44 13.41 5.74
CA PRO A 2515 30.38 14.83 6.09
C PRO A 2515 31.65 15.26 6.79
N GLY A 2516 31.70 16.54 7.14
CA GLY A 2516 32.82 17.06 7.89
C GLY A 2516 34.02 17.39 7.02
N LEU A 2517 34.54 16.37 6.33
CA LEU A 2517 35.66 16.59 5.42
C LEU A 2517 35.26 17.52 4.28
N GLN A 2518 34.10 17.28 3.69
CA GLN A 2518 33.60 18.16 2.65
C GLN A 2518 33.22 19.53 3.20
N LEU A 2519 32.87 19.61 4.49
CA LEU A 2519 32.67 20.91 5.13
C LEU A 2519 33.99 21.68 5.23
N ILE A 2520 35.08 20.99 5.52
CA ILE A 2520 36.39 21.62 5.54
C ILE A 2520 36.81 22.05 4.13
N ILE A 2521 36.46 21.24 3.12
CA ILE A 2521 36.73 21.64 1.73
C ILE A 2521 35.92 22.88 1.36
N ARG A 2522 34.68 22.97 1.86
CA ARG A 2522 33.85 24.14 1.64
C ARG A 2522 34.46 25.37 2.30
N ASN A 2523 35.02 25.19 3.50
CA ASN A 2523 35.71 26.29 4.15
C ASN A 2523 36.98 26.68 3.40
N PHE A 2524 37.64 25.71 2.78
CA PHE A 2524 38.87 26.00 2.06
C PHE A 2524 38.59 26.75 0.76
N TRP A 2525 37.48 26.42 0.09
CA TRP A 2525 37.20 27.12 -1.15
C TRP A 2525 36.53 28.46 -0.87
N SER A 2526 35.74 28.53 0.18
CA SER A 2526 35.16 29.80 0.60
C SER A 2526 36.15 30.64 1.39
N HIS A 2527 37.36 30.14 1.62
CA HIS A 2527 38.42 30.94 2.19
C HIS A 2527 38.74 32.12 1.28
N GLU A 2528 39.14 33.23 1.90
CA GLU A 2528 39.36 34.50 1.21
C GLU A 2528 40.51 34.39 0.22
N THR A 2529 40.40 35.18 -0.87
CA THR A 2529 41.36 35.26 -1.97
C THR A 2529 41.55 33.91 -2.68
N ARG A 2530 40.47 33.18 -2.88
CA ARG A 2530 40.38 32.13 -3.88
C ARG A 2530 39.19 32.32 -4.78
N LEU A 2531 38.07 32.75 -4.20
CA LEU A 2531 36.93 33.32 -4.92
C LEU A 2531 36.66 34.69 -4.32
N PRO A 2532 36.77 35.77 -5.09
CA PRO A 2532 36.68 37.11 -4.49
C PRO A 2532 35.25 37.44 -4.10
N SER A 2533 35.13 38.47 -3.25
CA SER A 2533 33.91 38.68 -2.50
C SER A 2533 33.47 40.13 -2.53
N ASN A 2534 33.38 40.74 -3.71
CA ASN A 2534 32.74 42.06 -3.71
C ASN A 2534 31.23 41.88 -3.72
N THR A 2535 30.65 41.52 -4.88
CA THR A 2535 29.42 40.75 -4.92
C THR A 2535 29.42 39.79 -6.10
N LEU A 2536 29.81 40.30 -7.26
CA LEU A 2536 29.58 39.64 -8.54
C LEU A 2536 30.85 39.22 -9.23
N ASP A 2537 31.99 39.71 -8.74
CA ASP A 2537 33.27 39.05 -8.99
C ASP A 2537 33.18 37.58 -8.59
N ARG A 2538 32.50 37.32 -7.47
CA ARG A 2538 32.14 35.96 -7.06
C ARG A 2538 31.36 35.24 -8.15
N LEU A 2539 30.37 35.91 -8.74
CA LEU A 2539 29.49 35.25 -9.70
C LEU A 2539 30.23 34.95 -11.00
N LEU A 2540 31.03 35.89 -11.48
CA LEU A 2540 31.85 35.62 -12.66
C LEU A 2540 33.01 34.69 -12.35
N ALA A 2541 33.31 34.43 -11.07
CA ALA A 2541 34.29 33.43 -10.73
C ALA A 2541 33.71 32.03 -10.65
N LEU A 2542 32.46 31.89 -10.17
CA LEU A 2542 31.91 30.59 -9.80
C LEU A 2542 31.76 29.62 -10.96
N ASN A 2543 31.66 30.10 -12.19
CA ASN A 2543 31.57 29.20 -13.32
C ASN A 2543 32.89 28.49 -13.59
N SER A 2544 34.01 29.11 -13.22
CA SER A 2544 35.32 28.60 -13.60
C SER A 2544 35.68 27.31 -12.88
N LEU A 2545 35.06 27.02 -11.75
CA LEU A 2545 35.26 25.74 -11.07
C LEU A 2545 34.24 24.70 -11.51
N TYR A 2546 34.11 24.54 -12.83
CA TYR A 2546 33.02 23.76 -13.39
C TYR A 2546 33.25 22.27 -13.19
N SER A 2547 34.30 21.72 -13.82
CA SER A 2547 34.79 20.33 -13.72
C SER A 2547 33.70 19.30 -14.01
N PRO A 2548 33.44 18.97 -15.27
CA PRO A 2548 32.29 18.13 -15.65
C PRO A 2548 32.18 16.73 -15.02
N LYS A 2549 33.15 16.30 -14.22
CA LYS A 2549 32.92 15.14 -13.38
C LYS A 2549 31.87 15.43 -12.30
N ILE A 2550 31.79 16.67 -11.82
CA ILE A 2550 30.69 17.09 -10.97
C ILE A 2550 29.93 18.22 -11.65
N GLU A 2551 28.69 17.95 -12.03
CA GLU A 2551 27.75 18.98 -12.42
C GLU A 2551 26.38 18.71 -11.84
N VAL A 2552 26.14 17.49 -11.31
CA VAL A 2552 24.87 17.09 -10.73
C VAL A 2552 24.47 17.99 -9.60
N HIS A 2553 25.44 18.43 -8.81
CA HIS A 2553 25.18 19.25 -7.64
C HIS A 2553 25.78 20.64 -7.78
N PHE A 2554 26.13 21.02 -9.01
CA PHE A 2554 26.87 22.26 -9.24
C PHE A 2554 26.03 23.49 -8.95
N LEU A 2555 24.74 23.45 -9.28
CA LEU A 2555 23.91 24.63 -9.04
C LEU A 2555 23.60 24.82 -7.56
N SER A 2556 23.44 23.72 -6.85
CA SER A 2556 23.31 23.78 -5.39
C SER A 2556 24.58 24.34 -4.77
N LEU A 2557 25.74 23.89 -5.24
CA LEU A 2557 26.99 24.45 -4.77
C LEU A 2557 27.14 25.91 -5.16
N ALA A 2558 26.56 26.29 -6.29
CA ALA A 2558 26.62 27.68 -6.76
C ALA A 2558 25.83 28.59 -5.83
N THR A 2559 24.59 28.23 -5.52
CA THR A 2559 23.84 29.08 -4.60
C THR A 2559 24.37 28.98 -3.17
N ASN A 2560 25.02 27.87 -2.84
CA ASN A 2560 25.66 27.75 -1.52
C ASN A 2560 26.80 28.74 -1.39
N PHE A 2561 27.73 28.74 -2.35
CA PHE A 2561 28.81 29.71 -2.35
C PHE A 2561 28.34 31.12 -2.68
N LEU A 2562 27.13 31.27 -3.19
CA LEU A 2562 26.57 32.59 -3.41
C LEU A 2562 26.08 33.20 -2.10
N LEU A 2563 25.15 32.52 -1.42
CA LEU A 2563 24.53 33.07 -0.24
C LEU A 2563 25.13 32.55 1.06
N GLU A 2564 26.35 32.00 1.00
CA GLU A 2564 27.09 31.83 2.24
C GLU A 2564 27.54 33.18 2.78
N MET A 2565 27.86 34.13 1.91
CA MET A 2565 28.11 35.51 2.32
C MET A 2565 26.85 36.35 2.16
N THR A 2566 25.81 35.95 2.90
CA THR A 2566 24.50 36.56 2.71
C THR A 2566 24.41 37.95 3.33
N SER A 2567 25.07 38.19 4.47
CA SER A 2567 25.03 39.50 5.12
C SER A 2567 26.23 39.70 6.02
N HIS A 2787 13.35 38.09 9.90
CA HIS A 2787 13.67 38.84 8.69
C HIS A 2787 14.85 38.19 7.96
N SER A 2788 15.32 37.07 8.50
CA SER A 2788 16.32 36.26 7.83
C SER A 2788 15.99 34.78 7.83
N SER A 2789 14.93 34.36 8.51
CA SER A 2789 14.58 32.95 8.66
C SER A 2789 13.87 32.37 7.44
N LEU A 2790 13.86 33.08 6.31
CA LEU A 2790 13.43 32.51 5.05
C LEU A 2790 14.58 32.23 4.11
N ILE A 2791 15.67 32.98 4.23
CA ILE A 2791 16.78 32.87 3.29
C ILE A 2791 17.54 31.58 3.55
N THR A 2792 17.68 31.21 4.81
CA THR A 2792 18.38 29.98 5.15
C THR A 2792 17.59 28.69 4.84
N PRO A 2793 16.26 28.59 5.02
CA PRO A 2793 15.58 27.38 4.52
C PRO A 2793 15.53 27.28 3.02
N LEU A 2794 15.75 28.38 2.29
CA LEU A 2794 15.89 28.30 0.84
C LEU A 2794 17.07 27.43 0.44
N GLN A 2795 18.24 27.74 0.98
CA GLN A 2795 19.42 26.91 0.73
C GLN A 2795 19.29 25.54 1.40
N ALA A 2796 18.49 25.44 2.47
CA ALA A 2796 18.29 24.13 3.09
C ALA A 2796 17.45 23.21 2.20
N VAL A 2797 16.42 23.74 1.54
CA VAL A 2797 15.67 22.92 0.60
C VAL A 2797 16.34 22.82 -0.75
N ALA A 2798 17.39 23.61 -1.00
CA ALA A 2798 18.03 23.66 -2.31
C ALA A 2798 18.65 22.33 -2.70
N GLN A 2799 19.43 21.72 -1.80
CA GLN A 2799 20.17 20.51 -2.15
C GLN A 2799 19.32 19.26 -2.14
N ARG A 2800 18.02 19.35 -1.91
CA ARG A 2800 17.21 18.14 -1.78
C ARG A 2800 16.83 17.58 -3.14
N ASP A 2801 16.07 18.35 -3.93
CA ASP A 2801 15.69 17.94 -5.27
C ASP A 2801 16.08 19.03 -6.25
N PRO A 2802 16.49 18.67 -7.47
CA PRO A 2802 17.21 19.63 -8.32
C PRO A 2802 16.37 20.76 -8.89
N ILE A 2803 15.06 20.58 -9.03
CA ILE A 2803 14.26 21.49 -9.85
C ILE A 2803 14.12 22.86 -9.18
N ILE A 2804 13.86 22.87 -7.88
CA ILE A 2804 13.72 24.12 -7.13
C ILE A 2804 15.05 24.89 -7.12
N ALA A 2805 16.16 24.19 -6.97
CA ALA A 2805 17.46 24.87 -6.95
C ALA A 2805 17.84 25.36 -8.34
N LYS A 2806 17.42 24.62 -9.37
CA LYS A 2806 17.68 25.02 -10.74
C LYS A 2806 16.94 26.29 -11.09
N GLN A 2807 15.66 26.35 -10.72
CA GLN A 2807 14.88 27.57 -10.94
C GLN A 2807 15.36 28.71 -10.05
N LEU A 2808 15.89 28.38 -8.87
CA LEU A 2808 16.45 29.38 -7.98
C LEU A 2808 17.70 30.03 -8.58
N PHE A 2809 18.62 29.20 -9.09
CA PHE A 2809 19.83 29.72 -9.70
C PHE A 2809 19.51 30.50 -10.96
N SER A 2810 18.56 30.01 -11.75
CA SER A 2810 18.17 30.69 -12.98
C SER A 2810 17.46 32.01 -12.71
N SER A 2811 16.85 32.16 -11.54
CA SER A 2811 16.33 33.48 -11.18
C SER A 2811 17.43 34.37 -10.61
N LEU A 2812 18.33 33.80 -9.81
CA LEU A 2812 19.27 34.60 -9.05
C LEU A 2812 20.37 35.19 -9.94
N PHE A 2813 20.89 34.39 -10.88
CA PHE A 2813 21.90 34.89 -11.80
C PHE A 2813 21.34 36.01 -12.66
N SER A 2814 20.11 35.84 -13.16
CA SER A 2814 19.47 36.89 -13.93
C SER A 2814 19.24 38.14 -13.08
N GLY A 2815 18.95 37.95 -11.79
CA GLY A 2815 18.80 39.08 -10.89
C GLY A 2815 20.08 39.89 -10.73
N ILE A 2816 21.20 39.20 -10.48
CA ILE A 2816 22.45 39.92 -10.27
C ILE A 2816 22.95 40.53 -11.58
N LEU A 2817 22.72 39.84 -12.70
CA LEU A 2817 23.13 40.37 -13.99
C LEU A 2817 22.29 41.58 -14.37
N LYS A 2818 21.03 41.61 -13.93
CA LYS A 2818 20.26 42.85 -14.06
C LYS A 2818 20.78 43.93 -13.13
N GLU A 2819 21.31 43.53 -11.97
CA GLU A 2819 21.82 44.52 -11.03
C GLU A 2819 23.14 45.13 -11.48
N MET A 2820 23.90 44.45 -12.35
CA MET A 2820 25.16 45.03 -12.79
C MET A 2820 24.99 46.09 -13.87
N ASP A 2821 23.77 46.35 -14.32
CA ASP A 2821 23.54 47.31 -15.39
C ASP A 2821 23.68 48.76 -14.95
N LYS A 2822 23.71 49.03 -13.64
CA LYS A 2822 23.61 50.40 -13.17
C LYS A 2822 24.93 51.15 -13.33
N PHE A 2823 25.94 50.76 -12.56
CA PHE A 2823 27.31 51.17 -12.77
C PHE A 2823 27.98 50.12 -13.67
N LYS A 2824 29.32 50.12 -13.77
CA LYS A 2824 30.09 49.24 -14.66
C LYS A 2824 29.68 49.46 -16.13
N THR A 2825 30.13 50.59 -16.65
CA THR A 2825 29.68 51.13 -17.93
C THR A 2825 30.13 50.24 -19.11
N LEU A 2826 29.84 50.76 -20.32
CA LEU A 2826 29.64 49.95 -21.53
C LEU A 2826 30.87 49.12 -21.92
N SER A 2827 32.08 49.62 -21.66
CA SER A 2827 33.26 48.85 -22.04
C SER A 2827 33.56 47.69 -21.10
N GLU A 2828 32.68 47.36 -20.15
CA GLU A 2828 32.86 46.23 -19.26
C GLU A 2828 31.89 45.10 -19.54
N LYS A 2829 30.65 45.45 -19.84
CA LYS A 2829 29.59 44.47 -20.05
C LYS A 2829 29.88 43.57 -21.23
N ASN A 2830 30.49 44.14 -22.27
CA ASN A 2830 30.79 43.40 -23.49
C ASN A 2830 31.78 42.28 -23.23
N ASN A 2831 32.92 42.62 -22.63
CA ASN A 2831 33.94 41.61 -22.35
C ASN A 2831 33.51 40.64 -21.27
N ILE A 2832 32.71 41.11 -20.29
CA ILE A 2832 32.21 40.23 -19.24
C ILE A 2832 31.28 39.17 -19.84
N THR A 2833 30.35 39.62 -20.70
CA THR A 2833 29.47 38.68 -21.39
C THR A 2833 30.21 37.78 -22.35
N GLN A 2834 31.31 38.27 -22.95
CA GLN A 2834 32.09 37.43 -23.84
C GLN A 2834 32.77 36.31 -23.07
N LYS A 2835 33.33 36.63 -21.90
CA LYS A 2835 33.86 35.59 -21.02
C LYS A 2835 32.77 34.64 -20.55
N LEU A 2836 31.56 35.17 -20.31
CA LEU A 2836 30.44 34.36 -19.85
C LEU A 2836 30.03 33.35 -20.90
N LEU A 2837 29.81 33.82 -22.13
CA LEU A 2837 29.43 32.92 -23.22
C LEU A 2837 30.57 31.98 -23.57
N GLN A 2838 31.82 32.40 -23.34
CA GLN A 2838 32.94 31.49 -23.48
C GLN A 2838 32.82 30.34 -22.50
N ASP A 2839 32.48 30.66 -21.25
CA ASP A 2839 32.26 29.61 -20.25
C ASP A 2839 31.04 28.75 -20.58
N PHE A 2840 30.01 29.33 -21.17
CA PHE A 2840 28.81 28.54 -21.48
C PHE A 2840 29.06 27.59 -22.63
N ASN A 2841 29.72 28.09 -23.69
CA ASN A 2841 30.21 27.25 -24.77
C ASN A 2841 31.12 26.16 -24.24
N ARG A 2842 31.96 26.52 -23.27
CA ARG A 2842 32.86 25.57 -22.63
C ARG A 2842 32.07 24.47 -21.92
N PHE A 2843 30.99 24.84 -21.21
CA PHE A 2843 30.14 23.87 -20.53
C PHE A 2843 29.52 22.90 -21.52
N LEU A 2844 28.86 23.47 -22.54
CA LEU A 2844 28.09 22.65 -23.47
C LEU A 2844 29.00 21.79 -24.34
N ASN A 2845 30.22 22.25 -24.62
CA ASN A 2845 31.17 21.42 -25.35
C ASN A 2845 31.69 20.30 -24.45
N THR A 2846 32.16 20.65 -23.26
CA THR A 2846 32.98 19.74 -22.47
C THR A 2846 32.18 18.83 -21.55
N THR A 2847 30.87 18.99 -21.45
CA THR A 2847 30.10 18.08 -20.60
C THR A 2847 30.03 16.69 -21.24
N PHE A 2848 29.94 15.67 -20.40
CA PHE A 2848 29.95 14.30 -20.91
C PHE A 2848 28.85 13.47 -20.28
N SER A 2849 28.44 13.82 -19.07
CA SER A 2849 27.38 13.11 -18.37
C SER A 2849 26.11 13.94 -18.48
N PHE A 2850 25.18 13.46 -19.30
CA PHE A 2850 24.05 14.28 -19.71
C PHE A 2850 23.05 14.44 -18.58
N PHE A 2851 22.82 15.67 -18.16
CA PHE A 2851 21.94 15.98 -17.04
C PHE A 2851 20.89 16.99 -17.48
N PRO A 2852 19.63 16.57 -17.60
CA PRO A 2852 18.58 17.42 -18.19
C PRO A 2852 18.29 18.71 -17.42
N PRO A 2853 18.21 18.74 -16.07
CA PRO A 2853 17.98 20.04 -15.43
C PRO A 2853 19.13 21.00 -15.57
N PHE A 2854 20.37 20.50 -15.66
CA PHE A 2854 21.51 21.39 -15.87
C PHE A 2854 21.50 21.93 -17.29
N VAL A 2855 21.19 21.09 -18.27
CA VAL A 2855 21.10 21.52 -19.67
C VAL A 2855 20.03 22.58 -19.82
N SER A 2856 18.86 22.34 -19.22
CA SER A 2856 17.79 23.31 -19.29
C SER A 2856 18.10 24.56 -18.48
N CYS A 2857 18.94 24.46 -17.45
CA CYS A 2857 19.30 25.63 -16.67
C CYS A 2857 20.17 26.58 -17.46
N ILE A 2858 21.22 26.06 -18.11
CA ILE A 2858 22.08 26.94 -18.89
C ILE A 2858 21.34 27.48 -20.12
N GLN A 2859 20.53 26.64 -20.76
CA GLN A 2859 19.81 27.14 -21.92
C GLN A 2859 18.68 28.08 -21.55
N ASP A 2860 18.19 28.00 -20.31
CA ASP A 2860 17.20 28.95 -19.83
C ASP A 2860 17.84 30.30 -19.53
N ILE A 2861 19.00 30.30 -18.85
CA ILE A 2861 19.62 31.57 -18.54
C ILE A 2861 20.29 32.21 -19.74
N SER A 2862 20.48 31.46 -20.84
CA SER A 2862 20.98 32.08 -22.06
C SER A 2862 19.94 33.03 -22.66
N CYS A 2863 18.68 32.60 -22.74
CA CYS A 2863 17.66 33.23 -23.57
C CYS A 2863 16.99 34.42 -22.91
N GLN A 2864 17.64 35.06 -21.93
CA GLN A 2864 16.97 36.11 -21.19
C GLN A 2864 17.73 37.42 -21.16
N HIS A 2865 18.74 37.60 -22.01
CA HIS A 2865 19.48 38.86 -22.06
C HIS A 2865 19.89 39.13 -23.49
N ALA A 2866 20.38 40.36 -23.71
CA ALA A 2866 20.69 40.86 -25.05
C ALA A 2866 22.12 40.57 -25.47
N ALA A 2867 22.73 39.53 -24.92
CA ALA A 2867 24.09 39.20 -25.32
C ALA A 2867 24.27 37.75 -25.70
N LEU A 2868 23.59 36.84 -25.03
CA LEU A 2868 23.89 35.42 -25.12
C LEU A 2868 23.12 34.71 -26.23
N LEU A 2869 22.47 35.46 -27.12
CA LEU A 2869 21.61 34.84 -28.12
C LEU A 2869 22.41 34.04 -29.13
N SER A 2870 23.47 34.63 -29.68
CA SER A 2870 24.36 33.93 -30.59
C SER A 2870 25.36 33.10 -29.81
N LEU A 2871 24.83 32.12 -29.08
CA LEU A 2871 25.65 31.37 -28.13
C LEU A 2871 26.43 30.29 -28.86
N ASP A 2872 25.72 29.32 -29.42
CA ASP A 2872 26.34 28.22 -30.14
C ASP A 2872 25.30 27.58 -31.02
N PRO A 2873 25.22 27.96 -32.30
CA PRO A 2873 24.26 27.30 -33.20
C PRO A 2873 24.59 25.87 -33.54
N ALA A 2874 25.71 25.33 -33.06
CA ALA A 2874 26.14 23.97 -33.36
C ALA A 2874 25.95 23.03 -32.18
N ALA A 2875 26.43 23.40 -31.00
CA ALA A 2875 26.41 22.48 -29.88
C ALA A 2875 25.05 22.38 -29.21
N VAL A 2876 24.18 23.38 -29.40
CA VAL A 2876 22.89 23.41 -28.73
C VAL A 2876 22.01 22.25 -29.18
N SER A 2877 22.08 21.91 -30.47
CA SER A 2877 21.25 20.83 -30.98
C SER A 2877 21.71 19.48 -30.46
N ALA A 2878 23.03 19.26 -30.42
CA ALA A 2878 23.56 18.02 -29.85
C ALA A 2878 23.23 17.91 -28.37
N GLY A 2879 23.27 19.05 -27.65
CA GLY A 2879 22.95 19.03 -26.23
C GLY A 2879 21.49 18.71 -25.96
N CYS A 2880 20.59 19.40 -26.66
CA CYS A 2880 19.17 19.16 -26.45
C CYS A 2880 18.73 17.80 -26.99
N LEU A 2881 19.40 17.28 -28.01
CA LEU A 2881 19.01 15.97 -28.53
C LEU A 2881 19.51 14.85 -27.62
N ALA A 2882 20.76 14.94 -27.18
CA ALA A 2882 21.27 13.89 -26.31
C ALA A 2882 20.73 14.00 -24.89
N SER A 2883 20.19 15.15 -24.49
CA SER A 2883 19.66 15.30 -23.16
C SER A 2883 18.14 15.33 -23.13
N LEU A 2884 17.49 15.07 -24.28
CA LEU A 2884 16.02 14.98 -24.42
C LEU A 2884 15.30 16.25 -23.94
N GLN A 2885 15.93 17.40 -24.12
CA GLN A 2885 15.36 18.66 -23.66
C GLN A 2885 15.24 19.66 -24.80
N GLN A 2886 14.67 19.21 -25.92
CA GLN A 2886 14.35 19.98 -27.13
C GLN A 2886 13.70 21.35 -26.89
N PRO A 2887 12.52 21.46 -26.24
CA PRO A 2887 11.72 22.66 -26.46
C PRO A 2887 12.13 23.87 -25.64
N VAL A 2888 13.32 23.86 -25.05
CA VAL A 2888 13.92 25.08 -24.55
C VAL A 2888 15.01 25.59 -25.50
N GLY A 2889 15.81 24.68 -26.05
CA GLY A 2889 16.76 25.05 -27.07
C GLY A 2889 16.09 25.49 -28.36
N ILE A 2890 14.90 24.94 -28.63
CA ILE A 2890 14.14 25.39 -29.79
C ILE A 2890 13.76 26.84 -29.64
N ARG A 2891 13.31 27.24 -28.45
CA ARG A 2891 12.94 28.64 -28.23
C ARG A 2891 14.15 29.55 -28.24
N LEU A 2892 15.31 29.04 -27.76
CA LEU A 2892 16.54 29.83 -27.84
C LEU A 2892 16.96 30.05 -29.29
N LEU A 2893 16.81 29.02 -30.12
CA LEU A 2893 17.15 29.17 -31.53
C LEU A 2893 16.19 30.12 -32.24
N GLU A 2894 14.91 30.13 -31.84
CA GLU A 2894 13.97 31.07 -32.47
C GLU A 2894 14.27 32.50 -32.07
N GLU A 2895 14.62 32.71 -30.82
CA GLU A 2895 15.01 34.06 -30.41
C GLU A 2895 16.32 34.47 -31.05
N ALA A 2896 17.17 33.50 -31.39
CA ALA A 2896 18.36 33.79 -32.16
C ALA A 2896 18.02 34.20 -33.59
N LEU A 2897 17.09 33.49 -34.23
CA LEU A 2897 16.70 33.85 -35.59
C LEU A 2897 15.86 35.11 -35.64
N LEU A 2898 15.31 35.57 -34.53
CA LEU A 2898 14.80 36.93 -34.51
C LEU A 2898 15.98 37.89 -34.56
N ARG A 2899 15.75 39.04 -35.19
CA ARG A 2899 16.77 40.02 -35.58
C ARG A 2899 17.80 39.32 -36.47
N ASP A 2919 23.48 32.44 -40.35
CA ASP A 2919 22.05 32.32 -40.13
C ASP A 2919 21.44 31.34 -41.10
N VAL A 2920 22.18 30.28 -41.40
CA VAL A 2920 21.68 29.22 -42.28
C VAL A 2920 21.77 27.91 -41.53
N LEU A 2921 22.91 27.68 -40.88
CA LEU A 2921 23.11 26.46 -40.12
C LEU A 2921 22.21 26.39 -38.90
N ARG A 2922 21.75 27.55 -38.40
CA ARG A 2922 20.72 27.57 -37.38
C ARG A 2922 19.44 26.93 -37.90
N TRP A 2923 19.08 27.23 -39.15
CA TRP A 2923 17.93 26.60 -39.77
C TRP A 2923 18.16 25.11 -39.99
N VAL A 2924 19.39 24.73 -40.33
CA VAL A 2924 19.69 23.32 -40.57
C VAL A 2924 19.55 22.50 -39.28
N GLU A 2925 20.16 22.99 -38.21
CA GLU A 2925 20.03 22.25 -36.96
C GLU A 2925 18.67 22.43 -36.32
N LEU A 2926 17.91 23.47 -36.70
CA LEU A 2926 16.51 23.54 -36.30
C LEU A 2926 15.69 22.47 -36.99
N ALA A 2927 16.03 22.16 -38.24
CA ALA A 2927 15.38 21.05 -38.93
C ALA A 2927 15.70 19.74 -38.25
N LYS A 2928 16.96 19.56 -37.85
CA LYS A 2928 17.29 18.36 -37.08
C LYS A 2928 16.69 18.37 -35.68
N LEU A 2929 16.33 19.55 -35.16
CA LEU A 2929 15.62 19.62 -33.89
C LEU A 2929 14.19 19.15 -34.05
N TYR A 2930 13.43 19.79 -34.95
CA TYR A 2930 12.02 19.46 -35.16
C TYR A 2930 11.82 18.09 -35.77
N ARG A 2931 12.85 17.47 -36.33
CA ARG A 2931 12.72 16.08 -36.73
C ARG A 2931 12.59 15.14 -35.55
N SER A 2932 13.02 15.56 -34.37
CA SER A 2932 13.00 14.68 -33.22
C SER A 2932 11.62 14.54 -32.60
N ILE A 2933 10.77 15.56 -32.71
CA ILE A 2933 9.52 15.58 -31.96
C ILE A 2933 8.31 15.52 -32.89
N GLY A 2934 8.44 14.85 -34.03
CA GLY A 2934 7.35 14.82 -34.99
C GLY A 2934 7.39 16.04 -35.86
N GLU A 2935 6.32 16.85 -35.86
CA GLU A 2935 6.33 18.23 -36.35
C GLU A 2935 6.74 18.36 -37.81
N TYR A 2936 6.27 17.44 -38.65
CA TYR A 2936 6.68 17.41 -40.05
C TYR A 2936 6.18 18.60 -40.85
N ASP A 2937 5.17 19.31 -40.36
CA ASP A 2937 4.59 20.43 -41.10
C ASP A 2937 5.26 21.76 -40.77
N VAL A 2938 6.26 21.76 -39.90
CA VAL A 2938 7.22 22.85 -39.87
C VAL A 2938 8.54 22.42 -40.48
N LEU A 2939 8.83 21.12 -40.49
CA LEU A 2939 9.98 20.58 -41.22
C LEU A 2939 9.87 20.87 -42.71
N ARG A 2940 8.74 20.53 -43.31
CA ARG A 2940 8.49 20.96 -44.69
C ARG A 2940 8.39 22.47 -44.79
N GLY A 2941 7.90 23.13 -43.73
CA GLY A 2941 7.69 24.55 -43.77
C GLY A 2941 8.96 25.38 -43.76
N ILE A 2942 10.08 24.80 -43.35
CA ILE A 2942 11.35 25.53 -43.39
C ILE A 2942 12.20 25.13 -44.58
N PHE A 2943 11.91 23.99 -45.23
CA PHE A 2943 12.62 23.58 -46.42
C PHE A 2943 12.00 24.13 -47.70
N THR A 2944 11.25 25.22 -47.58
CA THR A 2944 10.74 25.93 -48.73
C THR A 2944 10.93 27.43 -48.53
N SER A 2945 11.34 27.87 -47.35
CA SER A 2945 11.46 29.28 -47.03
C SER A 2945 12.91 29.76 -47.14
N GLU A 2946 13.82 29.15 -46.41
CA GLU A 2946 15.20 29.61 -46.37
C GLU A 2946 16.19 28.65 -46.98
N ILE A 2947 15.79 27.41 -47.25
CA ILE A 2947 16.65 26.43 -47.90
C ILE A 2947 15.96 26.09 -49.21
N GLY A 2948 16.47 26.66 -50.31
CA GLY A 2948 15.76 26.52 -51.56
C GLY A 2948 16.26 27.39 -52.69
N THR A 2949 15.34 28.15 -53.28
CA THR A 2949 15.50 28.94 -54.51
C THR A 2949 15.89 28.07 -55.71
N LYS A 2950 15.61 26.77 -55.63
CA LYS A 2950 15.81 25.82 -56.71
C LYS A 2950 14.46 25.15 -56.95
N GLN A 2951 14.02 25.14 -58.22
CA GLN A 2951 12.64 24.81 -58.52
C GLN A 2951 12.42 23.32 -58.72
N ILE A 2952 13.27 22.49 -58.14
CA ILE A 2952 12.97 21.07 -57.95
C ILE A 2952 12.46 20.82 -56.53
N THR A 2953 12.76 21.73 -55.59
CA THR A 2953 12.37 21.57 -54.19
C THR A 2953 10.86 21.56 -54.02
N GLN A 2954 10.19 22.56 -54.61
CA GLN A 2954 8.74 22.62 -54.50
C GLN A 2954 8.07 21.49 -55.26
N SER A 2955 8.65 21.11 -56.40
CA SER A 2955 8.08 20.04 -57.21
C SER A 2955 8.20 18.67 -56.56
N ALA A 2956 9.25 18.45 -55.78
CA ALA A 2956 9.33 17.19 -55.04
C ALA A 2956 8.60 17.26 -53.71
N LEU A 2957 8.55 18.44 -53.08
CA LEU A 2957 7.85 18.58 -51.82
C LEU A 2957 6.35 18.47 -51.99
N LEU A 2958 5.82 18.83 -53.15
CA LEU A 2958 4.39 18.64 -53.37
C LEU A 2958 4.05 17.17 -53.57
N ALA A 2959 4.89 16.41 -54.26
CA ALA A 2959 4.68 14.98 -54.37
C ALA A 2959 5.09 14.22 -53.13
N GLU A 2960 5.72 14.89 -52.17
CA GLU A 2960 6.01 14.30 -50.86
C GLU A 2960 4.99 14.68 -49.79
N ALA A 2961 4.32 15.83 -49.93
CA ALA A 2961 3.34 16.25 -48.94
C ALA A 2961 2.13 15.34 -48.94
N ARG A 2962 1.57 15.06 -50.10
CA ARG A 2962 0.78 13.86 -50.27
C ARG A 2962 1.76 12.70 -50.40
N SER A 2963 1.42 11.59 -49.76
CA SER A 2963 2.34 10.45 -49.73
C SER A 2963 2.33 9.79 -51.10
N ASP A 2964 3.29 10.18 -51.94
CA ASP A 2964 3.45 9.63 -53.28
C ASP A 2964 4.91 9.35 -53.57
N TYR A 2965 5.57 8.63 -52.65
CA TYR A 2965 7.04 8.55 -52.62
C TYR A 2965 7.61 7.60 -53.68
N SER A 2966 7.27 7.90 -54.93
CA SER A 2966 7.98 7.42 -56.10
C SER A 2966 8.53 8.56 -56.92
N GLU A 2967 7.69 9.54 -57.25
CA GLU A 2967 8.14 10.75 -57.90
C GLU A 2967 8.99 11.60 -56.97
N ALA A 2968 8.70 11.53 -55.66
CA ALA A 2968 9.50 12.23 -54.67
C ALA A 2968 10.92 11.68 -54.58
N ALA A 2969 11.13 10.43 -54.99
CA ALA A 2969 12.47 9.92 -55.16
C ALA A 2969 13.03 10.23 -56.54
N LYS A 2970 12.22 10.07 -57.58
CA LYS A 2970 12.72 10.20 -58.93
C LYS A 2970 12.75 11.63 -59.45
N GLN A 2971 12.65 12.63 -58.59
CA GLN A 2971 13.24 13.93 -58.94
C GLN A 2971 14.18 14.41 -57.85
N TYR A 2972 14.98 13.52 -57.29
CA TYR A 2972 16.10 13.88 -56.44
C TYR A 2972 17.44 13.35 -56.95
N ASP A 2973 17.46 12.13 -57.49
CA ASP A 2973 18.68 11.66 -58.15
C ASP A 2973 18.95 12.43 -59.43
N GLU A 2974 17.91 12.99 -60.04
CA GLU A 2974 18.10 13.93 -61.14
C GLU A 2974 18.68 15.24 -60.64
N ALA A 2975 18.22 15.73 -59.48
CA ALA A 2975 18.66 17.01 -58.97
C ALA A 2975 20.09 16.95 -58.43
N LEU A 2976 20.50 15.79 -57.90
CA LEU A 2976 21.82 15.67 -57.29
C LEU A 2976 22.93 15.83 -58.32
N ASN A 2977 22.76 15.25 -59.50
CA ASN A 2977 23.78 15.29 -60.55
C ASN A 2977 23.50 16.37 -61.58
N LYS A 2978 23.01 17.53 -61.15
CA LYS A 2978 22.97 18.68 -62.05
C LYS A 2978 24.39 19.09 -62.41
N GLN A 2979 24.70 19.05 -63.70
CA GLN A 2979 26.08 19.20 -64.13
C GLN A 2979 26.52 20.66 -64.14
N ASP A 2980 25.90 21.48 -64.98
CA ASP A 2980 26.21 22.90 -65.02
C ASP A 2980 25.14 23.73 -64.33
N TRP A 2981 23.90 23.68 -64.85
CA TRP A 2981 22.72 24.37 -64.31
C TRP A 2981 22.97 25.86 -64.11
N VAL A 2982 23.26 26.56 -65.20
CA VAL A 2982 23.84 27.89 -65.06
C VAL A 2982 22.72 28.91 -64.82
N ASP A 2983 22.34 29.03 -63.54
CA ASP A 2983 21.48 30.09 -63.05
C ASP A 2983 21.95 30.56 -61.68
N GLY A 2984 23.12 30.12 -61.26
CA GLY A 2984 23.56 30.22 -59.89
C GLY A 2984 23.61 28.84 -59.25
N GLU A 2985 24.55 28.67 -58.32
CA GLU A 2985 24.70 27.37 -57.71
C GLU A 2985 24.38 27.43 -56.23
N PRO A 2986 23.75 26.41 -55.67
CA PRO A 2986 23.37 26.45 -54.25
C PRO A 2986 24.56 26.22 -53.35
N THR A 2987 24.38 26.58 -52.07
CA THR A 2987 25.37 26.26 -51.06
C THR A 2987 25.27 24.79 -50.68
N GLU A 2988 26.13 24.37 -49.76
CA GLU A 2988 26.08 23.01 -49.24
C GLU A 2988 24.86 22.75 -48.38
N ALA A 2989 24.14 23.80 -47.96
CA ALA A 2989 23.03 23.68 -47.03
C ALA A 2989 21.84 22.94 -47.62
N GLU A 2990 21.74 22.81 -48.94
CA GLU A 2990 20.75 21.92 -49.52
C GLU A 2990 21.37 20.79 -50.31
N LYS A 2991 22.69 20.80 -50.50
CA LYS A 2991 23.37 19.64 -51.05
C LYS A 2991 23.23 18.44 -50.13
N ASP A 2992 23.31 18.67 -48.82
CA ASP A 2992 23.07 17.59 -47.86
C ASP A 2992 21.58 17.31 -47.74
N PHE A 2993 20.75 18.34 -47.86
CA PHE A 2993 19.31 18.17 -47.68
C PHE A 2993 18.70 17.34 -48.79
N TRP A 2994 19.20 17.50 -50.02
CA TRP A 2994 18.69 16.69 -51.13
C TRP A 2994 19.01 15.22 -50.91
N GLU A 2995 20.22 14.93 -50.44
CA GLU A 2995 20.58 13.55 -50.14
C GLU A 2995 19.79 13.00 -48.96
N LEU A 2996 19.61 13.82 -47.91
CA LEU A 2996 18.93 13.36 -46.70
C LEU A 2996 17.44 13.10 -46.97
N ALA A 2997 16.77 13.99 -47.68
CA ALA A 2997 15.40 13.76 -48.08
C ALA A 2997 15.29 12.62 -49.08
N SER A 2998 16.35 12.39 -49.87
CA SER A 2998 16.38 11.22 -50.73
C SER A 2998 16.40 9.94 -49.91
N LEU A 2999 17.21 9.92 -48.85
CA LEU A 2999 17.21 8.80 -47.91
C LEU A 2999 15.84 8.60 -47.28
N ASP A 3000 15.19 9.70 -46.91
CA ASP A 3000 13.92 9.58 -46.20
C ASP A 3000 12.82 9.06 -47.11
N CYS A 3001 12.77 9.55 -48.35
CA CYS A 3001 11.76 9.03 -49.27
C CYS A 3001 12.11 7.64 -49.78
N TYR A 3002 13.39 7.26 -49.75
CA TYR A 3002 13.74 5.86 -49.98
C TYR A 3002 13.24 4.99 -48.85
N ASN A 3003 13.32 5.48 -47.61
CA ASN A 3003 12.95 4.69 -46.47
C ASN A 3003 11.45 4.54 -46.33
N HIS A 3004 10.69 5.57 -46.70
CA HIS A 3004 9.24 5.53 -46.56
C HIS A 3004 8.59 4.49 -47.44
N LEU A 3005 9.23 4.09 -48.54
CA LEU A 3005 8.81 2.95 -49.32
C LEU A 3005 9.70 1.77 -48.97
N ALA A 3006 9.22 0.56 -49.27
CA ALA A 3006 10.04 -0.65 -49.11
C ALA A 3006 11.06 -0.67 -50.24
N GLU A 3007 12.12 0.11 -50.05
CA GLU A 3007 13.21 0.23 -51.02
C GLU A 3007 14.47 0.52 -50.21
N TRP A 3008 15.21 -0.54 -49.88
CA TRP A 3008 16.44 -0.43 -49.13
C TRP A 3008 17.68 -0.72 -49.94
N LYS A 3009 17.51 -1.46 -51.05
CA LYS A 3009 18.65 -1.86 -51.88
C LYS A 3009 19.32 -0.65 -52.51
N SER A 3010 18.53 0.29 -53.02
CA SER A 3010 19.10 1.56 -53.45
C SER A 3010 19.48 2.44 -52.27
N LEU A 3011 18.81 2.28 -51.13
CA LEU A 3011 19.05 3.15 -50.00
C LEU A 3011 20.42 2.91 -49.38
N GLU A 3012 20.81 1.64 -49.22
CA GLU A 3012 22.11 1.33 -48.65
C GLU A 3012 23.23 1.77 -49.58
N TYR A 3013 23.01 1.64 -50.89
CA TYR A 3013 24.02 2.02 -51.87
C TYR A 3013 24.15 3.53 -51.96
N CYS A 3014 23.02 4.25 -51.80
CA CYS A 3014 23.07 5.70 -51.82
C CYS A 3014 23.58 6.30 -50.51
N SER A 3015 23.43 5.59 -49.39
CA SER A 3015 24.00 6.07 -48.14
C SER A 3015 25.49 5.80 -48.07
N THR A 3016 25.87 4.53 -48.24
CA THR A 3016 27.27 4.11 -48.13
C THR A 3016 28.10 4.55 -49.34
N ALA A 3017 27.46 4.96 -50.44
CA ALA A 3017 28.23 5.45 -51.58
C ALA A 3017 28.85 6.81 -51.29
N SER A 3018 28.17 7.68 -50.57
CA SER A 3018 28.57 9.06 -50.43
C SER A 3018 29.59 9.28 -49.31
N ILE A 3019 30.21 8.22 -48.80
CA ILE A 3019 31.17 8.40 -47.72
C ILE A 3019 32.56 7.93 -48.16
N ASP A 3020 32.63 6.95 -49.07
CA ASP A 3020 33.90 6.30 -49.37
C ASP A 3020 34.01 6.06 -50.87
N SER A 3021 34.96 5.19 -51.24
CA SER A 3021 35.30 4.88 -52.63
C SER A 3021 34.31 3.91 -53.25
N GLU A 3022 34.70 3.31 -54.38
CA GLU A 3022 33.80 2.42 -55.12
C GLU A 3022 33.45 1.17 -54.33
N ASN A 3023 34.37 0.69 -53.51
CA ASN A 3023 34.04 -0.44 -52.66
C ASN A 3023 34.08 0.00 -51.21
N PRO A 3024 33.17 -0.48 -50.37
CA PRO A 3024 33.05 0.06 -49.02
C PRO A 3024 34.06 -0.56 -48.07
N PRO A 3025 34.83 0.27 -47.35
CA PRO A 3025 35.49 -0.25 -46.14
C PRO A 3025 34.49 -0.41 -45.01
N ASP A 3026 33.59 0.57 -44.85
CA ASP A 3026 32.64 0.75 -43.74
C ASP A 3026 33.25 0.39 -42.38
N LEU A 3027 34.45 0.89 -42.15
CA LEU A 3027 35.29 0.35 -41.10
C LEU A 3027 35.65 1.36 -40.03
N ASN A 3028 35.99 2.58 -40.42
CA ASN A 3028 36.25 3.64 -39.45
C ASN A 3028 35.63 4.98 -39.84
N LYS A 3029 35.36 5.23 -41.12
CA LYS A 3029 34.84 6.52 -41.53
C LYS A 3029 33.41 6.74 -41.07
N ILE A 3030 32.67 5.65 -40.88
CA ILE A 3030 31.38 5.77 -40.20
C ILE A 3030 31.58 6.12 -38.73
N TRP A 3031 32.67 5.67 -38.12
CA TRP A 3031 32.93 6.00 -36.73
C TRP A 3031 33.64 7.33 -36.55
N SER A 3032 34.53 7.70 -37.48
CA SER A 3032 35.10 9.03 -37.44
C SER A 3032 34.12 10.01 -38.07
N GLU A 3033 34.50 11.31 -38.05
CA GLU A 3033 33.77 12.43 -38.65
C GLU A 3033 32.33 12.49 -38.14
N PRO A 3034 32.10 13.02 -36.91
CA PRO A 3034 30.84 12.79 -36.17
C PRO A 3034 29.52 13.20 -36.84
N PHE A 3035 29.57 13.82 -38.02
CA PHE A 3035 28.39 13.87 -38.86
C PHE A 3035 27.91 12.47 -39.23
N TYR A 3036 28.85 11.55 -39.48
CA TYR A 3036 28.53 10.24 -40.02
C TYR A 3036 27.93 9.31 -38.97
N GLN A 3037 28.18 9.57 -37.69
CA GLN A 3037 27.52 8.81 -36.65
C GLN A 3037 26.07 9.20 -36.48
N GLU A 3038 25.71 10.43 -36.86
CA GLU A 3038 24.35 10.92 -36.69
C GLU A 3038 23.50 10.69 -37.95
N THR A 3039 23.96 11.22 -39.09
CA THR A 3039 23.11 11.23 -40.27
C THR A 3039 23.13 9.89 -41.00
N TYR A 3040 24.30 9.48 -41.51
CA TYR A 3040 24.37 8.32 -42.38
C TYR A 3040 24.22 7.01 -41.64
N LEU A 3041 24.46 7.00 -40.33
CA LEU A 3041 24.54 5.73 -39.60
C LEU A 3041 23.22 4.98 -39.51
N PRO A 3042 22.13 5.53 -38.92
CA PRO A 3042 21.00 4.65 -38.58
C PRO A 3042 20.21 4.16 -39.78
N TYR A 3043 20.10 4.97 -40.83
CA TYR A 3043 19.45 4.50 -42.04
C TYR A 3043 20.26 3.40 -42.72
N MET A 3044 21.60 3.48 -42.61
CA MET A 3044 22.45 2.45 -43.20
C MET A 3044 22.27 1.13 -42.48
N ILE A 3045 22.35 1.15 -41.16
CA ILE A 3045 22.23 -0.10 -40.41
C ILE A 3045 20.81 -0.66 -40.53
N ARG A 3046 19.80 0.22 -40.59
CA ARG A 3046 18.41 -0.21 -40.75
C ARG A 3046 18.19 -0.87 -42.10
N SER A 3047 18.75 -0.27 -43.16
CA SER A 3047 18.59 -0.82 -44.50
C SER A 3047 19.29 -2.16 -44.65
N LYS A 3048 20.51 -2.27 -44.10
CA LYS A 3048 21.22 -3.54 -44.12
C LYS A 3048 20.47 -4.61 -43.35
N LEU A 3049 19.85 -4.21 -42.23
CA LEU A 3049 19.06 -5.13 -41.43
C LEU A 3049 17.85 -5.65 -42.19
N LYS A 3050 17.08 -4.74 -42.79
CA LYS A 3050 15.88 -5.19 -43.51
C LYS A 3050 16.25 -5.97 -44.75
N LEU A 3051 17.40 -5.70 -45.35
CA LEU A 3051 17.82 -6.47 -46.51
C LEU A 3051 18.28 -7.86 -46.10
N LEU A 3052 18.91 -8.00 -44.94
CA LEU A 3052 19.30 -9.35 -44.53
C LEU A 3052 18.12 -10.15 -43.99
N LEU A 3053 17.09 -9.47 -43.48
CA LEU A 3053 15.99 -10.20 -42.85
C LEU A 3053 15.06 -10.89 -43.83
N GLN A 3054 15.25 -10.75 -45.14
CA GLN A 3054 14.50 -11.58 -46.08
C GLN A 3054 15.02 -13.01 -46.07
N GLY A 3055 16.32 -13.18 -45.90
CA GLY A 3055 16.93 -14.49 -45.94
C GLY A 3055 17.91 -14.67 -47.09
N GLU A 3056 19.19 -14.53 -46.77
CA GLU A 3056 20.31 -14.61 -47.72
C GLU A 3056 21.49 -15.17 -46.95
N ALA A 3057 22.70 -14.98 -47.49
CA ALA A 3057 23.90 -15.14 -46.67
C ALA A 3057 24.64 -13.82 -46.51
N ASP A 3058 25.12 -13.25 -47.62
CA ASP A 3058 25.55 -11.85 -47.81
C ASP A 3058 26.81 -11.44 -47.04
N GLN A 3059 27.10 -12.13 -45.93
CA GLN A 3059 28.31 -12.09 -45.09
C GLN A 3059 28.99 -10.74 -44.95
N SER A 3060 28.22 -9.67 -44.76
CA SER A 3060 28.79 -8.32 -44.79
C SER A 3060 28.67 -7.57 -43.48
N LEU A 3061 27.54 -7.70 -42.79
CA LEU A 3061 27.29 -6.90 -41.61
C LEU A 3061 27.65 -7.62 -40.32
N LEU A 3062 27.49 -8.95 -40.30
CA LEU A 3062 27.79 -9.70 -39.08
C LEU A 3062 29.29 -9.71 -38.80
N THR A 3063 30.12 -9.71 -39.85
CA THR A 3063 31.56 -9.60 -39.64
C THR A 3063 31.93 -8.20 -39.17
N PHE A 3064 31.24 -7.17 -39.67
CA PHE A 3064 31.49 -5.80 -39.26
C PHE A 3064 31.14 -5.60 -37.79
N ILE A 3065 30.01 -6.15 -37.35
CA ILE A 3065 29.66 -5.98 -35.95
C ILE A 3065 30.50 -6.89 -35.07
N ASP A 3066 30.92 -8.06 -35.56
CA ASP A 3066 31.72 -8.97 -34.75
C ASP A 3066 33.15 -8.49 -34.59
N LYS A 3067 33.62 -7.62 -35.50
CA LYS A 3067 34.88 -6.93 -35.24
C LYS A 3067 34.68 -5.58 -34.55
N ALA A 3068 33.51 -4.95 -34.69
CA ALA A 3068 33.31 -3.64 -34.10
C ALA A 3068 32.92 -3.72 -32.64
N MET A 3069 32.53 -4.90 -32.17
CA MET A 3069 32.14 -5.05 -30.77
C MET A 3069 33.41 -5.18 -29.93
N HIS A 3070 34.08 -4.04 -29.72
CA HIS A 3070 35.27 -3.97 -28.89
C HIS A 3070 35.40 -2.56 -28.33
N GLY A 3071 36.04 -2.44 -27.19
CA GLY A 3071 36.31 -1.13 -26.64
C GLY A 3071 35.09 -0.53 -25.98
N GLU A 3072 35.27 0.73 -25.57
CA GLU A 3072 34.25 1.49 -24.86
C GLU A 3072 33.42 2.37 -25.80
N LEU A 3073 34.10 3.12 -26.67
CA LEU A 3073 33.41 4.04 -27.58
C LEU A 3073 32.64 3.31 -28.68
N GLN A 3074 32.92 2.03 -28.91
CA GLN A 3074 32.12 1.21 -29.81
C GLN A 3074 31.13 0.34 -29.04
N LYS A 3075 30.87 0.70 -27.78
CA LYS A 3075 29.78 0.13 -27.00
C LYS A 3075 28.81 1.20 -26.52
N ALA A 3076 29.31 2.33 -26.03
CA ALA A 3076 28.49 3.36 -25.40
C ALA A 3076 27.61 4.13 -26.36
N ILE A 3077 27.73 3.89 -27.66
CA ILE A 3077 26.78 4.37 -28.65
C ILE A 3077 25.97 3.23 -29.23
N LEU A 3078 26.63 2.12 -29.58
CA LEU A 3078 25.99 1.04 -30.31
C LEU A 3078 25.06 0.19 -29.44
N GLU A 3079 25.29 0.11 -28.13
CA GLU A 3079 24.35 -0.57 -27.25
C GLU A 3079 23.42 0.40 -26.54
N LEU A 3080 23.84 1.66 -26.38
CA LEU A 3080 22.93 2.69 -25.90
C LEU A 3080 21.78 2.91 -26.87
N HIS A 3081 22.07 2.90 -28.17
CA HIS A 3081 21.02 3.17 -29.13
C HIS A 3081 20.11 1.97 -29.34
N TYR A 3082 20.65 0.87 -29.86
CA TYR A 3082 19.77 -0.09 -30.51
C TYR A 3082 19.32 -1.24 -29.62
N SER A 3083 20.25 -2.15 -29.32
CA SER A 3083 20.15 -3.37 -28.51
C SER A 3083 19.17 -4.43 -29.02
N GLN A 3084 18.25 -4.05 -29.90
CA GLN A 3084 17.12 -4.90 -30.24
C GLN A 3084 17.34 -5.64 -31.54
N GLU A 3085 17.66 -4.90 -32.59
CA GLU A 3085 18.22 -5.50 -33.79
C GLU A 3085 19.55 -6.17 -33.53
N LEU A 3086 20.31 -5.70 -32.54
CA LEU A 3086 21.47 -6.44 -32.04
C LEU A 3086 21.07 -7.82 -31.55
N SER A 3087 20.03 -7.88 -30.71
CA SER A 3087 19.48 -9.16 -30.27
C SER A 3087 18.94 -9.98 -31.45
N LEU A 3088 18.44 -9.29 -32.48
CA LEU A 3088 17.88 -10.00 -33.63
C LEU A 3088 18.95 -10.69 -34.46
N LEU A 3089 20.04 -9.99 -34.74
CA LEU A 3089 21.14 -10.64 -35.45
C LEU A 3089 21.86 -11.65 -34.57
N TYR A 3090 21.80 -11.46 -33.26
CA TYR A 3090 22.34 -12.47 -32.35
C TYR A 3090 21.51 -13.75 -32.38
N LEU A 3091 20.18 -13.63 -32.41
CA LEU A 3091 19.37 -14.84 -32.56
C LEU A 3091 19.41 -15.37 -33.97
N LEU A 3092 19.83 -14.54 -34.93
CA LEU A 3092 20.20 -15.08 -36.24
C LEU A 3092 21.46 -15.93 -36.14
N GLN A 3093 22.39 -15.55 -35.28
CA GLN A 3093 23.56 -16.37 -34.99
C GLN A 3093 23.34 -17.32 -33.81
N ASP A 3094 22.14 -17.28 -33.21
CA ASP A 3094 21.65 -18.24 -32.21
C ASP A 3094 22.51 -18.27 -30.93
N ASP A 3095 22.49 -17.14 -30.21
CA ASP A 3095 22.83 -17.14 -28.78
C ASP A 3095 21.64 -16.50 -28.05
N VAL A 3096 20.70 -17.36 -27.63
CA VAL A 3096 19.44 -16.88 -27.09
C VAL A 3096 19.61 -16.21 -25.74
N ASP A 3097 20.60 -16.64 -24.95
CA ASP A 3097 20.78 -16.06 -23.62
C ASP A 3097 21.44 -14.71 -23.71
N ARG A 3098 22.42 -14.58 -24.61
CA ARG A 3098 22.91 -13.28 -25.03
C ARG A 3098 21.77 -12.43 -25.57
N ALA A 3099 20.92 -13.03 -26.40
CA ALA A 3099 19.75 -12.34 -26.92
C ALA A 3099 18.77 -11.97 -25.82
N LYS A 3100 18.63 -12.82 -24.81
CA LYS A 3100 17.79 -12.50 -23.67
C LYS A 3100 18.31 -11.29 -22.90
N TYR A 3101 19.63 -11.23 -22.73
CA TYR A 3101 20.24 -10.08 -22.07
C TYR A 3101 20.05 -8.81 -22.88
N TYR A 3102 20.22 -8.90 -24.20
CA TYR A 3102 20.07 -7.72 -25.04
C TYR A 3102 18.62 -7.25 -25.12
N ILE A 3103 17.66 -8.17 -25.08
CA ILE A 3103 16.26 -7.72 -25.14
C ILE A 3103 15.80 -7.17 -23.79
N GLN A 3104 16.34 -7.68 -22.67
CA GLN A 3104 16.00 -7.08 -21.37
C GLN A 3104 16.63 -5.70 -21.24
N ASN A 3105 17.82 -5.52 -21.80
CA ASN A 3105 18.39 -4.18 -21.90
C ASN A 3105 17.55 -3.29 -22.78
N GLY A 3106 16.95 -3.85 -23.84
CA GLY A 3106 16.06 -3.07 -24.69
C GLY A 3106 14.83 -2.57 -23.95
N ILE A 3107 14.24 -3.42 -23.11
CA ILE A 3107 13.04 -3.04 -22.36
C ILE A 3107 13.39 -1.95 -21.33
N GLN A 3108 14.49 -2.16 -20.59
CA GLN A 3108 14.91 -1.17 -19.60
C GLN A 3108 15.28 0.15 -20.26
N SER A 3109 15.87 0.10 -21.45
CA SER A 3109 16.17 1.31 -22.18
C SER A 3109 14.91 1.99 -22.66
N PHE A 3110 13.86 1.22 -22.98
CA PHE A 3110 12.58 1.84 -23.35
C PHE A 3110 11.99 2.62 -22.19
N MET A 3111 12.02 2.02 -20.99
CA MET A 3111 11.46 2.73 -19.84
C MET A 3111 12.27 3.97 -19.49
N GLN A 3112 13.60 3.85 -19.54
CA GLN A 3112 14.45 4.99 -19.20
C GLN A 3112 14.34 6.09 -20.24
N ASN A 3113 14.21 5.73 -21.51
CA ASN A 3113 13.99 6.74 -22.55
C ASN A 3113 12.61 7.34 -22.45
N TYR A 3114 11.64 6.59 -21.93
CA TYR A 3114 10.29 7.13 -21.72
C TYR A 3114 10.28 8.15 -20.61
N SER A 3115 11.10 7.94 -19.57
CA SER A 3115 10.92 8.68 -18.32
C SER A 3115 11.32 10.14 -18.44
N SER A 3116 12.33 10.46 -19.25
CA SER A 3116 12.82 11.83 -19.29
C SER A 3116 11.97 12.75 -20.16
N ILE A 3117 11.06 12.21 -20.97
CA ILE A 3117 10.18 13.00 -21.84
C ILE A 3117 9.20 13.74 -20.95
N ASP A 3118 8.56 14.79 -21.48
CA ASP A 3118 7.61 15.52 -20.69
C ASP A 3118 6.21 14.93 -20.86
N VAL A 3119 5.24 15.51 -20.15
CA VAL A 3119 3.89 14.98 -20.13
C VAL A 3119 3.03 15.55 -21.26
N LEU A 3120 3.31 16.75 -21.74
CA LEU A 3120 2.43 17.40 -22.71
C LEU A 3120 3.03 17.47 -24.10
N LEU A 3121 4.26 17.02 -24.28
CA LEU A 3121 4.83 16.89 -25.61
C LEU A 3121 4.18 15.73 -26.32
N HIS A 3122 3.14 16.01 -27.07
CA HIS A 3122 2.39 14.92 -27.68
C HIS A 3122 3.13 14.40 -28.92
N GLN A 3123 2.71 13.21 -29.35
CA GLN A 3123 3.02 12.49 -30.58
C GLN A 3123 4.44 11.92 -30.60
N SER A 3124 5.33 12.43 -29.76
CA SER A 3124 6.60 11.74 -29.58
C SER A 3124 6.43 10.60 -28.60
N ARG A 3125 5.57 10.82 -27.60
CA ARG A 3125 5.13 9.74 -26.73
C ARG A 3125 4.46 8.64 -27.54
N LEU A 3126 3.68 9.02 -28.55
CA LEU A 3126 2.99 8.02 -29.36
C LEU A 3126 3.96 7.26 -30.25
N THR A 3127 4.90 7.96 -30.88
CA THR A 3127 5.87 7.27 -31.73
C THR A 3127 6.81 6.39 -30.91
N LYS A 3128 7.06 6.75 -29.65
CA LYS A 3128 7.79 5.83 -28.79
C LYS A 3128 6.93 4.64 -28.39
N LEU A 3129 5.67 4.91 -28.05
CA LEU A 3129 4.79 3.92 -27.47
C LEU A 3129 4.41 2.83 -28.47
N GLN A 3130 4.40 3.15 -29.77
CA GLN A 3130 3.97 2.16 -30.75
C GLN A 3130 4.96 1.00 -30.90
N SER A 3131 6.21 1.17 -30.49
CA SER A 3131 7.22 0.14 -30.69
C SER A 3131 7.14 -1.01 -29.69
N VAL A 3132 6.32 -0.87 -28.64
CA VAL A 3132 6.33 -1.87 -27.58
C VAL A 3132 5.66 -3.15 -28.03
N GLN A 3133 4.81 -3.09 -29.05
CA GLN A 3133 4.26 -4.30 -29.66
C GLN A 3133 5.37 -5.15 -30.27
N ALA A 3134 6.28 -4.50 -30.98
CA ALA A 3134 7.41 -5.22 -31.57
C ALA A 3134 8.34 -5.76 -30.50
N LEU A 3135 8.62 -4.95 -29.46
CA LEU A 3135 9.50 -5.41 -28.38
C LEU A 3135 8.95 -6.64 -27.68
N THR A 3136 7.67 -6.61 -27.27
CA THR A 3136 7.15 -7.80 -26.63
C THR A 3136 6.87 -8.91 -27.62
N GLU A 3137 6.81 -8.63 -28.92
CA GLU A 3137 6.65 -9.71 -29.88
C GLU A 3137 7.93 -10.53 -29.97
N ILE A 3138 9.08 -9.84 -30.00
CA ILE A 3138 10.37 -10.52 -29.92
C ILE A 3138 10.50 -11.26 -28.58
N GLN A 3139 10.01 -10.64 -27.50
CA GLN A 3139 10.08 -11.26 -26.18
C GLN A 3139 9.27 -12.55 -26.11
N GLU A 3140 8.04 -12.52 -26.65
CA GLU A 3140 7.21 -13.70 -26.69
C GLU A 3140 7.83 -14.78 -27.57
N PHE A 3141 8.46 -14.37 -28.67
CA PHE A 3141 9.03 -15.35 -29.56
C PHE A 3141 10.24 -16.04 -28.93
N ILE A 3142 11.11 -15.28 -28.26
CA ILE A 3142 12.30 -15.88 -27.67
C ILE A 3142 11.92 -16.73 -26.47
N SER A 3143 10.89 -16.31 -25.71
CA SER A 3143 10.45 -17.13 -24.59
C SER A 3143 9.73 -18.39 -25.07
N PHE A 3144 9.03 -18.29 -26.20
CA PHE A 3144 8.32 -19.44 -26.73
C PHE A 3144 9.27 -20.45 -27.34
N ILE A 3145 10.35 -19.99 -27.96
CA ILE A 3145 11.29 -20.90 -28.59
C ILE A 3145 12.31 -21.45 -27.60
N SER A 3146 12.43 -20.85 -26.42
CA SER A 3146 13.34 -21.37 -25.42
C SER A 3146 12.73 -22.55 -24.68
N LYS A 3147 11.59 -22.33 -24.03
CA LYS A 3147 10.91 -23.39 -23.28
C LYS A 3147 10.32 -24.40 -24.26
N GLN A 3148 10.52 -25.68 -23.97
CA GLN A 3148 10.19 -26.70 -24.95
C GLN A 3148 9.14 -27.68 -24.46
N GLY A 3149 8.06 -27.16 -23.88
CA GLY A 3149 6.83 -27.91 -23.84
C GLY A 3149 6.06 -27.87 -25.13
N ASN A 3150 6.56 -27.09 -26.08
CA ASN A 3150 5.99 -26.92 -27.42
C ASN A 3150 6.73 -27.76 -28.45
N LEU A 3151 7.18 -28.95 -28.05
CA LEU A 3151 8.08 -29.74 -28.89
C LEU A 3151 7.36 -30.27 -30.12
N SER A 3152 6.31 -31.06 -29.92
CA SER A 3152 5.48 -31.51 -31.03
C SER A 3152 3.99 -31.34 -30.78
N SER A 3153 3.59 -30.96 -29.57
CA SER A 3153 2.19 -30.59 -29.30
C SER A 3153 1.89 -29.29 -30.03
N GLN A 3154 0.93 -29.33 -30.94
CA GLN A 3154 0.66 -28.22 -31.83
C GLN A 3154 -0.20 -27.13 -31.21
N VAL A 3155 -0.78 -27.37 -30.04
CA VAL A 3155 -1.68 -26.40 -29.42
C VAL A 3155 -1.07 -25.07 -28.99
N PRO A 3156 0.22 -24.94 -28.61
CA PRO A 3156 0.78 -23.58 -28.51
C PRO A 3156 0.88 -22.89 -29.85
N LEU A 3157 1.08 -23.63 -30.95
CA LEU A 3157 1.08 -23.00 -32.26
C LEU A 3157 -0.32 -22.52 -32.63
N LYS A 3158 -1.35 -23.31 -32.29
CA LYS A 3158 -2.72 -22.87 -32.53
C LYS A 3158 -3.06 -21.63 -31.70
N ARG A 3159 -2.68 -21.64 -30.43
CA ARG A 3159 -2.94 -20.51 -29.56
C ARG A 3159 -2.18 -19.27 -29.99
N LEU A 3160 -0.94 -19.45 -30.47
CA LEU A 3160 -0.15 -18.30 -30.88
C LEU A 3160 -0.62 -17.73 -32.20
N LEU A 3161 -1.08 -18.61 -33.12
CA LEU A 3161 -1.76 -18.16 -34.33
C LEU A 3161 -3.00 -17.35 -33.99
N ASN A 3162 -3.78 -17.80 -33.00
CA ASN A 3162 -5.00 -17.09 -32.64
C ASN A 3162 -4.71 -15.73 -32.01
N THR A 3163 -3.78 -15.66 -31.07
CA THR A 3163 -3.48 -14.36 -30.48
C THR A 3163 -2.67 -13.46 -31.39
N TRP A 3164 -2.05 -14.00 -32.44
CA TRP A 3164 -1.45 -13.15 -33.45
C TRP A 3164 -2.52 -12.54 -34.33
N THR A 3165 -3.40 -13.38 -34.89
CA THR A 3165 -4.47 -12.91 -35.75
C THR A 3165 -5.53 -12.11 -35.00
N ASN A 3166 -5.52 -12.11 -33.68
CA ASN A 3166 -6.37 -11.18 -32.95
C ASN A 3166 -5.66 -9.85 -32.70
N ARG A 3167 -4.44 -9.90 -32.18
CA ARG A 3167 -3.70 -8.70 -31.81
C ARG A 3167 -3.14 -8.06 -33.08
N TYR A 3168 -3.79 -7.00 -33.54
CA TYR A 3168 -3.41 -6.36 -34.78
C TYR A 3168 -3.09 -4.89 -34.57
N PRO A 3169 -2.16 -4.35 -35.33
CA PRO A 3169 -2.03 -2.90 -35.40
C PRO A 3169 -3.12 -2.36 -36.31
N ASP A 3170 -3.68 -1.21 -35.96
CA ASP A 3170 -4.85 -0.75 -36.68
C ASP A 3170 -4.46 0.13 -37.85
N ALA A 3171 -5.37 0.20 -38.83
CA ALA A 3171 -5.23 1.17 -39.90
C ALA A 3171 -5.56 2.56 -39.36
N LYS A 3172 -5.24 3.57 -40.18
CA LYS A 3172 -5.66 4.97 -40.01
C LYS A 3172 -4.97 5.69 -38.84
N MET A 3173 -4.21 4.95 -38.04
CA MET A 3173 -3.43 5.52 -36.94
C MET A 3173 -2.00 5.03 -36.90
N ASP A 3174 -1.69 3.88 -37.50
CA ASP A 3174 -0.34 3.34 -37.55
C ASP A 3174 0.24 3.56 -38.93
N PRO A 3175 1.30 4.35 -39.09
CA PRO A 3175 1.91 4.52 -40.40
C PRO A 3175 2.60 3.24 -40.86
N MET A 3176 2.97 3.23 -42.14
CA MET A 3176 3.36 1.98 -42.79
C MET A 3176 4.73 1.47 -42.35
N ASN A 3177 5.56 2.31 -41.75
CA ASN A 3177 6.87 1.85 -41.30
C ASN A 3177 6.74 0.91 -40.11
N ILE A 3178 5.90 1.27 -39.14
CA ILE A 3178 5.68 0.41 -37.99
C ILE A 3178 4.93 -0.84 -38.39
N TRP A 3179 4.04 -0.70 -39.37
CA TRP A 3179 3.37 -1.84 -39.99
C TRP A 3179 4.38 -2.83 -40.56
N ASP A 3180 5.34 -2.30 -41.32
CA ASP A 3180 6.39 -3.10 -41.91
C ASP A 3180 7.23 -3.77 -40.84
N ASP A 3181 7.54 -3.04 -39.77
CA ASP A 3181 8.36 -3.57 -38.69
C ASP A 3181 7.69 -4.78 -38.03
N ILE A 3182 6.42 -4.64 -37.66
CA ILE A 3182 5.78 -5.73 -36.93
C ILE A 3182 5.47 -6.90 -37.87
N ILE A 3183 5.11 -6.64 -39.13
CA ILE A 3183 4.78 -7.77 -39.99
C ILE A 3183 6.05 -8.48 -40.44
N THR A 3184 7.16 -7.76 -40.58
CA THR A 3184 8.42 -8.39 -40.98
C THR A 3184 8.98 -9.21 -39.85
N ASN A 3185 8.87 -8.69 -38.62
CA ASN A 3185 9.24 -9.47 -37.45
C ASN A 3185 8.41 -10.74 -37.32
N ARG A 3186 7.10 -10.63 -37.56
CA ARG A 3186 6.23 -11.78 -37.36
C ARG A 3186 6.46 -12.87 -38.40
N CYS A 3187 6.58 -12.49 -39.68
CA CYS A 3187 6.86 -13.50 -40.69
C CYS A 3187 8.28 -14.02 -40.55
N PHE A 3188 9.18 -13.21 -40.00
CA PHE A 3188 10.55 -13.68 -39.78
C PHE A 3188 10.59 -14.72 -38.67
N PHE A 3189 9.83 -14.51 -37.59
CA PHE A 3189 9.78 -15.49 -36.51
C PHE A 3189 9.08 -16.76 -36.96
N LEU A 3190 8.06 -16.61 -37.81
CA LEU A 3190 7.38 -17.79 -38.35
C LEU A 3190 8.29 -18.57 -39.28
N SER A 3191 9.12 -17.89 -40.06
CA SER A 3191 10.09 -18.60 -40.88
C SER A 3191 11.16 -19.25 -40.01
N LYS A 3192 11.46 -18.63 -38.86
CA LYS A 3192 12.40 -19.23 -37.93
C LYS A 3192 11.87 -20.53 -37.34
N ILE A 3193 10.58 -20.55 -37.00
CA ILE A 3193 9.95 -21.80 -36.56
C ILE A 3193 9.91 -22.79 -37.71
N GLU A 3194 9.69 -22.31 -38.92
CA GLU A 3194 9.62 -23.15 -40.11
C GLU A 3194 10.95 -23.86 -40.37
N GLU A 3195 12.07 -23.14 -40.24
CA GLU A 3195 13.36 -23.77 -40.42
C GLU A 3195 13.80 -24.57 -39.20
N LYS A 3196 13.41 -24.15 -37.99
CA LYS A 3196 13.86 -24.85 -36.80
C LYS A 3196 13.12 -26.17 -36.63
N LEU A 3197 11.81 -26.12 -36.45
CA LEU A 3197 11.04 -27.35 -36.32
C LEU A 3197 10.70 -27.85 -37.72
N THR A 3198 11.53 -28.75 -38.23
CA THR A 3198 11.36 -29.27 -39.58
C THR A 3198 10.25 -30.32 -39.65
N ASP A 3226 -1.27 -29.51 -43.80
CA ASP A 3226 -2.00 -28.56 -42.97
C ASP A 3226 -1.08 -27.46 -42.44
N ILE A 3227 -0.07 -27.89 -41.68
CA ILE A 3227 0.63 -27.00 -40.75
C ILE A 3227 1.45 -25.94 -41.49
N SER A 3228 2.22 -26.36 -42.49
CA SER A 3228 2.95 -25.37 -43.28
C SER A 3228 2.01 -24.59 -44.18
N SER A 3229 0.91 -25.21 -44.61
CA SER A 3229 -0.11 -24.46 -45.33
C SER A 3229 -0.86 -23.51 -44.40
N LEU A 3230 -1.00 -23.88 -43.13
CA LEU A 3230 -1.51 -22.94 -42.14
C LEU A 3230 -0.58 -21.75 -42.00
N ILE A 3231 0.73 -22.01 -42.04
CA ILE A 3231 1.72 -20.93 -41.98
C ILE A 3231 1.62 -20.04 -43.22
N ARG A 3232 1.43 -20.64 -44.39
CA ARG A 3232 1.31 -19.88 -45.63
C ARG A 3232 0.04 -19.03 -45.66
N SER A 3233 -1.06 -19.58 -45.15
CA SER A 3233 -2.30 -18.81 -45.08
C SER A 3233 -2.17 -17.65 -44.09
N CYS A 3234 -1.47 -17.88 -42.97
CA CYS A 3234 -1.17 -16.81 -42.02
C CYS A 3234 -0.37 -15.70 -42.68
N LYS A 3235 0.66 -16.09 -43.45
CA LYS A 3235 1.52 -15.13 -44.14
C LYS A 3235 0.73 -14.29 -45.14
N PHE A 3236 -0.05 -14.95 -45.99
CA PHE A 3236 -0.79 -14.20 -47.01
C PHE A 3236 -1.89 -13.35 -46.39
N SER A 3237 -2.52 -13.82 -45.31
CA SER A 3237 -3.58 -13.04 -44.69
C SER A 3237 -3.03 -11.78 -44.06
N MET A 3238 -1.87 -11.89 -43.40
CA MET A 3238 -1.23 -10.68 -42.89
C MET A 3238 -0.77 -9.75 -44.01
N LYS A 3239 -0.32 -10.33 -45.13
CA LYS A 3239 0.12 -9.50 -46.26
C LYS A 3239 -1.05 -8.75 -46.89
N MET A 3240 -2.17 -9.44 -47.13
CA MET A 3240 -3.32 -8.76 -47.73
C MET A 3240 -3.95 -7.78 -46.75
N LYS A 3241 -3.84 -8.05 -45.45
CA LYS A 3241 -4.24 -7.06 -44.47
C LYS A 3241 -3.36 -5.82 -44.54
N MET A 3242 -2.06 -6.01 -44.75
CA MET A 3242 -1.17 -4.86 -44.93
C MET A 3242 -1.48 -4.11 -46.22
N ILE A 3243 -1.93 -4.83 -47.25
CA ILE A 3243 -2.35 -4.20 -48.50
C ILE A 3243 -3.57 -3.31 -48.25
N ASP A 3244 -4.59 -3.86 -47.62
CA ASP A 3244 -5.83 -3.11 -47.41
C ASP A 3244 -5.68 -2.04 -46.36
N SER A 3245 -4.63 -2.10 -45.53
CA SER A 3245 -4.31 -0.96 -44.69
C SER A 3245 -3.50 0.09 -45.43
N ALA A 3246 -2.67 -0.34 -46.40
CA ALA A 3246 -1.88 0.61 -47.17
C ALA A 3246 -2.74 1.38 -48.16
N ARG A 3247 -3.89 0.83 -48.53
CA ARG A 3247 -4.78 1.54 -49.44
C ARG A 3247 -5.36 2.79 -48.79
N LYS A 3248 -5.74 2.70 -47.52
CA LYS A 3248 -6.49 3.78 -46.88
C LYS A 3248 -5.60 4.96 -46.53
N GLN A 3249 -4.33 4.73 -46.24
CA GLN A 3249 -3.47 5.79 -45.73
C GLN A 3249 -2.70 6.50 -46.82
N ASN A 3250 -3.28 6.59 -48.02
CA ASN A 3250 -2.77 7.32 -49.18
C ASN A 3250 -1.43 6.81 -49.68
N ASN A 3251 -0.99 5.63 -49.26
CA ASN A 3251 0.31 5.09 -49.66
C ASN A 3251 0.05 4.04 -50.72
N PHE A 3252 -0.01 4.48 -51.97
CA PHE A 3252 -0.38 3.61 -53.06
C PHE A 3252 0.81 2.85 -53.64
N SER A 3253 2.01 3.45 -53.60
CA SER A 3253 3.15 2.85 -54.27
C SER A 3253 3.67 1.63 -53.52
N LEU A 3254 3.59 1.65 -52.19
CA LEU A 3254 3.99 0.49 -51.41
C LEU A 3254 3.04 -0.68 -51.65
N ALA A 3255 1.74 -0.40 -51.74
CA ALA A 3255 0.79 -1.45 -52.08
C ALA A 3255 0.96 -1.92 -53.51
N MET A 3256 1.40 -1.02 -54.40
CA MET A 3256 1.73 -1.41 -55.76
C MET A 3256 2.87 -2.42 -55.76
N LYS A 3257 3.94 -2.13 -55.02
CA LYS A 3257 5.09 -3.03 -54.97
C LYS A 3257 4.73 -4.35 -54.30
N LEU A 3258 3.93 -4.31 -53.24
CA LEU A 3258 3.59 -5.55 -52.54
C LEU A 3258 2.64 -6.41 -53.36
N LEU A 3259 1.65 -5.80 -54.01
CA LEU A 3259 0.76 -6.54 -54.88
C LEU A 3259 1.49 -7.07 -56.10
N LYS A 3260 2.51 -6.35 -56.57
CA LYS A 3260 3.31 -6.82 -57.68
C LYS A 3260 4.17 -8.02 -57.28
N GLU A 3261 4.71 -8.01 -56.07
CA GLU A 3261 5.52 -9.14 -55.65
C GLU A 3261 4.66 -10.30 -55.18
N LEU A 3262 3.37 -10.07 -54.94
CA LEU A 3262 2.52 -11.09 -54.34
C LEU A 3262 1.75 -11.92 -55.36
N HIS A 3263 1.75 -11.55 -56.65
CA HIS A 3263 0.91 -12.26 -57.61
C HIS A 3263 1.41 -13.66 -57.89
N LYS A 3264 2.71 -13.91 -57.75
CA LYS A 3264 3.23 -15.26 -57.92
C LYS A 3264 2.82 -16.19 -56.79
N GLU A 3265 2.32 -15.66 -55.68
CA GLU A 3265 1.87 -16.44 -54.55
C GLU A 3265 0.43 -16.92 -54.73
N SER A 3266 -0.43 -16.07 -55.28
CA SER A 3266 -1.85 -16.41 -55.40
C SER A 3266 -2.15 -17.19 -56.67
N LYS A 3267 -1.40 -18.26 -56.90
CA LYS A 3267 -1.61 -19.14 -58.04
C LYS A 3267 -1.83 -20.59 -57.65
N THR A 3268 -1.46 -20.99 -56.44
CA THR A 3268 -1.82 -22.31 -55.95
C THR A 3268 -3.25 -22.37 -55.43
N ARG A 3269 -3.88 -21.22 -55.22
CA ARG A 3269 -5.22 -21.15 -54.66
C ARG A 3269 -6.07 -20.27 -55.57
N ASP A 3270 -7.34 -20.08 -55.19
CA ASP A 3270 -8.29 -19.32 -55.98
C ASP A 3270 -8.76 -18.06 -55.29
N ASP A 3271 -9.16 -18.15 -54.01
CA ASP A 3271 -9.65 -16.98 -53.29
C ASP A 3271 -8.55 -15.97 -53.05
N TRP A 3272 -7.31 -16.45 -52.91
CA TRP A 3272 -6.17 -15.55 -52.85
C TRP A 3272 -6.06 -14.73 -54.13
N LEU A 3273 -6.30 -15.36 -55.28
CA LEU A 3273 -6.23 -14.65 -56.54
C LEU A 3273 -7.39 -13.68 -56.71
N VAL A 3274 -8.59 -14.05 -56.24
CA VAL A 3274 -9.69 -13.13 -56.46
C VAL A 3274 -9.61 -11.98 -55.46
N SER A 3275 -9.04 -12.20 -54.27
CA SER A 3275 -8.80 -11.08 -53.36
C SER A 3275 -7.66 -10.21 -53.85
N TRP A 3276 -6.70 -10.81 -54.57
CA TRP A 3276 -5.67 -10.05 -55.26
C TRP A 3276 -6.27 -9.07 -56.24
N VAL A 3277 -7.13 -9.58 -57.14
CA VAL A 3277 -7.70 -8.68 -58.15
C VAL A 3277 -8.73 -7.73 -57.53
N GLN A 3278 -9.35 -8.13 -56.41
CA GLN A 3278 -10.23 -7.23 -55.67
C GLN A 3278 -9.46 -6.05 -55.11
N SER A 3279 -8.34 -6.32 -54.44
CA SER A 3279 -7.48 -5.27 -53.92
C SER A 3279 -6.92 -4.41 -55.04
N TYR A 3280 -6.64 -5.01 -56.19
CA TYR A 3280 -6.15 -4.25 -57.33
C TYR A 3280 -7.19 -3.25 -57.83
N CYS A 3281 -8.43 -3.72 -58.03
CA CYS A 3281 -9.43 -2.80 -58.57
C CYS A 3281 -9.87 -1.78 -57.55
N ARG A 3282 -9.83 -2.13 -56.25
CA ARG A 3282 -10.14 -1.14 -55.23
C ARG A 3282 -9.05 -0.09 -55.13
N LEU A 3283 -7.78 -0.50 -55.27
CA LEU A 3283 -6.69 0.45 -55.25
C LEU A 3283 -6.71 1.34 -56.48
N SER A 3284 -7.11 0.79 -57.63
CA SER A 3284 -7.23 1.62 -58.81
C SER A 3284 -8.44 2.53 -58.73
N HIS A 3285 -9.48 2.13 -58.00
CA HIS A 3285 -10.59 3.03 -57.71
C HIS A 3285 -10.14 4.21 -56.88
N CYS A 3286 -9.38 3.94 -55.81
CA CYS A 3286 -8.91 5.02 -54.93
C CYS A 3286 -7.87 5.89 -55.62
N ARG A 3287 -7.11 5.32 -56.55
CA ARG A 3287 -6.15 6.10 -57.32
C ARG A 3287 -6.85 7.00 -58.32
N SER A 3288 -8.00 6.56 -58.83
CA SER A 3288 -8.66 7.30 -59.90
C SER A 3288 -9.27 8.60 -59.40
N ARG A 3289 -9.72 8.62 -58.14
CA ARG A 3289 -10.25 9.85 -57.56
C ARG A 3289 -9.16 10.90 -57.44
N SER A 3290 -7.95 10.48 -57.08
CA SER A 3290 -6.84 11.42 -57.04
C SER A 3290 -6.34 11.76 -58.44
N GLN A 3291 -6.56 10.87 -59.40
CA GLN A 3291 -5.99 11.07 -60.72
C GLN A 3291 -6.79 12.08 -61.52
N GLY A 3292 -6.13 12.66 -62.52
CA GLY A 3292 -6.81 13.50 -63.47
C GLY A 3292 -7.57 12.69 -64.50
N CYS A 3293 -8.44 13.38 -65.23
CA CYS A 3293 -9.33 12.74 -66.20
C CYS A 3293 -8.55 12.06 -67.32
N SER A 3294 -7.44 12.65 -67.73
CA SER A 3294 -6.54 11.99 -68.67
C SER A 3294 -5.96 10.72 -68.07
N GLU A 3295 -5.57 10.78 -66.79
CA GLU A 3295 -5.06 9.59 -66.10
C GLU A 3295 -6.18 8.62 -65.74
N GLN A 3296 -7.39 9.15 -65.50
CA GLN A 3296 -8.52 8.35 -65.05
C GLN A 3296 -8.90 7.29 -66.07
N VAL A 3297 -9.02 7.70 -67.33
CA VAL A 3297 -9.44 6.78 -68.38
C VAL A 3297 -8.39 5.71 -68.60
N LEU A 3298 -7.11 6.06 -68.45
CA LEU A 3298 -6.06 5.09 -68.68
C LEU A 3298 -5.99 4.07 -67.55
N THR A 3299 -6.16 4.52 -66.29
CA THR A 3299 -6.09 3.54 -65.22
C THR A 3299 -7.35 2.67 -65.16
N VAL A 3300 -8.50 3.18 -65.61
CA VAL A 3300 -9.65 2.29 -65.57
C VAL A 3300 -9.62 1.34 -66.75
N LEU A 3301 -9.00 1.74 -67.87
CA LEU A 3301 -8.75 0.77 -68.93
C LEU A 3301 -7.75 -0.28 -68.49
N LYS A 3302 -6.80 0.10 -67.62
CA LYS A 3302 -5.88 -0.88 -67.05
C LYS A 3302 -6.60 -1.86 -66.14
N THR A 3303 -7.52 -1.39 -65.30
CA THR A 3303 -8.16 -2.36 -64.41
C THR A 3303 -9.21 -3.19 -65.13
N VAL A 3304 -9.83 -2.68 -66.21
CA VAL A 3304 -10.71 -3.59 -66.94
C VAL A 3304 -9.89 -4.53 -67.83
N SER A 3305 -8.65 -4.16 -68.16
CA SER A 3305 -7.76 -5.11 -68.83
C SER A 3305 -7.36 -6.21 -67.88
N LEU A 3306 -7.17 -5.88 -66.61
CA LEU A 3306 -6.95 -6.91 -65.62
C LEU A 3306 -8.26 -7.55 -65.15
N LEU A 3307 -9.40 -7.06 -65.64
CA LEU A 3307 -10.68 -7.73 -65.47
C LEU A 3307 -11.06 -8.58 -66.67
N ASP A 3308 -10.08 -9.21 -67.32
CA ASP A 3308 -10.31 -10.15 -68.41
C ASP A 3308 -9.80 -11.54 -68.07
N GLU A 3309 -9.27 -11.73 -66.88
CA GLU A 3309 -8.66 -12.97 -66.45
C GLU A 3309 -9.71 -13.85 -65.75
N ASN A 3310 -9.25 -14.84 -64.99
CA ASN A 3310 -10.05 -15.88 -64.38
C ASN A 3310 -10.80 -15.41 -63.13
N ASN A 3311 -11.22 -16.37 -62.30
CA ASN A 3311 -11.99 -16.30 -61.04
C ASN A 3311 -13.47 -16.14 -61.31
N VAL A 3312 -13.88 -16.16 -62.58
CA VAL A 3312 -15.30 -16.25 -62.89
C VAL A 3312 -15.75 -17.69 -63.07
N SER A 3313 -14.83 -18.61 -63.36
CA SER A 3313 -15.17 -19.98 -63.67
C SER A 3313 -15.12 -20.83 -62.41
N SER A 3314 -16.24 -21.46 -62.08
CA SER A 3314 -16.36 -22.53 -61.07
C SER A 3314 -16.00 -22.06 -59.67
N TYR A 3315 -16.13 -20.76 -59.40
CA TYR A 3315 -16.18 -20.33 -58.00
C TYR A 3315 -17.25 -19.29 -57.72
N LEU A 3316 -17.70 -18.52 -58.71
CA LEU A 3316 -18.82 -17.62 -58.50
C LEU A 3316 -20.14 -18.36 -58.38
N SER A 3317 -20.19 -19.64 -58.79
CA SER A 3317 -21.32 -20.50 -58.48
C SER A 3317 -21.21 -21.03 -57.06
N LYS A 3318 -19.98 -21.30 -56.59
CA LYS A 3318 -19.81 -21.90 -55.27
C LYS A 3318 -20.05 -20.87 -54.18
N ASN A 3319 -19.24 -19.80 -54.16
CA ASN A 3319 -19.48 -18.68 -53.27
C ASN A 3319 -20.30 -17.65 -54.03
N ILE A 3320 -21.59 -17.56 -53.69
CA ILE A 3320 -22.46 -16.58 -54.33
C ILE A 3320 -22.05 -15.17 -53.94
N LEU A 3321 -21.44 -14.99 -52.77
CA LEU A 3321 -20.96 -13.68 -52.38
C LEU A 3321 -19.75 -13.26 -53.20
N ALA A 3322 -18.97 -14.23 -53.70
CA ALA A 3322 -17.90 -13.88 -54.62
C ALA A 3322 -18.45 -13.31 -55.91
N PHE A 3323 -19.51 -13.92 -56.44
CA PHE A 3323 -20.23 -13.39 -57.58
C PHE A 3323 -20.81 -12.02 -57.29
N ARG A 3324 -21.32 -11.84 -56.08
CA ARG A 3324 -21.95 -10.57 -55.68
C ARG A 3324 -20.93 -9.44 -55.62
N ASP A 3325 -19.80 -9.68 -54.97
CA ASP A 3325 -18.78 -8.64 -54.84
C ASP A 3325 -18.07 -8.39 -56.17
N GLN A 3326 -17.97 -9.42 -57.01
CA GLN A 3326 -17.45 -9.22 -58.37
C GLN A 3326 -18.37 -8.31 -59.17
N ASN A 3327 -19.69 -8.52 -59.05
CA ASN A 3327 -20.63 -7.64 -59.74
C ASN A 3327 -20.61 -6.24 -59.16
N ILE A 3328 -20.39 -6.11 -57.84
CA ILE A 3328 -20.26 -4.82 -57.19
C ILE A 3328 -19.08 -4.05 -57.77
N LEU A 3329 -17.92 -4.69 -57.83
CA LEU A 3329 -16.72 -3.97 -58.28
C LEU A 3329 -16.78 -3.68 -59.77
N LEU A 3330 -17.31 -4.61 -60.57
CA LEU A 3330 -17.40 -4.37 -62.01
C LEU A 3330 -18.40 -3.26 -62.32
N GLY A 3331 -19.52 -3.22 -61.58
CA GLY A 3331 -20.44 -2.12 -61.71
C GLY A 3331 -19.83 -0.80 -61.28
N THR A 3332 -18.94 -0.84 -60.28
CA THR A 3332 -18.24 0.38 -59.87
C THR A 3332 -17.28 0.86 -60.96
N THR A 3333 -16.61 -0.08 -61.65
CA THR A 3333 -15.75 0.29 -62.77
C THR A 3333 -16.54 0.90 -63.92
N TYR A 3334 -17.66 0.27 -64.29
CA TYR A 3334 -18.45 0.80 -65.39
C TYR A 3334 -19.08 2.13 -65.00
N ARG A 3335 -19.45 2.27 -63.74
CA ARG A 3335 -19.91 3.53 -63.17
C ARG A 3335 -18.86 4.61 -63.32
N ILE A 3336 -17.62 4.32 -62.94
CA ILE A 3336 -16.63 5.40 -62.94
C ILE A 3336 -16.15 5.72 -64.34
N ILE A 3337 -16.19 4.77 -65.28
CA ILE A 3337 -15.80 5.14 -66.63
C ILE A 3337 -16.91 5.95 -67.32
N ALA A 3338 -18.18 5.58 -67.09
CA ALA A 3338 -19.27 6.39 -67.64
C ALA A 3338 -19.39 7.73 -66.92
N ASN A 3339 -18.90 7.82 -65.68
CA ASN A 3339 -18.72 9.10 -65.03
C ASN A 3339 -17.63 9.90 -65.72
N ALA A 3340 -16.56 9.22 -66.13
CA ALA A 3340 -15.40 9.89 -66.67
C ALA A 3340 -15.69 10.49 -68.04
N LEU A 3341 -16.42 9.77 -68.88
CA LEU A 3341 -16.76 10.34 -70.19
C LEU A 3341 -18.10 11.09 -70.17
N SER A 3342 -18.26 11.95 -69.16
CA SER A 3342 -19.39 12.86 -69.11
C SER A 3342 -19.03 14.28 -68.72
N SER A 3343 -17.90 14.52 -68.04
CA SER A 3343 -17.52 15.87 -67.70
C SER A 3343 -16.99 16.60 -68.93
N GLU A 3344 -15.91 16.09 -69.50
CA GLU A 3344 -15.51 16.69 -70.77
C GLU A 3344 -16.28 16.03 -71.92
N PRO A 3345 -16.84 16.84 -72.82
CA PRO A 3345 -17.78 16.31 -73.82
C PRO A 3345 -17.19 15.35 -74.83
N ALA A 3346 -16.16 15.79 -75.56
CA ALA A 3346 -15.59 14.95 -76.59
C ALA A 3346 -14.06 14.96 -76.63
N CYS A 3347 -13.41 15.86 -75.90
CA CYS A 3347 -11.95 15.99 -75.95
C CYS A 3347 -11.23 14.76 -75.41
N LEU A 3348 -11.85 14.07 -74.44
CA LEU A 3348 -11.27 12.82 -73.96
C LEU A 3348 -11.38 11.71 -75.01
N ALA A 3349 -12.42 11.76 -75.84
CA ALA A 3349 -12.60 10.75 -76.88
C ALA A 3349 -11.95 11.18 -78.20
N GLU A 3350 -10.70 11.62 -78.11
CA GLU A 3350 -9.94 12.01 -79.30
C GLU A 3350 -8.66 11.19 -79.45
N ILE A 3351 -7.86 11.07 -78.40
CA ILE A 3351 -6.53 10.47 -78.49
C ILE A 3351 -6.56 9.14 -77.76
N GLU A 3352 -6.63 8.06 -78.55
CA GLU A 3352 -6.30 6.65 -78.35
C GLU A 3352 -6.56 5.97 -79.69
N GLU A 3353 -5.99 4.78 -79.86
CA GLU A 3353 -6.35 3.95 -81.00
C GLU A 3353 -6.97 2.63 -80.58
N ASP A 3354 -6.22 1.77 -79.89
CA ASP A 3354 -6.79 0.48 -79.52
C ASP A 3354 -7.68 0.63 -78.30
N LYS A 3355 -7.30 1.51 -77.38
CA LYS A 3355 -8.20 1.79 -76.26
C LYS A 3355 -9.39 2.64 -76.69
N ALA A 3356 -9.25 3.41 -77.76
CA ALA A 3356 -10.41 4.08 -78.34
C ALA A 3356 -11.37 3.07 -78.94
N ARG A 3357 -10.83 2.01 -79.54
CA ARG A 3357 -11.67 0.90 -79.98
C ARG A 3357 -12.25 0.15 -78.79
N ARG A 3358 -11.53 0.10 -77.67
CA ARG A 3358 -12.03 -0.53 -76.45
C ARG A 3358 -13.20 0.24 -75.86
N ILE A 3359 -13.19 1.57 -76.00
CA ILE A 3359 -14.29 2.39 -75.50
C ILE A 3359 -15.57 2.08 -76.29
N LEU A 3360 -15.49 2.19 -77.60
CA LEU A 3360 -16.67 2.04 -78.45
C LEU A 3360 -17.04 0.58 -78.72
N GLU A 3361 -16.21 -0.39 -78.32
CA GLU A 3361 -16.61 -1.77 -78.52
C GLU A 3361 -17.51 -2.26 -77.38
N LEU A 3362 -17.70 -1.44 -76.36
CA LEU A 3362 -18.51 -1.82 -75.22
C LEU A 3362 -19.75 -0.95 -75.12
N ASP A 3369 -22.88 7.79 -83.13
CA ASP A 3369 -22.33 7.30 -81.88
C ASP A 3369 -22.17 8.44 -80.86
N SER A 3370 -21.24 8.21 -79.91
CA SER A 3370 -20.83 9.11 -78.82
C SER A 3370 -21.91 9.33 -77.76
N GLU A 3371 -23.10 8.75 -77.94
CA GLU A 3371 -24.12 8.73 -76.90
C GLU A 3371 -24.64 7.31 -76.76
N LYS A 3372 -24.61 6.58 -77.88
CA LYS A 3372 -25.10 5.22 -77.95
C LYS A 3372 -24.17 4.21 -77.27
N VAL A 3373 -23.02 4.67 -76.78
CA VAL A 3373 -22.22 3.85 -75.88
C VAL A 3373 -22.14 4.44 -74.48
N ILE A 3374 -22.41 5.74 -74.31
CA ILE A 3374 -22.57 6.30 -72.96
C ILE A 3374 -23.76 5.66 -72.27
N ALA A 3375 -24.91 5.64 -72.96
CA ALA A 3375 -26.07 4.96 -72.41
C ALA A 3375 -25.83 3.46 -72.29
N GLY A 3376 -24.97 2.90 -73.14
CA GLY A 3376 -24.64 1.49 -73.02
C GLY A 3376 -23.86 1.17 -71.76
N LEU A 3377 -22.87 2.01 -71.42
CA LEU A 3377 -22.14 1.81 -70.17
C LEU A 3377 -23.04 2.04 -68.96
N TYR A 3378 -23.95 3.01 -69.03
CA TYR A 3378 -24.87 3.21 -67.92
C TYR A 3378 -25.83 2.05 -67.75
N GLN A 3379 -26.27 1.45 -68.87
CA GLN A 3379 -27.13 0.28 -68.78
C GLN A 3379 -26.36 -0.94 -68.27
N ARG A 3380 -25.10 -1.08 -68.65
CA ARG A 3380 -24.28 -2.18 -68.16
C ARG A 3380 -24.03 -2.05 -66.66
N ALA A 3381 -23.77 -0.83 -66.19
CA ALA A 3381 -23.54 -0.60 -64.78
C ALA A 3381 -24.81 -0.84 -63.97
N PHE A 3382 -25.97 -0.42 -64.50
CA PHE A 3382 -27.21 -0.72 -63.81
C PHE A 3382 -27.54 -2.22 -63.82
N GLN A 3383 -27.18 -2.92 -64.89
CA GLN A 3383 -27.42 -4.36 -64.94
C GLN A 3383 -26.55 -5.11 -63.93
N HIS A 3384 -25.29 -4.71 -63.82
CA HIS A 3384 -24.41 -5.34 -62.84
C HIS A 3384 -24.83 -5.01 -61.42
N LEU A 3385 -25.29 -3.77 -61.17
CA LEU A 3385 -25.81 -3.43 -59.85
C LEU A 3385 -27.11 -4.15 -59.54
N SER A 3386 -27.90 -4.45 -60.59
CA SER A 3386 -29.12 -5.20 -60.41
C SER A 3386 -28.83 -6.65 -60.03
N GLU A 3387 -27.83 -7.25 -60.68
CA GLU A 3387 -27.39 -8.59 -60.28
C GLU A 3387 -26.80 -8.58 -58.87
N ALA A 3388 -26.13 -7.48 -58.51
CA ALA A 3388 -25.53 -7.35 -57.18
C ALA A 3388 -26.59 -7.28 -56.08
N VAL A 3389 -27.60 -6.43 -56.25
CA VAL A 3389 -28.67 -6.37 -55.27
C VAL A 3389 -29.63 -7.55 -55.39
N GLN A 3390 -29.58 -8.30 -56.48
CA GLN A 3390 -30.30 -9.56 -56.59
C GLN A 3390 -29.66 -10.61 -55.71
N ALA A 3391 -28.36 -10.81 -55.86
CA ALA A 3391 -27.65 -11.76 -55.02
C ALA A 3391 -27.33 -11.16 -53.65
N ALA A 3406 -21.09 -10.01 -40.97
CA ALA A 3406 -22.15 -9.91 -41.96
C ALA A 3406 -22.10 -8.56 -42.67
N ALA A 3407 -23.28 -8.09 -43.11
CA ALA A 3407 -23.48 -6.78 -43.73
C ALA A 3407 -22.62 -6.60 -44.99
N GLY A 3408 -22.71 -7.57 -45.90
CA GLY A 3408 -22.05 -7.51 -47.18
C GLY A 3408 -22.93 -7.09 -48.34
N VAL A 3409 -24.14 -6.62 -48.08
CA VAL A 3409 -25.08 -6.31 -49.14
C VAL A 3409 -25.67 -4.91 -48.90
N ILE A 3410 -25.35 -4.33 -47.75
CA ILE A 3410 -25.77 -2.96 -47.43
C ILE A 3410 -25.13 -1.96 -48.38
N ASP A 3411 -23.82 -2.12 -48.60
CA ASP A 3411 -23.12 -1.28 -49.56
C ASP A 3411 -23.61 -1.54 -50.98
N ALA A 3412 -23.99 -2.79 -51.28
CA ALA A 3412 -24.51 -3.12 -52.60
C ALA A 3412 -25.84 -2.43 -52.88
N TYR A 3413 -26.70 -2.34 -51.86
CA TYR A 3413 -27.92 -1.54 -52.00
C TYR A 3413 -27.58 -0.07 -52.16
N MET A 3414 -26.66 0.43 -51.33
CA MET A 3414 -26.41 1.87 -51.24
C MET A 3414 -25.77 2.44 -52.50
N THR A 3415 -24.92 1.65 -53.18
CA THR A 3415 -24.32 2.17 -54.40
C THR A 3415 -25.33 2.25 -55.53
N LEU A 3416 -26.30 1.33 -55.58
CA LEU A 3416 -27.36 1.43 -56.57
C LEU A 3416 -28.29 2.59 -56.25
N ALA A 3417 -28.51 2.83 -54.95
CA ALA A 3417 -29.31 3.97 -54.52
C ALA A 3417 -28.67 5.29 -54.94
N ASP A 3418 -27.36 5.43 -54.72
CA ASP A 3418 -26.67 6.63 -55.15
C ASP A 3418 -26.60 6.74 -56.66
N PHE A 3419 -26.50 5.61 -57.37
CA PHE A 3419 -26.47 5.59 -58.83
C PHE A 3419 -27.76 6.15 -59.41
N CYS A 3420 -28.90 5.61 -59.00
CA CYS A 3420 -30.17 6.16 -59.45
C CYS A 3420 -30.44 7.56 -58.89
N ASP A 3421 -29.84 7.94 -57.76
CA ASP A 3421 -30.06 9.27 -57.22
C ASP A 3421 -29.36 10.33 -58.05
N GLN A 3422 -28.09 10.10 -58.40
CA GLN A 3422 -27.42 11.05 -59.28
C GLN A 3422 -28.02 11.00 -60.69
N GLN A 3423 -28.56 9.85 -61.10
CA GLN A 3423 -29.30 9.80 -62.37
C GLN A 3423 -30.54 10.68 -62.32
N LEU A 3424 -31.25 10.68 -61.20
CA LEU A 3424 -32.43 11.53 -61.08
C LEU A 3424 -32.06 13.00 -61.00
N ARG A 3425 -30.95 13.33 -60.34
CA ARG A 3425 -30.50 14.71 -60.30
C ARG A 3425 -30.05 15.20 -61.67
N LYS A 3426 -29.41 14.31 -62.44
CA LYS A 3426 -29.07 14.62 -63.82
C LYS A 3426 -30.33 14.79 -64.66
N GLU A 3427 -31.36 13.99 -64.39
CA GLU A 3427 -32.61 14.09 -65.15
C GLU A 3427 -33.33 15.41 -64.88
N GLU A 3428 -33.34 15.85 -63.63
CA GLU A 3428 -33.96 17.14 -63.34
C GLU A 3428 -33.02 18.31 -63.62
N GLU A 3429 -31.76 18.05 -63.90
CA GLU A 3429 -30.83 19.12 -64.20
C GLU A 3429 -29.87 18.73 -65.30
N GLN A 3440 -39.12 7.23 -64.93
CA GLN A 3440 -38.65 5.85 -64.98
C GLN A 3440 -39.01 5.12 -63.69
N ALA A 3441 -38.67 3.85 -63.60
CA ALA A 3441 -38.88 3.08 -62.38
C ALA A 3441 -37.75 3.28 -61.37
N TYR A 3442 -36.74 4.06 -61.73
CA TYR A 3442 -35.66 4.36 -60.80
C TYR A 3442 -36.09 5.06 -59.51
N PRO A 3443 -37.05 6.00 -59.49
CA PRO A 3443 -37.56 6.47 -58.18
C PRO A 3443 -38.23 5.38 -57.36
N ALA A 3444 -38.79 4.35 -57.97
CA ALA A 3444 -39.28 3.23 -57.17
C ALA A 3444 -38.13 2.42 -56.61
N LEU A 3445 -37.13 2.13 -57.46
CA LEU A 3445 -36.02 1.28 -57.07
C LEU A 3445 -35.19 1.90 -55.96
N VAL A 3446 -35.01 3.22 -55.99
CA VAL A 3446 -34.15 3.86 -55.01
C VAL A 3446 -34.79 3.85 -53.63
N VAL A 3447 -36.11 4.04 -53.55
CA VAL A 3447 -36.78 4.02 -52.26
C VAL A 3447 -36.88 2.60 -51.74
N GLU A 3448 -37.08 1.63 -52.66
CA GLU A 3448 -37.08 0.22 -52.30
C GLU A 3448 -35.78 -0.20 -51.63
N LYS A 3449 -34.67 -0.09 -52.36
CA LYS A 3449 -33.39 -0.54 -51.80
C LYS A 3449 -32.88 0.36 -50.70
N MET A 3450 -33.29 1.64 -50.69
CA MET A 3450 -32.86 2.56 -49.65
C MET A 3450 -33.52 2.23 -48.32
N LEU A 3451 -34.82 1.94 -48.32
CA LEU A 3451 -35.46 1.54 -47.07
C LEU A 3451 -35.11 0.12 -46.68
N LYS A 3452 -34.80 -0.73 -47.67
CA LYS A 3452 -34.22 -2.04 -47.38
C LYS A 3452 -32.88 -1.89 -46.65
N ALA A 3453 -32.12 -0.85 -46.99
CA ALA A 3453 -30.89 -0.57 -46.26
C ALA A 3453 -31.18 -0.02 -44.86
N LEU A 3454 -32.07 0.98 -44.79
CA LEU A 3454 -32.28 1.71 -43.54
C LEU A 3454 -33.02 0.86 -42.50
N LYS A 3455 -33.69 -0.22 -42.91
CA LYS A 3455 -34.20 -1.18 -41.95
C LYS A 3455 -33.07 -1.82 -41.16
N LEU A 3456 -31.95 -2.10 -41.83
CA LEU A 3456 -30.77 -2.58 -41.15
C LEU A 3456 -30.12 -1.44 -40.36
N ASN A 3457 -29.14 -1.80 -39.55
CA ASN A 3457 -28.37 -0.84 -38.77
C ASN A 3457 -27.41 -0.12 -39.71
N SER A 3458 -27.78 1.07 -40.16
CA SER A 3458 -26.95 1.87 -41.03
C SER A 3458 -26.71 3.24 -40.43
N ASN A 3459 -25.76 3.96 -41.02
CA ASN A 3459 -25.47 5.34 -40.69
C ASN A 3459 -25.56 6.26 -41.90
N GLU A 3460 -25.03 5.82 -43.04
CA GLU A 3460 -25.09 6.63 -44.24
C GLU A 3460 -26.53 6.74 -44.77
N ALA A 3461 -27.30 5.66 -44.63
CA ALA A 3461 -28.72 5.75 -44.94
C ALA A 3461 -29.46 6.58 -43.90
N ARG A 3462 -29.00 6.56 -42.65
CA ARG A 3462 -29.56 7.43 -41.61
C ARG A 3462 -29.33 8.90 -41.92
N LEU A 3463 -28.24 9.21 -42.60
CA LEU A 3463 -28.02 10.55 -43.11
C LEU A 3463 -28.63 10.76 -44.50
N LYS A 3464 -29.31 9.76 -45.07
CA LYS A 3464 -29.86 9.85 -46.42
C LYS A 3464 -31.38 9.85 -46.44
N PHE A 3465 -32.01 10.33 -45.39
CA PHE A 3465 -33.46 10.40 -45.28
C PHE A 3465 -34.15 11.51 -46.09
N PRO A 3466 -33.63 12.74 -46.21
CA PRO A 3466 -34.34 13.73 -47.04
C PRO A 3466 -34.37 13.42 -48.54
N ARG A 3467 -33.58 12.45 -49.04
CA ARG A 3467 -33.78 11.96 -50.40
C ARG A 3467 -35.16 11.34 -50.55
N LEU A 3468 -35.55 10.48 -49.62
CA LEU A 3468 -36.89 9.93 -49.63
C LEU A 3468 -37.92 11.01 -49.34
N LEU A 3469 -37.58 11.93 -48.42
CA LEU A 3469 -38.56 12.96 -48.02
C LEU A 3469 -38.85 13.95 -49.15
N GLN A 3470 -37.93 14.11 -50.09
CA GLN A 3470 -38.21 14.95 -51.25
C GLN A 3470 -38.69 14.18 -52.46
N ILE A 3471 -38.24 12.93 -52.64
CA ILE A 3471 -38.69 12.16 -53.79
C ILE A 3471 -40.12 11.68 -53.61
N ILE A 3472 -40.64 11.64 -52.38
CA ILE A 3472 -42.06 11.32 -52.20
C ILE A 3472 -42.91 12.48 -52.70
N GLU A 3473 -42.53 13.72 -52.37
CA GLU A 3473 -43.26 14.88 -52.84
C GLU A 3473 -43.13 15.05 -54.35
N ARG A 3474 -41.94 14.82 -54.89
CA ARG A 3474 -41.75 14.99 -56.32
C ARG A 3474 -42.39 13.87 -57.14
N TYR A 3475 -42.44 12.65 -56.61
CA TYR A 3475 -42.99 11.50 -57.32
C TYR A 3475 -44.10 10.87 -56.48
N PRO A 3476 -45.26 11.52 -56.37
CA PRO A 3476 -46.30 10.97 -55.50
C PRO A 3476 -46.99 9.75 -56.10
N GLU A 3477 -47.19 9.74 -57.42
CA GLU A 3477 -47.78 8.58 -58.08
C GLU A 3477 -46.83 7.39 -58.07
N GLU A 3478 -45.53 7.63 -57.95
CA GLU A 3478 -44.54 6.57 -57.98
C GLU A 3478 -44.52 5.88 -56.61
N THR A 3479 -45.46 4.92 -56.46
CA THR A 3479 -45.45 3.88 -55.42
C THR A 3479 -45.44 4.43 -54.01
N LEU A 3480 -46.43 5.28 -53.71
CA LEU A 3480 -46.55 5.85 -52.38
C LEU A 3480 -47.18 4.86 -51.40
N SER A 3481 -48.03 3.96 -51.90
CA SER A 3481 -48.51 2.86 -51.08
C SER A 3481 -47.36 1.94 -50.68
N LEU A 3482 -46.41 1.73 -51.59
CA LEU A 3482 -45.16 1.06 -51.26
C LEU A 3482 -44.38 1.82 -50.18
N MET A 3483 -44.42 3.16 -50.22
CA MET A 3483 -43.74 3.96 -49.22
C MET A 3483 -44.34 3.75 -47.83
N THR A 3484 -45.68 3.75 -47.75
CA THR A 3484 -46.35 3.43 -46.48
C THR A 3484 -46.01 2.00 -46.03
N LYS A 3485 -46.10 1.04 -46.94
CA LYS A 3485 -45.89 -0.36 -46.59
C LYS A 3485 -44.46 -0.64 -46.17
N GLU A 3486 -43.49 0.10 -46.69
CA GLU A 3486 -42.11 -0.10 -46.31
C GLU A 3486 -41.74 0.69 -45.07
N ILE A 3487 -42.30 1.88 -44.88
CA ILE A 3487 -42.06 2.64 -43.66
C ILE A 3487 -42.81 2.07 -42.46
N SER A 3488 -43.74 1.14 -42.70
CA SER A 3488 -44.43 0.50 -41.58
C SER A 3488 -43.50 -0.39 -40.76
N SER A 3489 -42.53 -1.03 -41.40
CA SER A 3489 -41.71 -2.06 -40.74
C SER A 3489 -40.30 -1.51 -40.56
N VAL A 3490 -40.07 -0.82 -39.44
CA VAL A 3490 -38.79 -0.18 -39.18
C VAL A 3490 -38.63 0.01 -37.66
N PRO A 3491 -37.43 -0.22 -37.11
CA PRO A 3491 -37.18 0.17 -35.73
C PRO A 3491 -37.26 1.69 -35.57
N CYS A 3492 -37.84 2.12 -34.45
CA CYS A 3492 -38.20 3.51 -34.26
C CYS A 3492 -37.13 4.32 -33.55
N TRP A 3493 -35.98 3.73 -33.25
CA TRP A 3493 -34.88 4.46 -32.63
C TRP A 3493 -33.95 5.12 -33.65
N GLN A 3494 -34.42 5.31 -34.89
CA GLN A 3494 -33.61 5.88 -35.96
C GLN A 3494 -34.04 7.29 -36.34
N PHE A 3495 -35.34 7.55 -36.44
CA PHE A 3495 -35.87 8.79 -36.99
C PHE A 3495 -35.75 9.97 -36.04
N ILE A 3496 -35.11 9.81 -34.88
CA ILE A 3496 -35.17 10.79 -33.82
C ILE A 3496 -34.44 12.08 -34.19
N SER A 3497 -33.38 11.96 -34.98
CA SER A 3497 -32.64 13.16 -35.38
C SER A 3497 -33.35 13.95 -36.46
N TRP A 3498 -34.19 13.30 -37.27
CA TRP A 3498 -34.88 13.92 -38.40
C TRP A 3498 -36.32 14.27 -38.07
N ILE A 3499 -36.59 14.69 -36.83
CA ILE A 3499 -37.96 14.90 -36.40
C ILE A 3499 -38.46 16.30 -36.72
N SER A 3500 -37.58 17.30 -36.80
CA SER A 3500 -38.01 18.68 -36.93
C SER A 3500 -38.54 19.00 -38.32
N HIS A 3501 -38.29 18.14 -39.30
CA HIS A 3501 -38.89 18.30 -40.61
C HIS A 3501 -40.24 17.59 -40.69
N MET A 3502 -40.34 16.40 -40.10
CA MET A 3502 -41.61 15.68 -40.09
C MET A 3502 -42.65 16.35 -39.21
N VAL A 3503 -42.23 17.16 -38.25
CA VAL A 3503 -43.21 17.88 -37.44
C VAL A 3503 -43.80 19.06 -38.22
N ALA A 3504 -43.05 19.66 -39.15
CA ALA A 3504 -43.60 20.71 -39.98
C ALA A 3504 -44.25 20.16 -41.25
N LEU A 3505 -44.03 18.88 -41.54
CA LEU A 3505 -44.65 18.25 -42.70
C LEU A 3505 -46.15 18.03 -42.55
N LEU A 3506 -46.70 18.15 -41.33
CA LEU A 3506 -48.13 17.86 -41.12
C LEU A 3506 -49.02 18.86 -41.83
N ASP A 3507 -48.60 20.12 -41.93
CA ASP A 3507 -49.37 21.11 -42.67
C ASP A 3507 -49.37 20.82 -44.17
N LYS A 3508 -48.33 20.17 -44.67
CA LYS A 3508 -48.26 19.80 -46.07
C LYS A 3508 -49.26 18.69 -46.37
N ASP A 3509 -50.01 18.86 -47.45
CA ASP A 3509 -50.95 17.86 -47.90
C ASP A 3509 -50.24 16.57 -48.28
N GLN A 3510 -50.94 15.45 -48.06
CA GLN A 3510 -50.36 14.10 -48.04
C GLN A 3510 -49.19 14.05 -47.05
N ALA A 3511 -49.52 14.27 -45.78
CA ALA A 3511 -48.62 14.02 -44.68
C ALA A 3511 -48.82 12.64 -44.08
N VAL A 3512 -49.53 11.76 -44.78
CA VAL A 3512 -50.03 10.52 -44.20
C VAL A 3512 -49.42 9.29 -44.85
N ALA A 3513 -48.23 9.43 -45.45
CA ALA A 3513 -47.49 8.25 -45.86
C ALA A 3513 -46.90 7.51 -44.67
N VAL A 3514 -46.77 8.18 -43.52
CA VAL A 3514 -46.48 7.53 -42.26
C VAL A 3514 -47.25 8.25 -41.15
N GLN A 3515 -47.98 7.49 -40.34
CA GLN A 3515 -48.57 8.07 -39.15
C GLN A 3515 -48.28 7.20 -37.94
N HIS A 3516 -48.32 5.88 -38.12
CA HIS A 3516 -48.28 4.99 -36.96
C HIS A 3516 -46.87 4.83 -36.40
N SER A 3517 -45.84 4.95 -37.23
CA SER A 3517 -44.49 4.95 -36.68
C SER A 3517 -44.20 6.25 -35.95
N VAL A 3518 -44.77 7.36 -36.44
CA VAL A 3518 -44.70 8.64 -35.74
C VAL A 3518 -45.37 8.53 -34.38
N GLU A 3519 -46.53 7.89 -34.34
CA GLU A 3519 -47.23 7.71 -33.07
C GLU A 3519 -46.50 6.74 -32.15
N GLU A 3520 -45.82 5.74 -32.72
CA GLU A 3520 -44.94 4.88 -31.96
C GLU A 3520 -43.85 5.68 -31.27
N ILE A 3521 -43.23 6.59 -32.02
CA ILE A 3521 -42.15 7.42 -31.47
C ILE A 3521 -42.67 8.36 -30.40
N THR A 3522 -43.88 8.90 -30.58
CA THR A 3522 -44.46 9.78 -29.56
C THR A 3522 -44.81 9.00 -28.30
N ASP A 3523 -45.50 7.86 -28.45
CA ASP A 3523 -45.92 7.09 -27.29
C ASP A 3523 -44.75 6.41 -26.58
N ASN A 3524 -43.60 6.28 -27.23
CA ASN A 3524 -42.44 5.76 -26.52
C ASN A 3524 -41.62 6.88 -25.87
N TYR A 3525 -41.26 7.91 -26.62
CA TYR A 3525 -40.37 8.96 -26.14
C TYR A 3525 -40.97 10.33 -26.44
N PRO A 3526 -41.98 10.75 -25.67
CA PRO A 3526 -42.62 12.04 -25.97
C PRO A 3526 -41.85 13.26 -25.50
N GLN A 3527 -40.99 13.12 -24.50
CA GLN A 3527 -40.43 14.28 -23.80
C GLN A 3527 -39.38 15.04 -24.61
N ALA A 3528 -39.01 14.56 -25.79
CA ALA A 3528 -38.16 15.31 -26.69
C ALA A 3528 -38.94 15.92 -27.85
N ILE A 3529 -39.97 15.22 -28.33
CA ILE A 3529 -40.80 15.72 -29.42
C ILE A 3529 -41.73 16.83 -28.99
N VAL A 3530 -41.83 17.10 -27.68
CA VAL A 3530 -42.71 18.14 -27.17
C VAL A 3530 -42.21 19.54 -27.55
N TYR A 3531 -40.92 19.70 -27.83
CA TYR A 3531 -40.39 21.01 -28.18
C TYR A 3531 -40.62 21.40 -29.65
N PRO A 3532 -40.43 20.52 -30.66
CA PRO A 3532 -40.80 20.98 -32.02
C PRO A 3532 -42.29 21.06 -32.27
N PHE A 3533 -43.12 20.42 -31.44
CA PHE A 3533 -44.54 20.35 -31.74
C PHE A 3533 -45.25 21.67 -31.47
N ILE A 3534 -44.84 22.41 -30.45
CA ILE A 3534 -45.42 23.73 -30.23
C ILE A 3534 -45.05 24.68 -31.37
N ILE A 3535 -43.85 24.50 -31.93
CA ILE A 3535 -43.39 25.36 -33.00
C ILE A 3535 -44.16 25.07 -34.28
N SER A 3536 -44.43 23.80 -34.54
CA SER A 3536 -45.19 23.45 -35.74
C SER A 3536 -46.67 23.72 -35.58
N SER A 3537 -47.22 23.56 -34.38
CA SER A 3537 -48.62 23.87 -34.15
C SER A 3537 -48.87 25.36 -34.09
N GLU A 3538 -47.81 26.17 -33.93
CA GLU A 3538 -47.97 27.62 -34.02
C GLU A 3538 -48.38 28.05 -35.43
N SER A 3539 -47.97 27.31 -36.46
CA SER A 3539 -48.38 27.59 -37.83
C SER A 3539 -48.76 26.28 -38.50
N TYR A 3540 -50.06 25.95 -38.50
CA TYR A 3540 -50.53 24.71 -39.10
C TYR A 3540 -51.99 24.92 -39.53
N SER A 3541 -52.20 25.11 -40.83
CA SER A 3541 -53.53 25.39 -41.39
C SER A 3541 -53.85 24.37 -42.46
N PHE A 3542 -54.85 23.53 -42.20
CA PHE A 3542 -55.23 22.44 -43.10
C PHE A 3542 -56.19 22.96 -44.17
N LYS A 3543 -56.84 22.03 -44.87
CA LYS A 3543 -57.67 22.34 -46.04
C LYS A 3543 -59.09 21.81 -45.85
N ASP A 3544 -59.86 21.82 -46.94
CA ASP A 3544 -61.28 21.56 -46.90
C ASP A 3544 -61.66 20.10 -47.10
N THR A 3545 -60.80 19.30 -47.72
CA THR A 3545 -61.15 17.94 -48.09
C THR A 3545 -61.21 17.04 -46.85
N SER A 3546 -61.71 15.82 -47.05
CA SER A 3546 -61.87 14.87 -45.95
C SER A 3546 -60.54 14.38 -45.41
N THR A 3547 -59.50 14.33 -46.24
CA THR A 3547 -58.17 14.07 -45.72
C THR A 3547 -57.59 15.30 -45.03
N GLY A 3548 -58.07 16.50 -45.36
CA GLY A 3548 -57.72 17.72 -44.68
C GLY A 3548 -58.42 17.93 -43.36
N HIS A 3549 -59.41 17.10 -43.04
CA HIS A 3549 -60.02 17.05 -41.72
C HIS A 3549 -59.53 15.87 -40.90
N LYS A 3550 -59.13 14.78 -41.58
CA LYS A 3550 -58.44 13.70 -40.90
C LYS A 3550 -57.11 14.15 -40.34
N ASN A 3551 -56.47 15.13 -40.99
CA ASN A 3551 -55.26 15.71 -40.45
C ASN A 3551 -55.55 16.60 -39.23
N LYS A 3552 -56.70 17.28 -39.20
CA LYS A 3552 -57.12 17.97 -37.98
C LYS A 3552 -57.37 16.98 -36.85
N GLU A 3553 -58.00 15.85 -37.19
CA GLU A 3553 -58.22 14.77 -36.23
C GLU A 3553 -56.90 14.21 -35.71
N PHE A 3554 -55.92 14.07 -36.59
CA PHE A 3554 -54.62 13.53 -36.21
C PHE A 3554 -53.85 14.49 -35.31
N VAL A 3555 -53.85 15.79 -35.65
CA VAL A 3555 -53.11 16.74 -34.84
C VAL A 3555 -53.80 16.93 -33.49
N ALA A 3556 -55.14 16.79 -33.44
CA ALA A 3556 -55.80 16.86 -32.15
C ALA A 3556 -55.55 15.62 -31.31
N ARG A 3557 -55.51 14.43 -31.94
CA ARG A 3557 -55.30 13.22 -31.18
C ARG A 3557 -53.85 13.11 -30.70
N ILE A 3558 -52.91 13.70 -31.42
CA ILE A 3558 -51.53 13.68 -30.92
C ILE A 3558 -51.26 14.86 -29.99
N LYS A 3559 -52.02 15.94 -30.09
CA LYS A 3559 -51.99 16.97 -29.05
C LYS A 3559 -52.59 16.45 -27.76
N SER A 3560 -53.52 15.50 -27.86
CA SER A 3560 -54.05 14.85 -26.67
C SER A 3560 -53.12 13.77 -26.14
N LYS A 3561 -52.48 13.02 -27.03
CA LYS A 3561 -51.56 11.98 -26.61
C LYS A 3561 -50.26 12.56 -26.05
N LEU A 3562 -49.93 13.79 -26.43
CA LEU A 3562 -48.91 14.59 -25.79
C LEU A 3562 -49.54 15.39 -24.65
N ASP A 3563 -48.70 15.88 -23.75
CA ASP A 3563 -49.08 16.75 -22.63
C ASP A 3563 -50.08 16.06 -21.72
N GLN A 3564 -49.83 14.79 -21.42
CA GLN A 3564 -50.62 14.09 -20.42
C GLN A 3564 -50.39 14.67 -19.04
N GLY A 3565 -49.19 15.16 -18.76
CA GLY A 3565 -48.90 15.84 -17.51
C GLY A 3565 -49.52 17.21 -17.45
N GLY A 3566 -49.14 18.09 -18.38
CA GLY A 3566 -49.63 19.45 -18.37
C GLY A 3566 -48.71 20.36 -17.57
N VAL A 3567 -47.41 20.09 -17.66
CA VAL A 3567 -46.40 20.88 -16.96
C VAL A 3567 -45.33 21.42 -17.89
N ILE A 3568 -45.19 20.89 -19.11
CA ILE A 3568 -44.16 21.34 -20.03
C ILE A 3568 -44.46 22.75 -20.51
N GLN A 3569 -45.71 23.00 -20.90
CA GLN A 3569 -46.15 24.33 -21.28
C GLN A 3569 -46.00 25.30 -20.13
N ASP A 3570 -46.27 24.84 -18.90
CA ASP A 3570 -46.07 25.66 -17.71
C ASP A 3570 -44.60 26.02 -17.52
N PHE A 3571 -43.70 25.07 -17.78
CA PHE A 3571 -42.27 25.31 -17.63
C PHE A 3571 -41.79 26.31 -18.68
N ILE A 3572 -42.30 26.19 -19.91
CA ILE A 3572 -41.96 27.13 -20.97
C ILE A 3572 -42.44 28.54 -20.61
N ASN A 3573 -43.64 28.63 -20.02
CA ASN A 3573 -44.15 29.93 -19.59
C ASN A 3573 -43.30 30.52 -18.46
N ALA A 3574 -42.92 29.69 -17.50
CA ALA A 3574 -42.13 30.18 -16.37
C ALA A 3574 -40.74 30.62 -16.81
N LEU A 3575 -40.17 29.93 -17.80
CA LEU A 3575 -38.91 30.38 -18.37
C LEU A 3575 -39.11 31.62 -19.22
N ASP A 3576 -40.28 31.77 -19.83
CA ASP A 3576 -40.55 32.95 -20.64
C ASP A 3576 -40.63 34.20 -19.79
N GLN A 3577 -41.30 34.13 -18.65
CA GLN A 3577 -41.57 35.34 -17.89
C GLN A 3577 -40.40 35.79 -17.02
N LEU A 3578 -39.17 35.37 -17.29
CA LEU A 3578 -38.00 35.96 -16.68
C LEU A 3578 -37.23 36.84 -17.65
N SER A 3579 -37.82 37.18 -18.79
CA SER A 3579 -37.13 37.96 -19.81
C SER A 3579 -37.11 39.45 -19.45
N ASN A 3580 -36.70 40.26 -20.42
CA ASN A 3580 -36.47 41.70 -20.37
C ASN A 3580 -37.61 42.41 -21.10
N PRO A 3581 -38.28 43.40 -20.51
CA PRO A 3581 -39.45 44.02 -21.17
C PRO A 3581 -39.12 45.04 -22.25
N GLU A 3582 -37.99 45.75 -22.13
CA GLU A 3582 -37.66 46.77 -23.11
C GLU A 3582 -37.33 46.18 -24.46
N LEU A 3583 -36.73 44.98 -24.47
CA LEU A 3583 -36.41 44.29 -25.72
C LEU A 3583 -37.68 43.91 -26.47
N LEU A 3584 -38.67 43.38 -25.75
CA LEU A 3584 -39.93 43.06 -26.38
C LEU A 3584 -40.70 44.32 -26.77
N PHE A 3585 -40.44 45.44 -26.08
CA PHE A 3585 -41.06 46.71 -26.47
C PHE A 3585 -40.50 47.21 -27.81
N LYS A 3586 -39.18 47.15 -27.97
CA LYS A 3586 -38.57 47.47 -29.27
C LYS A 3586 -39.00 46.50 -30.35
N ASP A 3587 -39.18 45.22 -30.00
CA ASP A 3587 -39.63 44.22 -30.96
C ASP A 3587 -41.03 44.52 -31.46
N TRP A 3588 -41.93 44.89 -30.54
CA TRP A 3588 -43.28 45.28 -30.91
C TRP A 3588 -43.27 46.56 -31.76
N SER A 3589 -42.43 47.53 -31.41
CA SER A 3589 -42.39 48.79 -32.14
C SER A 3589 -41.87 48.60 -33.57
N ASN A 3590 -40.82 47.80 -33.75
CA ASN A 3590 -40.31 47.54 -35.09
C ASN A 3590 -41.27 46.65 -35.88
N ASP A 3591 -41.96 45.73 -35.21
CA ASP A 3591 -42.95 44.91 -35.91
C ASP A 3591 -44.13 45.72 -36.40
N VAL A 3592 -44.62 46.68 -35.60
CA VAL A 3592 -45.75 47.47 -36.07
C VAL A 3592 -45.29 48.48 -37.13
N ARG A 3593 -44.09 49.04 -36.98
CA ARG A 3593 -43.56 49.98 -37.96
C ARG A 3593 -43.27 49.28 -39.30
N ALA A 3594 -42.97 47.98 -39.26
CA ALA A 3594 -42.85 47.24 -40.50
C ALA A 3594 -44.22 46.86 -41.08
N GLU A 3595 -45.06 46.19 -40.31
CA GLU A 3595 -46.25 45.56 -40.86
C GLU A 3595 -47.44 46.49 -41.01
N LEU A 3596 -47.37 47.73 -40.53
CA LEU A 3596 -48.57 48.56 -40.54
C LEU A 3596 -48.36 49.91 -41.22
N ALA A 3597 -47.17 50.49 -41.15
CA ALA A 3597 -46.91 51.82 -41.70
C ALA A 3597 -46.90 51.86 -43.22
N LYS A 3598 -47.02 50.71 -43.90
CA LYS A 3598 -47.09 50.69 -45.36
C LYS A 3598 -48.53 50.78 -45.88
N THR A 3599 -49.43 49.89 -45.44
CA THR A 3599 -50.82 49.78 -45.86
C THR A 3599 -51.53 48.84 -44.89
N PRO A 3600 -52.72 49.21 -44.37
CA PRO A 3600 -53.48 48.31 -43.50
C PRO A 3600 -54.43 47.39 -44.27
N VAL A 3601 -53.89 46.68 -45.26
CA VAL A 3601 -54.65 45.68 -46.01
C VAL A 3601 -54.54 44.30 -45.37
N ASN A 3602 -53.78 44.17 -44.29
CA ASN A 3602 -53.49 42.88 -43.69
C ASN A 3602 -54.70 42.38 -42.89
N LYS A 3603 -55.07 41.12 -43.09
CA LYS A 3603 -56.18 40.53 -42.35
C LYS A 3603 -55.70 40.01 -41.00
N LYS A 3604 -56.40 40.42 -39.93
CA LYS A 3604 -56.32 39.92 -38.56
C LYS A 3604 -54.96 40.08 -37.87
N ASN A 3605 -53.98 40.69 -38.55
CA ASN A 3605 -52.62 40.71 -38.05
C ASN A 3605 -52.47 41.67 -36.87
N ILE A 3606 -53.22 42.77 -36.89
CA ILE A 3606 -53.13 43.76 -35.81
C ILE A 3606 -53.67 43.18 -34.50
N GLU A 3607 -54.78 42.46 -34.56
CA GLU A 3607 -55.29 41.80 -33.36
C GLU A 3607 -54.45 40.60 -32.96
N LYS A 3608 -53.97 39.81 -33.93
CA LYS A 3608 -53.17 38.63 -33.61
C LYS A 3608 -51.81 38.99 -33.04
N MET A 3609 -51.32 40.20 -33.32
CA MET A 3609 -50.15 40.70 -32.62
C MET A 3609 -50.51 41.37 -31.31
N TYR A 3610 -51.64 42.07 -31.25
CA TYR A 3610 -52.00 42.79 -30.04
C TYR A 3610 -52.47 41.87 -28.93
N GLU A 3611 -52.95 40.67 -29.26
CA GLU A 3611 -53.32 39.74 -28.21
C GLU A 3611 -52.11 39.28 -27.41
N ARG A 3612 -50.95 39.13 -28.07
CA ARG A 3612 -49.74 38.75 -27.36
C ARG A 3612 -49.21 39.92 -26.55
N MET A 3613 -49.30 41.14 -27.11
CA MET A 3613 -48.86 42.34 -26.39
C MET A 3613 -49.74 42.64 -25.20
N TYR A 3614 -51.00 42.22 -25.24
CA TYR A 3614 -51.87 42.42 -24.10
C TYR A 3614 -51.75 41.27 -23.10
N ALA A 3615 -51.39 40.07 -23.59
CA ALA A 3615 -51.17 38.94 -22.70
C ALA A 3615 -49.88 39.14 -21.89
N ALA A 3616 -48.75 39.21 -22.58
CA ALA A 3616 -47.48 39.48 -21.93
C ALA A 3616 -47.21 40.98 -21.98
N LEU A 3617 -46.89 41.55 -20.82
CA LEU A 3617 -46.71 42.99 -20.61
C LEU A 3617 -47.95 43.76 -21.05
N GLY A 3618 -49.07 43.42 -20.42
CA GLY A 3618 -50.28 44.21 -20.56
C GLY A 3618 -50.61 44.92 -19.26
N ASP A 3619 -51.83 44.73 -18.78
CA ASP A 3619 -52.18 45.13 -17.43
C ASP A 3619 -51.44 44.24 -16.42
N PRO A 3620 -51.36 44.63 -15.14
CA PRO A 3620 -50.69 43.74 -14.17
C PRO A 3620 -51.50 42.53 -13.70
N LYS A 3621 -52.58 42.17 -14.40
CA LYS A 3621 -53.39 41.03 -13.98
C LYS A 3621 -53.71 40.05 -15.11
N ALA A 3622 -53.65 40.47 -16.36
CA ALA A 3622 -53.80 39.50 -17.44
C ALA A 3622 -52.65 38.49 -17.52
N PRO A 3623 -51.37 38.85 -17.28
CA PRO A 3623 -50.38 37.78 -17.04
C PRO A 3623 -50.59 37.04 -15.74
N GLY A 3624 -51.15 37.67 -14.71
CA GLY A 3624 -51.45 36.96 -13.48
C GLY A 3624 -52.51 35.90 -13.66
N LEU A 3625 -53.38 36.05 -14.64
CA LEU A 3625 -54.39 35.06 -14.96
C LEU A 3625 -53.93 34.07 -16.02
N GLY A 3626 -53.24 34.52 -17.06
CA GLY A 3626 -52.91 33.64 -18.17
C GLY A 3626 -51.52 33.06 -18.08
N ALA A 3627 -50.77 33.45 -17.06
CA ALA A 3627 -49.39 33.01 -16.88
C ALA A 3627 -49.06 33.07 -15.40
N PHE A 3628 -47.78 33.02 -15.07
CA PHE A 3628 -47.34 33.17 -13.69
C PHE A 3628 -46.78 34.56 -13.48
N ARG A 3629 -47.22 35.21 -12.40
CA ARG A 3629 -46.83 36.59 -12.15
C ARG A 3629 -45.38 36.64 -11.67
N ARG A 3630 -44.54 37.26 -12.48
CA ARG A 3630 -43.14 37.49 -12.11
C ARG A 3630 -43.07 38.72 -11.21
N LYS A 3631 -42.03 38.81 -10.38
CA LYS A 3631 -41.95 39.85 -9.36
C LYS A 3631 -41.57 41.22 -9.92
N PHE A 3632 -41.46 41.37 -11.24
CA PHE A 3632 -41.27 42.67 -11.85
C PHE A 3632 -42.30 43.03 -12.90
N ILE A 3633 -43.24 42.15 -13.23
CA ILE A 3633 -44.34 42.62 -14.06
C ILE A 3633 -45.30 43.43 -13.23
N GLN A 3634 -45.33 43.22 -11.90
CA GLN A 3634 -45.99 44.15 -11.00
C GLN A 3634 -45.25 45.49 -10.89
N THR A 3635 -44.07 45.60 -11.47
CA THR A 3635 -43.37 46.86 -11.58
C THR A 3635 -43.44 47.49 -12.97
N PHE A 3636 -43.62 46.69 -14.03
CA PHE A 3636 -43.67 47.28 -15.37
C PHE A 3636 -44.98 47.10 -16.11
N GLY A 3637 -45.62 45.93 -16.05
CA GLY A 3637 -46.97 45.83 -16.58
C GLY A 3637 -47.96 46.65 -15.77
N LYS A 3638 -47.67 46.84 -14.49
CA LYS A 3638 -48.38 47.85 -13.71
C LYS A 3638 -48.05 49.25 -14.20
N GLU A 3639 -46.79 49.47 -14.58
CA GLU A 3639 -46.38 50.80 -15.02
C GLU A 3639 -46.94 51.14 -16.40
N PHE A 3640 -47.32 50.13 -17.17
CA PHE A 3640 -48.04 50.34 -18.42
C PHE A 3640 -49.54 50.37 -18.15
N ASP A 3641 -49.98 51.46 -17.51
CA ASP A 3641 -51.40 51.66 -17.24
C ASP A 3641 -51.96 52.89 -17.96
N LYS A 3642 -51.36 54.06 -17.74
CA LYS A 3642 -51.97 55.28 -18.28
C LYS A 3642 -51.71 55.44 -19.77
N HIS A 3643 -50.49 55.12 -20.22
CA HIS A 3643 -50.20 55.14 -21.65
C HIS A 3643 -50.64 53.87 -22.36
N PHE A 3644 -51.10 52.88 -21.61
CA PHE A 3644 -51.75 51.71 -22.19
C PHE A 3644 -53.27 51.83 -22.20
N GLY A 3645 -53.84 52.78 -21.45
CA GLY A 3645 -55.26 53.05 -21.59
C GLY A 3645 -55.60 53.61 -22.97
N LYS A 3646 -54.79 54.57 -23.43
CA LYS A 3646 -54.93 55.05 -24.81
C LYS A 3646 -54.58 53.96 -25.81
N GLY A 3647 -53.71 53.03 -25.42
CA GLY A 3647 -53.40 51.90 -26.28
C GLY A 3647 -54.60 50.97 -26.47
N GLY A 3648 -55.25 50.61 -25.37
CA GLY A 3648 -56.46 49.83 -25.43
C GLY A 3648 -57.62 50.56 -26.06
N SER A 3649 -57.60 51.89 -26.04
CA SER A 3649 -58.65 52.64 -26.71
C SER A 3649 -58.46 52.65 -28.23
N LYS A 3650 -57.35 53.21 -28.71
CA LYS A 3650 -57.17 53.40 -30.14
C LYS A 3650 -56.24 52.40 -30.81
N LEU A 3651 -55.22 51.91 -30.13
CA LEU A 3651 -54.21 51.03 -30.69
C LEU A 3651 -54.73 49.63 -31.00
N LEU A 3652 -55.93 49.29 -30.52
CA LEU A 3652 -56.52 47.98 -30.77
C LEU A 3652 -56.81 47.77 -32.25
N ARG A 3653 -57.50 48.72 -32.89
CA ARG A 3653 -57.88 48.60 -34.29
C ARG A 3653 -57.59 49.91 -35.01
N MET A 3654 -56.37 50.43 -34.88
CA MET A 3654 -56.08 51.80 -35.28
C MET A 3654 -56.05 51.96 -36.80
N LYS A 3655 -55.25 51.14 -37.49
CA LYS A 3655 -54.90 51.31 -38.92
C LYS A 3655 -54.34 52.72 -39.18
N LEU A 3656 -53.47 53.18 -38.28
CA LEU A 3656 -52.95 54.54 -38.36
C LEU A 3656 -51.99 54.71 -39.53
N SER A 3657 -51.07 53.76 -39.71
CA SER A 3657 -50.18 53.59 -40.87
C SER A 3657 -49.26 54.78 -41.13
N ASP A 3658 -49.08 55.70 -40.18
CA ASP A 3658 -48.21 56.83 -40.44
C ASP A 3658 -47.27 57.14 -39.28
N PHE A 3659 -47.65 56.73 -38.07
CA PHE A 3659 -47.11 57.36 -36.87
C PHE A 3659 -46.59 56.32 -35.89
N ASN A 3660 -45.32 56.45 -35.51
CA ASN A 3660 -44.75 55.70 -34.40
C ASN A 3660 -43.87 56.59 -33.52
N ASP A 3661 -44.04 57.91 -33.58
CA ASP A 3661 -43.29 58.81 -32.70
C ASP A 3661 -43.76 58.69 -31.26
N ILE A 3662 -45.03 58.32 -31.04
CA ILE A 3662 -45.49 58.03 -29.70
C ILE A 3662 -44.88 56.73 -29.18
N THR A 3663 -44.56 55.79 -30.07
CA THR A 3663 -43.78 54.63 -29.67
C THR A 3663 -42.34 55.02 -29.40
N ASN A 3664 -41.84 56.00 -30.15
CA ASN A 3664 -40.44 56.43 -30.04
C ASN A 3664 -40.18 57.15 -28.72
N MET A 3665 -41.05 58.08 -28.32
CA MET A 3665 -40.85 58.78 -27.06
C MET A 3665 -41.06 57.86 -25.86
N LEU A 3666 -41.86 56.81 -26.03
CA LEU A 3666 -42.05 55.89 -24.91
C LEU A 3666 -40.92 54.88 -24.82
N LEU A 3667 -40.32 54.47 -25.94
CA LEU A 3667 -39.09 53.70 -25.82
C LEU A 3667 -37.93 54.57 -25.37
N LEU A 3668 -38.01 55.88 -25.58
CA LEU A 3668 -37.05 56.81 -24.99
C LEU A 3668 -37.16 56.82 -23.47
N LYS A 3669 -38.36 57.08 -22.95
CA LYS A 3669 -38.52 57.21 -21.50
C LYS A 3669 -38.79 55.89 -20.79
N MET A 3670 -38.77 54.75 -21.50
CA MET A 3670 -38.91 53.43 -20.89
C MET A 3670 -37.58 52.74 -20.67
N ASN A 3671 -36.46 53.40 -20.94
CA ASN A 3671 -35.14 52.86 -20.63
C ASN A 3671 -34.52 53.52 -19.41
N LYS A 3672 -35.26 54.38 -18.72
CA LYS A 3672 -34.68 55.17 -17.65
C LYS A 3672 -34.51 54.35 -16.38
N ASP A 3673 -35.61 53.80 -15.86
CA ASP A 3673 -35.58 53.00 -14.64
C ASP A 3673 -35.42 51.51 -14.93
N SER A 3674 -34.78 51.15 -16.03
CA SER A 3674 -34.57 49.76 -16.41
C SER A 3674 -33.60 49.11 -15.45
N LYS A 3675 -34.10 48.21 -14.60
CA LYS A 3675 -33.27 47.45 -13.67
C LYS A 3675 -33.58 45.98 -13.85
N PRO A 3676 -32.63 45.23 -14.45
CA PRO A 3676 -32.80 43.80 -14.69
C PRO A 3676 -32.04 42.85 -13.76
N PRO A 3677 -31.58 43.28 -12.56
CA PRO A 3677 -30.91 42.15 -11.89
C PRO A 3677 -31.66 41.63 -10.68
N GLY A 3678 -32.60 40.71 -10.91
CA GLY A 3678 -33.26 40.05 -9.80
C GLY A 3678 -32.32 39.22 -8.95
N ASN A 3679 -31.36 38.55 -9.61
CA ASN A 3679 -30.24 37.84 -8.97
C ASN A 3679 -30.72 36.71 -8.07
N LEU A 3680 -31.85 36.10 -8.41
CA LEU A 3680 -32.55 35.18 -7.53
C LEU A 3680 -33.49 34.38 -8.42
N LYS A 3681 -34.39 33.63 -7.80
CA LYS A 3681 -35.49 33.04 -8.54
C LYS A 3681 -36.82 33.41 -7.88
N GLU A 3682 -36.84 34.47 -7.09
CA GLU A 3682 -38.09 35.17 -6.86
C GLU A 3682 -38.53 35.93 -8.10
N CYS A 3683 -37.62 36.16 -9.05
CA CYS A 3683 -37.99 36.71 -10.35
C CYS A 3683 -38.95 35.79 -11.09
N SER A 3684 -38.77 34.48 -10.97
CA SER A 3684 -39.71 33.53 -11.55
C SER A 3684 -40.08 32.53 -10.46
N PRO A 3685 -41.23 32.70 -9.82
CA PRO A 3685 -41.54 31.93 -8.61
C PRO A 3685 -41.98 30.49 -8.86
N TRP A 3686 -41.91 29.96 -10.08
CA TRP A 3686 -42.36 28.59 -10.27
C TRP A 3686 -41.29 27.58 -9.88
N MET A 3687 -40.07 27.77 -10.37
CA MET A 3687 -39.02 26.78 -10.19
C MET A 3687 -38.14 27.02 -8.97
N SER A 3688 -38.27 28.18 -8.33
CA SER A 3688 -37.52 28.43 -7.09
C SER A 3688 -37.89 27.46 -5.99
N ASP A 3689 -39.12 26.95 -6.03
CA ASP A 3689 -39.66 26.01 -5.07
C ASP A 3689 -40.18 24.78 -5.77
N PHE A 3690 -39.32 24.20 -6.62
CA PHE A 3690 -39.67 23.05 -7.43
C PHE A 3690 -40.06 21.83 -6.60
N LYS A 3691 -39.08 21.25 -5.88
CA LYS A 3691 -39.27 20.22 -4.87
C LYS A 3691 -39.98 19.00 -5.45
N VAL A 3692 -39.26 18.20 -6.24
CA VAL A 3692 -39.80 17.02 -6.94
C VAL A 3692 -40.64 16.14 -6.01
N GLU A 3693 -41.85 15.82 -6.45
CA GLU A 3693 -42.89 15.28 -5.59
C GLU A 3693 -43.14 13.80 -5.82
N PHE A 3694 -43.47 13.43 -7.05
CA PHE A 3694 -43.89 12.07 -7.41
C PHE A 3694 -43.81 11.98 -8.93
N LEU A 3695 -44.32 10.88 -9.48
CA LEU A 3695 -44.31 10.70 -10.93
C LEU A 3695 -45.35 11.63 -11.54
N ARG A 3696 -44.91 12.82 -11.97
CA ARG A 3696 -45.68 13.69 -12.84
C ARG A 3696 -45.09 13.71 -14.24
N ASN A 3697 -44.37 12.63 -14.61
CA ASN A 3697 -43.74 12.42 -15.91
C ASN A 3697 -42.75 13.55 -16.23
N GLU A 3698 -41.67 13.54 -15.45
CA GLU A 3698 -40.70 14.63 -15.28
C GLU A 3698 -40.09 15.17 -16.57
N LEU A 3699 -39.49 16.36 -16.49
CA LEU A 3699 -39.26 17.18 -17.67
C LEU A 3699 -38.14 16.64 -18.55
N GLU A 3700 -37.10 16.04 -17.94
CA GLU A 3700 -35.97 15.44 -18.65
C GLU A 3700 -35.24 16.44 -19.53
N ILE A 3701 -34.45 17.33 -18.91
CA ILE A 3701 -33.83 18.56 -19.41
C ILE A 3701 -33.42 18.54 -20.89
N PRO A 3702 -33.83 19.53 -21.67
CA PRO A 3702 -33.67 19.45 -23.13
C PRO A 3702 -32.23 19.56 -23.59
N GLY A 3703 -31.87 18.74 -24.57
CA GLY A 3703 -30.53 18.72 -25.12
C GLY A 3703 -30.00 17.32 -25.30
N GLN A 3704 -30.87 16.34 -25.12
CA GLN A 3704 -30.50 14.95 -25.22
C GLN A 3704 -31.17 14.34 -26.45
N TYR A 3705 -31.10 13.01 -26.55
CA TYR A 3705 -31.65 12.21 -27.66
C TYR A 3705 -31.04 12.63 -29.00
N ASP A 3706 -29.73 12.41 -29.12
CA ASP A 3706 -29.04 12.70 -30.37
C ASP A 3706 -29.29 11.65 -31.45
N GLY A 3707 -29.93 10.53 -31.12
CA GLY A 3707 -30.01 9.42 -32.03
C GLY A 3707 -28.89 8.44 -31.72
N ARG A 3708 -28.40 7.76 -32.77
CA ARG A 3708 -27.24 6.85 -32.70
C ARG A 3708 -27.51 5.70 -31.72
N GLY A 3709 -28.44 4.86 -32.11
CA GLY A 3709 -28.73 3.63 -31.39
C GLY A 3709 -30.05 3.68 -30.66
N LYS A 3710 -30.15 2.83 -29.63
CA LYS A 3710 -31.33 2.79 -28.79
C LYS A 3710 -31.14 3.68 -27.56
N PRO A 3711 -31.91 4.76 -27.40
CA PRO A 3711 -31.72 5.65 -26.25
C PRO A 3711 -32.31 5.03 -25.00
N LEU A 3712 -31.53 5.00 -23.93
CA LEU A 3712 -31.98 4.44 -22.67
C LEU A 3712 -32.17 5.56 -21.66
N PRO A 3713 -33.41 5.93 -21.32
CA PRO A 3713 -33.63 7.11 -20.48
C PRO A 3713 -33.42 6.87 -19.00
N GLU A 3714 -33.00 5.67 -18.59
CA GLU A 3714 -32.69 5.44 -17.18
C GLU A 3714 -31.42 6.17 -16.77
N TYR A 3715 -30.50 6.35 -17.70
CA TYR A 3715 -29.30 7.14 -17.46
C TYR A 3715 -29.50 8.61 -17.76
N HIS A 3716 -30.69 8.99 -18.22
CA HIS A 3716 -30.94 10.39 -18.54
C HIS A 3716 -31.03 11.21 -17.27
N VAL A 3717 -30.55 12.44 -17.35
CA VAL A 3717 -30.50 13.29 -16.17
C VAL A 3717 -31.81 14.04 -16.02
N ARG A 3718 -32.37 14.02 -14.82
CA ARG A 3718 -33.63 14.68 -14.53
C ARG A 3718 -33.36 16.04 -13.92
N ILE A 3719 -34.00 17.07 -14.46
CA ILE A 3719 -33.84 18.42 -13.95
C ILE A 3719 -34.50 18.52 -12.57
N ALA A 3720 -33.71 18.87 -11.57
CA ALA A 3720 -34.17 18.84 -10.19
C ALA A 3720 -34.30 20.23 -9.58
N GLY A 3721 -33.21 21.01 -9.54
CA GLY A 3721 -33.24 22.27 -8.84
C GLY A 3721 -32.68 23.39 -9.70
N PHE A 3722 -33.02 24.60 -9.30
CA PHE A 3722 -32.51 25.80 -9.93
C PHE A 3722 -31.70 26.56 -8.91
N ASP A 3723 -30.97 27.56 -9.37
CA ASP A 3723 -30.08 28.30 -8.49
C ASP A 3723 -30.69 29.65 -8.16
N GLU A 3724 -30.49 30.08 -6.91
CA GLU A 3724 -31.03 31.36 -6.46
C GLU A 3724 -30.02 32.49 -6.65
N ARG A 3725 -29.46 32.57 -7.87
CA ARG A 3725 -28.61 33.66 -8.34
C ARG A 3725 -28.49 33.55 -9.86
N VAL A 3726 -28.72 34.65 -10.58
CA VAL A 3726 -28.55 34.67 -12.03
C VAL A 3726 -27.55 35.76 -12.38
N THR A 3727 -26.87 35.57 -13.50
CA THR A 3727 -25.96 36.57 -14.04
C THR A 3727 -26.44 36.99 -15.42
N VAL A 3728 -26.53 38.29 -15.64
CA VAL A 3728 -26.89 38.85 -16.92
C VAL A 3728 -25.62 39.16 -17.69
N MET A 3729 -25.66 38.93 -19.00
CA MET A 3729 -24.49 39.13 -19.84
C MET A 3729 -24.53 40.50 -20.50
N ALA A 3730 -23.40 40.87 -21.10
CA ALA A 3730 -23.25 42.12 -21.83
C ALA A 3730 -23.12 41.75 -23.31
N SER A 3731 -24.27 41.58 -23.97
CA SER A 3731 -24.30 41.38 -25.42
C SER A 3731 -25.38 42.29 -25.98
N LEU A 3732 -25.66 42.18 -27.27
CA LEU A 3732 -26.64 43.08 -27.88
C LEU A 3732 -28.08 42.69 -27.60
N ARG A 3733 -28.31 41.60 -26.87
CA ARG A 3733 -29.62 41.26 -26.36
C ARG A 3733 -29.64 41.15 -24.84
N ARG A 3734 -28.47 41.24 -24.20
CA ARG A 3734 -28.22 41.08 -22.77
C ARG A 3734 -28.87 39.82 -22.21
N PRO A 3735 -28.35 38.64 -22.52
CA PRO A 3735 -28.99 37.40 -22.08
C PRO A 3735 -28.70 37.12 -20.61
N LYS A 3736 -29.29 36.03 -20.11
CA LYS A 3736 -29.20 35.65 -18.71
C LYS A 3736 -28.78 34.18 -18.62
N ARG A 3737 -27.98 33.85 -17.61
CA ARG A 3737 -27.55 32.46 -17.44
C ARG A 3737 -28.14 31.90 -16.16
N ILE A 3738 -28.19 30.56 -16.12
CA ILE A 3738 -28.65 29.82 -14.95
C ILE A 3738 -27.72 28.64 -14.72
N ILE A 3739 -27.65 28.18 -13.48
CA ILE A 3739 -26.62 27.26 -13.01
C ILE A 3739 -27.34 26.03 -12.45
N ILE A 3740 -28.33 25.53 -13.20
CA ILE A 3740 -29.30 24.57 -12.67
C ILE A 3740 -28.62 23.25 -12.31
N ARG A 3741 -29.31 22.45 -11.50
CA ARG A 3741 -28.69 21.28 -10.90
C ARG A 3741 -29.55 20.05 -11.12
N GLY A 3742 -28.89 18.98 -11.57
CA GLY A 3742 -29.59 17.80 -12.06
C GLY A 3742 -29.79 16.75 -10.99
N HIS A 3743 -30.49 15.68 -11.38
CA HIS A 3743 -30.73 14.59 -10.45
C HIS A 3743 -29.47 13.78 -10.19
N ASP A 3744 -28.48 13.86 -11.06
CA ASP A 3744 -27.25 13.09 -10.94
C ASP A 3744 -26.14 13.90 -10.31
N GLU A 3745 -26.50 14.76 -9.35
CA GLU A 3745 -25.68 15.46 -8.36
C GLU A 3745 -24.86 16.61 -8.93
N ARG A 3746 -24.85 16.84 -10.23
CA ARG A 3746 -23.98 17.88 -10.76
C ARG A 3746 -24.75 19.16 -11.07
N GLU A 3747 -24.01 20.14 -11.58
CA GLU A 3747 -24.53 21.38 -12.10
C GLU A 3747 -24.44 21.39 -13.62
N HIS A 3748 -25.22 22.26 -14.23
CA HIS A 3748 -25.21 22.56 -15.65
C HIS A 3748 -25.56 24.04 -15.80
N PRO A 3749 -24.68 24.84 -16.41
CA PRO A 3749 -25.07 26.20 -16.74
C PRO A 3749 -25.66 26.26 -18.14
N PHE A 3750 -26.52 27.25 -18.35
CA PHE A 3750 -27.14 27.47 -19.64
C PHE A 3750 -27.38 28.96 -19.79
N LEU A 3751 -27.51 29.39 -21.05
CA LEU A 3751 -27.87 30.76 -21.34
C LEU A 3751 -29.21 30.77 -22.06
N VAL A 3752 -30.02 31.79 -21.78
CA VAL A 3752 -31.35 31.90 -22.37
C VAL A 3752 -31.33 33.02 -23.41
N LYS A 3753 -32.18 32.87 -24.43
CA LYS A 3753 -32.31 33.87 -25.49
C LYS A 3753 -33.77 33.97 -25.88
N GLY A 3754 -34.33 35.17 -25.73
CA GLY A 3754 -35.72 35.39 -26.10
C GLY A 3754 -35.87 36.23 -27.34
N GLY A 3755 -36.61 35.71 -28.32
CA GLY A 3755 -36.89 36.48 -29.52
C GLY A 3755 -35.92 36.19 -30.64
N GLU A 3756 -35.51 34.93 -30.78
CA GLU A 3756 -34.60 34.52 -31.85
C GLU A 3756 -34.94 33.11 -32.28
N ASP A 3757 -35.01 32.90 -33.59
CA ASP A 3757 -35.24 31.56 -34.09
C ASP A 3757 -33.93 30.78 -34.07
N LEU A 3758 -34.01 29.54 -33.59
CA LEU A 3758 -32.85 28.72 -33.32
C LEU A 3758 -33.03 27.33 -33.89
N ARG A 3759 -33.45 27.25 -35.15
CA ARG A 3759 -33.57 25.98 -35.84
C ARG A 3759 -32.50 25.79 -36.89
N GLN A 3760 -32.25 26.83 -37.71
CA GLN A 3760 -31.17 26.83 -38.67
C GLN A 3760 -29.81 26.62 -38.02
N ASP A 3761 -29.62 27.19 -36.82
CA ASP A 3761 -28.36 27.01 -36.12
C ASP A 3761 -28.21 25.58 -35.63
N GLN A 3762 -29.31 24.95 -35.24
CA GLN A 3762 -29.29 23.52 -34.94
C GLN A 3762 -28.92 22.71 -36.18
N ARG A 3763 -29.40 23.15 -37.35
CA ARG A 3763 -29.05 22.47 -38.58
C ARG A 3763 -27.57 22.61 -38.93
N VAL A 3764 -27.00 23.81 -38.74
CA VAL A 3764 -25.59 23.98 -39.08
C VAL A 3764 -24.71 23.29 -38.06
N GLU A 3765 -25.18 23.13 -36.82
CA GLU A 3765 -24.45 22.31 -35.87
C GLU A 3765 -24.50 20.84 -36.26
N GLN A 3766 -25.63 20.39 -36.82
CA GLN A 3766 -25.69 19.03 -37.33
C GLN A 3766 -24.79 18.85 -38.55
N LEU A 3767 -24.64 19.91 -39.35
CA LEU A 3767 -23.69 19.89 -40.47
C LEU A 3767 -22.26 19.78 -39.97
N PHE A 3768 -21.93 20.50 -38.90
CA PHE A 3768 -20.61 20.38 -38.29
C PHE A 3768 -20.39 18.96 -37.80
N GLN A 3769 -21.43 18.35 -37.22
CA GLN A 3769 -21.35 16.97 -36.74
C GLN A 3769 -21.09 16.00 -37.88
N VAL A 3770 -21.76 16.17 -39.02
CA VAL A 3770 -21.55 15.21 -40.10
C VAL A 3770 -20.21 15.44 -40.79
N MET A 3771 -19.72 16.69 -40.86
CA MET A 3771 -18.45 16.88 -41.55
C MET A 3771 -17.28 16.43 -40.69
N ASN A 3772 -17.34 16.59 -39.36
CA ASN A 3772 -16.26 15.98 -38.61
C ASN A 3772 -16.57 14.53 -38.23
N GLY A 3773 -17.70 14.00 -38.70
CA GLY A 3773 -17.79 12.56 -38.86
C GLY A 3773 -17.00 12.09 -40.07
N ILE A 3774 -17.00 12.88 -41.14
CA ILE A 3774 -16.15 12.56 -42.30
C ILE A 3774 -14.67 12.65 -41.94
N LEU A 3775 -14.31 13.65 -41.13
CA LEU A 3775 -12.90 13.84 -40.77
C LEU A 3775 -12.32 12.69 -39.96
N ALA A 3776 -13.15 11.92 -39.27
CA ALA A 3776 -12.68 10.78 -38.49
C ALA A 3776 -12.74 9.48 -39.28
N GLN A 3777 -12.63 9.54 -40.60
CA GLN A 3777 -12.72 8.36 -41.45
C GLN A 3777 -11.46 8.11 -42.26
N ASP A 3778 -10.92 9.13 -42.90
CA ASP A 3778 -9.66 8.97 -43.62
C ASP A 3778 -8.49 9.07 -42.65
N SER A 3779 -7.28 9.00 -43.19
CA SER A 3779 -6.09 8.73 -42.39
C SER A 3779 -5.38 9.98 -41.89
N ALA A 3780 -4.98 10.86 -42.82
CA ALA A 3780 -3.98 11.87 -42.52
C ALA A 3780 -4.50 12.97 -41.60
N CYS A 3781 -5.80 13.17 -41.53
CA CYS A 3781 -6.36 14.08 -40.55
C CYS A 3781 -6.63 13.40 -39.22
N SER A 3782 -6.89 12.09 -39.23
CA SER A 3782 -7.07 11.35 -37.99
C SER A 3782 -5.76 11.24 -37.23
N GLN A 3783 -4.65 11.12 -37.96
CA GLN A 3783 -3.34 11.01 -37.31
C GLN A 3783 -2.85 12.32 -36.71
N ARG A 3784 -3.54 13.43 -36.98
CA ARG A 3784 -3.28 14.67 -36.29
C ARG A 3784 -4.46 15.10 -35.43
N ALA A 3785 -5.56 14.34 -35.45
CA ALA A 3785 -6.70 14.46 -34.53
C ALA A 3785 -7.35 15.84 -34.60
N LEU A 3786 -7.94 16.11 -35.75
CA LEU A 3786 -8.56 17.40 -36.05
C LEU A 3786 -10.07 17.24 -35.94
N GLN A 3787 -10.67 17.92 -34.96
CA GLN A 3787 -12.11 17.84 -34.75
C GLN A 3787 -12.66 19.24 -34.58
N LEU A 3788 -13.97 19.32 -34.37
CA LEU A 3788 -14.67 20.58 -34.19
C LEU A 3788 -15.32 20.62 -32.81
N ARG A 3789 -15.29 21.80 -32.19
CA ARG A 3789 -15.87 21.99 -30.86
C ARG A 3789 -17.36 22.23 -31.02
N THR A 3790 -18.13 21.14 -31.04
CA THR A 3790 -19.56 21.19 -31.36
C THR A 3790 -20.37 21.34 -30.08
N TYR A 3791 -20.72 22.59 -29.75
CA TYR A 3791 -21.61 22.89 -28.62
C TYR A 3791 -23.05 22.64 -29.05
N SER A 3792 -24.02 22.92 -28.17
CA SER A 3792 -25.39 22.50 -28.42
C SER A 3792 -26.39 23.63 -28.17
N VAL A 3793 -27.47 23.61 -28.98
CA VAL A 3793 -28.60 24.52 -28.85
C VAL A 3793 -29.86 23.67 -28.81
N VAL A 3794 -30.92 24.21 -28.22
CA VAL A 3794 -32.25 23.61 -28.27
C VAL A 3794 -33.34 24.66 -28.45
N PRO A 3795 -34.14 24.54 -29.51
CA PRO A 3795 -35.27 25.45 -29.74
C PRO A 3795 -36.55 25.03 -29.02
N MET A 3796 -36.78 25.49 -27.79
CA MET A 3796 -37.93 25.00 -27.02
C MET A 3796 -39.25 25.35 -27.69
N THR A 3797 -39.55 26.63 -27.80
CA THR A 3797 -40.58 27.08 -28.71
C THR A 3797 -39.95 27.98 -29.75
N SER A 3798 -40.74 28.46 -30.68
CA SER A 3798 -40.25 29.50 -31.58
C SER A 3798 -39.96 30.75 -30.76
N ARG A 3799 -38.83 31.38 -31.07
CA ARG A 3799 -38.24 32.57 -30.45
C ARG A 3799 -37.77 32.36 -29.01
N LEU A 3800 -37.77 31.12 -28.51
CA LEU A 3800 -37.19 30.84 -27.20
C LEU A 3800 -36.42 29.53 -27.22
N GLY A 3801 -35.14 29.59 -26.90
CA GLY A 3801 -34.30 28.42 -26.89
C GLY A 3801 -33.22 28.54 -25.84
N LEU A 3802 -32.63 27.40 -25.53
CA LEU A 3802 -31.54 27.32 -24.56
C LEU A 3802 -30.24 27.03 -25.29
N ILE A 3803 -29.16 27.69 -24.87
CA ILE A 3803 -27.88 27.43 -25.48
C ILE A 3803 -26.90 26.98 -24.41
N GLU A 3804 -26.07 26.01 -24.77
CA GLU A 3804 -24.99 25.50 -23.95
C GLU A 3804 -23.96 26.61 -23.69
N TRP A 3805 -23.33 26.58 -22.53
CA TRP A 3805 -22.25 27.50 -22.21
C TRP A 3805 -21.13 26.70 -21.57
N LEU A 3806 -19.92 26.91 -22.06
CA LEU A 3806 -18.78 26.08 -21.67
C LEU A 3806 -17.96 26.79 -20.59
N GLU A 3807 -16.80 26.23 -20.26
CA GLU A 3807 -16.18 26.43 -18.95
C GLU A 3807 -14.91 27.27 -19.07
N ASN A 3808 -14.95 28.47 -18.46
CA ASN A 3808 -13.85 29.44 -18.40
C ASN A 3808 -13.32 29.77 -19.79
N THR A 3809 -14.18 30.43 -20.56
CA THR A 3809 -13.93 30.68 -21.97
C THR A 3809 -13.99 32.18 -22.22
N VAL A 3810 -13.01 32.70 -22.94
CA VAL A 3810 -12.84 34.13 -23.13
C VAL A 3810 -13.09 34.46 -24.59
N THR A 3811 -13.72 35.60 -24.83
CA THR A 3811 -13.80 36.07 -26.20
C THR A 3811 -12.46 36.65 -26.64
N LEU A 3812 -12.25 36.62 -27.96
CA LEU A 3812 -10.96 37.00 -28.53
C LEU A 3812 -10.64 38.47 -28.28
N LYS A 3813 -11.64 39.35 -28.44
CA LYS A 3813 -11.42 40.77 -28.19
C LYS A 3813 -11.19 41.04 -26.72
N ASP A 3814 -11.79 40.23 -25.84
CA ASP A 3814 -11.53 40.36 -24.41
C ASP A 3814 -10.09 40.02 -24.10
N LEU A 3815 -9.57 38.95 -24.69
CA LEU A 3815 -8.17 38.57 -24.48
C LEU A 3815 -7.21 39.63 -25.00
N LEU A 3816 -7.44 40.09 -26.24
CA LEU A 3816 -6.57 41.09 -26.85
C LEU A 3816 -6.68 42.45 -26.20
N LEU A 3817 -7.81 42.77 -25.57
CA LEU A 3817 -7.87 44.01 -24.82
C LEU A 3817 -7.19 43.87 -23.48
N ASN A 3818 -7.31 42.70 -22.85
CA ASN A 3818 -6.73 42.51 -21.53
C ASN A 3818 -5.21 42.42 -21.57
N THR A 3819 -4.65 42.04 -22.73
CA THR A 3819 -3.20 41.87 -22.82
C THR A 3819 -2.45 43.18 -22.69
N MET A 3820 -2.98 44.28 -23.23
CA MET A 3820 -2.26 45.54 -23.33
C MET A 3820 -2.04 46.16 -21.96
N SER A 3821 -1.20 47.21 -21.95
CA SER A 3821 -0.99 47.94 -20.71
C SER A 3821 -2.14 48.90 -20.48
N GLN A 3822 -2.08 49.61 -19.35
CA GLN A 3822 -3.10 50.60 -19.05
C GLN A 3822 -3.04 51.78 -20.01
N GLU A 3823 -1.83 52.22 -20.37
CA GLU A 3823 -1.67 53.33 -21.29
C GLU A 3823 -1.77 52.93 -22.74
N GLU A 3824 -1.47 51.66 -23.06
CA GLU A 3824 -1.70 51.15 -24.41
C GLU A 3824 -3.19 51.17 -24.74
N LYS A 3825 -4.04 50.92 -23.74
CA LYS A 3825 -5.49 50.95 -23.94
C LYS A 3825 -5.97 52.34 -24.33
N ALA A 3826 -5.58 53.36 -23.57
CA ALA A 3826 -6.03 54.72 -23.86
C ALA A 3826 -5.39 55.27 -25.12
N ALA A 3827 -4.13 54.92 -25.39
CA ALA A 3827 -3.50 55.33 -26.63
C ALA A 3827 -4.09 54.62 -27.84
N TYR A 3828 -4.66 53.42 -27.66
CA TYR A 3828 -5.31 52.74 -28.76
C TYR A 3828 -6.71 53.28 -29.01
N LEU A 3829 -7.47 53.54 -27.95
CA LEU A 3829 -8.88 53.91 -28.12
C LEU A 3829 -9.11 55.42 -28.03
N SER A 3830 -8.75 56.05 -26.91
CA SER A 3830 -9.14 57.43 -26.65
C SER A 3830 -8.02 58.36 -27.13
N ASP A 3831 -8.01 58.61 -28.43
CA ASP A 3831 -6.95 59.38 -29.06
C ASP A 3831 -7.43 59.90 -30.40
N PRO A 3832 -6.99 61.09 -30.81
CA PRO A 3832 -7.27 61.51 -32.20
C PRO A 3832 -6.57 60.66 -33.25
N ARG A 3833 -5.42 60.07 -32.94
CA ARG A 3833 -4.72 59.16 -33.85
C ARG A 3833 -5.17 57.72 -33.71
N ALA A 3834 -6.35 57.49 -33.14
CA ALA A 3834 -6.86 56.13 -33.01
C ALA A 3834 -7.14 55.53 -34.38
N PRO A 3835 -6.65 54.32 -34.64
CA PRO A 3835 -6.89 53.66 -35.93
C PRO A 3835 -8.37 53.45 -36.26
N PRO A 3836 -9.31 53.44 -35.28
CA PRO A 3836 -10.70 53.73 -35.68
C PRO A 3836 -10.88 55.13 -36.24
N CYS A 3837 -10.49 56.13 -35.43
CA CYS A 3837 -10.75 57.52 -35.76
C CYS A 3837 -9.92 57.97 -36.96
N GLU A 3838 -8.70 57.45 -37.08
CA GLU A 3838 -7.86 57.80 -38.23
C GLU A 3838 -8.43 57.23 -39.52
N TYR A 3839 -8.94 55.99 -39.47
CA TYR A 3839 -9.52 55.38 -40.65
C TYR A 3839 -10.80 56.10 -41.06
N LYS A 3840 -11.65 56.42 -40.09
CA LYS A 3840 -12.89 57.10 -40.42
C LYS A 3840 -12.64 58.54 -40.87
N ASP A 3841 -11.61 59.18 -40.32
CA ASP A 3841 -11.28 60.55 -40.74
C ASP A 3841 -10.72 60.57 -42.15
N TRP A 3842 -9.80 59.63 -42.46
CA TRP A 3842 -9.27 59.54 -43.81
C TRP A 3842 -10.34 59.15 -44.81
N LEU A 3843 -11.29 58.32 -44.41
CA LEU A 3843 -12.34 57.91 -45.33
C LEU A 3843 -13.39 59.01 -45.50
N THR A 3844 -13.61 59.86 -44.50
CA THR A 3844 -14.51 60.99 -44.72
C THR A 3844 -13.84 62.06 -45.58
N LYS A 3845 -12.54 62.30 -45.37
CA LYS A 3845 -11.85 63.31 -46.17
C LYS A 3845 -11.65 62.86 -47.62
N MET A 3846 -11.54 61.56 -47.86
CA MET A 3846 -11.47 61.05 -49.23
C MET A 3846 -12.87 60.82 -49.82
N SER A 3847 -13.92 61.20 -49.12
CA SER A 3847 -15.28 61.08 -49.63
C SER A 3847 -16.04 62.40 -49.71
N GLY A 3848 -15.82 63.30 -48.77
CA GLY A 3848 -16.61 64.51 -48.68
C GLY A 3848 -17.90 64.37 -47.90
N LYS A 3849 -18.42 63.15 -47.76
CA LYS A 3849 -19.59 62.88 -46.94
C LYS A 3849 -19.14 62.19 -45.65
N HIS A 3850 -20.10 61.76 -44.84
CA HIS A 3850 -19.80 61.41 -43.46
C HIS A 3850 -20.44 60.11 -42.98
N ASP A 3851 -21.17 59.37 -43.82
CA ASP A 3851 -21.90 58.20 -43.34
C ASP A 3851 -21.80 57.10 -44.39
N VAL A 3852 -22.68 56.10 -44.23
CA VAL A 3852 -22.69 54.95 -45.13
C VAL A 3852 -23.10 55.38 -46.53
N GLY A 3853 -22.35 54.93 -47.52
CA GLY A 3853 -22.37 55.48 -48.86
C GLY A 3853 -21.06 56.11 -49.25
N ALA A 3854 -20.28 56.53 -48.26
CA ALA A 3854 -18.88 56.87 -48.52
C ALA A 3854 -18.09 55.64 -48.93
N TYR A 3855 -18.50 54.46 -48.49
CA TYR A 3855 -17.94 53.22 -49.01
C TYR A 3855 -18.42 52.90 -50.41
N MET A 3856 -19.34 53.69 -50.97
CA MET A 3856 -19.61 53.68 -52.40
C MET A 3856 -18.89 54.81 -53.13
N LEU A 3857 -18.63 55.92 -52.44
CA LEU A 3857 -17.84 57.00 -53.02
C LEU A 3857 -16.36 56.67 -53.10
N MET A 3858 -15.89 55.71 -52.32
CA MET A 3858 -14.45 55.47 -52.28
C MET A 3858 -13.95 54.67 -53.47
N TYR A 3859 -14.79 53.84 -54.07
CA TYR A 3859 -14.31 52.92 -55.09
C TYR A 3859 -14.20 53.57 -56.46
N LYS A 3860 -14.67 54.81 -56.61
CA LYS A 3860 -14.41 55.55 -57.83
C LYS A 3860 -13.20 56.47 -57.70
N GLY A 3861 -12.90 56.91 -56.48
CA GLY A 3861 -11.88 57.93 -56.29
C GLY A 3861 -10.74 57.54 -55.36
N ALA A 3862 -10.27 56.31 -55.46
CA ALA A 3862 -9.10 55.89 -54.70
C ALA A 3862 -8.32 54.88 -55.52
N ASN A 3863 -6.99 54.95 -55.41
CA ASN A 3863 -6.09 54.10 -56.19
C ASN A 3863 -5.64 52.89 -55.37
N ARG A 3864 -5.05 51.93 -56.09
CA ARG A 3864 -4.80 50.61 -55.53
C ARG A 3864 -3.65 50.60 -54.52
N THR A 3865 -2.65 51.46 -54.69
CA THR A 3865 -1.45 51.39 -53.87
C THR A 3865 -1.36 52.47 -52.80
N GLU A 3866 -1.87 53.67 -53.07
CA GLU A 3866 -1.87 54.72 -52.04
C GLU A 3866 -2.81 54.35 -50.90
N THR A 3867 -3.90 53.65 -51.20
CA THR A 3867 -4.74 53.08 -50.16
C THR A 3867 -3.99 52.04 -49.34
N VAL A 3868 -3.09 51.28 -49.98
CA VAL A 3868 -2.29 50.30 -49.26
C VAL A 3868 -1.31 50.99 -48.32
N THR A 3869 -0.72 52.10 -48.77
CA THR A 3869 0.16 52.89 -47.89
C THR A 3869 -0.61 53.50 -46.72
N SER A 3870 -1.80 54.04 -46.98
CA SER A 3870 -2.61 54.59 -45.90
C SER A 3870 -3.10 53.51 -44.95
N PHE A 3871 -3.27 52.29 -45.47
CA PHE A 3871 -3.55 51.14 -44.64
C PHE A 3871 -2.37 50.81 -43.73
N ARG A 3872 -1.16 50.87 -44.28
CA ARG A 3872 0.05 50.63 -43.49
C ARG A 3872 0.25 51.70 -42.44
N LYS A 3873 -0.24 52.92 -42.69
CA LYS A 3873 -0.16 54.00 -41.71
C LYS A 3873 -0.85 53.64 -40.41
N ARG A 3874 -2.01 53.01 -40.49
CA ARG A 3874 -2.71 52.59 -39.28
C ARG A 3874 -2.30 51.21 -38.82
N GLU A 3875 -1.75 50.38 -39.71
CA GLU A 3875 -1.15 49.10 -39.30
C GLU A 3875 0.05 49.33 -38.40
N SER A 3876 0.78 50.43 -38.64
CA SER A 3876 1.99 50.73 -37.88
C SER A 3876 1.73 51.03 -36.41
N LYS A 3877 0.51 51.47 -36.06
CA LYS A 3877 0.27 51.95 -34.71
C LYS A 3877 0.18 50.80 -33.70
N VAL A 3878 -0.66 49.82 -33.98
CA VAL A 3878 -0.90 48.72 -33.05
C VAL A 3878 0.29 47.78 -33.05
N PRO A 3879 0.68 47.22 -31.90
CA PRO A 3879 1.84 46.33 -31.87
C PRO A 3879 1.53 44.97 -32.50
N ALA A 3880 2.58 44.19 -32.70
CA ALA A 3880 2.46 42.91 -33.37
C ALA A 3880 2.64 41.72 -32.46
N ASP A 3881 3.22 41.92 -31.28
CA ASP A 3881 3.55 40.83 -30.37
C ASP A 3881 2.46 40.60 -29.32
N LEU A 3882 1.24 41.08 -29.56
CA LEU A 3882 0.19 41.04 -28.55
C LEU A 3882 -0.23 39.62 -28.25
N LEU A 3883 -0.32 38.77 -29.29
CA LEU A 3883 -0.77 37.41 -29.07
C LEU A 3883 0.27 36.60 -28.33
N LYS A 3884 1.55 36.78 -28.65
CA LYS A 3884 2.57 36.07 -27.90
C LYS A 3884 2.76 36.66 -26.51
N ARG A 3885 2.46 37.95 -26.33
CA ARG A 3885 2.51 38.50 -24.97
C ARG A 3885 1.39 37.93 -24.11
N ALA A 3886 0.21 37.74 -24.69
CA ALA A 3886 -0.86 37.07 -23.96
C ALA A 3886 -0.55 35.59 -23.74
N PHE A 3887 0.24 35.00 -24.63
CA PHE A 3887 0.56 33.59 -24.46
C PHE A 3887 1.71 33.36 -23.48
N VAL A 3888 2.58 34.35 -23.29
CA VAL A 3888 3.63 34.23 -22.28
C VAL A 3888 3.14 34.75 -20.93
N ARG A 3889 2.08 35.56 -20.92
CA ARG A 3889 1.51 36.07 -19.67
C ARG A 3889 0.95 34.94 -18.82
N MET A 3890 0.50 33.85 -19.45
CA MET A 3890 -0.09 32.74 -18.72
C MET A 3890 0.81 31.52 -18.63
N SER A 3891 1.66 31.27 -19.61
CA SER A 3891 2.37 29.99 -19.68
C SER A 3891 3.53 29.93 -18.69
N THR A 3892 4.48 30.88 -18.82
CA THR A 3892 5.73 30.95 -18.03
C THR A 3892 6.55 29.65 -18.10
N SER A 3893 6.45 28.94 -19.23
CA SER A 3893 7.14 27.66 -19.38
C SER A 3893 7.41 27.39 -20.87
N PRO A 3894 8.68 27.31 -21.28
CA PRO A 3894 8.98 26.95 -22.67
C PRO A 3894 8.72 25.50 -22.98
N GLU A 3895 8.46 24.69 -21.97
CA GLU A 3895 8.01 23.32 -22.20
C GLU A 3895 6.55 23.27 -22.63
N ALA A 3896 5.74 24.20 -22.15
CA ALA A 3896 4.32 24.21 -22.45
C ALA A 3896 3.93 25.22 -23.53
N PHE A 3897 4.81 26.17 -23.84
CA PHE A 3897 4.51 27.21 -24.83
C PHE A 3897 4.31 26.62 -26.22
N LEU A 3898 5.04 25.55 -26.53
CA LEU A 3898 4.92 24.88 -27.82
C LEU A 3898 3.55 24.24 -27.99
N ALA A 3899 3.12 23.44 -27.01
CA ALA A 3899 1.81 22.81 -27.11
C ALA A 3899 0.68 23.74 -26.74
N LEU A 3900 0.96 24.99 -26.34
CA LEU A 3900 -0.07 26.01 -26.32
C LEU A 3900 -0.25 26.64 -27.69
N ARG A 3901 0.85 26.97 -28.36
CA ARG A 3901 0.75 27.61 -29.67
C ARG A 3901 0.21 26.66 -30.72
N SER A 3902 0.65 25.40 -30.69
CA SER A 3902 0.38 24.49 -31.80
C SER A 3902 -1.09 24.12 -31.89
N HIS A 3903 -1.74 23.90 -30.74
CA HIS A 3903 -3.14 23.50 -30.78
C HIS A 3903 -4.03 24.66 -31.18
N PHE A 3904 -3.68 25.88 -30.76
CA PHE A 3904 -4.43 27.06 -31.15
C PHE A 3904 -4.32 27.30 -32.65
N ALA A 3905 -3.11 27.18 -33.20
CA ALA A 3905 -2.95 27.41 -34.63
C ALA A 3905 -3.63 26.32 -35.45
N SER A 3906 -3.56 25.06 -35.00
CA SER A 3906 -4.23 23.96 -35.68
C SER A 3906 -5.75 24.16 -35.71
N SER A 3907 -6.34 24.47 -34.56
CA SER A 3907 -7.79 24.63 -34.50
C SER A 3907 -8.26 25.85 -35.28
N HIS A 3908 -7.49 26.95 -35.23
CA HIS A 3908 -7.90 28.16 -35.94
C HIS A 3908 -7.83 27.98 -37.44
N ALA A 3909 -6.83 27.24 -37.93
CA ALA A 3909 -6.75 26.96 -39.36
C ALA A 3909 -7.89 26.04 -39.79
N LEU A 3910 -8.22 25.03 -38.97
CA LEU A 3910 -9.28 24.12 -39.36
C LEU A 3910 -10.64 24.81 -39.42
N ILE A 3911 -10.93 25.68 -38.44
CA ILE A 3911 -12.22 26.38 -38.53
C ILE A 3911 -12.22 27.45 -39.61
N CYS A 3912 -11.07 28.07 -39.92
CA CYS A 3912 -11.08 29.04 -41.00
C CYS A 3912 -11.11 28.39 -42.37
N ILE A 3913 -10.90 27.07 -42.46
CA ILE A 3913 -11.10 26.41 -43.74
C ILE A 3913 -12.43 25.65 -43.79
N SER A 3914 -13.06 25.39 -42.65
CA SER A 3914 -14.41 24.81 -42.73
C SER A 3914 -15.50 25.86 -42.65
N HIS A 3915 -15.16 27.12 -42.40
CA HIS A 3915 -16.12 28.22 -42.51
C HIS A 3915 -16.19 28.78 -43.91
N TRP A 3916 -15.75 28.04 -44.92
CA TRP A 3916 -15.73 28.57 -46.26
C TRP A 3916 -16.40 27.64 -47.25
N ILE A 3917 -16.36 26.32 -46.99
CA ILE A 3917 -17.01 25.36 -47.88
C ILE A 3917 -18.51 25.59 -47.90
N LEU A 3918 -19.09 25.76 -46.72
CA LEU A 3918 -20.36 26.47 -46.59
C LEU A 3918 -19.99 27.90 -46.24
N GLY A 3919 -20.32 28.84 -47.12
CA GLY A 3919 -19.77 30.17 -47.02
C GLY A 3919 -20.38 30.95 -45.88
N ILE A 3920 -19.58 31.36 -44.92
CA ILE A 3920 -20.03 32.19 -43.82
C ILE A 3920 -19.31 33.53 -43.93
N GLY A 3921 -19.99 34.59 -43.51
CA GLY A 3921 -19.33 35.87 -43.36
C GLY A 3921 -19.50 36.39 -41.95
N ASP A 3922 -19.21 37.68 -41.76
CA ASP A 3922 -19.38 38.42 -40.50
C ASP A 3922 -18.62 37.75 -39.36
N ARG A 3923 -17.30 37.72 -39.50
CA ARG A 3923 -16.42 37.21 -38.47
C ARG A 3923 -15.61 38.38 -37.93
N HIS A 3924 -16.17 39.08 -36.96
CA HIS A 3924 -15.39 40.02 -36.18
C HIS A 3924 -15.07 39.38 -34.83
N LEU A 3925 -14.21 40.08 -34.08
CA LEU A 3925 -13.41 39.46 -33.03
C LEU A 3925 -14.24 38.88 -31.89
N ASN A 3926 -15.45 39.36 -31.67
CA ASN A 3926 -16.28 38.82 -30.61
C ASN A 3926 -16.88 37.47 -30.93
N ASN A 3927 -16.76 36.98 -32.16
CA ASN A 3927 -17.29 35.68 -32.53
C ASN A 3927 -16.27 34.57 -32.43
N PHE A 3928 -15.28 34.70 -31.55
CA PHE A 3928 -14.25 33.68 -31.41
C PHE A 3928 -13.99 33.44 -29.94
N MET A 3929 -14.09 32.19 -29.52
CA MET A 3929 -14.07 31.80 -28.12
C MET A 3929 -12.85 30.92 -27.89
N VAL A 3930 -11.90 31.40 -27.08
CA VAL A 3930 -10.69 30.67 -26.75
C VAL A 3930 -10.80 30.15 -25.32
N ALA A 3931 -10.45 28.88 -25.13
CA ALA A 3931 -10.44 28.27 -23.80
C ALA A 3931 -9.02 28.37 -23.25
N MET A 3932 -8.86 29.17 -22.19
CA MET A 3932 -7.52 29.49 -21.70
C MET A 3932 -6.84 28.31 -21.02
N GLU A 3933 -7.61 27.31 -20.57
CA GLU A 3933 -6.98 26.20 -19.87
C GLU A 3933 -6.34 25.21 -20.83
N THR A 3934 -6.96 24.99 -21.98
CA THR A 3934 -6.46 24.01 -22.95
C THR A 3934 -5.82 24.66 -24.17
N GLY A 3935 -6.45 25.66 -24.76
CA GLY A 3935 -5.82 26.36 -25.87
C GLY A 3935 -6.52 26.14 -27.19
N GLY A 3936 -7.79 25.75 -27.16
CA GLY A 3936 -8.60 25.64 -28.36
C GLY A 3936 -9.38 26.91 -28.64
N VAL A 3937 -9.86 27.02 -29.87
CA VAL A 3937 -10.65 28.17 -30.31
C VAL A 3937 -11.87 27.67 -31.06
N ILE A 3938 -13.05 28.16 -30.70
CA ILE A 3938 -14.30 27.83 -31.36
C ILE A 3938 -15.04 29.12 -31.70
N GLY A 3939 -15.69 29.14 -32.87
CA GLY A 3939 -16.51 30.24 -33.30
C GLY A 3939 -17.99 29.98 -33.11
N ILE A 3940 -18.76 31.07 -33.02
CA ILE A 3940 -20.18 31.01 -32.72
C ILE A 3940 -20.96 31.95 -33.62
N ASP A 3941 -22.27 32.05 -33.37
CA ASP A 3941 -23.19 33.07 -33.92
C ASP A 3941 -23.25 33.00 -35.44
N PHE A 3942 -23.77 31.88 -35.92
CA PHE A 3942 -23.99 31.69 -37.36
C PHE A 3942 -25.12 32.59 -37.81
N GLY A 3943 -24.77 33.67 -38.49
CA GLY A 3943 -25.76 34.59 -39.00
C GLY A 3943 -26.19 34.27 -40.41
N HIS A 3944 -25.25 33.91 -41.28
CA HIS A 3944 -25.48 33.83 -42.71
C HIS A 3944 -24.96 32.48 -43.20
N ALA A 3945 -25.87 31.61 -43.61
CA ALA A 3945 -25.51 30.20 -43.82
C ALA A 3945 -24.74 30.00 -45.11
N PHE A 3946 -25.15 30.64 -46.18
CA PHE A 3946 -24.46 30.48 -47.44
C PHE A 3946 -23.99 31.86 -47.88
N GLY A 3947 -23.53 31.97 -49.12
CA GLY A 3947 -22.87 33.20 -49.46
C GLY A 3947 -23.88 34.27 -49.78
N SER A 3948 -24.23 35.00 -48.73
CA SER A 3948 -25.16 36.12 -48.84
C SER A 3948 -24.76 37.29 -47.96
N ALA A 3949 -23.81 37.11 -47.04
CA ALA A 3949 -23.43 38.21 -46.17
C ALA A 3949 -22.62 39.26 -46.91
N THR A 3950 -21.97 38.88 -48.00
CA THR A 3950 -21.38 39.86 -48.90
C THR A 3950 -22.36 40.31 -49.97
N GLN A 3951 -23.48 39.62 -50.13
CA GLN A 3951 -24.50 40.06 -51.06
C GLN A 3951 -25.32 41.21 -50.47
N PHE A 3952 -25.97 40.96 -49.35
CA PHE A 3952 -27.07 41.81 -48.92
C PHE A 3952 -26.62 42.89 -47.94
N LEU A 3953 -25.42 43.37 -48.07
CA LEU A 3953 -24.98 44.46 -47.20
C LEU A 3953 -24.69 45.70 -48.03
N PRO A 3954 -24.71 46.90 -47.40
CA PRO A 3954 -24.31 48.13 -48.12
C PRO A 3954 -22.88 48.10 -48.60
N VAL A 3955 -21.94 47.89 -47.68
CA VAL A 3955 -20.52 47.74 -48.03
C VAL A 3955 -20.17 46.25 -47.89
N PRO A 3956 -19.87 45.56 -48.98
CA PRO A 3956 -19.68 44.12 -48.91
C PRO A 3956 -18.27 43.78 -48.44
N GLU A 3957 -18.19 43.03 -47.35
CA GLU A 3957 -16.91 42.45 -46.94
C GLU A 3957 -16.54 41.35 -47.92
N LEU A 3958 -15.27 41.32 -48.33
CA LEU A 3958 -14.88 40.45 -49.42
C LEU A 3958 -13.90 39.37 -49.00
N MET A 3959 -13.43 39.38 -47.77
CA MET A 3959 -12.51 38.33 -47.38
C MET A 3959 -13.28 37.06 -47.05
N PRO A 3960 -12.69 35.90 -47.27
CA PRO A 3960 -13.37 34.66 -46.86
C PRO A 3960 -13.37 34.45 -45.37
N PHE A 3961 -12.29 34.81 -44.67
CA PHE A 3961 -12.22 34.63 -43.23
C PHE A 3961 -11.19 35.58 -42.67
N ARG A 3962 -11.08 35.60 -41.36
CA ARG A 3962 -10.10 36.45 -40.70
C ARG A 3962 -8.70 35.90 -40.91
N LEU A 3963 -7.80 36.75 -41.39
CA LEU A 3963 -6.38 36.50 -41.24
C LEU A 3963 -5.70 37.88 -41.17
N THR A 3964 -5.56 38.39 -39.96
CA THR A 3964 -5.09 39.74 -39.76
C THR A 3964 -3.58 39.65 -39.51
N ARG A 3965 -2.94 40.75 -39.11
CA ARG A 3965 -1.51 40.72 -38.81
C ARG A 3965 -1.18 40.00 -37.51
N GLN A 3966 -2.18 39.65 -36.69
CA GLN A 3966 -1.87 39.00 -35.43
C GLN A 3966 -1.58 37.51 -35.61
N PHE A 3967 -2.41 36.81 -36.40
CA PHE A 3967 -2.09 35.44 -36.77
C PHE A 3967 -0.83 35.36 -37.62
N ILE A 3968 -0.51 36.44 -38.33
CA ILE A 3968 0.76 36.52 -39.03
C ILE A 3968 1.92 36.60 -38.05
N ASN A 3969 1.92 37.62 -37.19
CA ASN A 3969 3.06 37.90 -36.34
C ASN A 3969 3.17 36.95 -35.15
N LEU A 3970 2.20 36.08 -34.93
CA LEU A 3970 2.43 34.99 -33.98
C LEU A 3970 3.38 33.96 -34.57
N MET A 3971 3.32 33.73 -35.87
CA MET A 3971 4.11 32.69 -36.52
C MET A 3971 5.54 33.11 -36.85
N LEU A 3972 6.07 34.16 -36.22
CA LEU A 3972 7.47 34.51 -36.41
C LEU A 3972 8.36 33.43 -35.81
N PRO A 3973 9.50 33.11 -36.44
CA PRO A 3973 10.04 33.69 -37.67
C PRO A 3973 9.71 32.89 -38.91
N MET A 3974 8.63 32.11 -38.85
CA MET A 3974 8.21 31.40 -40.05
C MET A 3974 7.35 32.30 -40.93
N LYS A 3975 7.42 32.07 -42.23
CA LYS A 3975 6.39 32.57 -43.11
C LYS A 3975 5.11 31.83 -42.81
N GLU A 3976 3.97 32.51 -42.93
CA GLU A 3976 2.70 31.85 -42.64
C GLU A 3976 2.21 31.04 -43.84
N THR A 3977 3.09 30.19 -44.38
CA THR A 3977 2.79 29.34 -45.52
C THR A 3977 3.23 27.90 -45.26
N GLY A 3978 3.64 27.57 -44.04
CA GLY A 3978 4.10 26.22 -43.78
C GLY A 3978 3.22 25.41 -42.84
N LEU A 3979 2.66 26.05 -41.82
CA LEU A 3979 1.94 25.32 -40.78
C LEU A 3979 0.46 25.17 -41.11
N MET A 3980 -0.23 26.29 -41.30
CA MET A 3980 -1.65 26.22 -41.64
C MET A 3980 -1.87 25.67 -43.04
N TYR A 3981 -0.87 25.78 -43.91
CA TYR A 3981 -0.98 25.29 -45.27
C TYR A 3981 -1.20 23.79 -45.32
N SER A 3982 -0.42 23.04 -44.53
CA SER A 3982 -0.49 21.58 -44.56
C SER A 3982 -1.81 21.07 -44.04
N ILE A 3983 -2.33 21.69 -42.97
CA ILE A 3983 -3.59 21.24 -42.45
C ILE A 3983 -4.75 21.67 -43.34
N MET A 3984 -4.62 22.80 -44.05
CA MET A 3984 -5.70 23.18 -44.96
C MET A 3984 -5.73 22.28 -46.19
N VAL A 3985 -4.56 21.90 -46.71
CA VAL A 3985 -4.58 21.03 -47.88
C VAL A 3985 -5.00 19.63 -47.48
N HIS A 3986 -4.69 19.20 -46.25
CA HIS A 3986 -5.22 17.93 -45.76
C HIS A 3986 -6.74 18.00 -45.59
N ALA A 3987 -7.25 19.17 -45.18
CA ALA A 3987 -8.68 19.36 -45.04
C ALA A 3987 -9.40 19.25 -46.38
N LEU A 3988 -8.88 19.92 -47.39
CA LEU A 3988 -9.58 19.88 -48.68
C LEU A 3988 -9.41 18.55 -49.40
N ARG A 3989 -8.25 17.90 -49.25
CA ARG A 3989 -8.09 16.58 -49.83
C ARG A 3989 -8.96 15.56 -49.11
N ALA A 3990 -9.26 15.79 -47.83
CA ALA A 3990 -10.25 14.94 -47.17
C ALA A 3990 -11.66 15.26 -47.61
N PHE A 3991 -11.95 16.52 -47.93
CA PHE A 3991 -13.31 16.89 -48.34
C PHE A 3991 -13.66 16.33 -49.72
N ARG A 3992 -12.89 16.67 -50.74
CA ARG A 3992 -13.38 16.33 -52.08
C ARG A 3992 -13.03 14.91 -52.51
N SER A 3993 -13.36 13.92 -51.66
CA SER A 3993 -13.25 12.52 -52.01
C SER A 3993 -14.43 11.73 -51.46
N ASP A 3994 -15.59 12.37 -51.38
CA ASP A 3994 -16.78 11.85 -50.74
C ASP A 3994 -17.84 11.46 -51.78
N PRO A 3995 -18.80 10.62 -51.39
CA PRO A 3995 -19.97 10.42 -52.26
C PRO A 3995 -20.85 11.66 -52.43
N GLY A 3996 -20.79 12.63 -51.51
CA GLY A 3996 -21.57 13.83 -51.68
C GLY A 3996 -22.62 14.05 -50.60
N LEU A 3997 -22.31 13.62 -49.38
CA LEU A 3997 -23.26 13.76 -48.29
C LEU A 3997 -23.43 15.21 -47.87
N LEU A 3998 -22.31 15.95 -47.81
CA LEU A 3998 -22.35 17.36 -47.43
C LEU A 3998 -23.16 18.19 -48.41
N THR A 3999 -23.07 17.84 -49.70
CA THR A 3999 -23.82 18.51 -50.75
C THR A 3999 -25.32 18.38 -50.54
N ASN A 4000 -25.81 17.14 -50.45
CA ASN A 4000 -27.24 16.89 -50.32
C ASN A 4000 -27.78 17.39 -48.99
N THR A 4001 -26.97 17.33 -47.93
CA THR A 4001 -27.44 17.80 -46.65
C THR A 4001 -27.56 19.33 -46.64
N MET A 4002 -26.60 20.02 -47.28
CA MET A 4002 -26.71 21.47 -47.42
C MET A 4002 -27.91 21.85 -48.28
N ASP A 4003 -28.19 21.04 -49.31
CA ASP A 4003 -29.31 21.31 -50.21
C ASP A 4003 -30.65 21.20 -49.48
N VAL A 4004 -30.86 20.10 -48.77
CA VAL A 4004 -32.10 19.94 -48.04
C VAL A 4004 -32.15 20.80 -46.79
N PHE A 4005 -31.02 21.37 -46.36
CA PHE A 4005 -31.06 22.39 -45.34
C PHE A 4005 -31.59 23.70 -45.89
N VAL A 4006 -31.04 24.16 -47.02
CA VAL A 4006 -31.42 25.48 -47.52
C VAL A 4006 -32.80 25.42 -48.17
N LYS A 4007 -33.23 24.25 -48.63
CA LYS A 4007 -34.56 24.10 -49.19
C LYS A 4007 -35.62 23.87 -48.12
N GLU A 4008 -35.21 23.55 -46.90
CA GLU A 4008 -36.15 23.39 -45.80
C GLU A 4008 -36.77 24.73 -45.45
N PRO A 4009 -38.08 24.81 -45.33
CA PRO A 4009 -38.69 26.12 -45.01
C PRO A 4009 -38.49 26.49 -43.56
N SER A 4010 -37.50 27.35 -43.31
CA SER A 4010 -37.33 28.01 -42.04
C SER A 4010 -36.92 29.46 -42.15
N PHE A 4011 -36.31 29.87 -43.26
CA PHE A 4011 -35.77 31.20 -43.44
C PHE A 4011 -36.10 31.72 -44.83
N ASP A 4012 -37.36 31.57 -45.23
CA ASP A 4012 -37.80 31.86 -46.60
C ASP A 4012 -37.92 33.35 -46.88
N TRP A 4013 -36.83 34.07 -46.63
CA TRP A 4013 -36.51 35.48 -46.82
C TRP A 4013 -37.23 36.42 -45.85
N LYS A 4014 -38.36 35.98 -45.29
CA LYS A 4014 -39.04 36.82 -44.32
C LYS A 4014 -38.46 36.63 -42.93
N ASN A 4015 -38.18 35.37 -42.57
CA ASN A 4015 -37.43 35.09 -41.36
C ASN A 4015 -36.02 35.67 -41.44
N PHE A 4016 -35.44 35.73 -42.64
CA PHE A 4016 -34.09 36.28 -42.76
C PHE A 4016 -34.10 37.79 -42.57
N GLU A 4017 -35.07 38.48 -43.18
CA GLU A 4017 -35.10 39.92 -42.99
C GLU A 4017 -35.52 40.27 -41.56
N GLN A 4018 -36.37 39.45 -40.95
CA GLN A 4018 -36.70 39.66 -39.54
C GLN A 4018 -35.51 39.34 -38.65
N LYS A 4019 -34.64 38.43 -39.08
CA LYS A 4019 -33.43 38.14 -38.33
C LYS A 4019 -32.41 39.26 -38.42
N MET A 4020 -32.27 39.86 -39.60
CA MET A 4020 -31.43 41.04 -39.74
C MET A 4020 -31.98 42.22 -38.94
N LEU A 4021 -33.30 42.29 -38.80
CA LEU A 4021 -33.85 43.28 -37.88
C LEU A 4021 -33.67 42.86 -36.42
N LYS A 4022 -33.55 41.55 -36.17
CA LYS A 4022 -33.35 41.09 -34.81
C LYS A 4022 -31.93 41.34 -34.32
N LYS A 4023 -30.97 41.39 -35.24
CA LYS A 4023 -29.64 41.87 -34.92
C LYS A 4023 -29.59 43.38 -35.19
N GLY A 4024 -28.40 43.96 -35.15
CA GLY A 4024 -28.29 45.37 -35.48
C GLY A 4024 -28.28 45.54 -36.98
N GLY A 4025 -29.43 45.92 -37.54
CA GLY A 4025 -29.61 45.92 -38.98
C GLY A 4025 -28.95 47.06 -39.71
N SER A 4026 -27.87 46.77 -40.44
CA SER A 4026 -27.32 47.76 -41.36
C SER A 4026 -28.21 47.90 -42.59
N TRP A 4027 -28.54 46.78 -43.22
CA TRP A 4027 -29.60 46.76 -44.21
C TRP A 4027 -30.92 47.13 -43.57
N ILE A 4028 -31.73 47.92 -44.27
CA ILE A 4028 -33.03 48.31 -43.77
C ILE A 4028 -34.15 47.88 -44.70
N GLN A 4029 -34.15 48.40 -45.93
CA GLN A 4029 -35.34 48.40 -46.77
C GLN A 4029 -34.83 48.33 -48.22
N GLU A 4030 -35.70 48.75 -49.16
CA GLU A 4030 -35.48 48.90 -50.61
C GLU A 4030 -34.88 47.64 -51.24
N ILE A 4031 -35.69 46.59 -51.20
CA ILE A 4031 -35.31 45.29 -51.74
C ILE A 4031 -35.92 45.04 -53.12
N ASN A 4032 -37.24 44.87 -53.19
CA ASN A 4032 -38.15 44.92 -54.35
C ASN A 4032 -37.86 43.95 -55.50
N VAL A 4033 -36.70 43.29 -55.49
CA VAL A 4033 -36.40 42.22 -56.44
C VAL A 4033 -35.72 41.12 -55.64
N ALA A 4034 -35.26 41.47 -54.43
CA ALA A 4034 -34.59 40.53 -53.54
C ALA A 4034 -35.53 39.50 -52.95
N GLU A 4035 -36.84 39.66 -53.12
CA GLU A 4035 -37.79 38.59 -52.82
C GLU A 4035 -37.52 37.37 -53.70
N LYS A 4036 -37.31 37.59 -54.99
CA LYS A 4036 -36.78 36.57 -55.88
C LYS A 4036 -35.25 36.67 -55.84
N ASN A 4037 -34.57 35.91 -56.71
CA ASN A 4037 -33.12 35.69 -56.69
C ASN A 4037 -32.63 35.18 -55.34
N TRP A 4038 -33.53 34.51 -54.62
CA TRP A 4038 -33.13 33.74 -53.40
C TRP A 4038 -32.51 32.52 -54.07
N TYR A 4039 -33.38 31.73 -54.70
CA TYR A 4039 -32.90 30.75 -55.66
C TYR A 4039 -32.17 29.56 -55.05
N PRO A 4040 -32.89 28.58 -54.50
CA PRO A 4040 -32.23 27.41 -53.91
C PRO A 4040 -31.58 26.46 -54.90
N ARG A 4041 -31.55 26.82 -56.19
CA ARG A 4041 -30.71 26.12 -57.16
C ARG A 4041 -29.36 26.80 -57.31
N GLN A 4042 -29.31 28.13 -57.22
CA GLN A 4042 -28.07 28.85 -57.46
C GLN A 4042 -27.08 28.65 -56.34
N LYS A 4043 -27.56 28.60 -55.08
CA LYS A 4043 -26.67 28.45 -53.95
C LYS A 4043 -26.02 27.07 -53.90
N ILE A 4044 -26.81 26.03 -54.15
CA ILE A 4044 -26.24 24.68 -54.14
C ILE A 4044 -25.43 24.44 -55.41
N CYS A 4045 -25.80 25.08 -56.52
CA CYS A 4045 -24.99 25.05 -57.74
C CYS A 4045 -23.60 25.64 -57.49
N TYR A 4046 -23.55 26.80 -56.86
CA TYR A 4046 -22.26 27.45 -56.67
C TYR A 4046 -21.47 26.86 -55.53
N ALA A 4047 -22.12 26.27 -54.53
CA ALA A 4047 -21.38 25.51 -53.52
C ALA A 4047 -20.82 24.23 -54.12
N LYS A 4048 -21.56 23.58 -55.02
CA LYS A 4048 -21.06 22.41 -55.72
C LYS A 4048 -19.90 22.79 -56.65
N ARG A 4049 -19.94 23.99 -57.21
CA ARG A 4049 -18.80 24.46 -58.01
C ARG A 4049 -17.59 24.71 -57.14
N LYS A 4050 -17.77 25.40 -56.01
CA LYS A 4050 -16.63 25.70 -55.14
C LYS A 4050 -16.15 24.50 -54.33
N LEU A 4051 -16.87 23.39 -54.36
CA LEU A 4051 -16.32 22.14 -53.86
C LEU A 4051 -15.65 21.33 -54.96
N ALA A 4052 -16.21 21.35 -56.16
CA ALA A 4052 -15.71 20.54 -57.27
C ALA A 4052 -14.51 21.15 -57.98
N GLY A 4053 -13.93 22.22 -57.44
CA GLY A 4053 -12.76 22.83 -58.06
C GLY A 4053 -13.10 24.11 -58.79
N ALA A 4054 -12.83 25.24 -58.15
CA ALA A 4054 -13.12 26.54 -58.72
C ALA A 4054 -12.18 27.55 -58.11
N ASN A 4055 -11.72 28.47 -58.94
CA ASN A 4055 -10.87 29.56 -58.47
C ASN A 4055 -11.70 30.48 -57.58
N PRO A 4056 -11.27 30.75 -56.36
CA PRO A 4056 -12.11 31.54 -55.44
C PRO A 4056 -12.14 33.02 -55.73
N ALA A 4057 -11.55 33.46 -56.82
CA ALA A 4057 -11.81 34.80 -57.33
C ALA A 4057 -12.97 34.83 -58.30
N VAL A 4058 -13.50 33.69 -58.70
CA VAL A 4058 -14.61 33.59 -59.63
C VAL A 4058 -15.94 33.47 -58.90
N ILE A 4059 -15.96 32.70 -57.81
CA ILE A 4059 -17.18 32.51 -57.03
C ILE A 4059 -17.59 33.82 -56.38
N THR A 4060 -16.61 34.58 -55.87
CA THR A 4060 -16.89 35.88 -55.27
C THR A 4060 -17.47 36.85 -56.30
N CYS A 4061 -16.91 36.85 -57.51
CA CYS A 4061 -17.47 37.67 -58.59
C CYS A 4061 -18.87 37.23 -58.98
N ASP A 4062 -19.13 35.91 -58.96
CA ASP A 4062 -20.44 35.40 -59.33
C ASP A 4062 -21.50 35.85 -58.35
N GLU A 4063 -21.25 35.67 -57.05
CA GLU A 4063 -22.26 36.10 -56.08
C GLU A 4063 -22.33 37.62 -55.98
N LEU A 4064 -21.23 38.33 -56.25
CA LEU A 4064 -21.26 39.79 -56.18
C LEU A 4064 -22.06 40.36 -57.34
N LEU A 4065 -21.96 39.74 -58.52
CA LEU A 4065 -22.81 40.13 -59.64
C LEU A 4065 -24.26 39.77 -59.39
N LEU A 4066 -24.51 38.60 -58.81
CA LEU A 4066 -25.89 38.19 -58.55
C LEU A 4066 -26.55 39.03 -57.48
N GLY A 4067 -25.77 39.57 -56.56
CA GLY A 4067 -26.32 40.38 -55.49
C GLY A 4067 -26.28 41.86 -55.75
N HIS A 4068 -25.36 42.31 -56.58
CA HIS A 4068 -25.19 43.74 -56.84
C HIS A 4068 -25.09 44.02 -58.31
N GLU A 4069 -25.90 43.35 -59.12
CA GLU A 4069 -26.19 43.83 -60.46
C GLU A 4069 -26.91 45.16 -60.38
N LYS A 4070 -26.69 45.99 -61.40
CA LYS A 4070 -27.22 47.37 -61.57
C LYS A 4070 -26.84 48.30 -60.40
N ALA A 4071 -25.89 47.89 -59.57
CA ALA A 4071 -25.32 48.78 -58.57
C ALA A 4071 -24.43 49.81 -59.27
N PRO A 4072 -24.28 51.01 -58.68
CA PRO A 4072 -23.38 52.01 -59.26
C PRO A 4072 -21.93 51.58 -59.29
N ALA A 4073 -21.38 51.23 -58.13
CA ALA A 4073 -20.00 50.81 -58.02
C ALA A 4073 -19.97 49.28 -57.98
N PHE A 4074 -19.83 48.67 -59.15
CA PHE A 4074 -19.76 47.22 -59.27
C PHE A 4074 -18.45 46.73 -59.85
N ARG A 4075 -18.03 47.28 -61.00
CA ARG A 4075 -16.83 46.80 -61.65
C ARG A 4075 -15.57 47.19 -60.88
N ASP A 4076 -15.61 48.31 -60.17
CA ASP A 4076 -14.52 48.64 -59.26
C ASP A 4076 -14.46 47.69 -58.08
N TYR A 4077 -15.62 47.18 -57.63
CA TYR A 4077 -15.63 46.15 -56.60
C TYR A 4077 -14.97 44.88 -57.11
N VAL A 4078 -15.32 44.48 -58.34
CA VAL A 4078 -14.73 43.27 -58.92
C VAL A 4078 -13.24 43.47 -59.21
N ALA A 4079 -12.85 44.68 -59.62
CA ALA A 4079 -11.44 44.96 -59.89
C ALA A 4079 -10.62 45.00 -58.61
N VAL A 4080 -11.24 45.38 -57.49
CA VAL A 4080 -10.59 45.19 -56.20
C VAL A 4080 -10.46 43.70 -55.92
N ALA A 4081 -11.55 42.96 -56.06
CA ALA A 4081 -11.48 41.50 -55.84
C ALA A 4081 -11.19 40.75 -57.14
N ARG A 4082 -10.20 41.22 -57.88
CA ARG A 4082 -9.85 40.58 -59.15
C ARG A 4082 -8.36 40.40 -59.37
N GLY A 4083 -7.50 41.15 -58.70
CA GLY A 4083 -6.07 41.06 -58.91
C GLY A 4083 -5.57 42.16 -59.82
N SER A 4084 -4.27 42.11 -60.10
CA SER A 4084 -3.65 43.10 -60.97
C SER A 4084 -2.65 42.48 -61.93
N LYS A 4085 -2.65 41.15 -62.07
CA LYS A 4085 -1.86 40.31 -62.96
C LYS A 4085 -0.37 40.28 -62.64
N ASP A 4086 0.10 41.07 -61.70
CA ASP A 4086 1.48 41.06 -61.24
C ASP A 4086 1.60 40.90 -59.74
N HIS A 4087 0.71 41.54 -58.99
CA HIS A 4087 0.82 41.58 -57.53
C HIS A 4087 0.12 40.43 -56.85
N ASN A 4088 -0.89 39.83 -57.49
CA ASN A 4088 -1.68 38.77 -56.89
C ASN A 4088 -1.70 37.56 -57.81
N ILE A 4089 -1.57 36.37 -57.21
CA ILE A 4089 -1.51 35.15 -58.00
C ILE A 4089 -2.86 34.79 -58.59
N ARG A 4090 -3.96 35.29 -58.01
CA ARG A 4090 -5.30 34.91 -58.45
C ARG A 4090 -5.63 35.45 -59.84
N ALA A 4091 -5.16 36.66 -60.15
CA ALA A 4091 -5.32 37.16 -61.51
C ALA A 4091 -4.41 36.43 -62.49
N GLN A 4092 -3.30 35.88 -62.00
CA GLN A 4092 -2.40 35.10 -62.83
C GLN A 4092 -2.80 33.64 -62.91
N GLU A 4093 -3.57 33.16 -61.97
CA GLU A 4093 -4.02 31.79 -62.07
C GLU A 4093 -5.27 31.72 -62.94
N PRO A 4094 -5.59 30.55 -63.51
CA PRO A 4094 -6.83 30.41 -64.26
C PRO A 4094 -8.09 30.47 -63.41
N GLU A 4095 -9.25 30.26 -64.04
CA GLU A 4095 -10.53 30.47 -63.42
C GLU A 4095 -11.26 29.19 -63.05
N SER A 4096 -10.85 28.04 -63.58
CA SER A 4096 -11.58 26.81 -63.31
C SER A 4096 -10.66 25.62 -63.51
N GLY A 4097 -11.09 24.47 -62.99
CA GLY A 4097 -10.35 23.24 -63.13
C GLY A 4097 -9.06 23.18 -62.35
N LEU A 4098 -9.02 23.77 -61.16
CA LEU A 4098 -7.78 23.87 -60.40
C LEU A 4098 -7.55 22.59 -59.60
N SER A 4099 -6.57 22.63 -58.72
CA SER A 4099 -6.27 21.54 -57.78
C SER A 4099 -6.19 22.13 -56.38
N GLU A 4100 -5.84 21.28 -55.42
CA GLU A 4100 -5.99 21.64 -54.01
C GLU A 4100 -4.95 22.64 -53.55
N GLU A 4101 -3.69 22.42 -53.94
CA GLU A 4101 -2.61 23.28 -53.50
C GLU A 4101 -2.73 24.67 -54.09
N THR A 4102 -3.05 24.75 -55.38
CA THR A 4102 -3.26 26.06 -55.99
C THR A 4102 -4.56 26.69 -55.53
N GLN A 4103 -5.55 25.86 -55.15
CA GLN A 4103 -6.80 26.37 -54.60
C GLN A 4103 -6.55 27.09 -53.29
N VAL A 4104 -5.85 26.42 -52.36
CA VAL A 4104 -5.57 27.04 -51.08
C VAL A 4104 -4.50 28.11 -51.21
N LYS A 4105 -3.67 28.08 -52.27
CA LYS A 4105 -2.74 29.17 -52.50
C LYS A 4105 -3.48 30.44 -52.90
N CYS A 4106 -4.41 30.31 -53.85
CA CYS A 4106 -5.26 31.42 -54.24
C CYS A 4106 -6.10 31.91 -53.07
N LEU A 4107 -6.53 30.97 -52.22
CA LEU A 4107 -7.37 31.35 -51.09
C LEU A 4107 -6.60 32.10 -50.01
N MET A 4108 -5.36 31.67 -49.74
CA MET A 4108 -4.56 32.37 -48.74
C MET A 4108 -4.06 33.70 -49.25
N ASP A 4109 -3.80 33.81 -50.55
CA ASP A 4109 -3.45 35.12 -51.10
C ASP A 4109 -4.68 36.02 -51.15
N GLN A 4110 -5.86 35.42 -51.31
CA GLN A 4110 -7.09 36.20 -51.30
C GLN A 4110 -7.40 36.74 -49.91
N ALA A 4111 -7.00 36.00 -48.88
CA ALA A 4111 -7.30 36.40 -47.51
C ALA A 4111 -6.54 37.64 -47.11
N THR A 4112 -5.22 37.62 -47.26
CA THR A 4112 -4.40 38.77 -46.97
C THR A 4112 -4.07 39.49 -48.28
N ASP A 4113 -4.65 40.66 -48.45
CA ASP A 4113 -4.55 41.41 -49.68
C ASP A 4113 -4.84 42.86 -49.36
N PRO A 4114 -3.81 43.71 -49.19
CA PRO A 4114 -4.00 45.03 -48.61
C PRO A 4114 -4.82 46.02 -49.43
N ASN A 4115 -5.31 45.65 -50.61
CA ASN A 4115 -6.39 46.44 -51.20
C ASN A 4115 -7.74 46.04 -50.63
N ILE A 4116 -7.94 44.73 -50.36
CA ILE A 4116 -9.20 44.25 -49.80
C ILE A 4116 -9.36 44.76 -48.38
N LEU A 4117 -8.30 44.69 -47.59
CA LEU A 4117 -8.33 45.22 -46.24
C LEU A 4117 -8.27 46.74 -46.19
N GLY A 4118 -8.18 47.42 -47.32
CA GLY A 4118 -8.24 48.85 -47.34
C GLY A 4118 -9.61 49.37 -46.96
N ARG A 4119 -10.59 49.13 -47.82
CA ARG A 4119 -11.96 49.59 -47.60
C ARG A 4119 -12.81 48.41 -47.14
N THR A 4120 -13.16 48.41 -45.86
CA THR A 4120 -14.12 47.44 -45.33
C THR A 4120 -14.82 48.10 -44.14
N TRP A 4121 -15.88 47.44 -43.67
CA TRP A 4121 -16.74 48.01 -42.64
C TRP A 4121 -16.00 48.13 -41.31
N GLU A 4122 -16.17 49.29 -40.68
CA GLU A 4122 -15.36 49.64 -39.51
C GLU A 4122 -15.69 48.83 -38.28
N GLY A 4123 -16.89 48.24 -38.21
CA GLY A 4123 -17.20 47.34 -37.12
C GLY A 4123 -16.45 46.03 -37.19
N TRP A 4124 -16.05 45.61 -38.39
CA TRP A 4124 -15.27 44.40 -38.54
C TRP A 4124 -13.85 44.55 -38.02
N GLU A 4125 -13.37 45.80 -37.88
CA GLU A 4125 -12.10 46.21 -37.29
C GLU A 4125 -10.92 45.51 -37.96
N PRO A 4126 -10.56 45.89 -39.18
CA PRO A 4126 -9.59 45.11 -39.95
C PRO A 4126 -8.15 45.30 -39.55
N TRP A 4127 -7.82 46.27 -38.71
CA TRP A 4127 -6.42 46.48 -38.41
C TRP A 4127 -5.92 45.46 -37.38
N MET A 4128 -6.68 45.26 -36.31
CA MET A 4128 -6.23 44.41 -35.22
C MET A 4128 -6.71 42.99 -35.42
#